data_2Q4H
#
_entry.id   2Q4H
#
_cell.length_a   62.037
_cell.length_b   95.650
_cell.length_c   110.918
_cell.angle_alpha   90.000
_cell.angle_beta   90.000
_cell.angle_gamma   90.000
#
_symmetry.space_group_name_H-M   'P 21 21 21'
#
loop_
_entity.id
_entity.type
_entity.pdbx_description
1 polymer 'Probable galactose-1-phosphate uridyl transferase'
2 non-polymer 'ZINC ION'
3 non-polymer 'ADENOSINE MONOPHOSPHATE'
4 non-polymer 1,2-ETHANEDIOL
5 water water
#
_entity_poly.entity_id   1
_entity_poly.type   'polypeptide(L)'
_entity_poly.pdbx_seq_one_letter_code
;MTSPSHASDRGGGDGDSVENQSPELRKDPVTNRWVIFSPARAKRPTDFKSKSPQNPNPKPSSCPFCIGREQECAPELFRV
PDHDPNWKLRVIENLYPALSRNLETQSTQPETGTSRTIVGFGFHDVVIESPVHSIQLSDIDPVGIGDILIAYKKRINQIA
QHDSINYIQVFKNQGASAGASMSHSHSQMMALPVVPPTVSSRLDGTKDYFEETGKCCLCEAKSKHFVIDESSHFVSVAPF
AATYPFEIWIIPKDHSSHFHHLDDVKAVDLGGLLKLMLQKIAKQLNDPPYNYMIHTSPLKVTESQLPYTHWFLQIVPQLS
GVGGFEIGTGCYINPVFPEDVAKVMREVSLT
;
_entity_poly.pdbx_strand_id   A,B
#
loop_
_chem_comp.id
_chem_comp.type
_chem_comp.name
_chem_comp.formula
AMP non-polymer 'ADENOSINE MONOPHOSPHATE' 'C10 H14 N5 O7 P'
EDO non-polymer 1,2-ETHANEDIOL 'C2 H6 O2'
ZN non-polymer 'ZINC ION' 'Zn 2'
#
# COMPACT_ATOMS: atom_id res chain seq x y z
N SER A 22 -17.89 -11.54 12.22
CA SER A 22 -17.48 -10.87 13.52
C SER A 22 -16.30 -9.94 13.21
N PRO A 23 -16.55 -8.63 13.02
CA PRO A 23 -15.36 -7.82 12.74
C PRO A 23 -14.50 -7.51 13.94
N GLU A 24 -13.20 -7.69 13.74
CA GLU A 24 -12.15 -7.44 14.74
C GLU A 24 -10.96 -6.79 14.04
N LEU A 25 -9.93 -6.42 14.83
CA LEU A 25 -8.68 -5.93 14.26
C LEU A 25 -7.62 -6.91 14.77
N ARG A 26 -6.63 -7.19 13.92
CA ARG A 26 -5.53 -8.10 14.25
C ARG A 26 -4.16 -7.51 13.87
N LYS A 27 -3.11 -8.08 14.44
CA LYS A 27 -1.76 -7.57 14.20
C LYS A 27 -0.65 -8.64 14.23
N ASP A 28 0.09 -8.77 13.15
CA ASP A 28 1.19 -9.74 13.13
C ASP A 28 2.58 -9.09 13.24
N PRO A 29 3.27 -9.30 14.39
CA PRO A 29 4.62 -8.78 14.71
C PRO A 29 5.64 -8.89 13.57
N VAL A 30 5.22 -9.40 12.41
CA VAL A 30 6.09 -9.57 11.25
C VAL A 30 5.74 -8.49 10.20
N THR A 31 4.53 -7.96 10.33
CA THR A 31 4.04 -6.93 9.43
C THR A 31 3.88 -5.65 10.26
N ASN A 32 3.58 -5.83 11.54
CA ASN A 32 3.44 -4.72 12.46
C ASN A 32 2.41 -3.63 12.16
N ARG A 33 1.27 -3.96 11.54
CA ARG A 33 0.24 -2.95 11.31
C ARG A 33 -1.16 -3.54 11.42
N TRP A 34 -2.07 -2.76 11.96
CA TRP A 34 -3.43 -3.24 12.13
C TRP A 34 -4.12 -3.45 10.81
N VAL A 35 -4.71 -4.64 10.70
CA VAL A 35 -5.56 -4.96 9.58
C VAL A 35 -6.95 -5.24 10.21
N ILE A 36 -7.98 -4.83 9.49
CA ILE A 36 -9.35 -5.10 9.90
C ILE A 36 -9.79 -6.41 9.18
N PHE A 37 -10.47 -7.31 9.90
CA PHE A 37 -11.05 -8.55 9.37
C PHE A 37 -12.54 -8.32 9.47
N SER A 38 -13.19 -8.19 8.31
CA SER A 38 -14.60 -7.93 8.25
C SER A 38 -15.13 -8.24 6.83
N PRO A 39 -15.67 -9.45 6.65
CA PRO A 39 -16.25 -9.96 5.39
C PRO A 39 -17.50 -9.20 5.02
N ARG A 44 -18.64 -14.78 0.55
CA ARG A 44 -18.26 -15.89 1.42
C ARG A 44 -16.97 -16.54 0.88
N PRO A 45 -16.05 -16.97 1.78
CA PRO A 45 -14.77 -17.61 1.42
C PRO A 45 -14.85 -18.61 0.27
N THR A 46 -16.06 -19.07 0.00
CA THR A 46 -16.32 -20.03 -1.05
C THR A 46 -16.64 -19.35 -2.38
N ASP A 47 -16.99 -18.07 -2.32
CA ASP A 47 -17.33 -17.31 -3.52
C ASP A 47 -16.26 -16.29 -3.98
N PHE A 48 -15.11 -16.26 -3.32
CA PHE A 48 -14.07 -15.31 -3.74
C PHE A 48 -13.38 -15.83 -5.00
N LYS A 49 -13.41 -15.03 -6.05
CA LYS A 49 -12.79 -15.43 -7.31
C LYS A 49 -12.12 -14.25 -8.00
N SER A 50 -11.19 -14.56 -8.89
CA SER A 50 -10.52 -13.52 -9.68
C SER A 50 -11.53 -12.62 -10.40
N LYS A 51 -11.18 -11.34 -10.52
CA LYS A 51 -12.01 -10.36 -11.22
C LYS A 51 -11.09 -9.47 -12.08
N SER A 52 -9.77 -9.68 -11.94
CA SER A 52 -8.74 -8.90 -12.66
C SER A 52 -8.06 -9.65 -13.81
N PRO A 60 1.56 -12.01 -27.36
CA PRO A 60 2.20 -12.56 -28.56
C PRO A 60 2.70 -14.01 -28.38
N SER A 61 3.31 -14.57 -29.43
CA SER A 61 3.80 -15.94 -29.34
C SER A 61 5.30 -16.02 -29.07
N SER A 62 5.97 -14.88 -29.16
CA SER A 62 7.40 -14.80 -28.91
C SER A 62 7.74 -13.43 -28.32
N CYS A 63 8.93 -13.33 -27.74
CA CYS A 63 9.36 -12.08 -27.14
C CYS A 63 10.87 -12.15 -26.97
N PRO A 64 11.50 -10.98 -26.74
CA PRO A 64 12.95 -10.91 -26.55
C PRO A 64 13.47 -11.86 -25.50
N PHE A 65 12.61 -12.29 -24.58
CA PHE A 65 13.05 -13.21 -23.52
C PHE A 65 13.14 -14.67 -24.02
N CYS A 66 12.51 -14.97 -25.16
CA CYS A 66 12.52 -16.33 -25.71
C CYS A 66 13.93 -16.79 -26.13
N ILE A 67 14.21 -18.09 -25.96
CA ILE A 67 15.54 -18.63 -26.28
C ILE A 67 15.88 -18.40 -27.75
N GLY A 68 17.11 -17.95 -27.98
CA GLY A 68 17.55 -17.65 -29.34
C GLY A 68 17.38 -16.16 -29.66
N ARG A 69 16.98 -15.37 -28.67
CA ARG A 69 16.78 -13.93 -28.92
C ARG A 69 17.45 -13.03 -27.89
N GLU A 70 18.51 -13.55 -27.28
CA GLU A 70 19.23 -12.81 -26.25
C GLU A 70 19.81 -11.48 -26.71
N GLN A 71 20.07 -11.35 -28.02
CA GLN A 71 20.61 -10.10 -28.53
C GLN A 71 19.62 -8.98 -28.29
N GLU A 72 18.34 -9.31 -28.11
CA GLU A 72 17.32 -8.30 -27.83
C GLU A 72 17.13 -7.97 -26.35
N CYS A 73 17.95 -8.59 -25.49
CA CYS A 73 17.87 -8.35 -24.05
C CYS A 73 19.03 -7.51 -23.51
N ALA A 74 18.79 -6.76 -22.44
CA ALA A 74 19.83 -5.97 -21.74
C ALA A 74 20.91 -6.99 -21.33
N PRO A 75 22.10 -6.50 -20.91
CA PRO A 75 23.24 -7.34 -20.49
C PRO A 75 22.94 -8.47 -19.50
N GLU A 76 23.62 -9.60 -19.65
CA GLU A 76 23.38 -10.76 -18.77
C GLU A 76 24.35 -10.81 -17.62
N LEU A 77 23.88 -11.34 -16.49
CA LEU A 77 24.70 -11.46 -15.30
C LEU A 77 25.20 -12.91 -15.34
N PHE A 78 24.29 -13.85 -15.54
CA PHE A 78 24.70 -15.25 -15.70
C PHE A 78 23.53 -16.12 -16.17
N ARG A 79 23.81 -17.37 -16.60
CA ARG A 79 22.77 -18.25 -17.13
C ARG A 79 22.98 -19.74 -16.81
N VAL A 80 21.96 -20.35 -16.22
CA VAL A 80 21.99 -21.75 -15.83
C VAL A 80 21.40 -22.70 -16.90
N PRO A 81 22.15 -23.75 -17.29
CA PRO A 81 23.50 -24.14 -16.82
C PRO A 81 24.55 -23.06 -17.02
N ASP A 82 25.52 -23.04 -16.12
CA ASP A 82 26.61 -22.08 -16.16
C ASP A 82 27.21 -22.00 -17.54
N HIS A 83 27.08 -20.83 -18.16
CA HIS A 83 27.60 -20.59 -19.51
C HIS A 83 27.29 -21.78 -20.43
N ASP A 84 26.02 -21.91 -20.83
CA ASP A 84 25.59 -23.03 -21.68
C ASP A 84 24.54 -22.58 -22.70
N PRO A 85 24.72 -22.92 -23.98
CA PRO A 85 23.77 -22.54 -25.03
C PRO A 85 22.34 -23.06 -24.83
N ASN A 86 22.20 -24.26 -24.24
CA ASN A 86 20.88 -24.82 -23.97
C ASN A 86 20.50 -24.45 -22.51
N TRP A 87 20.32 -23.15 -22.26
CA TRP A 87 20.00 -22.70 -20.89
C TRP A 87 18.60 -22.96 -20.38
N LYS A 88 18.49 -23.02 -19.04
CA LYS A 88 17.23 -23.25 -18.31
C LYS A 88 16.63 -21.95 -17.83
N LEU A 89 17.51 -21.09 -17.33
CA LEU A 89 17.12 -19.78 -16.87
C LEU A 89 18.34 -18.92 -17.14
N ARG A 90 18.14 -17.61 -17.07
CA ARG A 90 19.20 -16.62 -17.22
C ARG A 90 18.84 -15.56 -16.17
N VAL A 91 19.83 -14.76 -15.76
CA VAL A 91 19.71 -13.65 -14.81
C VAL A 91 20.32 -12.49 -15.60
N ILE A 92 19.45 -11.68 -16.20
CA ILE A 92 19.87 -10.53 -17.00
C ILE A 92 19.54 -9.20 -16.34
N GLU A 93 20.15 -8.15 -16.85
CA GLU A 93 19.92 -6.84 -16.31
C GLU A 93 18.61 -6.30 -16.90
N ASN A 94 17.89 -5.49 -16.13
CA ASN A 94 16.64 -4.91 -16.62
C ASN A 94 17.00 -3.83 -17.63
N LEU A 95 16.46 -3.93 -18.83
CA LEU A 95 16.69 -2.94 -19.88
C LEU A 95 16.18 -1.54 -19.48
N TYR A 96 15.16 -1.48 -18.64
CA TYR A 96 14.60 -0.19 -18.18
C TYR A 96 14.65 -0.24 -16.64
N PRO A 97 15.85 -0.27 -16.09
CA PRO A 97 15.99 -0.34 -14.64
C PRO A 97 15.40 0.85 -13.90
N ALA A 98 14.77 0.56 -12.75
CA ALA A 98 14.20 1.63 -11.91
C ALA A 98 15.29 2.34 -11.06
N LEU A 99 16.44 1.66 -10.86
CA LEU A 99 17.60 2.21 -10.13
C LEU A 99 18.88 2.10 -10.98
N SER A 100 19.72 3.13 -10.87
CA SER A 100 20.96 3.25 -11.64
C SER A 100 22.21 2.61 -11.02
N ARG A 101 22.71 1.53 -11.60
CA ARG A 101 23.91 0.87 -11.05
C ARG A 101 25.15 1.73 -11.30
N ASN A 102 24.99 2.84 -12.01
CA ASN A 102 26.12 3.72 -12.27
C ASN A 102 26.25 4.91 -11.32
N LEU A 103 25.53 4.88 -10.19
CA LEU A 103 25.59 5.94 -9.20
C LEU A 103 26.20 5.44 -7.87
N GLU A 104 26.89 4.31 -7.92
CA GLU A 104 27.49 3.73 -6.71
C GLU A 104 28.48 4.66 -5.97
N THR A 105 29.52 5.15 -6.66
CA THR A 105 30.47 6.02 -5.99
C THR A 105 29.79 7.28 -5.46
N GLN A 106 28.65 7.63 -6.05
CA GLN A 106 27.89 8.82 -5.60
C GLN A 106 26.88 8.43 -4.53
N SER A 107 27.04 7.18 -4.07
CA SER A 107 26.28 6.52 -3.03
C SER A 107 25.51 5.31 -3.48
N ARG A 116 17.68 13.29 3.60
CA ARG A 116 16.77 14.06 2.74
C ARG A 116 16.67 13.58 1.28
N THR A 117 17.81 13.52 0.60
CA THR A 117 17.80 13.11 -0.81
C THR A 117 19.02 12.29 -1.19
N ILE A 118 18.84 11.09 -1.74
CA ILE A 118 20.00 10.33 -2.20
C ILE A 118 19.90 9.91 -3.69
N VAL A 119 21.04 9.57 -4.29
CA VAL A 119 21.08 9.23 -5.71
C VAL A 119 20.49 7.88 -6.07
N GLY A 120 19.86 7.82 -7.24
CA GLY A 120 19.22 6.59 -7.69
C GLY A 120 20.17 5.44 -8.08
N PHE A 121 20.81 4.86 -7.08
CA PHE A 121 21.73 3.75 -7.32
C PHE A 121 21.05 2.42 -7.02
N GLY A 122 21.31 1.42 -7.84
CA GLY A 122 20.75 0.12 -7.54
C GLY A 122 21.02 -0.89 -8.62
N PHE A 123 20.52 -2.10 -8.38
CA PHE A 123 20.63 -3.16 -9.37
C PHE A 123 19.21 -3.68 -9.50
N HIS A 124 18.58 -3.36 -10.64
CA HIS A 124 17.22 -3.80 -10.94
C HIS A 124 17.45 -4.82 -12.04
N ASP A 125 17.41 -6.12 -11.66
CA ASP A 125 17.69 -7.19 -12.61
C ASP A 125 16.47 -8.08 -12.86
N VAL A 126 16.60 -8.97 -13.85
CA VAL A 126 15.54 -9.89 -14.25
C VAL A 126 16.08 -11.32 -14.30
N VAL A 127 15.34 -12.25 -13.72
CA VAL A 127 15.73 -13.63 -13.69
C VAL A 127 14.80 -14.30 -14.66
N ILE A 128 15.36 -14.85 -15.74
CA ILE A 128 14.55 -15.52 -16.76
C ILE A 128 14.27 -16.95 -16.29
N GLU A 129 12.97 -17.26 -16.15
CA GLU A 129 12.51 -18.53 -15.58
C GLU A 129 12.42 -19.80 -16.43
N SER A 130 12.33 -19.63 -17.75
CA SER A 130 12.21 -20.74 -18.67
C SER A 130 12.61 -20.25 -20.07
N PRO A 131 13.19 -21.13 -20.87
CA PRO A 131 13.58 -20.70 -22.22
C PRO A 131 12.34 -20.64 -23.12
N VAL A 132 11.33 -21.41 -22.70
CA VAL A 132 10.06 -21.54 -23.41
C VAL A 132 9.22 -20.31 -23.21
N HIS A 133 8.46 -19.92 -24.24
CA HIS A 133 7.67 -18.68 -24.17
C HIS A 133 6.44 -18.59 -23.28
N SER A 134 5.54 -19.56 -23.47
CA SER A 134 4.24 -19.60 -22.81
C SER A 134 4.01 -20.40 -21.51
N ILE A 135 5.01 -21.12 -21.04
CA ILE A 135 4.81 -21.92 -19.81
C ILE A 135 4.88 -21.04 -18.55
N GLN A 136 3.87 -21.13 -17.68
CA GLN A 136 3.88 -20.33 -16.45
C GLN A 136 4.67 -21.11 -15.39
N LEU A 137 5.31 -20.35 -14.49
CA LEU A 137 6.14 -20.87 -13.41
C LEU A 137 5.49 -22.03 -12.66
N SER A 138 4.20 -21.88 -12.34
CA SER A 138 3.50 -22.93 -11.59
C SER A 138 3.44 -24.24 -12.37
N ASP A 139 3.65 -24.18 -13.70
CA ASP A 139 3.67 -25.37 -14.51
C ASP A 139 5.12 -25.85 -14.70
N ILE A 140 6.07 -25.18 -14.05
CA ILE A 140 7.47 -25.61 -14.12
C ILE A 140 7.62 -26.67 -13.02
N ASP A 141 8.41 -27.70 -13.29
CA ASP A 141 8.57 -28.75 -12.28
C ASP A 141 9.09 -28.11 -11.00
N PRO A 142 9.09 -28.87 -9.89
CA PRO A 142 9.58 -28.29 -8.64
C PRO A 142 11.10 -28.18 -8.55
N VAL A 143 11.80 -28.99 -9.36
CA VAL A 143 13.26 -28.99 -9.36
C VAL A 143 13.73 -27.79 -10.18
N GLY A 144 12.93 -27.42 -11.18
CA GLY A 144 13.32 -26.29 -12.01
C GLY A 144 13.12 -24.98 -11.29
N ILE A 145 12.12 -24.97 -10.41
CA ILE A 145 11.80 -23.78 -9.62
C ILE A 145 12.93 -23.65 -8.57
N GLY A 146 13.30 -24.78 -7.96
CA GLY A 146 14.40 -24.80 -7.03
C GLY A 146 15.61 -24.08 -7.63
N ASP A 147 16.00 -24.45 -8.85
CA ASP A 147 17.12 -23.80 -9.55
C ASP A 147 16.91 -22.26 -9.69
N ILE A 148 15.70 -21.81 -10.02
CA ILE A 148 15.43 -20.37 -10.12
C ILE A 148 15.72 -19.77 -8.76
N LEU A 149 15.16 -20.39 -7.72
CA LEU A 149 15.38 -19.92 -6.35
C LEU A 149 16.89 -19.90 -6.03
N ILE A 150 17.63 -20.88 -6.56
CA ILE A 150 19.08 -20.93 -6.30
C ILE A 150 19.77 -19.76 -6.96
N ALA A 151 19.23 -19.32 -8.10
CA ALA A 151 19.78 -18.16 -8.79
C ALA A 151 19.67 -16.87 -7.94
N TYR A 152 18.48 -16.62 -7.40
CA TYR A 152 18.26 -15.46 -6.55
C TYR A 152 19.45 -15.39 -5.56
N LYS A 153 19.64 -16.49 -4.86
CA LYS A 153 20.69 -16.64 -3.86
C LYS A 153 22.03 -16.14 -4.40
N LYS A 154 22.57 -16.86 -5.37
CA LYS A 154 23.83 -16.54 -6.03
C LYS A 154 23.93 -15.05 -6.37
N ARG A 155 22.81 -14.45 -6.82
CA ARG A 155 22.83 -13.02 -7.21
C ARG A 155 22.88 -12.12 -5.96
N ILE A 156 22.08 -12.46 -4.97
CA ILE A 156 22.05 -11.72 -3.72
C ILE A 156 23.49 -11.68 -3.18
N ASN A 157 24.17 -12.84 -3.19
CA ASN A 157 25.55 -12.90 -2.71
C ASN A 157 26.41 -11.99 -3.61
N GLN A 158 26.27 -12.12 -4.93
CA GLN A 158 27.03 -11.27 -5.83
C GLN A 158 26.77 -9.82 -5.44
N ILE A 159 25.53 -9.52 -5.08
CA ILE A 159 25.21 -8.15 -4.72
C ILE A 159 25.69 -7.76 -3.33
N ALA A 160 25.61 -8.69 -2.39
CA ALA A 160 26.01 -8.44 -1.02
C ALA A 160 27.47 -8.01 -0.96
N GLN A 161 28.19 -8.11 -2.08
CA GLN A 161 29.57 -7.70 -2.11
C GLN A 161 29.67 -6.17 -2.19
N HIS A 162 28.58 -5.52 -2.58
CA HIS A 162 28.51 -4.06 -2.69
C HIS A 162 28.01 -3.43 -1.35
N ASP A 163 28.94 -2.81 -0.63
CA ASP A 163 28.68 -2.18 0.67
C ASP A 163 27.55 -1.17 0.69
N SER A 164 27.27 -0.63 -0.48
CA SER A 164 26.19 0.36 -0.66
C SER A 164 24.80 -0.26 -0.57
N ILE A 165 24.64 -1.45 -1.15
CA ILE A 165 23.35 -2.18 -1.16
C ILE A 165 23.09 -2.68 0.24
N ASN A 166 21.87 -2.41 0.72
CA ASN A 166 21.47 -2.82 2.07
C ASN A 166 20.27 -3.77 2.10
N TYR A 167 19.56 -3.94 0.98
CA TYR A 167 18.45 -4.88 0.97
C TYR A 167 17.93 -5.13 -0.44
N ILE A 168 17.93 -6.39 -0.86
CA ILE A 168 17.39 -6.69 -2.18
C ILE A 168 16.00 -7.33 -1.99
N GLN A 169 15.05 -6.91 -2.83
CA GLN A 169 13.68 -7.44 -2.80
C GLN A 169 13.48 -8.39 -3.98
N VAL A 170 13.35 -9.67 -3.70
CA VAL A 170 13.08 -10.64 -4.76
C VAL A 170 11.56 -10.74 -4.84
N PHE A 171 10.99 -10.27 -5.93
CA PHE A 171 9.55 -10.33 -6.09
C PHE A 171 9.15 -10.72 -7.52
N LYS A 172 7.98 -11.37 -7.64
CA LYS A 172 7.47 -11.78 -8.95
C LYS A 172 6.13 -11.09 -9.21
N ASN A 173 5.95 -10.64 -10.45
CA ASN A 173 4.68 -10.00 -10.84
C ASN A 173 4.09 -10.78 -12.02
N GLN A 174 3.08 -11.62 -11.80
CA GLN A 174 2.45 -12.31 -12.95
C GLN A 174 1.07 -11.67 -13.16
N GLY A 175 0.85 -11.15 -14.37
CA GLY A 175 -0.44 -10.51 -14.68
C GLY A 175 -0.43 -8.99 -14.85
N ALA A 176 -1.17 -8.53 -15.86
CA ALA A 176 -1.29 -7.12 -16.18
C ALA A 176 -1.47 -6.20 -14.96
N SER A 177 -2.60 -6.38 -14.28
CA SER A 177 -2.92 -5.54 -13.13
C SER A 177 -2.08 -5.92 -11.91
N ALA A 178 -1.30 -7.00 -12.04
CA ALA A 178 -0.39 -7.41 -10.94
C ALA A 178 0.96 -6.90 -11.39
N GLY A 179 0.93 -6.17 -12.50
CA GLY A 179 2.13 -5.58 -13.04
C GLY A 179 2.97 -6.39 -14.00
N ALA A 180 2.44 -7.39 -14.69
CA ALA A 180 3.31 -8.11 -15.61
C ALA A 180 3.32 -7.42 -16.97
N SER A 181 4.47 -6.85 -17.31
CA SER A 181 4.64 -6.18 -18.58
C SER A 181 5.07 -7.17 -19.67
N MET A 182 5.66 -8.30 -19.26
CA MET A 182 6.04 -9.33 -20.24
C MET A 182 5.16 -10.56 -19.99
N SER A 183 4.77 -11.25 -21.06
CA SER A 183 3.97 -12.46 -20.97
C SER A 183 4.86 -13.66 -20.61
N HIS A 184 6.08 -13.67 -21.13
CA HIS A 184 7.06 -14.73 -20.88
C HIS A 184 7.14 -14.81 -19.35
N SER A 185 7.61 -15.93 -18.82
CA SER A 185 7.73 -16.09 -17.35
C SER A 185 9.05 -15.48 -16.78
N HIS A 186 8.91 -14.61 -15.77
CA HIS A 186 10.08 -13.97 -15.14
C HIS A 186 9.75 -13.53 -13.73
N SER A 187 10.78 -13.07 -13.02
CA SER A 187 10.60 -12.53 -11.66
C SER A 187 11.60 -11.39 -11.62
N GLN A 188 11.44 -10.47 -10.66
CA GLN A 188 12.31 -9.30 -10.56
C GLN A 188 13.01 -9.19 -9.22
N MET A 189 14.20 -8.58 -9.24
CA MET A 189 14.96 -8.35 -8.01
C MET A 189 15.53 -6.94 -8.12
N MET A 190 15.57 -6.26 -6.99
CA MET A 190 16.10 -4.89 -6.92
C MET A 190 16.91 -4.75 -5.64
N ALA A 191 18.12 -4.21 -5.74
CA ALA A 191 18.97 -4.00 -4.58
C ALA A 191 18.93 -2.50 -4.21
N LEU A 192 18.61 -2.25 -2.94
CA LEU A 192 18.43 -0.92 -2.36
C LEU A 192 19.51 -0.41 -1.37
N PRO A 193 19.78 0.90 -1.41
CA PRO A 193 20.75 1.61 -0.55
C PRO A 193 20.16 1.97 0.85
N VAL A 194 18.96 1.45 1.12
CA VAL A 194 18.24 1.69 2.39
C VAL A 194 17.48 0.44 2.87
N VAL A 195 17.01 0.49 4.12
CA VAL A 195 16.19 -0.60 4.67
C VAL A 195 14.72 -0.09 4.64
N PRO A 196 13.79 -0.81 3.95
CA PRO A 196 12.39 -0.33 3.89
C PRO A 196 11.58 -0.53 5.15
N PRO A 197 10.39 0.12 5.24
CA PRO A 197 9.40 0.12 6.34
C PRO A 197 8.95 -1.25 6.89
N THR A 198 8.38 -2.08 6.01
CA THR A 198 7.88 -3.39 6.42
C THR A 198 8.98 -4.20 7.05
N VAL A 199 10.22 -3.95 6.63
CA VAL A 199 11.37 -4.71 7.14
C VAL A 199 11.76 -4.18 8.51
N SER A 200 12.02 -2.88 8.58
CA SER A 200 12.36 -2.28 9.88
C SER A 200 11.08 -2.49 10.70
N SER A 201 9.92 -2.50 10.04
CA SER A 201 8.67 -2.74 10.79
C SER A 201 8.61 -4.19 11.26
N ARG A 202 9.07 -5.12 10.42
CA ARG A 202 9.08 -6.55 10.76
C ARG A 202 10.17 -6.82 11.84
N LEU A 203 11.33 -6.20 11.64
CA LEU A 203 12.46 -6.31 12.56
C LEU A 203 12.06 -5.62 13.87
N ASP A 204 11.44 -4.44 13.78
CA ASP A 204 10.99 -3.73 15.00
C ASP A 204 9.93 -4.52 15.74
N GLY A 205 9.15 -5.32 15.00
CA GLY A 205 8.11 -6.13 15.63
C GLY A 205 8.52 -7.49 16.22
N THR A 206 9.10 -8.36 15.39
CA THR A 206 9.52 -9.69 15.87
C THR A 206 10.51 -9.60 17.05
N LYS A 207 11.21 -8.46 17.17
CA LYS A 207 12.15 -8.26 18.30
C LYS A 207 11.33 -8.00 19.59
N ASP A 208 10.32 -7.13 19.45
CA ASP A 208 9.49 -6.77 20.62
C ASP A 208 8.73 -8.00 21.07
N TYR A 209 8.42 -8.88 20.12
CA TYR A 209 7.71 -10.10 20.49
C TYR A 209 8.68 -11.10 21.13
N PHE A 210 9.91 -11.11 20.62
CA PHE A 210 10.95 -12.01 21.12
C PHE A 210 11.45 -11.65 22.54
N GLU A 211 11.73 -10.36 22.75
CA GLU A 211 12.21 -9.89 24.03
C GLU A 211 11.38 -10.41 25.19
N GLU A 212 10.07 -10.30 25.03
CA GLU A 212 9.13 -10.72 26.03
C GLU A 212 8.92 -12.25 26.06
N THR A 213 8.39 -12.77 24.96
CA THR A 213 8.04 -14.20 24.82
C THR A 213 9.20 -15.16 24.76
N GLY A 214 10.36 -14.63 24.39
CA GLY A 214 11.55 -15.45 24.27
C GLY A 214 11.61 -16.16 22.93
N LYS A 215 10.53 -16.07 22.13
CA LYS A 215 10.50 -16.78 20.83
C LYS A 215 10.46 -15.90 19.56
N CYS A 216 10.95 -16.48 18.46
CA CYS A 216 10.93 -15.83 17.14
C CYS A 216 9.54 -16.05 16.60
N CYS A 217 8.80 -14.98 16.33
CA CYS A 217 7.44 -15.15 15.84
C CYS A 217 7.22 -16.25 14.78
N LEU A 218 8.06 -16.33 13.75
CA LEU A 218 7.88 -17.37 12.73
C LEU A 218 8.21 -18.76 13.23
N CYS A 219 9.01 -18.91 14.28
CA CYS A 219 9.24 -20.26 14.74
C CYS A 219 7.91 -20.80 15.29
N GLU A 220 7.06 -19.90 15.78
CA GLU A 220 5.75 -20.30 16.33
C GLU A 220 4.66 -20.44 15.23
N ALA A 221 5.05 -20.40 13.97
CA ALA A 221 4.08 -20.41 12.86
C ALA A 221 2.95 -21.44 12.90
N LYS A 222 3.26 -22.71 13.14
CA LYS A 222 2.19 -23.71 13.13
C LYS A 222 1.21 -23.51 14.28
N SER A 223 1.66 -22.86 15.35
CA SER A 223 0.75 -22.61 16.46
C SER A 223 0.13 -21.22 16.43
N LYS A 224 0.65 -20.33 15.58
CA LYS A 224 0.10 -18.96 15.56
C LYS A 224 -0.60 -18.59 14.25
N HIS A 225 -0.35 -19.37 13.21
CA HIS A 225 -0.98 -19.19 11.89
C HIS A 225 -1.76 -20.44 11.48
N PHE A 226 -2.66 -20.30 10.49
CA PHE A 226 -3.50 -21.42 10.06
C PHE A 226 -2.83 -22.26 8.99
N VAL A 227 -2.66 -23.54 9.30
CA VAL A 227 -1.96 -24.42 8.38
C VAL A 227 -2.72 -24.89 7.14
N ILE A 228 -2.03 -24.75 6.00
CA ILE A 228 -2.57 -25.12 4.70
C ILE A 228 -1.95 -26.45 4.25
N ASP A 229 -0.64 -26.43 3.99
CA ASP A 229 0.09 -27.64 3.58
C ASP A 229 1.51 -27.60 4.15
N GLU A 230 2.17 -28.75 4.15
CA GLU A 230 3.51 -28.81 4.72
C GLU A 230 4.42 -29.70 3.89
N SER A 231 5.68 -29.28 3.73
CA SER A 231 6.66 -30.02 2.99
C SER A 231 7.77 -30.48 3.98
N SER A 232 8.91 -30.96 3.48
CA SER A 232 9.96 -31.43 4.40
C SER A 232 10.66 -30.30 5.17
N HIS A 233 10.81 -29.15 4.51
CA HIS A 233 11.51 -28.00 5.11
C HIS A 233 10.72 -26.69 5.16
N PHE A 234 9.44 -26.76 4.81
CA PHE A 234 8.58 -25.57 4.77
C PHE A 234 7.13 -25.87 5.12
N VAL A 235 6.36 -24.86 5.54
CA VAL A 235 4.94 -25.06 5.86
C VAL A 235 4.24 -23.83 5.29
N SER A 236 2.99 -23.98 4.80
CA SER A 236 2.24 -22.81 4.31
C SER A 236 1.10 -22.46 5.27
N VAL A 237 0.79 -21.16 5.37
CA VAL A 237 -0.28 -20.72 6.26
C VAL A 237 -1.01 -19.48 5.76
N ALA A 238 -2.25 -19.32 6.25
CA ALA A 238 -3.04 -18.11 6.03
C ALA A 238 -2.59 -17.41 7.33
N PRO A 239 -2.05 -16.18 7.23
CA PRO A 239 -1.57 -15.45 8.41
C PRO A 239 -2.69 -14.99 9.32
N PHE A 240 -2.44 -15.12 10.61
CA PHE A 240 -3.40 -14.69 11.64
C PHE A 240 -4.00 -13.31 11.34
N ALA A 241 -3.14 -12.35 11.00
CA ALA A 241 -3.66 -11.00 10.70
C ALA A 241 -3.24 -10.68 9.27
N ALA A 242 -3.68 -11.50 8.33
CA ALA A 242 -3.34 -11.34 6.93
C ALA A 242 -3.72 -9.99 6.35
N THR A 243 -2.86 -9.45 5.48
CA THR A 243 -3.16 -8.17 4.84
C THR A 243 -4.31 -8.34 3.86
N TYR A 244 -4.08 -9.23 2.90
CA TYR A 244 -4.98 -9.47 1.74
C TYR A 244 -5.70 -10.82 1.81
N PRO A 245 -6.95 -10.89 1.32
CA PRO A 245 -7.67 -12.17 1.37
C PRO A 245 -7.00 -13.20 0.45
N PHE A 246 -6.82 -14.41 1.00
CA PHE A 246 -6.19 -15.53 0.27
C PHE A 246 -4.65 -15.40 0.18
N GLU A 247 -4.10 -14.50 0.98
CA GLU A 247 -2.64 -14.26 1.11
C GLU A 247 -1.98 -15.50 1.77
N ILE A 248 -0.76 -15.82 1.36
CA ILE A 248 -0.02 -16.98 1.90
C ILE A 248 1.45 -16.72 2.27
N TRP A 249 1.90 -17.38 3.33
CA TRP A 249 3.28 -17.27 3.79
C TRP A 249 3.90 -18.70 3.87
N ILE A 250 4.78 -19.03 2.92
CA ILE A 250 5.44 -20.33 3.02
C ILE A 250 6.59 -19.99 3.99
N ILE A 251 6.62 -20.69 5.13
CA ILE A 251 7.58 -20.39 6.20
C ILE A 251 8.51 -21.52 6.51
N PRO A 252 9.83 -21.21 6.57
CA PRO A 252 10.86 -22.23 6.87
C PRO A 252 10.50 -22.74 8.26
N LYS A 253 10.56 -24.05 8.46
CA LYS A 253 10.24 -24.59 9.78
C LYS A 253 11.48 -24.39 10.65
N ASP A 254 12.64 -24.50 10.04
CA ASP A 254 13.88 -24.25 10.80
C ASP A 254 13.96 -22.73 10.88
N HIS A 255 14.77 -22.23 11.82
CA HIS A 255 14.93 -20.78 11.98
C HIS A 255 16.11 -20.34 11.09
N SER A 256 15.78 -19.50 10.10
CA SER A 256 16.76 -19.04 9.14
C SER A 256 16.45 -17.58 8.90
N SER A 257 17.40 -16.71 9.25
CA SER A 257 17.20 -15.27 9.12
C SER A 257 17.30 -14.72 7.72
N HIS A 258 18.10 -15.40 6.89
CA HIS A 258 18.31 -14.93 5.53
C HIS A 258 17.99 -15.93 4.45
N PHE A 259 17.21 -15.49 3.48
CA PHE A 259 16.86 -16.36 2.37
C PHE A 259 18.09 -17.04 1.71
N HIS A 260 19.13 -16.25 1.42
CA HIS A 260 20.30 -16.77 0.72
C HIS A 260 20.88 -18.07 1.25
N HIS A 261 20.38 -18.53 2.39
CA HIS A 261 20.81 -19.80 2.91
C HIS A 261 19.95 -20.96 2.35
N LEU A 262 19.62 -20.88 1.06
CA LEU A 262 18.82 -21.92 0.40
C LEU A 262 19.76 -23.02 -0.17
N ASP A 263 19.55 -24.29 0.18
CA ASP A 263 20.42 -25.31 -0.41
C ASP A 263 19.67 -25.98 -1.55
N ASP A 264 20.24 -27.04 -2.13
CA ASP A 264 19.59 -27.67 -3.27
C ASP A 264 18.35 -28.46 -2.88
N VAL A 265 18.42 -29.17 -1.75
CA VAL A 265 17.25 -29.95 -1.32
C VAL A 265 16.13 -29.00 -0.91
N LYS A 266 16.47 -28.02 -0.08
CA LYS A 266 15.46 -27.08 0.34
C LYS A 266 14.92 -26.35 -0.89
N ALA A 267 15.79 -26.00 -1.84
CA ALA A 267 15.29 -25.30 -3.04
C ALA A 267 14.28 -26.09 -3.89
N VAL A 268 14.43 -27.42 -3.93
CA VAL A 268 13.52 -28.28 -4.70
C VAL A 268 12.24 -28.51 -3.88
N ASP A 269 12.40 -28.73 -2.58
CA ASP A 269 11.26 -28.93 -1.69
C ASP A 269 10.34 -27.69 -1.80
N LEU A 270 10.82 -26.55 -1.28
CA LEU A 270 10.06 -25.28 -1.35
C LEU A 270 9.44 -25.06 -2.74
N GLY A 271 10.18 -25.48 -3.78
CA GLY A 271 9.67 -25.31 -5.13
C GLY A 271 8.38 -26.09 -5.25
N GLY A 272 8.39 -27.34 -4.78
CA GLY A 272 7.19 -28.16 -4.84
C GLY A 272 6.03 -27.55 -4.06
N LEU A 273 6.34 -26.96 -2.90
CA LEU A 273 5.30 -26.35 -2.09
C LEU A 273 4.83 -25.03 -2.74
N LEU A 274 5.75 -24.28 -3.33
CA LEU A 274 5.39 -23.03 -4.01
C LEU A 274 4.58 -23.43 -5.25
N LYS A 275 4.98 -24.54 -5.89
CA LYS A 275 4.23 -24.99 -7.05
C LYS A 275 2.83 -25.42 -6.60
N LEU A 276 2.75 -26.05 -5.44
CA LEU A 276 1.46 -26.51 -4.91
C LEU A 276 0.56 -25.32 -4.51
N MET A 277 1.19 -24.29 -3.93
CA MET A 277 0.45 -23.12 -3.49
C MET A 277 -0.06 -22.31 -4.68
N LEU A 278 0.71 -22.27 -5.75
CA LEU A 278 0.26 -21.50 -6.90
C LEU A 278 -0.85 -22.22 -7.67
N GLN A 279 -0.87 -23.55 -7.59
CA GLN A 279 -1.91 -24.33 -8.31
C GLN A 279 -3.25 -24.32 -7.54
N LYS A 280 -3.19 -24.38 -6.21
CA LYS A 280 -4.43 -24.33 -5.42
C LYS A 280 -5.03 -22.92 -5.57
N ILE A 281 -4.16 -21.92 -5.64
CA ILE A 281 -4.68 -20.54 -5.82
C ILE A 281 -5.35 -20.44 -7.21
N ALA A 282 -4.62 -20.84 -8.25
CA ALA A 282 -5.14 -20.74 -9.63
C ALA A 282 -6.49 -21.47 -9.81
N LYS A 283 -6.63 -22.69 -9.24
CA LYS A 283 -7.91 -23.42 -9.34
C LYS A 283 -9.02 -22.76 -8.54
N GLN A 284 -8.77 -22.59 -7.24
CA GLN A 284 -9.77 -22.04 -6.32
C GLN A 284 -10.18 -20.61 -6.60
N LEU A 285 -9.25 -19.80 -7.09
CA LEU A 285 -9.53 -18.37 -7.31
C LEU A 285 -9.64 -17.97 -8.78
N ASN A 286 -9.61 -18.97 -9.64
CA ASN A 286 -9.71 -18.81 -11.09
C ASN A 286 -8.53 -18.06 -11.74
N ASP A 287 -7.32 -18.57 -11.51
CA ASP A 287 -6.08 -18.03 -12.11
C ASP A 287 -5.99 -16.52 -11.94
N PRO A 288 -6.08 -16.02 -10.68
CA PRO A 288 -6.02 -14.57 -10.46
C PRO A 288 -4.64 -13.98 -10.72
N PRO A 289 -4.58 -12.66 -11.01
CA PRO A 289 -3.25 -12.06 -11.21
C PRO A 289 -2.68 -12.34 -9.80
N TYR A 290 -1.38 -12.58 -9.71
CA TYR A 290 -0.80 -12.82 -8.41
C TYR A 290 0.67 -12.45 -8.59
N ASN A 291 1.35 -12.09 -7.49
CA ASN A 291 2.77 -11.78 -7.51
C ASN A 291 3.23 -12.50 -6.25
N TYR A 292 4.53 -12.73 -6.12
CA TYR A 292 5.10 -13.25 -4.86
C TYR A 292 6.31 -12.39 -4.46
N MET A 293 6.56 -12.35 -3.15
CA MET A 293 7.61 -11.53 -2.59
C MET A 293 8.43 -12.33 -1.61
N ILE A 294 9.75 -12.37 -1.78
CA ILE A 294 10.59 -13.07 -0.79
C ILE A 294 10.99 -11.99 0.23
N HIS A 295 10.82 -12.28 1.52
CA HIS A 295 11.17 -11.34 2.60
C HIS A 295 12.38 -11.89 3.33
N THR A 296 13.43 -11.08 3.50
CA THR A 296 14.64 -11.61 4.09
C THR A 296 15.28 -10.58 5.02
N SER A 297 16.57 -10.77 5.29
CA SER A 297 17.23 -9.89 6.21
C SER A 297 18.01 -8.72 5.65
N PRO A 298 18.04 -7.60 6.40
CA PRO A 298 18.80 -6.42 6.00
C PRO A 298 20.16 -7.03 5.69
N LEU A 299 20.87 -6.46 4.73
CA LEU A 299 22.20 -6.99 4.41
C LEU A 299 23.16 -6.91 5.60
N LYS A 300 23.07 -5.84 6.38
CA LYS A 300 23.98 -5.70 7.52
C LYS A 300 23.22 -5.85 8.84
N VAL A 301 22.40 -6.90 8.97
CA VAL A 301 21.62 -7.12 10.18
C VAL A 301 22.63 -7.26 11.31
N THR A 302 22.14 -7.26 12.55
CA THR A 302 23.00 -7.42 13.73
C THR A 302 22.99 -8.84 14.23
N GLU A 303 24.10 -9.20 14.88
CA GLU A 303 24.20 -10.52 15.48
C GLU A 303 22.97 -10.73 16.39
N SER A 304 22.47 -9.65 16.99
CA SER A 304 21.31 -9.75 17.89
C SER A 304 19.99 -10.00 17.17
N GLN A 305 19.82 -9.38 16.00
CA GLN A 305 18.59 -9.58 15.23
C GLN A 305 18.36 -11.03 14.79
N LEU A 306 19.45 -11.80 14.61
CA LEU A 306 19.37 -13.19 14.13
C LEU A 306 18.35 -14.14 14.76
N PRO A 307 18.28 -14.20 16.12
CA PRO A 307 17.33 -15.11 16.82
C PRO A 307 15.83 -14.95 16.53
N TYR A 308 15.45 -13.76 16.05
CA TYR A 308 14.05 -13.46 15.71
C TYR A 308 13.87 -13.02 14.25
N THR A 309 14.95 -13.04 13.47
CA THR A 309 14.84 -12.63 12.05
C THR A 309 14.64 -13.97 11.32
N HIS A 310 13.52 -14.09 10.59
CA HIS A 310 13.15 -15.38 9.98
C HIS A 310 12.49 -15.10 8.64
N TRP A 311 13.12 -15.57 7.55
CA TRP A 311 12.60 -15.23 6.21
C TRP A 311 11.39 -16.08 5.81
N PHE A 312 10.74 -15.70 4.71
CA PHE A 312 9.61 -16.46 4.20
C PHE A 312 9.21 -15.95 2.84
N LEU A 313 8.21 -16.60 2.24
CA LEU A 313 7.74 -16.19 0.92
C LEU A 313 6.26 -15.89 1.01
N GLN A 314 5.87 -14.72 0.51
CA GLN A 314 4.47 -14.27 0.57
C GLN A 314 3.84 -14.32 -0.80
N ILE A 315 2.65 -14.91 -0.89
CA ILE A 315 1.93 -15.02 -2.15
C ILE A 315 0.64 -14.20 -1.98
N VAL A 316 0.39 -13.26 -2.89
CA VAL A 316 -0.78 -12.44 -2.78
C VAL A 316 -1.64 -12.48 -4.05
N PRO A 317 -2.69 -13.28 -4.03
CA PRO A 317 -3.55 -13.31 -5.23
C PRO A 317 -4.31 -11.97 -5.27
N GLN A 318 -4.47 -11.39 -6.46
CA GLN A 318 -5.20 -10.11 -6.54
C GLN A 318 -6.69 -10.40 -6.67
N LEU A 319 -7.46 -9.95 -5.68
CA LEU A 319 -8.89 -10.21 -5.65
C LEU A 319 -9.74 -8.96 -5.46
N SER A 320 -9.09 -7.81 -5.26
CA SER A 320 -9.80 -6.57 -4.98
C SER A 320 -8.77 -5.44 -4.77
N GLY A 321 -9.23 -4.20 -4.81
CA GLY A 321 -8.35 -3.05 -4.63
C GLY A 321 -8.64 -2.24 -3.39
N VAL A 322 -8.05 -1.05 -3.27
CA VAL A 322 -8.26 -0.21 -2.09
C VAL A 322 -8.91 1.14 -2.39
N GLY A 323 -9.21 1.87 -1.31
CA GLY A 323 -9.80 3.19 -1.42
C GLY A 323 -9.09 4.19 -0.53
N GLY A 324 -9.74 5.33 -0.23
CA GLY A 324 -9.12 6.36 0.60
C GLY A 324 -8.83 5.96 2.05
N PHE A 325 -9.49 4.92 2.53
CA PHE A 325 -9.20 4.54 3.92
C PHE A 325 -7.81 3.93 4.07
N GLU A 326 -7.47 3.03 3.15
CA GLU A 326 -6.19 2.33 3.18
C GLU A 326 -5.02 3.27 2.81
N ILE A 327 -5.10 3.87 1.62
CA ILE A 327 -4.07 4.81 1.22
C ILE A 327 -3.89 5.82 2.36
N GLY A 328 -4.99 6.24 2.96
CA GLY A 328 -4.92 7.23 4.03
C GLY A 328 -4.46 6.78 5.40
N THR A 329 -4.81 5.55 5.79
CA THR A 329 -4.46 5.04 7.12
C THR A 329 -3.34 4.03 7.23
N GLY A 330 -2.97 3.38 6.12
CA GLY A 330 -1.94 2.33 6.20
C GLY A 330 -2.52 1.08 6.84
N CYS A 331 -3.82 1.11 7.14
CA CYS A 331 -4.51 -0.03 7.70
C CYS A 331 -5.33 -0.63 6.56
N TYR A 332 -5.29 -1.96 6.43
CA TYR A 332 -6.04 -2.64 5.39
C TYR A 332 -7.32 -3.28 5.93
N ILE A 333 -8.26 -3.51 5.02
CA ILE A 333 -9.50 -4.18 5.33
C ILE A 333 -9.48 -5.51 4.55
N ASN A 334 -9.49 -6.61 5.31
CA ASN A 334 -9.46 -7.93 4.73
C ASN A 334 -10.86 -8.53 4.84
N PRO A 335 -11.47 -8.90 3.69
CA PRO A 335 -12.81 -9.47 3.73
C PRO A 335 -12.92 -10.94 4.04
N VAL A 336 -11.78 -11.61 4.23
CA VAL A 336 -11.81 -13.04 4.56
C VAL A 336 -10.84 -13.42 5.70
N PHE A 337 -11.34 -14.06 6.74
CA PHE A 337 -10.49 -14.46 7.86
C PHE A 337 -9.60 -15.64 7.45
N PRO A 338 -8.39 -15.73 8.04
CA PRO A 338 -7.49 -16.85 7.68
C PRO A 338 -8.06 -18.20 8.18
N GLU A 339 -9.03 -18.11 9.08
CA GLU A 339 -9.76 -19.25 9.65
C GLU A 339 -10.46 -19.94 8.47
N ASP A 340 -11.06 -19.14 7.59
CA ASP A 340 -11.76 -19.72 6.44
C ASP A 340 -10.83 -20.08 5.30
N VAL A 341 -9.91 -19.16 4.98
CA VAL A 341 -8.96 -19.39 3.89
C VAL A 341 -8.25 -20.69 4.15
N ALA A 342 -7.91 -20.94 5.41
CA ALA A 342 -7.16 -22.17 5.71
C ALA A 342 -8.02 -23.41 5.50
N LYS A 343 -9.32 -23.28 5.72
CA LYS A 343 -10.26 -24.38 5.51
C LYS A 343 -10.37 -24.63 4.01
N VAL A 344 -10.51 -23.55 3.25
CA VAL A 344 -10.66 -23.69 1.81
C VAL A 344 -9.47 -24.34 1.16
N MET A 345 -8.29 -23.73 1.35
CA MET A 345 -7.07 -24.20 0.73
C MET A 345 -6.82 -25.66 1.12
N ARG A 346 -7.30 -26.06 2.29
CA ARG A 346 -7.16 -27.45 2.69
C ARG A 346 -8.12 -28.33 1.87
N GLU A 347 -9.32 -27.80 1.60
CA GLU A 347 -10.32 -28.58 0.83
C GLU A 347 -10.11 -28.61 -0.69
N VAL A 348 -9.21 -27.76 -1.19
CA VAL A 348 -8.95 -27.76 -2.64
C VAL A 348 -8.45 -29.13 -3.08
N SER A 349 -9.09 -29.66 -4.14
CA SER A 349 -8.70 -30.94 -4.71
C SER A 349 -8.02 -30.72 -6.05
N LEU A 350 -6.85 -31.35 -6.22
CA LEU A 350 -6.08 -31.23 -7.43
C LEU A 350 -5.93 -32.45 -8.36
N THR A 351 -7.05 -32.93 -8.87
CA THR A 351 -7.15 -34.05 -9.82
C THR A 351 -8.50 -33.94 -10.56
N GLN B 21 15.62 10.21 -17.07
CA GLN B 21 16.74 10.94 -16.40
C GLN B 21 17.20 10.15 -15.15
N SER B 22 18.13 10.70 -14.38
CA SER B 22 18.69 10.01 -13.20
C SER B 22 17.77 9.75 -11.98
N PRO B 23 17.55 8.48 -11.63
CA PRO B 23 16.67 8.21 -10.48
C PRO B 23 17.23 8.81 -9.19
N GLU B 24 16.38 8.92 -8.17
CA GLU B 24 16.77 9.54 -6.91
C GLU B 24 15.81 9.18 -5.80
N LEU B 25 16.32 9.03 -4.58
CA LEU B 25 15.45 8.78 -3.44
C LEU B 25 15.30 10.08 -2.65
N ARG B 26 14.16 10.22 -1.97
CA ARG B 26 13.90 11.43 -1.18
C ARG B 26 12.94 11.08 -0.07
N LYS B 27 13.09 11.76 1.06
CA LYS B 27 12.27 11.49 2.23
C LYS B 27 11.59 12.77 2.68
N ASP B 28 10.70 12.64 3.66
CA ASP B 28 9.95 13.78 4.20
C ASP B 28 9.60 13.34 5.62
N PRO B 29 9.45 14.28 6.55
CA PRO B 29 9.13 13.86 7.92
C PRO B 29 7.68 13.42 8.04
N VAL B 30 6.83 14.02 7.20
CA VAL B 30 5.40 13.74 7.21
C VAL B 30 5.18 12.27 6.91
N THR B 31 5.91 11.75 5.93
CA THR B 31 5.77 10.35 5.55
C THR B 31 6.80 9.49 6.28
N ASN B 32 7.95 10.08 6.58
CA ASN B 32 9.05 9.40 7.28
C ASN B 32 9.55 8.16 6.53
N ARG B 33 9.46 8.21 5.20
CA ARG B 33 9.94 7.11 4.38
C ARG B 33 10.49 7.66 3.10
N TRP B 34 11.46 6.96 2.54
CA TRP B 34 12.01 7.37 1.25
C TRP B 34 11.09 6.85 0.15
N VAL B 35 11.06 7.57 -0.97
CA VAL B 35 10.33 7.09 -2.15
C VAL B 35 11.39 7.04 -3.27
N ILE B 36 11.19 6.17 -4.26
CA ILE B 36 12.14 6.08 -5.35
C ILE B 36 11.75 6.99 -6.51
N PHE B 37 12.36 8.18 -6.61
CA PHE B 37 12.06 8.98 -7.78
C PHE B 37 12.76 8.37 -8.98
N SER B 38 11.98 7.90 -9.95
CA SER B 38 12.56 7.28 -11.15
C SER B 38 11.81 7.80 -12.37
N PRO B 39 12.37 8.83 -13.04
CA PRO B 39 11.70 9.36 -14.22
C PRO B 39 12.08 8.53 -15.43
N THR B 46 3.77 17.07 -17.90
CA THR B 46 2.55 17.44 -18.61
C THR B 46 2.26 16.38 -19.65
N ASP B 47 2.76 15.18 -19.37
CA ASP B 47 2.61 14.04 -20.28
C ASP B 47 1.54 13.03 -19.84
N PHE B 48 1.23 12.99 -18.54
CA PHE B 48 0.23 12.04 -18.04
C PHE B 48 -1.17 12.40 -18.52
N LYS B 49 -2.13 11.54 -18.19
CA LYS B 49 -3.53 11.76 -18.52
C LYS B 49 -4.47 10.60 -18.21
N SER B 50 -5.53 10.47 -19.01
CA SER B 50 -6.53 9.43 -18.81
C SER B 50 -7.25 9.12 -20.11
N SER B 62 -30.92 7.32 -11.62
CA SER B 62 -31.19 7.56 -10.21
C SER B 62 -30.55 6.50 -9.30
N CYS B 63 -30.32 6.81 -8.02
CA CYS B 63 -29.74 5.83 -7.12
C CYS B 63 -30.39 6.06 -5.78
N PRO B 64 -30.08 5.19 -4.80
CA PRO B 64 -30.63 5.28 -3.44
C PRO B 64 -30.30 6.60 -2.76
N PHE B 65 -29.18 7.19 -3.19
CA PHE B 65 -28.69 8.46 -2.65
C PHE B 65 -29.42 9.66 -3.29
N CYS B 66 -30.35 9.39 -4.22
CA CYS B 66 -31.06 10.48 -4.86
C CYS B 66 -32.11 11.10 -3.95
N ILE B 67 -32.15 12.43 -3.91
CA ILE B 67 -33.09 13.10 -3.04
C ILE B 67 -34.47 12.48 -3.28
N GLY B 68 -35.04 11.93 -2.20
CA GLY B 68 -36.34 11.30 -2.26
C GLY B 68 -36.33 9.78 -2.00
N ARG B 69 -35.27 9.25 -1.35
CA ARG B 69 -35.16 7.81 -1.06
C ARG B 69 -34.49 7.49 0.29
N GLU B 70 -34.54 8.43 1.23
CA GLU B 70 -33.90 8.26 2.54
C GLU B 70 -34.13 6.95 3.32
N GLN B 71 -35.40 6.61 3.58
CA GLN B 71 -35.78 5.40 4.32
C GLN B 71 -35.05 4.15 3.77
N GLU B 72 -34.51 4.33 2.58
CA GLU B 72 -33.76 3.34 1.81
C GLU B 72 -32.23 3.41 2.08
N CYS B 73 -31.86 4.26 3.04
CA CYS B 73 -30.46 4.44 3.49
C CYS B 73 -30.39 3.94 4.94
N ALA B 74 -29.19 3.60 5.41
CA ALA B 74 -29.03 3.19 6.80
C ALA B 74 -29.40 4.45 7.62
N PRO B 75 -29.53 4.35 8.95
CA PRO B 75 -29.90 5.56 9.72
C PRO B 75 -29.08 6.83 9.53
N GLU B 76 -29.74 7.94 9.85
CA GLU B 76 -29.17 9.26 9.75
C GLU B 76 -28.65 9.75 11.08
N LEU B 77 -27.51 10.45 11.06
CA LEU B 77 -26.91 11.01 12.27
C LEU B 77 -27.31 12.49 12.36
N PHE B 78 -27.46 13.11 11.21
CA PHE B 78 -27.90 14.50 11.13
C PHE B 78 -27.85 14.89 9.68
N ARG B 79 -28.41 16.03 9.33
CA ARG B 79 -28.40 16.51 7.97
C ARG B 79 -28.15 18.02 8.04
N VAL B 80 -28.01 18.64 6.87
CA VAL B 80 -27.76 20.08 6.74
C VAL B 80 -28.48 20.62 5.50
N PRO B 81 -29.36 21.65 5.67
CA PRO B 81 -29.74 22.36 6.90
C PRO B 81 -30.26 21.41 7.99
N ASP B 82 -29.92 21.71 9.23
CA ASP B 82 -30.30 20.86 10.35
C ASP B 82 -31.80 20.59 10.42
N HIS B 83 -32.17 19.32 10.46
CA HIS B 83 -33.58 18.93 10.54
C HIS B 83 -34.41 19.55 9.43
N ASP B 84 -33.80 19.69 8.25
CA ASP B 84 -34.49 20.27 7.10
C ASP B 84 -34.81 19.18 6.10
N PRO B 85 -36.11 18.92 5.87
CA PRO B 85 -36.53 17.89 4.90
C PRO B 85 -35.92 18.19 3.53
N ASN B 86 -35.56 19.46 3.31
CA ASN B 86 -34.97 19.92 2.07
C ASN B 86 -33.44 20.04 2.33
N TRP B 87 -32.77 18.90 2.28
CA TRP B 87 -31.35 18.87 2.60
C TRP B 87 -30.35 19.10 1.49
N LYS B 88 -29.15 19.53 1.87
CA LYS B 88 -28.08 19.77 0.91
C LYS B 88 -27.02 18.67 1.14
N LEU B 89 -26.99 18.11 2.33
CA LEU B 89 -26.07 16.99 2.63
C LEU B 89 -26.57 16.24 3.87
N ARG B 90 -26.23 14.95 4.00
CA ARG B 90 -26.63 14.19 5.17
C ARG B 90 -25.50 13.30 5.57
N VAL B 91 -25.37 13.05 6.88
CA VAL B 91 -24.33 12.18 7.38
C VAL B 91 -25.10 10.97 7.93
N ILE B 92 -24.92 9.85 7.25
CA ILE B 92 -25.62 8.64 7.65
C ILE B 92 -24.67 7.52 8.01
N GLU B 93 -25.22 6.48 8.60
CA GLU B 93 -24.41 5.33 8.93
C GLU B 93 -24.21 4.60 7.60
N ASN B 94 -23.12 3.86 7.51
CA ASN B 94 -22.84 3.06 6.30
C ASN B 94 -23.66 1.76 6.41
N LEU B 95 -24.43 1.44 5.38
CA LEU B 95 -25.26 0.23 5.35
C LEU B 95 -24.39 -1.00 5.60
N TYR B 96 -23.19 -1.04 4.99
CA TYR B 96 -22.27 -2.18 5.11
C TYR B 96 -20.97 -1.74 5.78
N PRO B 97 -21.03 -1.41 7.07
CA PRO B 97 -19.87 -0.94 7.85
C PRO B 97 -18.74 -1.92 7.95
N ALA B 98 -17.51 -1.41 7.86
CA ALA B 98 -16.31 -2.25 7.97
C ALA B 98 -16.04 -2.60 9.44
N LEU B 99 -16.55 -1.77 10.34
CA LEU B 99 -16.42 -1.97 11.79
C LEU B 99 -17.82 -1.75 12.41
N SER B 100 -18.28 -2.70 13.21
CA SER B 100 -19.60 -2.64 13.81
C SER B 100 -19.76 -1.62 14.94
N ARG B 101 -20.78 -0.79 14.82
CA ARG B 101 -21.06 0.23 15.82
C ARG B 101 -21.79 -0.37 17.02
N ASN B 102 -22.06 -1.66 16.98
CA ASN B 102 -22.74 -2.29 18.12
C ASN B 102 -21.72 -2.91 19.05
N LEU B 103 -20.58 -3.27 18.49
CA LEU B 103 -19.54 -3.89 19.30
C LEU B 103 -18.92 -2.92 20.27
N GLU B 104 -19.46 -1.71 20.36
CA GLU B 104 -18.86 -0.71 21.24
C GLU B 104 -18.56 -1.14 22.65
N THR B 105 -19.56 -1.71 23.31
CA THR B 105 -19.37 -2.11 24.68
C THR B 105 -18.07 -2.88 24.85
N GLN B 106 -17.86 -3.89 24.01
CA GLN B 106 -16.62 -4.69 24.08
C GLN B 106 -15.39 -3.86 23.69
N SER B 107 -14.29 -4.10 24.40
CA SER B 107 -13.00 -3.42 24.22
C SER B 107 -12.88 -2.07 24.90
N ARG B 116 -2.57 -7.77 20.37
CA ARG B 116 -2.41 -8.15 18.97
C ARG B 116 -3.76 -8.34 18.29
N THR B 117 -4.81 -8.18 19.08
CA THR B 117 -6.14 -8.35 18.56
C THR B 117 -7.10 -7.50 19.36
N ILE B 118 -8.15 -7.00 18.72
CA ILE B 118 -9.15 -6.17 19.41
C ILE B 118 -10.52 -6.35 18.75
N VAL B 119 -11.62 -6.00 19.45
CA VAL B 119 -12.94 -6.20 18.83
C VAL B 119 -13.15 -5.20 17.69
N GLY B 120 -14.00 -5.55 16.73
CA GLY B 120 -14.19 -4.67 15.59
C GLY B 120 -15.07 -3.46 15.80
N PHE B 121 -14.83 -2.78 16.92
CA PHE B 121 -15.59 -1.60 17.26
C PHE B 121 -15.15 -0.38 16.49
N GLY B 122 -16.13 0.33 15.95
CA GLY B 122 -15.82 1.58 15.25
C GLY B 122 -17.09 2.06 14.60
N PHE B 123 -17.01 3.25 14.02
CA PHE B 123 -18.16 3.80 13.31
C PHE B 123 -17.74 3.93 11.85
N HIS B 124 -18.71 3.79 10.95
CA HIS B 124 -18.44 3.96 9.53
C HIS B 124 -19.64 4.67 8.95
N ASP B 125 -19.38 5.85 8.39
CA ASP B 125 -20.43 6.73 7.84
C ASP B 125 -20.18 7.17 6.41
N VAL B 126 -21.26 7.51 5.72
CA VAL B 126 -21.16 7.95 4.34
C VAL B 126 -21.67 9.35 4.21
N VAL B 127 -20.80 10.32 3.90
CA VAL B 127 -21.31 11.69 3.71
C VAL B 127 -21.88 11.79 2.31
N ILE B 128 -23.18 12.07 2.22
CA ILE B 128 -23.80 12.24 0.90
C ILE B 128 -23.71 13.73 0.59
N GLU B 129 -22.85 14.07 -0.37
CA GLU B 129 -22.49 15.44 -0.72
C GLU B 129 -23.43 16.31 -1.54
N SER B 130 -24.54 15.75 -2.00
CA SER B 130 -25.46 16.54 -2.80
C SER B 130 -26.71 15.76 -3.16
N PRO B 131 -27.89 16.28 -2.78
CA PRO B 131 -29.12 15.54 -3.14
C PRO B 131 -29.33 15.46 -4.67
N VAL B 132 -28.32 15.70 -5.49
CA VAL B 132 -28.49 15.60 -6.94
C VAL B 132 -27.52 14.62 -7.58
N HIS B 133 -28.08 13.49 -8.05
CA HIS B 133 -27.31 12.40 -8.66
C HIS B 133 -26.39 12.82 -9.79
N SER B 134 -26.65 14.00 -10.33
CA SER B 134 -25.88 14.51 -11.45
C SER B 134 -24.96 15.71 -11.09
N ILE B 135 -23.96 15.46 -10.26
CA ILE B 135 -23.01 16.49 -9.88
C ILE B 135 -21.64 15.90 -9.48
N GLN B 136 -20.55 16.59 -9.83
CA GLN B 136 -19.19 16.16 -9.44
C GLN B 136 -18.87 16.93 -8.16
N LEU B 137 -18.19 16.29 -7.21
CA LEU B 137 -17.88 16.96 -5.96
C LEU B 137 -17.28 18.32 -6.25
N SER B 138 -16.40 18.38 -7.25
CA SER B 138 -15.73 19.63 -7.58
C SER B 138 -16.53 20.52 -8.52
N ASP B 139 -17.59 19.97 -9.13
CA ASP B 139 -18.40 20.81 -10.02
C ASP B 139 -19.26 21.61 -9.09
N ILE B 140 -19.08 21.36 -7.80
CA ILE B 140 -19.85 22.04 -6.75
C ILE B 140 -19.30 23.40 -6.33
N ASP B 141 -20.18 24.21 -5.74
CA ASP B 141 -19.86 25.55 -5.27
C ASP B 141 -19.02 25.52 -3.98
N PRO B 142 -17.87 26.23 -3.97
CA PRO B 142 -16.97 26.27 -2.81
C PRO B 142 -17.68 26.45 -1.46
N VAL B 143 -18.70 27.31 -1.42
CA VAL B 143 -19.41 27.49 -0.18
C VAL B 143 -20.06 26.17 0.28
N GLY B 144 -20.57 25.43 -0.69
CA GLY B 144 -21.20 24.14 -0.41
C GLY B 144 -20.18 23.09 -0.01
N ILE B 145 -18.97 23.23 -0.50
CA ILE B 145 -17.92 22.29 -0.10
C ILE B 145 -17.63 22.66 1.38
N GLY B 146 -17.78 23.95 1.68
CA GLY B 146 -17.62 24.41 3.05
C GLY B 146 -18.56 23.61 3.94
N ASP B 147 -19.85 23.57 3.57
CA ASP B 147 -20.86 22.82 4.34
C ASP B 147 -20.42 21.39 4.71
N ILE B 148 -19.90 20.66 3.72
CA ILE B 148 -19.47 19.29 3.90
C ILE B 148 -18.32 19.22 4.91
N LEU B 149 -17.29 20.03 4.67
CA LEU B 149 -16.14 20.09 5.58
C LEU B 149 -16.68 20.31 7.01
N ILE B 150 -17.36 21.43 7.25
CA ILE B 150 -17.98 21.73 8.56
C ILE B 150 -18.78 20.52 9.11
N ALA B 151 -19.43 19.76 8.22
CA ALA B 151 -20.16 18.59 8.65
C ALA B 151 -19.16 17.54 9.19
N TYR B 152 -17.99 17.43 8.57
CA TYR B 152 -16.98 16.47 9.04
C TYR B 152 -16.62 16.87 10.46
N LYS B 153 -16.47 18.18 10.65
CA LYS B 153 -16.13 18.72 11.95
C LYS B 153 -17.23 18.38 12.98
N LYS B 154 -18.50 18.57 12.61
CA LYS B 154 -19.60 18.25 13.52
C LYS B 154 -19.63 16.75 13.89
N ARG B 155 -19.33 15.89 12.92
CA ARG B 155 -19.35 14.45 13.18
C ARG B 155 -18.13 13.98 13.99
N ILE B 156 -17.01 14.69 13.86
CA ILE B 156 -15.82 14.37 14.62
C ILE B 156 -16.03 14.72 16.11
N ASN B 157 -16.60 15.89 16.39
CA ASN B 157 -16.83 16.25 17.78
C ASN B 157 -17.76 15.25 18.46
N GLN B 158 -18.80 14.82 17.75
CA GLN B 158 -19.72 13.82 18.29
C GLN B 158 -18.89 12.58 18.61
N ILE B 159 -18.12 12.14 17.63
CA ILE B 159 -17.27 10.97 17.78
C ILE B 159 -16.24 11.13 18.90
N ALA B 160 -15.65 12.32 18.99
CA ALA B 160 -14.63 12.59 20.01
C ALA B 160 -15.17 12.37 21.43
N GLN B 161 -16.49 12.37 21.59
CA GLN B 161 -17.08 12.15 22.90
C GLN B 161 -16.90 10.70 23.35
N HIS B 162 -16.48 9.83 22.44
CA HIS B 162 -16.26 8.42 22.77
C HIS B 162 -14.79 8.16 23.10
N ASP B 163 -14.52 7.89 24.37
CA ASP B 163 -13.17 7.66 24.86
C ASP B 163 -12.50 6.47 24.17
N SER B 164 -13.31 5.69 23.44
CA SER B 164 -12.83 4.50 22.77
C SER B 164 -12.32 4.72 21.35
N ILE B 165 -12.43 5.94 20.84
CA ILE B 165 -11.97 6.27 19.47
C ILE B 165 -10.57 6.94 19.42
N ASN B 166 -9.59 6.25 18.82
CA ASN B 166 -8.22 6.77 18.70
C ASN B 166 -7.95 7.71 17.52
N TYR B 167 -8.57 7.42 16.37
CA TYR B 167 -8.33 8.25 15.19
C TYR B 167 -9.63 8.42 14.43
N ILE B 168 -9.68 9.37 13.51
CA ILE B 168 -10.90 9.55 12.73
C ILE B 168 -10.49 9.99 11.35
N GLN B 169 -10.34 9.02 10.44
CA GLN B 169 -9.97 9.26 9.06
C GLN B 169 -11.21 9.49 8.24
N VAL B 170 -11.16 10.54 7.42
CA VAL B 170 -12.22 10.90 6.49
C VAL B 170 -11.59 10.75 5.10
N PHE B 171 -12.30 10.16 4.15
CA PHE B 171 -11.76 10.00 2.79
C PHE B 171 -12.82 10.17 1.73
N LYS B 172 -12.37 10.35 0.49
CA LYS B 172 -13.25 10.51 -0.66
C LYS B 172 -12.85 9.54 -1.76
N ASN B 173 -13.85 8.78 -2.22
CA ASN B 173 -13.72 7.83 -3.34
C ASN B 173 -14.72 8.18 -4.40
N GLN B 174 -14.23 8.36 -5.62
CA GLN B 174 -15.01 8.64 -6.82
C GLN B 174 -14.24 7.83 -7.89
N GLY B 175 -14.95 7.23 -8.87
CA GLY B 175 -14.27 6.45 -9.91
C GLY B 175 -14.05 4.99 -9.53
N ALA B 176 -14.26 4.08 -10.49
CA ALA B 176 -14.12 2.66 -10.17
C ALA B 176 -12.73 2.20 -9.79
N SER B 177 -11.74 2.62 -10.58
CA SER B 177 -10.36 2.20 -10.38
C SER B 177 -9.75 2.75 -9.09
N ALA B 178 -10.26 3.87 -8.60
CA ALA B 178 -9.73 4.45 -7.35
C ALA B 178 -10.45 3.80 -6.16
N GLY B 179 -11.29 2.81 -6.46
CA GLY B 179 -12.01 2.13 -5.39
C GLY B 179 -13.53 2.22 -5.35
N ALA B 180 -14.12 3.35 -5.76
CA ALA B 180 -15.58 3.59 -5.77
C ALA B 180 -16.51 2.50 -6.36
N SER B 181 -17.69 2.36 -5.74
CA SER B 181 -18.73 1.41 -6.16
C SER B 181 -19.99 2.18 -6.59
N MET B 182 -20.18 3.39 -6.06
CA MET B 182 -21.34 4.20 -6.44
C MET B 182 -20.90 5.46 -7.21
N SER B 183 -21.68 5.84 -8.23
CA SER B 183 -21.34 6.98 -9.08
C SER B 183 -21.75 8.32 -8.54
N HIS B 184 -22.85 8.33 -7.79
CA HIS B 184 -23.33 9.56 -7.18
C HIS B 184 -22.14 10.06 -6.37
N SER B 185 -21.91 11.37 -6.41
CA SER B 185 -20.80 12.00 -5.72
C SER B 185 -20.92 11.76 -4.22
N HIS B 186 -19.82 11.42 -3.55
CA HIS B 186 -19.91 11.21 -2.12
C HIS B 186 -18.58 10.87 -1.49
N SER B 187 -18.48 11.06 -0.18
CA SER B 187 -17.22 10.70 0.54
C SER B 187 -17.59 9.84 1.73
N GLN B 188 -16.62 9.57 2.59
CA GLN B 188 -16.85 8.69 3.75
C GLN B 188 -16.01 9.06 4.96
N MET B 189 -16.38 8.48 6.11
CA MET B 189 -15.63 8.68 7.35
C MET B 189 -15.52 7.31 8.03
N MET B 190 -14.33 7.01 8.54
CA MET B 190 -14.10 5.78 9.26
C MET B 190 -13.45 6.11 10.62
N ALA B 191 -14.15 5.79 11.70
CA ALA B 191 -13.66 6.03 13.05
C ALA B 191 -13.10 4.70 13.62
N LEU B 192 -11.85 4.77 14.10
CA LEU B 192 -11.09 3.61 14.57
C LEU B 192 -10.71 3.62 16.04
N PRO B 193 -10.63 2.43 16.67
CA PRO B 193 -10.27 2.32 18.10
C PRO B 193 -8.76 2.46 18.36
N VAL B 194 -7.97 2.51 17.31
CA VAL B 194 -6.51 2.63 17.49
C VAL B 194 -5.94 3.64 16.51
N VAL B 195 -4.67 3.97 16.66
CA VAL B 195 -4.03 4.93 15.74
C VAL B 195 -3.40 4.07 14.65
N PRO B 196 -3.83 4.24 13.37
CA PRO B 196 -3.30 3.45 12.26
C PRO B 196 -1.86 3.69 11.84
N PRO B 197 -1.34 2.89 10.89
CA PRO B 197 0.04 2.96 10.37
C PRO B 197 0.55 4.26 9.85
N THR B 198 -0.29 4.94 9.09
CA THR B 198 0.13 6.19 8.53
C THR B 198 0.35 7.25 9.60
N VAL B 199 -0.55 7.29 10.59
CA VAL B 199 -0.47 8.29 11.67
C VAL B 199 0.75 7.94 12.57
N SER B 200 0.90 6.65 12.88
CA SER B 200 2.08 6.22 13.64
C SER B 200 3.34 6.95 13.14
N SER B 201 3.74 6.61 11.92
CA SER B 201 4.93 7.17 11.26
C SER B 201 4.95 8.68 11.19
N ARG B 202 3.81 9.26 10.87
CA ARG B 202 3.70 10.72 10.78
C ARG B 202 4.09 11.32 12.14
N LEU B 203 3.63 10.70 13.22
CA LEU B 203 3.97 11.20 14.54
C LEU B 203 5.48 11.06 14.78
N ASP B 204 6.05 9.95 14.33
CA ASP B 204 7.47 9.72 14.51
C ASP B 204 8.35 10.59 13.62
N GLY B 205 7.99 10.65 12.34
CA GLY B 205 8.76 11.42 11.38
C GLY B 205 8.88 12.89 11.71
N THR B 206 7.73 13.49 12.01
CA THR B 206 7.67 14.92 12.40
C THR B 206 8.29 15.15 13.77
N LYS B 207 7.98 14.28 14.74
CA LYS B 207 8.59 14.46 16.06
C LYS B 207 10.11 14.52 15.94
N ASP B 208 10.67 13.52 15.27
CA ASP B 208 12.11 13.46 15.07
C ASP B 208 12.63 14.65 14.27
N TYR B 209 11.84 15.12 13.30
CA TYR B 209 12.25 16.27 12.52
C TYR B 209 12.25 17.46 13.48
N PHE B 210 11.23 17.57 14.31
CA PHE B 210 11.16 18.70 15.24
C PHE B 210 12.36 18.71 16.23
N GLU B 211 12.81 17.52 16.66
CA GLU B 211 13.96 17.46 17.57
C GLU B 211 15.22 17.98 16.85
N GLU B 212 15.15 18.01 15.52
CA GLU B 212 16.26 18.48 14.69
C GLU B 212 16.37 20.00 14.62
N THR B 213 15.60 20.58 13.71
CA THR B 213 15.62 22.02 13.45
C THR B 213 14.72 22.88 14.32
N GLY B 214 14.01 22.23 15.24
CA GLY B 214 13.10 22.96 16.12
C GLY B 214 11.89 23.46 15.34
N LYS B 215 11.67 22.91 14.14
CA LYS B 215 10.53 23.39 13.34
C LYS B 215 9.52 22.38 12.81
N CYS B 216 8.25 22.79 12.83
CA CYS B 216 7.17 21.95 12.30
C CYS B 216 7.39 21.97 10.79
N CYS B 217 7.64 20.84 10.18
CA CYS B 217 7.91 20.84 8.74
C CYS B 217 6.75 21.41 7.92
N LEU B 218 5.50 21.14 8.34
CA LEU B 218 4.36 21.66 7.57
C LEU B 218 4.26 23.17 7.64
N CYS B 219 4.70 23.77 8.76
CA CYS B 219 4.73 25.24 8.81
C CYS B 219 5.81 25.73 7.80
N GLU B 220 6.79 24.88 7.48
CA GLU B 220 7.84 25.22 6.50
C GLU B 220 7.46 24.75 5.08
N ALA B 221 6.17 24.56 4.81
CA ALA B 221 5.77 24.06 3.50
C ALA B 221 6.31 24.80 2.31
N LYS B 222 6.44 26.13 2.44
CA LYS B 222 6.93 26.93 1.33
C LYS B 222 8.46 26.89 1.19
N SER B 223 9.12 26.20 2.09
CA SER B 223 10.57 26.12 1.95
C SER B 223 11.00 24.64 1.81
N LYS B 224 10.01 23.77 1.72
CA LYS B 224 10.29 22.32 1.57
C LYS B 224 9.49 21.65 0.45
N HIS B 225 8.35 22.25 0.07
CA HIS B 225 7.47 21.70 -0.96
C HIS B 225 7.34 22.65 -2.16
N PHE B 226 6.87 22.12 -3.28
CA PHE B 226 6.79 22.92 -4.50
C PHE B 226 5.42 23.52 -4.63
N VAL B 227 5.33 24.80 -4.32
CA VAL B 227 4.07 25.50 -4.35
C VAL B 227 3.52 25.72 -5.76
N ILE B 228 2.23 25.39 -5.88
CA ILE B 228 1.46 25.52 -7.12
C ILE B 228 0.44 26.62 -6.83
N ASP B 229 -0.30 26.49 -5.72
CA ASP B 229 -1.28 27.51 -5.38
C ASP B 229 -1.66 27.64 -3.90
N GLU B 230 -2.11 28.85 -3.56
CA GLU B 230 -2.44 29.18 -2.18
C GLU B 230 -3.54 30.22 -2.06
N SER B 231 -4.35 30.07 -1.01
CA SER B 231 -5.41 31.05 -0.76
C SER B 231 -5.12 31.73 0.58
N SER B 232 -5.98 32.65 0.98
CA SER B 232 -5.79 33.34 2.26
C SER B 232 -5.47 32.39 3.39
N HIS B 233 -5.54 31.07 3.19
CA HIS B 233 -5.26 30.16 4.33
C HIS B 233 -4.55 28.82 4.05
N PHE B 234 -4.40 28.47 2.77
CA PHE B 234 -3.76 27.22 2.32
C PHE B 234 -2.74 27.40 1.22
N VAL B 235 -1.99 26.33 0.97
CA VAL B 235 -1.00 26.25 -0.07
C VAL B 235 -1.07 24.79 -0.54
N SER B 236 -1.95 24.55 -1.51
CA SER B 236 -2.08 23.23 -2.05
C SER B 236 -0.63 23.11 -2.45
N VAL B 237 -0.03 21.94 -2.30
CA VAL B 237 1.37 21.82 -2.65
C VAL B 237 1.69 20.43 -3.22
N ALA B 238 2.78 20.41 -3.97
CA ALA B 238 3.37 19.18 -4.51
C ALA B 238 4.30 18.85 -3.32
N PRO B 239 4.34 17.60 -2.86
CA PRO B 239 5.24 17.34 -1.72
C PRO B 239 6.62 16.98 -2.17
N PHE B 240 7.61 17.57 -1.50
CA PHE B 240 9.01 17.34 -1.83
C PHE B 240 9.29 15.88 -2.20
N ALA B 241 8.76 14.95 -1.41
CA ALA B 241 9.01 13.54 -1.67
C ALA B 241 7.70 12.74 -1.74
N ALA B 242 6.77 13.25 -2.54
CA ALA B 242 5.43 12.62 -2.71
C ALA B 242 5.48 11.15 -3.13
N THR B 243 4.58 10.34 -2.58
CA THR B 243 4.58 8.93 -2.92
C THR B 243 4.04 8.61 -4.32
N TYR B 244 3.00 9.35 -4.73
CA TYR B 244 2.31 9.05 -5.99
C TYR B 244 2.44 10.16 -7.01
N PRO B 245 2.53 9.78 -8.29
CA PRO B 245 2.64 10.77 -9.37
C PRO B 245 1.43 11.72 -9.36
N PHE B 246 1.73 13.02 -9.39
CA PHE B 246 0.74 14.09 -9.37
C PHE B 246 -0.04 14.17 -8.06
N GLU B 247 0.57 13.63 -7.00
CA GLU B 247 -0.03 13.73 -5.64
C GLU B 247 -0.02 15.23 -5.32
N ILE B 248 -1.09 15.70 -4.66
CA ILE B 248 -1.21 17.11 -4.24
C ILE B 248 -1.59 17.11 -2.75
N TRP B 249 -0.91 17.96 -1.98
CA TRP B 249 -1.23 18.16 -0.55
C TRP B 249 -1.75 19.59 -0.38
N ILE B 250 -2.90 19.73 0.29
CA ILE B 250 -3.40 21.08 0.59
C ILE B 250 -3.03 21.27 2.06
N ILE B 251 -2.30 22.35 2.35
CA ILE B 251 -1.77 22.58 3.70
C ILE B 251 -2.23 23.87 4.39
N PRO B 252 -2.92 23.74 5.54
CA PRO B 252 -3.37 24.94 6.27
C PRO B 252 -2.12 25.78 6.54
N LYS B 253 -2.15 27.05 6.15
CA LYS B 253 -0.99 27.91 6.37
C LYS B 253 -0.62 27.93 7.85
N ASP B 254 -1.53 28.45 8.68
CA ASP B 254 -1.30 28.48 10.13
C ASP B 254 -1.09 27.05 10.66
N HIS B 255 -0.63 26.93 11.90
CA HIS B 255 -0.42 25.59 12.50
C HIS B 255 -1.71 25.12 13.21
N SER B 256 -2.55 24.32 12.53
CA SER B 256 -3.80 23.77 13.11
C SER B 256 -3.56 22.27 13.27
N SER B 257 -2.99 21.89 14.41
CA SER B 257 -2.71 20.46 14.66
C SER B 257 -4.00 19.62 14.57
N HIS B 258 -5.10 20.30 14.25
CA HIS B 258 -6.40 19.66 14.25
C HIS B 258 -7.34 20.13 13.15
N PHE B 259 -7.69 19.21 12.27
CA PHE B 259 -8.64 19.54 11.21
C PHE B 259 -9.89 20.18 11.84
N HIS B 260 -10.38 19.54 12.93
CA HIS B 260 -11.63 19.97 13.57
C HIS B 260 -11.60 21.38 14.11
N HIS B 261 -10.49 22.07 13.90
CA HIS B 261 -10.40 23.45 14.30
C HIS B 261 -10.85 24.27 13.09
N LEU B 262 -11.43 23.58 12.10
CA LEU B 262 -11.92 24.23 10.86
C LEU B 262 -13.06 25.21 11.12
N ASP B 263 -12.93 26.45 10.63
CA ASP B 263 -14.00 27.45 10.83
C ASP B 263 -14.69 27.73 9.50
N ASP B 264 -15.77 28.51 9.55
CA ASP B 264 -16.55 28.79 8.35
C ASP B 264 -15.83 29.43 7.16
N VAL B 265 -15.18 30.58 7.39
CA VAL B 265 -14.47 31.28 6.32
C VAL B 265 -13.32 30.38 5.80
N LYS B 266 -12.54 29.75 6.69
CA LYS B 266 -11.49 28.87 6.18
C LYS B 266 -12.19 27.67 5.52
N ALA B 267 -13.27 27.19 6.14
CA ALA B 267 -13.98 26.07 5.56
C ALA B 267 -14.33 26.35 4.09
N VAL B 268 -14.74 27.58 3.76
CA VAL B 268 -15.07 27.85 2.38
C VAL B 268 -13.80 28.29 1.63
N ASP B 269 -12.79 28.70 2.42
CA ASP B 269 -11.50 29.07 1.85
C ASP B 269 -10.85 27.82 1.24
N LEU B 270 -11.00 26.70 1.93
CA LEU B 270 -10.47 25.41 1.48
C LEU B 270 -11.25 24.87 0.27
N GLY B 271 -12.57 24.98 0.37
CA GLY B 271 -13.45 24.52 -0.69
C GLY B 271 -13.01 25.08 -2.04
N GLY B 272 -12.70 26.37 -2.07
CA GLY B 272 -12.27 26.99 -3.32
C GLY B 272 -10.95 26.37 -3.83
N LEU B 273 -10.00 26.10 -2.92
CA LEU B 273 -8.71 25.55 -3.32
C LEU B 273 -8.83 24.06 -3.69
N LEU B 274 -9.59 23.31 -2.89
CA LEU B 274 -9.83 21.89 -3.16
C LEU B 274 -10.47 21.83 -4.54
N LYS B 275 -11.49 22.66 -4.74
CA LYS B 275 -12.17 22.66 -6.02
C LYS B 275 -11.18 22.98 -7.16
N LEU B 276 -10.35 24.00 -6.97
CA LEU B 276 -9.38 24.40 -7.99
C LEU B 276 -8.41 23.26 -8.33
N MET B 277 -7.98 22.51 -7.31
CA MET B 277 -7.05 21.42 -7.56
C MET B 277 -7.75 20.26 -8.23
N LEU B 278 -8.98 19.94 -7.80
CA LEU B 278 -9.69 18.84 -8.44
C LEU B 278 -10.05 19.19 -9.88
N GLN B 279 -10.39 20.45 -10.12
CA GLN B 279 -10.72 20.83 -11.50
C GLN B 279 -9.45 20.87 -12.36
N LYS B 280 -8.35 21.41 -11.82
CA LYS B 280 -7.09 21.40 -12.58
C LYS B 280 -6.68 19.92 -12.81
N ILE B 281 -6.87 19.09 -11.79
CA ILE B 281 -6.53 17.66 -11.94
C ILE B 281 -7.25 17.02 -13.11
N ALA B 282 -8.57 17.16 -13.18
CA ALA B 282 -9.35 16.55 -14.26
C ALA B 282 -8.94 17.14 -15.60
N LYS B 283 -8.75 18.44 -15.60
CA LYS B 283 -8.37 19.14 -16.82
C LYS B 283 -7.09 18.61 -17.48
N GLN B 284 -6.00 18.59 -16.74
CA GLN B 284 -4.72 18.14 -17.28
C GLN B 284 -4.56 16.62 -17.38
N LEU B 285 -5.19 15.87 -16.48
CA LEU B 285 -5.02 14.42 -16.44
C LEU B 285 -6.19 13.65 -17.00
N ASN B 286 -7.10 14.39 -17.62
CA ASN B 286 -8.29 13.83 -18.20
C ASN B 286 -9.26 13.10 -17.24
N ASP B 287 -9.70 13.81 -16.22
CA ASP B 287 -10.69 13.32 -15.26
C ASP B 287 -10.46 11.92 -14.72
N PRO B 288 -9.40 11.76 -13.94
CA PRO B 288 -9.07 10.46 -13.36
C PRO B 288 -9.80 10.28 -12.03
N PRO B 289 -10.27 9.07 -11.76
CA PRO B 289 -10.93 8.85 -10.47
C PRO B 289 -9.95 9.34 -9.37
N TYR B 290 -10.40 9.41 -8.12
CA TYR B 290 -9.51 9.84 -7.05
C TYR B 290 -9.93 9.46 -5.64
N ASN B 291 -8.97 9.60 -4.73
CA ASN B 291 -9.22 9.34 -3.32
C ASN B 291 -8.45 10.37 -2.52
N TYR B 292 -9.09 11.45 -2.08
CA TYR B 292 -8.33 12.37 -1.25
C TYR B 292 -8.51 11.90 0.20
N MET B 293 -7.54 12.22 1.03
CA MET B 293 -7.52 11.76 2.43
C MET B 293 -7.14 12.93 3.33
N ILE B 294 -7.93 13.17 4.36
CA ILE B 294 -7.59 14.23 5.28
C ILE B 294 -6.69 13.59 6.35
N HIS B 295 -5.51 14.18 6.57
CA HIS B 295 -4.58 13.68 7.59
C HIS B 295 -4.67 14.70 8.72
N THR B 296 -4.76 14.22 9.96
CA THR B 296 -4.95 15.13 11.08
C THR B 296 -4.54 14.42 12.37
N SER B 297 -5.07 14.80 13.53
CA SER B 297 -4.54 14.08 14.68
C SER B 297 -5.46 13.21 15.54
N PRO B 298 -4.92 12.12 16.09
CA PRO B 298 -5.68 11.20 16.94
C PRO B 298 -6.40 11.94 18.07
N LEU B 299 -7.47 11.35 18.58
CA LEU B 299 -8.18 12.00 19.69
C LEU B 299 -7.35 12.01 20.96
N LYS B 300 -6.34 11.15 21.09
CA LYS B 300 -5.53 11.20 22.30
C LYS B 300 -4.19 11.95 22.14
N VAL B 301 -4.16 12.90 21.21
CA VAL B 301 -2.93 13.66 21.02
C VAL B 301 -2.59 14.36 22.34
N THR B 302 -1.42 14.02 22.88
CA THR B 302 -0.97 14.61 24.14
C THR B 302 -0.39 15.92 23.78
N GLU B 303 -0.21 16.80 24.77
CA GLU B 303 0.37 18.10 24.50
C GLU B 303 1.79 18.07 23.89
N SER B 304 2.63 17.13 24.32
CA SER B 304 3.99 17.07 23.76
C SER B 304 4.07 16.85 22.25
N GLN B 305 2.94 16.52 21.62
CA GLN B 305 2.93 16.31 20.16
C GLN B 305 2.31 17.46 19.37
N LEU B 306 1.80 18.50 20.01
CA LEU B 306 1.12 19.56 19.24
C LEU B 306 1.95 20.48 18.35
N PRO B 307 3.14 20.90 18.81
CA PRO B 307 3.90 21.79 17.91
C PRO B 307 4.22 21.18 16.54
N TYR B 308 4.47 19.87 16.50
CA TYR B 308 4.80 19.26 15.22
C TYR B 308 3.75 18.41 14.53
N THR B 309 2.52 18.42 15.02
CA THR B 309 1.46 17.64 14.36
C THR B 309 0.62 18.65 13.58
N HIS B 310 0.43 18.41 12.30
CA HIS B 310 -0.30 19.34 11.42
C HIS B 310 -1.16 18.56 10.45
N TRP B 311 -2.35 19.06 10.13
CA TRP B 311 -3.30 18.33 9.28
C TRP B 311 -3.31 18.76 7.81
N PHE B 312 -3.37 17.77 6.91
CA PHE B 312 -3.38 18.11 5.49
C PHE B 312 -4.20 17.12 4.68
N LEU B 313 -4.66 17.61 3.53
CA LEU B 313 -5.48 16.83 2.63
C LEU B 313 -4.62 16.32 1.47
N GLN B 314 -4.77 15.03 1.16
CA GLN B 314 -3.97 14.38 0.12
C GLN B 314 -4.78 13.89 -1.05
N ILE B 315 -4.55 14.48 -2.21
CA ILE B 315 -5.26 14.09 -3.40
C ILE B 315 -4.44 13.11 -4.23
N VAL B 316 -5.02 11.96 -4.52
CA VAL B 316 -4.33 10.97 -5.33
C VAL B 316 -5.11 10.64 -6.62
N PRO B 317 -4.73 11.28 -7.73
CA PRO B 317 -5.45 10.92 -8.95
C PRO B 317 -5.15 9.42 -9.04
N GLN B 318 -6.17 8.58 -9.19
CA GLN B 318 -5.94 7.14 -9.29
C GLN B 318 -5.31 6.90 -10.66
N LEU B 319 -4.00 6.73 -10.62
CA LEU B 319 -3.19 6.49 -11.81
C LEU B 319 -2.29 5.27 -11.55
N SER B 320 -0.98 5.51 -11.39
CA SER B 320 0.05 4.47 -11.20
C SER B 320 -0.45 3.14 -10.62
N GLY B 321 0.14 2.03 -11.06
CA GLY B 321 -0.26 0.71 -10.60
C GLY B 321 0.73 0.11 -9.61
N VAL B 322 0.34 -0.95 -8.89
CA VAL B 322 1.29 -1.54 -7.93
C VAL B 322 1.50 -3.04 -8.11
N GLY B 323 2.75 -3.47 -7.94
CA GLY B 323 3.13 -4.87 -8.11
C GLY B 323 3.91 -5.36 -6.91
N GLY B 324 4.69 -6.40 -7.12
CA GLY B 324 5.45 -7.02 -6.04
C GLY B 324 6.50 -6.20 -5.32
N PHE B 325 7.25 -5.35 -6.04
CA PHE B 325 8.25 -4.55 -5.35
C PHE B 325 7.61 -3.77 -4.17
N GLU B 326 6.64 -2.92 -4.48
CA GLU B 326 5.94 -2.12 -3.50
C GLU B 326 5.26 -3.03 -2.47
N ILE B 327 4.68 -4.15 -2.93
CA ILE B 327 4.04 -5.00 -1.96
C ILE B 327 5.04 -5.52 -0.95
N GLY B 328 6.16 -6.06 -1.43
CA GLY B 328 7.14 -6.62 -0.51
C GLY B 328 7.95 -5.60 0.31
N THR B 329 8.17 -4.42 -0.26
CA THR B 329 8.96 -3.38 0.40
C THR B 329 8.19 -2.27 1.11
N GLY B 330 7.08 -1.81 0.55
CA GLY B 330 6.41 -0.67 1.21
C GLY B 330 7.10 0.63 0.75
N CYS B 331 7.96 0.51 -0.27
CA CYS B 331 8.65 1.67 -0.88
C CYS B 331 8.06 1.87 -2.31
N TYR B 332 7.38 2.98 -2.55
CA TYR B 332 6.80 3.19 -3.88
C TYR B 332 7.82 3.81 -4.84
N ILE B 333 7.53 3.72 -6.13
CA ILE B 333 8.40 4.30 -7.16
C ILE B 333 7.55 5.40 -7.81
N ASN B 334 8.15 6.56 -8.06
CA ASN B 334 7.40 7.66 -8.63
C ASN B 334 8.07 8.03 -9.96
N PRO B 335 7.31 7.96 -11.06
CA PRO B 335 7.86 8.29 -12.39
C PRO B 335 7.94 9.79 -12.72
N VAL B 336 7.40 10.66 -11.89
CA VAL B 336 7.44 12.10 -12.20
C VAL B 336 7.78 12.91 -10.95
N PHE B 337 8.82 13.74 -11.05
CA PHE B 337 9.25 14.55 -9.92
C PHE B 337 8.23 15.64 -9.61
N PRO B 338 8.15 16.06 -8.33
CA PRO B 338 7.20 17.10 -7.90
C PRO B 338 7.50 18.48 -8.53
N GLU B 339 8.76 18.73 -8.92
CA GLU B 339 9.10 19.98 -9.59
C GLU B 339 8.32 20.11 -10.91
N ASP B 340 8.22 19.01 -11.67
CA ASP B 340 7.49 19.03 -12.96
C ASP B 340 5.97 19.08 -12.77
N VAL B 341 5.48 18.39 -11.74
CA VAL B 341 4.04 18.40 -11.50
C VAL B 341 3.55 19.81 -11.11
N ALA B 342 4.31 20.53 -10.27
CA ALA B 342 3.90 21.88 -9.85
C ALA B 342 3.77 22.84 -11.04
N LYS B 343 4.78 22.85 -11.89
CA LYS B 343 4.83 23.74 -13.06
C LYS B 343 3.64 23.44 -13.98
N VAL B 344 3.41 22.15 -14.23
CA VAL B 344 2.31 21.67 -15.09
C VAL B 344 0.95 22.13 -14.53
N MET B 345 0.76 21.97 -13.22
CA MET B 345 -0.51 22.33 -12.61
C MET B 345 -0.65 23.84 -12.39
N ARG B 346 0.48 24.56 -12.34
CA ARG B 346 0.45 26.03 -12.16
C ARG B 346 -0.02 26.64 -13.49
N GLU B 347 0.07 25.87 -14.58
CA GLU B 347 -0.33 26.37 -15.89
C GLU B 347 -1.67 25.88 -16.41
N VAL B 348 -2.38 25.09 -15.60
CA VAL B 348 -3.68 24.58 -16.04
C VAL B 348 -4.72 25.71 -16.19
N SER B 349 -5.44 25.70 -17.31
CA SER B 349 -6.48 26.71 -17.55
C SER B 349 -7.87 26.06 -17.47
N LEU B 350 -8.77 26.64 -16.69
CA LEU B 350 -10.11 26.06 -16.54
C LEU B 350 -11.24 26.78 -17.27
ZN ZN C . 7.79 -14.58 -24.81
ZN ZN D . 12.20 -18.41 13.75
P AMP E . 7.03 -7.84 -15.30
O1P AMP E . 7.51 -8.79 -14.23
O2P AMP E . 6.06 -7.01 -14.52
O5' AMP E . 8.23 -6.82 -15.83
C5' AMP E . 9.27 -7.28 -16.69
C4' AMP E . 10.47 -6.33 -16.77
O4' AMP E . 11.41 -6.56 -17.85
C3' AMP E . 10.19 -4.81 -16.76
O3' AMP E . 10.59 -4.24 -15.55
C2' AMP E . 10.96 -4.23 -17.97
O2' AMP E . 11.68 -3.02 -17.69
C1' AMP E . 11.91 -5.30 -18.37
N9 AMP E . 12.24 -5.47 -19.81
C8 AMP E . 11.44 -5.22 -20.90
N7 AMP E . 12.12 -5.52 -22.03
C5 AMP E . 13.35 -5.99 -21.67
C6 AMP E . 14.45 -6.44 -22.45
N6 AMP E . 14.37 -6.49 -23.77
N1 AMP E . 15.62 -6.87 -21.78
C2 AMP E . 15.71 -6.82 -20.38
N3 AMP E . 14.62 -6.36 -19.63
C4 AMP E . 13.46 -5.95 -20.28
C1 EDO F . -5.28 -14.97 4.56
O1 EDO F . -5.34 -15.80 3.39
C2 EDO F . -6.70 -14.60 5.02
O2 EDO F . -7.39 -13.92 3.97
C1 EDO G . 5.52 -8.35 5.38
O1 EDO G . 5.67 -6.99 4.94
C2 EDO G . 4.32 -8.97 4.63
O2 EDO G . 3.16 -8.14 4.83
C1 EDO H . -2.77 -6.90 -4.67
O1 EDO H . -3.24 -7.45 -5.89
C2 EDO H . -3.79 -7.23 -3.60
O2 EDO H . -5.04 -6.63 -3.91
ZN ZN I . -28.11 9.50 -6.50
ZN ZN J . 2.95 23.56 11.57
P AMP K . -18.61 3.90 -3.26
O1P AMP K . -17.96 5.01 -2.38
O2P AMP K . -17.58 2.98 -3.72
O5' AMP K . -19.63 3.04 -2.35
C5' AMP K . -20.74 3.63 -1.69
C4' AMP K . -20.70 3.42 -0.18
O4' AMP K . -22.03 3.56 0.31
C3' AMP K . -20.22 2.03 0.26
O3' AMP K . -19.21 2.19 1.25
C2' AMP K . -21.47 1.34 0.85
O2' AMP K . -21.26 0.51 1.98
C1' AMP K . -22.43 2.47 1.12
N9 AMP K . -23.87 2.24 0.83
C8 AMP K . -24.41 1.63 -0.28
N7 AMP K . -25.78 1.64 -0.17
C5 AMP K . -26.09 2.26 0.99
C6 AMP K . -27.33 2.54 1.59
N6 AMP K . -28.49 2.19 0.99
N1 AMP K . -27.30 3.20 2.84
C2 AMP K . -26.11 3.58 3.46
N3 AMP K . -24.90 3.29 2.85
C4 AMP K . -24.90 2.63 1.64
C1 EDO L . 4.03 14.58 -6.74
O1 EDO L . 3.08 15.51 -7.19
C2 EDO L . 5.07 14.29 -7.85
O2 EDO L . 4.63 13.20 -8.63
C1 EDO M . 0.83 10.72 4.63
O1 EDO M . 0.72 9.38 5.15
C2 EDO M . 0.59 10.69 3.11
O2 EDO M . 1.62 9.92 2.48
C1 EDO N . -2.61 5.64 -6.74
O1 EDO N . -2.32 4.72 -7.80
C2 EDO N . -3.69 5.08 -5.86
O2 EDO N . -4.87 5.01 -6.62
N SER A 22 -18.42 -11.12 13.63
CA SER A 22 -18.21 -9.67 13.71
C SER A 22 -16.78 -9.31 13.35
N PRO A 23 -16.57 -8.04 13.01
CA PRO A 23 -15.23 -7.55 12.64
C PRO A 23 -14.27 -7.68 13.79
N GLU A 24 -13.00 -7.87 13.46
CA GLU A 24 -11.97 -8.04 14.47
C GLU A 24 -10.66 -7.44 13.97
N LEU A 25 -9.98 -6.60 14.77
CA LEU A 25 -8.70 -6.15 14.25
C LEU A 25 -7.71 -7.16 14.78
N ARG A 26 -6.80 -7.59 13.92
CA ARG A 26 -5.77 -8.55 14.32
C ARG A 26 -4.38 -7.99 14.08
N LYS A 27 -3.47 -8.34 14.99
CA LYS A 27 -2.10 -7.86 14.94
C LYS A 27 -1.18 -9.07 14.85
N ASP A 28 0.06 -8.82 14.43
CA ASP A 28 1.05 -9.87 14.31
C ASP A 28 2.41 -9.19 14.20
N PRO A 29 3.47 -9.92 14.54
CA PRO A 29 4.86 -9.41 14.49
C PRO A 29 5.43 -9.04 13.13
N VAL A 30 5.07 -9.80 12.09
CA VAL A 30 5.55 -9.53 10.73
C VAL A 30 5.33 -8.07 10.29
N THR A 31 4.18 -7.76 9.70
CA THR A 31 3.90 -6.39 9.24
C THR A 31 3.78 -5.37 10.40
N ASN A 32 3.74 -5.90 11.62
CA ASN A 32 3.66 -5.15 12.88
C ASN A 32 2.59 -4.05 12.94
N ARG A 33 1.44 -4.32 12.33
CA ARG A 33 0.35 -3.38 12.35
C ARG A 33 -0.98 -4.13 12.44
N TRP A 34 -2.02 -3.35 12.70
CA TRP A 34 -3.36 -3.92 12.79
C TRP A 34 -3.97 -3.99 11.41
N VAL A 35 -4.80 -5.00 11.19
CA VAL A 35 -5.58 -5.12 9.96
C VAL A 35 -7.03 -5.31 10.44
N ILE A 36 -7.97 -4.74 9.70
CA ILE A 36 -9.38 -4.94 10.00
C ILE A 36 -9.95 -6.14 9.18
N PHE A 37 -10.53 -7.14 9.86
CA PHE A 37 -11.21 -8.25 9.20
C PHE A 37 -12.69 -7.87 9.23
N SER A 38 -13.31 -7.80 8.04
CA SER A 38 -14.69 -7.39 7.96
C SER A 38 -15.51 -8.35 7.09
N PRO A 39 -16.04 -9.40 7.72
CA PRO A 39 -16.86 -10.36 6.96
C PRO A 39 -18.20 -9.73 6.60
N ARG A 44 -19.10 -14.74 1.00
CA ARG A 44 -18.77 -16.13 1.29
C ARG A 44 -17.33 -16.41 0.82
N PRO A 45 -16.47 -16.96 1.71
CA PRO A 45 -15.07 -17.27 1.37
C PRO A 45 -14.92 -17.98 0.03
N THR A 46 -15.54 -19.14 -0.09
CA THR A 46 -15.45 -19.94 -1.30
C THR A 46 -16.01 -19.20 -2.53
N ASP A 47 -16.67 -18.07 -2.31
CA ASP A 47 -17.21 -17.29 -3.43
C ASP A 47 -16.20 -16.24 -3.96
N PHE A 48 -15.03 -16.15 -3.33
CA PHE A 48 -14.01 -15.20 -3.80
C PHE A 48 -13.35 -15.73 -5.06
N LYS A 49 -13.33 -14.91 -6.11
CA LYS A 49 -12.73 -15.33 -7.37
C LYS A 49 -12.11 -14.13 -8.08
N SER A 50 -11.22 -14.41 -9.02
CA SER A 50 -10.59 -13.37 -9.83
C SER A 50 -11.69 -12.51 -10.50
N LYS A 51 -11.47 -11.20 -10.60
CA LYS A 51 -12.44 -10.30 -11.24
C LYS A 51 -11.87 -9.61 -12.50
N SER A 52 -10.90 -10.26 -13.15
CA SER A 52 -10.26 -9.74 -14.36
C SER A 52 -11.23 -9.39 -15.47
N PRO A 60 0.75 -13.64 -29.48
CA PRO A 60 2.15 -13.49 -29.04
C PRO A 60 2.80 -14.82 -28.65
N SER A 61 3.47 -15.43 -29.62
CA SER A 61 4.12 -16.71 -29.41
C SER A 61 5.57 -16.62 -29.01
N SER A 62 6.18 -15.45 -29.20
CA SER A 62 7.59 -15.25 -28.85
C SER A 62 7.79 -13.90 -28.21
N CYS A 63 9.03 -13.56 -27.88
CA CYS A 63 9.34 -12.29 -27.26
C CYS A 63 10.83 -12.17 -27.04
N PRO A 64 11.30 -10.96 -26.68
CA PRO A 64 12.73 -10.75 -26.45
C PRO A 64 13.35 -11.64 -25.39
N PHE A 65 12.53 -12.20 -24.50
CA PHE A 65 13.11 -13.08 -23.47
C PHE A 65 13.31 -14.50 -24.01
N CYS A 66 12.69 -14.82 -25.15
CA CYS A 66 12.81 -16.14 -25.75
C CYS A 66 14.22 -16.54 -26.21
N ILE A 67 14.62 -17.77 -25.87
CA ILE A 67 15.94 -18.30 -26.21
C ILE A 67 16.18 -18.17 -27.71
N GLY A 68 17.24 -17.44 -28.05
CA GLY A 68 17.60 -17.21 -29.45
C GLY A 68 17.47 -15.74 -29.74
N ARG A 69 16.52 -15.09 -29.06
CA ARG A 69 16.26 -13.67 -29.24
C ARG A 69 16.98 -12.85 -28.19
N GLU A 70 18.02 -13.44 -27.60
CA GLU A 70 18.75 -12.78 -26.55
C GLU A 70 19.33 -11.42 -26.94
N GLN A 71 19.35 -11.13 -28.24
CA GLN A 71 19.89 -9.87 -28.70
C GLN A 71 18.99 -8.70 -28.31
N GLU A 72 17.71 -8.99 -28.16
CA GLU A 72 16.76 -7.96 -27.76
C GLU A 72 16.82 -7.75 -26.25
N CYS A 73 17.58 -8.59 -25.54
CA CYS A 73 17.73 -8.47 -24.08
C CYS A 73 18.83 -7.50 -23.63
N ALA A 74 18.64 -6.94 -22.44
CA ALA A 74 19.62 -6.08 -21.78
C ALA A 74 20.76 -7.05 -21.44
N PRO A 75 21.94 -6.55 -20.97
CA PRO A 75 23.09 -7.40 -20.64
C PRO A 75 22.84 -8.63 -19.75
N GLU A 76 23.31 -9.78 -20.20
CA GLU A 76 23.11 -11.02 -19.42
C GLU A 76 24.04 -10.95 -18.23
N LEU A 77 23.70 -11.69 -17.16
CA LEU A 77 24.53 -11.75 -15.96
C LEU A 77 24.97 -13.21 -15.83
N PHE A 78 24.06 -14.11 -16.16
CA PHE A 78 24.38 -15.54 -16.17
C PHE A 78 23.15 -16.34 -16.53
N ARG A 79 23.35 -17.63 -16.78
CA ARG A 79 22.27 -18.50 -17.16
C ARG A 79 22.49 -19.87 -16.52
N VAL A 80 21.49 -20.72 -16.66
CA VAL A 80 21.53 -22.09 -16.17
C VAL A 80 20.88 -22.95 -17.24
N PRO A 81 21.60 -23.95 -17.78
CA PRO A 81 22.97 -24.30 -17.42
C PRO A 81 23.92 -23.17 -17.83
N ASP A 82 24.95 -22.95 -17.03
CA ASP A 82 25.91 -21.89 -17.31
C ASP A 82 26.49 -21.87 -18.73
N HIS A 83 26.38 -20.70 -19.37
CA HIS A 83 26.84 -20.47 -20.74
C HIS A 83 26.36 -21.48 -21.79
N ASP A 84 25.51 -22.41 -21.36
CA ASP A 84 24.95 -23.43 -22.24
C ASP A 84 23.87 -22.81 -23.10
N PRO A 85 23.99 -22.94 -24.44
CA PRO A 85 22.99 -22.37 -25.36
C PRO A 85 21.58 -22.96 -25.16
N ASN A 86 21.50 -24.13 -24.54
CA ASN A 86 20.22 -24.77 -24.27
C ASN A 86 19.86 -24.47 -22.82
N TRP A 87 19.74 -23.18 -22.50
CA TRP A 87 19.44 -22.76 -21.13
C TRP A 87 18.02 -22.96 -20.62
N LYS A 88 17.88 -23.01 -19.30
CA LYS A 88 16.58 -23.19 -18.65
C LYS A 88 16.07 -21.86 -18.07
N LEU A 89 16.99 -20.96 -17.71
CA LEU A 89 16.65 -19.64 -17.21
C LEU A 89 17.85 -18.70 -17.44
N ARG A 90 17.61 -17.39 -17.34
CA ARG A 90 18.65 -16.38 -17.51
C ARG A 90 18.36 -15.22 -16.54
N VAL A 91 19.41 -14.65 -15.96
CA VAL A 91 19.30 -13.50 -15.10
C VAL A 91 20.09 -12.40 -15.81
N ILE A 92 19.50 -11.21 -15.90
CA ILE A 92 20.09 -10.08 -16.58
C ILE A 92 19.76 -8.74 -15.93
N GLU A 93 20.49 -7.70 -16.33
CA GLU A 93 20.23 -6.36 -15.79
C GLU A 93 18.82 -6.00 -16.32
N ASN A 94 18.25 -4.90 -15.83
CA ASN A 94 16.93 -4.40 -16.23
C ASN A 94 17.07 -3.36 -17.38
N LEU A 95 16.05 -3.22 -18.24
CA LEU A 95 16.10 -2.29 -19.39
C LEU A 95 15.62 -0.89 -18.99
N TYR A 96 14.72 -0.85 -18.03
CA TYR A 96 14.19 0.43 -17.53
C TYR A 96 14.18 0.31 -16.02
N PRO A 97 15.37 0.44 -15.41
CA PRO A 97 15.43 0.33 -13.95
C PRO A 97 14.74 1.48 -13.22
N ALA A 98 14.72 1.33 -11.89
CA ALA A 98 14.17 2.27 -10.94
C ALA A 98 15.37 3.01 -10.30
N LEU A 99 16.49 2.29 -10.18
CA LEU A 99 17.73 2.81 -9.61
C LEU A 99 18.86 2.60 -10.60
N SER A 100 19.93 3.41 -10.46
CA SER A 100 21.06 3.34 -11.38
C SER A 100 22.34 2.71 -10.80
N ARG A 101 22.80 1.63 -11.43
CA ARG A 101 24.02 0.90 -11.03
C ARG A 101 25.28 1.74 -11.19
N ASN A 102 25.25 2.66 -12.17
CA ASN A 102 26.40 3.52 -12.38
C ASN A 102 26.50 4.65 -11.37
N LEU A 103 25.60 4.68 -10.37
CA LEU A 103 25.68 5.71 -9.34
C LEU A 103 26.28 5.16 -8.04
N GLU A 104 26.99 4.05 -8.12
CA GLU A 104 27.57 3.45 -6.91
C GLU A 104 28.55 4.35 -6.14
N THR A 105 29.50 4.97 -6.85
CA THR A 105 30.47 5.81 -6.18
C THR A 105 29.79 6.99 -5.50
N GLN A 106 28.65 7.46 -6.05
CA GLN A 106 27.92 8.56 -5.44
C GLN A 106 27.15 8.01 -4.23
N SER A 107 27.02 6.69 -4.20
CA SER A 107 26.39 5.91 -3.14
C SER A 107 24.90 5.70 -3.13
N ARG A 116 17.36 14.64 2.98
CA ARG A 116 16.08 14.42 2.30
C ARG A 116 16.27 13.73 0.92
N THR A 117 17.49 13.76 0.38
CA THR A 117 17.73 13.17 -0.92
C THR A 117 19.02 12.36 -0.96
N ILE A 118 19.03 11.31 -1.75
CA ILE A 118 20.23 10.52 -1.98
C ILE A 118 20.11 9.99 -3.42
N VAL A 119 21.24 9.82 -4.10
CA VAL A 119 21.20 9.35 -5.48
C VAL A 119 20.53 7.99 -5.53
N GLY A 120 19.86 7.73 -6.65
CA GLY A 120 19.13 6.48 -6.83
C GLY A 120 19.95 5.33 -7.40
N PHE A 121 21.01 4.97 -6.68
CA PHE A 121 21.86 3.85 -7.05
C PHE A 121 21.14 2.56 -6.70
N GLY A 122 21.23 1.57 -7.58
CA GLY A 122 20.67 0.28 -7.28
C GLY A 122 20.98 -0.71 -8.37
N PHE A 123 20.52 -1.94 -8.18
CA PHE A 123 20.66 -2.99 -9.20
C PHE A 123 19.27 -3.55 -9.40
N HIS A 124 18.67 -3.24 -10.55
CA HIS A 124 17.32 -3.73 -10.88
C HIS A 124 17.58 -4.82 -11.91
N ASP A 125 17.25 -6.08 -11.55
CA ASP A 125 17.51 -7.21 -12.43
C ASP A 125 16.26 -8.04 -12.75
N VAL A 126 16.38 -8.88 -13.78
CA VAL A 126 15.29 -9.75 -14.21
C VAL A 126 15.72 -11.20 -14.30
N VAL A 127 14.81 -12.09 -13.90
CA VAL A 127 15.09 -13.50 -13.99
C VAL A 127 14.11 -14.10 -14.99
N ILE A 128 14.62 -14.57 -16.13
CA ILE A 128 13.78 -15.22 -17.13
C ILE A 128 13.76 -16.68 -16.66
N GLU A 129 12.55 -17.17 -16.35
CA GLU A 129 12.35 -18.49 -15.75
C GLU A 129 12.19 -19.70 -16.64
N SER A 130 12.08 -19.48 -17.96
CA SER A 130 11.96 -20.57 -18.91
C SER A 130 12.38 -20.04 -20.27
N PRO A 131 12.93 -20.93 -21.11
CA PRO A 131 13.33 -20.43 -22.43
C PRO A 131 12.08 -20.41 -23.32
N VAL A 132 11.03 -21.06 -22.81
CA VAL A 132 9.76 -21.21 -23.52
C VAL A 132 8.81 -20.10 -23.15
N HIS A 133 8.12 -19.58 -24.16
CA HIS A 133 7.23 -18.46 -23.96
C HIS A 133 5.86 -18.61 -23.30
N SER A 134 5.20 -19.74 -23.52
CA SER A 134 3.85 -19.97 -22.99
C SER A 134 3.68 -20.70 -21.65
N ILE A 135 4.77 -21.17 -21.07
CA ILE A 135 4.68 -21.91 -19.79
C ILE A 135 4.79 -20.98 -18.58
N GLN A 136 3.83 -21.09 -17.64
CA GLN A 136 3.86 -20.27 -16.44
C GLN A 136 4.66 -21.04 -15.39
N LEU A 137 5.27 -20.29 -14.48
CA LEU A 137 6.10 -20.82 -13.39
C LEU A 137 5.47 -22.00 -12.65
N SER A 138 4.19 -21.88 -12.33
CA SER A 138 3.50 -22.95 -11.60
C SER A 138 3.47 -24.26 -12.37
N ASP A 139 3.70 -24.19 -13.69
CA ASP A 139 3.74 -25.39 -14.51
C ASP A 139 5.20 -25.86 -14.71
N ILE A 140 6.15 -25.20 -14.06
CA ILE A 140 7.55 -25.62 -14.13
C ILE A 140 7.72 -26.70 -13.06
N ASP A 141 8.51 -27.72 -13.36
CA ASP A 141 8.70 -28.81 -12.40
C ASP A 141 9.31 -28.26 -11.11
N PRO A 142 9.08 -28.94 -9.97
CA PRO A 142 9.64 -28.48 -8.69
C PRO A 142 11.15 -28.29 -8.69
N VAL A 143 11.87 -29.15 -9.42
CA VAL A 143 13.34 -29.06 -9.46
C VAL A 143 13.74 -27.81 -10.24
N GLY A 144 12.93 -27.45 -11.25
CA GLY A 144 13.27 -26.28 -12.05
C GLY A 144 13.03 -25.00 -11.29
N ILE A 145 12.03 -25.02 -10.42
CA ILE A 145 11.68 -23.85 -9.59
C ILE A 145 12.78 -23.70 -8.52
N GLY A 146 13.30 -24.84 -8.05
CA GLY A 146 14.40 -24.85 -7.11
C GLY A 146 15.61 -24.15 -7.74
N ASP A 147 15.92 -24.48 -8.99
CA ASP A 147 17.03 -23.83 -9.69
C ASP A 147 16.82 -22.28 -9.78
N ILE A 148 15.62 -21.81 -10.10
CA ILE A 148 15.34 -20.37 -10.15
C ILE A 148 15.63 -19.80 -8.77
N LEU A 149 15.11 -20.47 -7.74
CA LEU A 149 15.34 -20.00 -6.37
C LEU A 149 16.85 -19.99 -6.06
N ILE A 150 17.57 -21.02 -6.53
CA ILE A 150 19.02 -21.07 -6.29
C ILE A 150 19.70 -19.90 -6.98
N ALA A 151 19.20 -19.52 -8.15
CA ALA A 151 19.75 -18.37 -8.87
C ALA A 151 19.58 -17.03 -8.12
N TYR A 152 18.46 -16.86 -7.42
CA TYR A 152 18.22 -15.64 -6.65
C TYR A 152 19.41 -15.56 -5.66
N LYS A 153 19.65 -16.69 -4.99
CA LYS A 153 20.72 -16.81 -4.00
C LYS A 153 22.11 -16.50 -4.54
N LYS A 154 22.39 -16.94 -5.75
CA LYS A 154 23.68 -16.66 -6.36
C LYS A 154 23.79 -15.16 -6.64
N ARG A 155 22.68 -14.55 -7.04
CA ARG A 155 22.67 -13.10 -7.33
C ARG A 155 22.88 -12.33 -6.00
N ILE A 156 22.14 -12.74 -4.98
CA ILE A 156 22.29 -12.09 -3.68
C ILE A 156 23.73 -12.28 -3.14
N ASN A 157 24.23 -13.53 -3.12
CA ASN A 157 25.61 -13.76 -2.62
C ASN A 157 26.60 -12.94 -3.45
N GLN A 158 26.14 -12.38 -4.56
CA GLN A 158 26.99 -11.53 -5.35
C GLN A 158 26.73 -10.07 -4.95
N ILE A 159 25.48 -9.65 -5.09
CA ILE A 159 25.09 -8.29 -4.77
C ILE A 159 25.66 -7.83 -3.43
N ALA A 160 25.57 -8.71 -2.44
CA ALA A 160 26.03 -8.41 -1.09
C ALA A 160 27.50 -8.02 -1.01
N GLN A 161 28.25 -8.17 -2.11
CA GLN A 161 29.65 -7.79 -2.09
C GLN A 161 29.78 -6.27 -2.24
N HIS A 162 28.64 -5.59 -2.38
CA HIS A 162 28.60 -4.14 -2.52
C HIS A 162 28.04 -3.49 -1.23
N ASP A 163 28.95 -2.86 -0.48
CA ASP A 163 28.62 -2.19 0.79
C ASP A 163 27.53 -1.16 0.67
N SER A 164 27.29 -0.75 -0.57
CA SER A 164 26.26 0.23 -0.92
C SER A 164 24.84 -0.34 -1.05
N ILE A 165 24.69 -1.65 -0.90
CA ILE A 165 23.37 -2.31 -0.99
C ILE A 165 23.00 -2.81 0.42
N ASN A 166 21.81 -2.43 0.90
CA ASN A 166 21.38 -2.85 2.23
C ASN A 166 20.17 -3.79 2.21
N TYR A 167 19.50 -3.93 1.06
CA TYR A 167 18.37 -4.84 1.01
C TYR A 167 18.14 -5.40 -0.38
N ILE A 168 17.78 -6.67 -0.48
CA ILE A 168 17.48 -7.16 -1.83
C ILE A 168 16.03 -7.65 -1.81
N GLN A 169 15.15 -6.88 -2.46
CA GLN A 169 13.74 -7.24 -2.54
C GLN A 169 13.58 -8.03 -3.82
N VAL A 170 13.66 -9.35 -3.69
CA VAL A 170 13.43 -10.20 -4.85
C VAL A 170 11.91 -10.29 -4.88
N PHE A 171 11.31 -10.23 -6.07
CA PHE A 171 9.87 -10.34 -6.07
C PHE A 171 9.36 -10.90 -7.40
N LYS A 172 8.06 -11.19 -7.50
CA LYS A 172 7.51 -11.73 -8.75
C LYS A 172 6.11 -11.20 -9.11
N ASN A 173 5.94 -10.85 -10.39
CA ASN A 173 4.66 -10.37 -10.93
C ASN A 173 4.18 -11.30 -12.06
N GLN A 174 2.86 -11.56 -12.06
CA GLN A 174 2.15 -12.33 -13.09
C GLN A 174 0.76 -11.67 -13.29
N GLY A 175 0.59 -10.87 -14.35
CA GLY A 175 -0.69 -10.20 -14.59
C GLY A 175 -0.75 -8.66 -14.50
N ALA A 176 -1.19 -7.99 -15.57
CA ALA A 176 -1.29 -6.52 -15.59
C ALA A 176 -1.70 -5.83 -14.29
N SER A 177 -2.87 -6.22 -13.78
CA SER A 177 -3.39 -5.65 -12.55
C SER A 177 -2.43 -5.97 -11.41
N ALA A 178 -1.57 -6.97 -11.59
CA ALA A 178 -0.58 -7.31 -10.53
C ALA A 178 0.77 -6.69 -10.94
N GLY A 179 0.74 -5.95 -12.06
CA GLY A 179 1.93 -5.26 -12.53
C GLY A 179 2.87 -5.85 -13.56
N ALA A 180 2.56 -6.99 -14.19
CA ALA A 180 3.50 -7.55 -15.17
C ALA A 180 3.56 -6.70 -16.43
N SER A 181 4.71 -6.71 -17.11
CA SER A 181 4.88 -5.97 -18.36
C SER A 181 5.02 -6.95 -19.52
N MET A 182 5.75 -8.04 -19.27
CA MET A 182 6.00 -9.10 -20.28
C MET A 182 5.16 -10.35 -19.95
N SER A 183 4.60 -10.99 -20.98
CA SER A 183 3.78 -12.20 -20.81
C SER A 183 4.61 -13.47 -20.57
N HIS A 184 5.85 -13.47 -21.05
CA HIS A 184 6.78 -14.59 -20.90
C HIS A 184 7.19 -14.61 -19.41
N SER A 185 6.54 -15.49 -18.65
CA SER A 185 6.80 -15.60 -17.22
C SER A 185 8.22 -15.18 -16.80
N HIS A 186 8.33 -14.49 -15.67
CA HIS A 186 9.63 -14.03 -15.18
C HIS A 186 9.46 -13.48 -13.79
N SER A 187 10.61 -13.19 -13.14
CA SER A 187 10.62 -12.59 -11.81
C SER A 187 11.71 -11.50 -11.87
N GLN A 188 11.85 -10.71 -10.79
CA GLN A 188 12.79 -9.59 -10.80
C GLN A 188 13.49 -9.39 -9.46
N MET A 189 14.64 -8.71 -9.49
CA MET A 189 15.44 -8.37 -8.32
C MET A 189 15.64 -6.86 -8.21
N MET A 190 15.45 -6.33 -7.00
CA MET A 190 15.71 -4.90 -6.78
C MET A 190 16.62 -4.76 -5.58
N ALA A 191 17.87 -4.43 -5.87
CA ALA A 191 18.88 -4.23 -4.85
C ALA A 191 18.82 -2.77 -4.47
N LEU A 192 18.62 -2.50 -3.19
CA LEU A 192 18.46 -1.14 -2.68
C LEU A 192 19.52 -0.66 -1.69
N PRO A 193 19.85 0.63 -1.73
CA PRO A 193 20.83 1.24 -0.83
C PRO A 193 20.18 1.71 0.51
N VAL A 194 18.93 1.27 0.77
CA VAL A 194 18.20 1.63 2.00
C VAL A 194 17.46 0.44 2.65
N VAL A 195 17.19 0.49 3.95
CA VAL A 195 16.39 -0.58 4.58
C VAL A 195 14.94 -0.10 4.34
N PRO A 196 14.11 -0.88 3.59
CA PRO A 196 12.76 -0.36 3.36
C PRO A 196 11.71 -0.50 4.45
N PRO A 197 10.55 0.15 4.26
CA PRO A 197 9.43 0.16 5.22
C PRO A 197 8.96 -1.09 5.92
N THR A 198 8.70 -2.15 5.15
CA THR A 198 8.17 -3.35 5.84
C THR A 198 9.25 -3.99 6.70
N VAL A 199 10.51 -3.64 6.40
CA VAL A 199 11.66 -4.20 7.13
C VAL A 199 11.87 -3.71 8.56
N SER A 200 11.66 -2.42 8.82
CA SER A 200 11.78 -1.85 10.19
C SER A 200 10.66 -2.48 11.00
N SER A 201 9.43 -2.43 10.46
CA SER A 201 8.26 -2.99 11.18
C SER A 201 8.52 -4.41 11.60
N ARG A 202 8.98 -5.23 10.64
CA ARG A 202 9.27 -6.64 10.89
C ARG A 202 10.38 -6.79 11.95
N LEU A 203 11.42 -5.96 11.84
CA LEU A 203 12.52 -5.98 12.80
C LEU A 203 11.99 -5.47 14.12
N ASP A 204 11.17 -4.43 14.07
CA ASP A 204 10.60 -3.87 15.30
C ASP A 204 9.66 -4.84 16.02
N GLY A 205 8.62 -5.31 15.31
CA GLY A 205 7.66 -6.23 15.93
C GLY A 205 8.22 -7.60 16.34
N THR A 206 9.11 -8.14 15.51
CA THR A 206 9.70 -9.45 15.82
C THR A 206 10.62 -9.32 17.03
N LYS A 207 11.29 -8.17 17.15
CA LYS A 207 12.17 -7.93 18.30
C LYS A 207 11.27 -7.82 19.57
N ASP A 208 10.15 -7.09 19.44
CA ASP A 208 9.22 -6.91 20.60
C ASP A 208 8.70 -8.25 21.04
N TYR A 209 8.25 -9.02 20.05
CA TYR A 209 7.69 -10.34 20.33
C TYR A 209 8.71 -11.22 21.01
N PHE A 210 9.95 -11.12 20.55
CA PHE A 210 11.05 -11.88 21.12
C PHE A 210 11.27 -11.49 22.58
N GLU A 211 11.38 -10.18 22.82
CA GLU A 211 11.59 -9.71 24.18
C GLU A 211 10.40 -10.08 25.05
N GLU A 212 9.21 -10.01 24.48
CA GLU A 212 8.04 -10.37 25.24
C GLU A 212 7.98 -11.87 25.59
N THR A 213 8.37 -12.74 24.66
CA THR A 213 8.26 -14.18 24.88
C THR A 213 9.55 -14.97 24.86
N GLY A 214 10.66 -14.31 24.55
CA GLY A 214 11.92 -15.02 24.47
C GLY A 214 11.84 -15.99 23.29
N LYS A 215 11.48 -15.47 22.11
CA LYS A 215 11.39 -16.29 20.88
C LYS A 215 10.89 -15.53 19.67
N CYS A 216 11.11 -16.15 18.51
CA CYS A 216 10.70 -15.62 17.23
C CYS A 216 9.30 -16.16 16.96
N CYS A 217 8.51 -15.46 16.15
CA CYS A 217 7.13 -15.90 15.88
C CYS A 217 6.97 -16.85 14.70
N LEU A 218 7.81 -16.73 13.67
CA LEU A 218 7.70 -17.65 12.53
C LEU A 218 8.18 -19.05 12.93
N CYS A 219 9.07 -19.16 13.92
CA CYS A 219 9.49 -20.50 14.33
C CYS A 219 8.24 -21.16 14.98
N GLU A 220 7.32 -20.32 15.47
CA GLU A 220 6.09 -20.82 16.07
C GLU A 220 4.90 -20.83 15.06
N ALA A 221 5.20 -20.83 13.76
CA ALA A 221 4.14 -20.75 12.76
C ALA A 221 2.91 -21.66 12.89
N LYS A 222 3.10 -22.90 13.30
CA LYS A 222 1.97 -23.83 13.36
C LYS A 222 0.92 -23.54 14.44
N SER A 223 1.33 -22.95 15.56
CA SER A 223 0.32 -22.61 16.59
C SER A 223 -0.05 -21.15 16.46
N LYS A 224 0.66 -20.45 15.57
CA LYS A 224 0.41 -19.02 15.41
C LYS A 224 -0.45 -18.68 14.19
N HIS A 225 -0.35 -19.50 13.16
CA HIS A 225 -1.15 -19.29 11.95
C HIS A 225 -2.09 -20.45 11.59
N PHE A 226 -2.79 -20.32 10.47
CA PHE A 226 -3.76 -21.34 10.08
C PHE A 226 -3.19 -22.21 9.00
N VAL A 227 -2.75 -23.37 9.46
CA VAL A 227 -2.10 -24.34 8.61
C VAL A 227 -2.86 -24.75 7.36
N ILE A 228 -2.17 -24.62 6.22
CA ILE A 228 -2.72 -25.00 4.93
C ILE A 228 -1.96 -26.25 4.50
N ASP A 229 -0.67 -26.07 4.19
CA ASP A 229 0.21 -27.17 3.82
C ASP A 229 1.61 -27.08 4.45
N GLU A 230 2.28 -28.22 4.51
CA GLU A 230 3.60 -28.34 5.08
C GLU A 230 4.31 -29.43 4.26
N SER A 231 5.50 -29.11 3.78
CA SER A 231 6.27 -30.05 3.00
C SER A 231 7.20 -30.72 4.02
N SER A 232 8.48 -30.84 3.70
CA SER A 232 9.40 -31.46 4.68
C SER A 232 10.27 -30.39 5.38
N HIS A 233 10.60 -29.32 4.66
CA HIS A 233 11.48 -28.24 5.17
C HIS A 233 10.80 -26.89 5.42
N PHE A 234 9.68 -26.69 4.72
CA PHE A 234 8.92 -25.44 4.79
C PHE A 234 7.48 -25.68 5.13
N VAL A 235 6.81 -24.67 5.67
CA VAL A 235 5.39 -24.76 5.98
C VAL A 235 4.72 -23.50 5.42
N SER A 236 3.56 -23.70 4.79
CA SER A 236 2.80 -22.53 4.28
C SER A 236 1.75 -22.30 5.33
N VAL A 237 1.02 -21.18 5.24
CA VAL A 237 -0.05 -20.87 6.20
C VAL A 237 -0.88 -19.66 5.72
N ALA A 238 -2.08 -19.54 6.28
CA ALA A 238 -2.96 -18.36 6.08
C ALA A 238 -2.56 -17.59 7.36
N PRO A 239 -1.99 -16.36 7.22
CA PRO A 239 -1.56 -15.55 8.37
C PRO A 239 -2.69 -15.08 9.26
N PHE A 240 -2.45 -15.20 10.55
CA PHE A 240 -3.43 -14.76 11.57
C PHE A 240 -4.02 -13.39 11.29
N ALA A 241 -3.17 -12.40 11.00
CA ALA A 241 -3.70 -11.06 10.72
C ALA A 241 -3.31 -10.72 9.30
N ALA A 242 -3.72 -11.57 8.36
CA ALA A 242 -3.39 -11.37 6.97
C ALA A 242 -3.84 -10.02 6.46
N THR A 243 -2.97 -9.39 5.69
CA THR A 243 -3.28 -8.10 5.10
C THR A 243 -4.25 -8.28 3.94
N TYR A 244 -4.04 -9.33 3.13
CA TYR A 244 -4.84 -9.52 1.90
C TYR A 244 -5.66 -10.83 1.91
N PRO A 245 -6.83 -10.84 1.23
CA PRO A 245 -7.64 -12.07 1.22
C PRO A 245 -6.97 -13.16 0.38
N PHE A 246 -6.86 -14.35 1.00
CA PHE A 246 -6.24 -15.55 0.38
C PHE A 246 -4.72 -15.46 0.20
N GLU A 247 -4.09 -14.63 1.03
CA GLU A 247 -2.62 -14.49 1.08
C GLU A 247 -2.07 -15.82 1.64
N ILE A 248 -0.82 -16.09 1.29
CA ILE A 248 -0.10 -17.30 1.74
C ILE A 248 1.39 -16.97 1.94
N TRP A 249 2.06 -17.73 2.81
CA TRP A 249 3.46 -17.52 3.07
C TRP A 249 4.18 -18.88 2.97
N ILE A 250 5.40 -18.86 2.46
CA ILE A 250 6.20 -20.07 2.35
C ILE A 250 7.34 -19.82 3.36
N ILE A 251 7.22 -20.53 4.50
CA ILE A 251 8.01 -20.43 5.70
C ILE A 251 8.95 -21.58 6.04
N PRO A 252 10.25 -21.30 6.15
CA PRO A 252 11.22 -22.37 6.50
C PRO A 252 10.90 -22.83 7.91
N LYS A 253 10.86 -24.15 8.11
CA LYS A 253 10.55 -24.68 9.44
C LYS A 253 11.77 -24.51 10.36
N ASP A 254 12.95 -24.47 9.76
CA ASP A 254 14.22 -24.23 10.48
C ASP A 254 14.35 -22.72 10.70
N HIS A 255 14.73 -22.28 11.91
CA HIS A 255 14.89 -20.84 12.18
C HIS A 255 16.05 -20.31 11.32
N SER A 256 15.75 -19.34 10.46
CA SER A 256 16.76 -18.81 9.58
C SER A 256 16.41 -17.39 9.24
N SER A 257 17.39 -16.48 9.36
CA SER A 257 17.15 -15.06 9.10
C SER A 257 17.41 -14.64 7.67
N HIS A 258 18.16 -15.47 6.95
CA HIS A 258 18.56 -15.12 5.59
C HIS A 258 18.07 -16.03 4.48
N PHE A 259 17.35 -15.48 3.52
CA PHE A 259 16.94 -16.30 2.40
C PHE A 259 18.19 -16.83 1.65
N HIS A 260 19.24 -16.03 1.61
CA HIS A 260 20.41 -16.42 0.86
C HIS A 260 21.21 -17.60 1.41
N HIS A 261 20.56 -18.48 2.16
CA HIS A 261 21.22 -19.67 2.66
C HIS A 261 20.52 -21.01 2.27
N LEU A 262 19.46 -20.91 1.45
CA LEU A 262 18.71 -22.09 0.95
C LEU A 262 19.64 -23.10 0.22
N ASP A 263 19.63 -24.38 0.62
CA ASP A 263 20.48 -25.32 -0.10
C ASP A 263 19.75 -25.94 -1.32
N ASP A 264 20.30 -27.00 -1.91
CA ASP A 264 19.65 -27.57 -3.09
C ASP A 264 18.43 -28.41 -2.80
N VAL A 265 18.53 -29.24 -1.76
CA VAL A 265 17.44 -30.13 -1.38
C VAL A 265 16.21 -29.29 -1.10
N LYS A 266 16.39 -28.36 -0.17
CA LYS A 266 15.32 -27.47 0.22
C LYS A 266 14.88 -26.68 -1.01
N ALA A 267 15.68 -26.70 -2.08
CA ALA A 267 15.26 -25.91 -3.26
C ALA A 267 14.11 -26.57 -4.05
N VAL A 268 14.19 -27.90 -4.16
CA VAL A 268 13.18 -28.73 -4.83
C VAL A 268 11.95 -28.72 -3.91
N ASP A 269 12.19 -28.98 -2.62
CA ASP A 269 11.13 -28.99 -1.61
C ASP A 269 10.47 -27.59 -1.55
N LEU A 270 11.28 -26.52 -1.47
CA LEU A 270 10.69 -25.19 -1.44
C LEU A 270 9.93 -24.91 -2.74
N GLY A 271 10.53 -25.23 -3.89
CA GLY A 271 9.85 -24.97 -5.16
C GLY A 271 8.57 -25.77 -5.22
N GLY A 272 8.57 -26.84 -4.43
CA GLY A 272 7.42 -27.75 -4.39
C GLY A 272 6.18 -27.20 -3.70
N LEU A 273 6.34 -26.69 -2.49
CA LEU A 273 5.18 -26.17 -1.79
C LEU A 273 4.66 -24.92 -2.52
N LEU A 274 5.53 -24.27 -3.29
CA LEU A 274 5.21 -23.06 -4.06
C LEU A 274 4.36 -23.42 -5.29
N LYS A 275 4.70 -24.51 -5.97
CA LYS A 275 3.89 -24.92 -7.13
C LYS A 275 2.47 -25.33 -6.68
N LEU A 276 2.41 -26.09 -5.60
CA LEU A 276 1.12 -26.57 -5.06
C LEU A 276 0.25 -25.39 -4.59
N MET A 277 0.89 -24.42 -3.96
CA MET A 277 0.14 -23.27 -3.47
C MET A 277 -0.26 -22.37 -4.64
N LEU A 278 0.58 -22.29 -5.67
CA LEU A 278 0.21 -21.41 -6.78
C LEU A 278 -0.93 -22.05 -7.62
N GLN A 279 -0.99 -23.38 -7.62
CA GLN A 279 -2.03 -24.13 -8.38
C GLN A 279 -3.34 -24.33 -7.59
N LYS A 280 -3.26 -24.34 -6.25
CA LYS A 280 -4.48 -24.51 -5.43
C LYS A 280 -5.36 -23.25 -5.49
N ILE A 281 -4.74 -22.07 -5.23
CA ILE A 281 -5.47 -20.77 -5.30
C ILE A 281 -6.03 -20.63 -6.72
N ALA A 282 -5.23 -21.04 -7.70
CA ALA A 282 -5.59 -20.93 -9.11
C ALA A 282 -6.95 -21.60 -9.40
N LYS A 283 -7.18 -22.77 -8.80
CA LYS A 283 -8.46 -23.40 -9.04
C LYS A 283 -9.52 -22.81 -8.09
N GLN A 284 -9.11 -22.32 -6.93
CA GLN A 284 -10.06 -21.81 -5.94
C GLN A 284 -10.59 -20.40 -6.21
N LEU A 285 -9.69 -19.54 -6.71
CA LEU A 285 -9.99 -18.13 -6.96
C LEU A 285 -10.12 -17.74 -8.42
N ASN A 286 -10.27 -18.73 -9.27
CA ASN A 286 -10.44 -18.47 -10.71
C ASN A 286 -9.17 -17.91 -11.41
N ASP A 287 -8.06 -18.63 -11.22
CA ASP A 287 -6.77 -18.29 -11.80
C ASP A 287 -6.57 -16.77 -11.90
N PRO A 288 -6.61 -16.10 -10.74
CA PRO A 288 -6.40 -14.65 -10.75
C PRO A 288 -4.90 -14.35 -10.87
N PRO A 289 -4.56 -13.13 -11.30
CA PRO A 289 -3.13 -12.79 -11.40
C PRO A 289 -2.63 -12.84 -9.92
N TYR A 290 -1.33 -12.65 -9.67
CA TYR A 290 -0.84 -12.65 -8.29
C TYR A 290 0.51 -11.94 -8.13
N ASN A 291 0.94 -11.77 -6.87
CA ASN A 291 2.22 -11.18 -6.51
C ASN A 291 2.76 -12.15 -5.46
N TYR A 292 4.09 -12.12 -5.28
CA TYR A 292 4.87 -12.86 -4.26
C TYR A 292 6.29 -12.21 -4.17
N MET A 293 6.90 -12.21 -2.99
CA MET A 293 8.17 -11.53 -2.78
C MET A 293 9.05 -12.13 -1.69
N ILE A 294 10.37 -12.01 -1.81
CA ILE A 294 11.26 -12.51 -0.73
C ILE A 294 11.39 -11.40 0.38
N HIS A 295 11.33 -11.79 1.65
CA HIS A 295 11.39 -10.87 2.81
C HIS A 295 12.51 -11.33 3.70
N THR A 296 13.64 -10.66 3.60
CA THR A 296 14.77 -11.11 4.33
C THR A 296 15.44 -10.04 5.13
N SER A 297 16.28 -10.52 6.04
CA SER A 297 17.02 -9.66 6.89
C SER A 297 17.76 -8.65 6.02
N PRO A 298 18.07 -7.47 6.60
CA PRO A 298 18.81 -6.42 5.89
C PRO A 298 20.09 -7.23 5.68
N LEU A 299 20.84 -6.92 4.63
CA LEU A 299 22.08 -7.70 4.43
C LEU A 299 23.03 -7.59 5.65
N LYS A 300 23.19 -6.39 6.21
CA LYS A 300 24.08 -6.26 7.35
C LYS A 300 23.31 -6.48 8.66
N VAL A 301 22.41 -7.46 8.67
CA VAL A 301 21.64 -7.77 9.86
C VAL A 301 22.63 -7.96 11.01
N THR A 302 22.15 -7.79 12.23
CA THR A 302 23.02 -7.90 13.37
C THR A 302 22.79 -9.15 14.20
N GLU A 303 23.76 -9.43 15.06
CA GLU A 303 23.69 -10.59 15.91
C GLU A 303 22.45 -10.61 16.81
N SER A 304 22.24 -9.53 17.59
CA SER A 304 21.09 -9.49 18.49
C SER A 304 19.73 -9.53 17.81
N GLN A 305 19.72 -9.46 16.47
CA GLN A 305 18.51 -9.51 15.65
C GLN A 305 18.29 -10.95 15.11
N LEU A 306 19.37 -11.69 14.85
CA LEU A 306 19.27 -13.04 14.27
C LEU A 306 18.26 -13.99 14.92
N PRO A 307 18.18 -14.02 16.28
CA PRO A 307 17.25 -14.91 17.01
C PRO A 307 15.75 -14.74 16.75
N TYR A 308 15.36 -13.51 16.40
CA TYR A 308 13.95 -13.20 16.09
C TYR A 308 13.73 -12.76 14.65
N THR A 309 14.79 -12.79 13.84
CA THR A 309 14.62 -12.40 12.42
C THR A 309 14.46 -13.72 11.69
N HIS A 310 13.37 -13.84 10.92
CA HIS A 310 13.07 -15.11 10.22
C HIS A 310 12.46 -14.84 8.84
N TRP A 311 13.10 -15.33 7.79
CA TRP A 311 12.64 -15.03 6.41
C TRP A 311 11.48 -15.90 5.95
N PHE A 312 10.81 -15.48 4.88
CA PHE A 312 9.72 -16.25 4.27
C PHE A 312 9.39 -15.67 2.92
N LEU A 313 8.54 -16.37 2.17
CA LEU A 313 8.10 -15.99 0.84
C LEU A 313 6.60 -15.74 0.93
N GLN A 314 6.15 -14.50 0.71
CA GLN A 314 4.71 -14.22 0.83
C GLN A 314 4.01 -14.22 -0.52
N ILE A 315 2.88 -14.93 -0.65
CA ILE A 315 2.12 -14.97 -1.94
C ILE A 315 0.82 -14.16 -1.80
N VAL A 316 0.56 -13.27 -2.76
CA VAL A 316 -0.66 -12.48 -2.70
C VAL A 316 -1.46 -12.53 -4.00
N PRO A 317 -2.52 -13.36 -4.03
CA PRO A 317 -3.36 -13.41 -5.23
C PRO A 317 -4.15 -12.09 -5.28
N GLN A 318 -4.32 -11.50 -6.47
CA GLN A 318 -5.09 -10.24 -6.54
C GLN A 318 -6.57 -10.53 -6.68
N LEU A 319 -7.38 -9.94 -5.81
CA LEU A 319 -8.82 -10.15 -5.86
C LEU A 319 -9.62 -8.83 -5.89
N SER A 320 -9.17 -7.86 -5.11
CA SER A 320 -9.82 -6.54 -4.98
C SER A 320 -8.75 -5.48 -4.72
N GLY A 321 -9.16 -4.19 -4.76
CA GLY A 321 -8.22 -3.11 -4.54
C GLY A 321 -8.59 -2.24 -3.35
N VAL A 322 -7.97 -1.06 -3.24
CA VAL A 322 -8.27 -0.15 -2.11
C VAL A 322 -8.67 1.25 -2.55
N GLY A 323 -8.85 2.11 -1.55
CA GLY A 323 -9.24 3.50 -1.79
C GLY A 323 -8.62 4.44 -0.77
N GLY A 324 -9.31 5.55 -0.48
CA GLY A 324 -8.79 6.54 0.45
C GLY A 324 -8.58 6.06 1.88
N PHE A 325 -9.36 5.07 2.30
CA PHE A 325 -9.18 4.60 3.67
C PHE A 325 -7.74 4.11 3.91
N GLU A 326 -7.35 3.11 3.14
CA GLU A 326 -6.01 2.51 3.26
C GLU A 326 -4.88 3.50 2.94
N ILE A 327 -5.07 4.27 1.87
CA ILE A 327 -4.04 5.24 1.52
C ILE A 327 -3.72 6.18 2.72
N GLY A 328 -4.75 6.82 3.26
CA GLY A 328 -4.58 7.76 4.35
C GLY A 328 -4.10 7.19 5.68
N THR A 329 -4.54 5.96 5.97
CA THR A 329 -4.24 5.29 7.24
C THR A 329 -3.15 4.23 7.28
N GLY A 330 -2.87 3.60 6.14
CA GLY A 330 -1.88 2.51 6.16
C GLY A 330 -2.49 1.25 6.75
N CYS A 331 -3.80 1.28 6.98
CA CYS A 331 -4.53 0.13 7.49
C CYS A 331 -5.22 -0.49 6.28
N TYR A 332 -5.39 -1.82 6.32
CA TYR A 332 -6.07 -2.55 5.24
C TYR A 332 -7.34 -3.26 5.74
N ILE A 333 -8.25 -3.53 4.80
CA ILE A 333 -9.45 -4.26 5.13
C ILE A 333 -9.45 -5.60 4.37
N ASN A 334 -9.49 -6.70 5.14
CA ASN A 334 -9.47 -8.05 4.59
C ASN A 334 -10.85 -8.71 4.76
N PRO A 335 -11.45 -9.18 3.66
CA PRO A 335 -12.77 -9.82 3.71
C PRO A 335 -12.78 -11.31 3.97
N VAL A 336 -11.59 -11.93 4.11
CA VAL A 336 -11.55 -13.36 4.39
C VAL A 336 -10.66 -13.70 5.60
N PHE A 337 -11.17 -14.55 6.51
CA PHE A 337 -10.37 -14.94 7.68
C PHE A 337 -9.42 -16.09 7.35
N PRO A 338 -8.20 -16.06 7.96
CA PRO A 338 -7.20 -17.10 7.72
C PRO A 338 -7.58 -18.53 8.17
N GLU A 339 -8.77 -18.64 8.76
CA GLU A 339 -9.32 -19.91 9.18
C GLU A 339 -9.97 -20.55 7.93
N ASP A 340 -10.80 -19.75 7.26
CA ASP A 340 -11.49 -20.20 6.06
C ASP A 340 -10.51 -20.52 4.93
N VAL A 341 -9.56 -19.61 4.69
CA VAL A 341 -8.58 -19.80 3.60
C VAL A 341 -8.00 -21.20 3.74
N ALA A 342 -7.40 -21.46 4.91
CA ALA A 342 -6.81 -22.76 5.17
C ALA A 342 -7.83 -23.88 4.87
N LYS A 343 -8.97 -23.87 5.58
CA LYS A 343 -10.01 -24.87 5.35
C LYS A 343 -10.23 -24.95 3.85
N VAL A 344 -10.59 -23.83 3.23
CA VAL A 344 -10.83 -23.83 1.80
C VAL A 344 -9.67 -24.42 1.01
N MET A 345 -8.47 -23.88 1.24
CA MET A 345 -7.28 -24.31 0.52
C MET A 345 -6.89 -25.76 0.85
N ARG A 346 -7.01 -26.14 2.11
CA ARG A 346 -6.70 -27.51 2.50
C ARG A 346 -7.59 -28.49 1.72
N GLU A 347 -8.84 -28.09 1.42
CA GLU A 347 -9.75 -28.98 0.70
C GLU A 347 -9.56 -28.95 -0.83
N VAL A 348 -8.73 -28.04 -1.33
CA VAL A 348 -8.51 -27.96 -2.76
C VAL A 348 -7.79 -29.21 -3.31
N SER A 349 -8.43 -29.91 -4.25
CA SER A 349 -7.82 -31.08 -4.87
C SER A 349 -7.44 -30.69 -6.30
N LEU A 350 -6.29 -31.17 -6.78
CA LEU A 350 -5.86 -30.85 -8.14
C LEU A 350 -6.16 -32.04 -9.07
N THR A 351 -6.78 -33.08 -8.53
CA THR A 351 -7.19 -34.29 -9.29
C THR A 351 -8.49 -34.03 -10.09
N GLN B 21 17.17 10.87 -17.13
CA GLN B 21 17.97 11.88 -16.40
C GLN B 21 18.79 11.31 -15.25
N SER B 22 18.13 10.72 -14.24
CA SER B 22 18.84 10.14 -13.09
C SER B 22 17.90 9.80 -11.90
N PRO B 23 17.66 8.50 -11.65
CA PRO B 23 16.76 8.21 -10.53
C PRO B 23 17.27 8.80 -9.22
N GLU B 24 16.32 9.11 -8.33
CA GLU B 24 16.59 9.70 -7.04
C GLU B 24 15.80 9.00 -5.93
N LEU B 25 16.28 9.13 -4.70
CA LEU B 25 15.63 8.59 -3.53
C LEU B 25 15.26 9.77 -2.61
N ARG B 26 14.02 9.77 -2.11
CA ARG B 26 13.53 10.86 -1.26
C ARG B 26 12.61 10.35 -0.15
N LYS B 27 12.63 11.06 0.98
CA LYS B 27 11.86 10.72 2.17
C LYS B 27 11.47 12.01 2.86
N ASP B 28 10.26 12.06 3.40
CA ASP B 28 9.77 13.25 4.10
C ASP B 28 9.18 12.73 5.41
N PRO B 29 9.56 13.35 6.53
CA PRO B 29 9.06 12.94 7.85
C PRO B 29 7.56 12.53 7.88
N VAL B 30 6.75 13.25 7.09
CA VAL B 30 5.29 13.02 7.06
C VAL B 30 4.95 11.58 6.63
N THR B 31 5.70 11.04 5.70
CA THR B 31 5.47 9.66 5.27
C THR B 31 6.39 8.75 6.04
N ASN B 32 7.56 9.27 6.38
CA ASN B 32 8.58 8.49 7.10
C ASN B 32 8.98 7.16 6.36
N ARG B 33 8.45 6.90 5.16
CA ARG B 33 8.82 5.69 4.42
C ARG B 33 9.43 6.05 3.07
N TRP B 34 10.73 5.76 2.91
CA TRP B 34 11.45 6.11 1.67
C TRP B 34 10.56 5.95 0.49
N VAL B 35 10.65 6.89 -0.43
CA VAL B 35 9.91 6.78 -1.65
C VAL B 35 11.04 7.02 -2.67
N ILE B 36 10.99 6.37 -3.84
CA ILE B 36 12.04 6.62 -4.84
C ILE B 36 11.42 7.37 -6.00
N PHE B 37 12.26 8.03 -6.81
CA PHE B 37 11.83 8.70 -8.05
C PHE B 37 12.60 8.11 -9.24
N SER B 38 11.87 7.57 -10.20
CA SER B 38 12.46 6.94 -11.41
C SER B 38 11.72 7.39 -12.66
N PRO B 39 12.15 8.52 -13.25
CA PRO B 39 11.49 9.03 -14.46
C PRO B 39 11.91 8.22 -15.70
N THR B 46 6.31 13.97 -18.81
CA THR B 46 5.42 14.38 -17.75
C THR B 46 3.98 14.47 -18.27
N ASP B 47 3.73 13.79 -19.39
CA ASP B 47 2.41 13.78 -20.02
C ASP B 47 1.49 12.66 -19.50
N PHE B 48 1.22 12.68 -18.20
CA PHE B 48 0.37 11.67 -17.57
C PHE B 48 -1.11 11.95 -17.73
N LYS B 49 -1.90 10.88 -17.80
CA LYS B 49 -3.35 10.97 -17.92
C LYS B 49 -4.04 9.75 -17.35
N SER B 50 -5.35 9.85 -17.16
CA SER B 50 -6.13 8.73 -16.62
C SER B 50 -5.80 7.45 -17.37
N SER B 62 -30.30 7.54 -12.04
CA SER B 62 -31.01 7.50 -10.76
C SER B 62 -30.29 6.50 -9.84
N CYS B 63 -30.23 6.81 -8.54
CA CYS B 63 -29.57 5.91 -7.59
C CYS B 63 -30.21 6.12 -6.24
N PRO B 64 -29.90 5.23 -5.28
CA PRO B 64 -30.44 5.30 -3.93
C PRO B 64 -30.13 6.57 -3.15
N PHE B 65 -29.04 7.27 -3.52
CA PHE B 65 -28.66 8.51 -2.85
C PHE B 65 -29.27 9.72 -3.52
N CYS B 66 -29.76 9.54 -4.73
CA CYS B 66 -30.40 10.62 -5.47
C CYS B 66 -31.57 11.17 -4.67
N ILE B 67 -31.73 12.49 -4.66
CA ILE B 67 -32.79 13.10 -3.89
C ILE B 67 -34.19 12.53 -4.22
N GLY B 68 -34.93 12.16 -3.15
CA GLY B 68 -36.26 11.61 -3.31
C GLY B 68 -36.37 10.15 -3.01
N ARG B 69 -35.22 9.46 -2.92
CA ARG B 69 -35.16 8.03 -2.62
C ARG B 69 -34.60 7.75 -1.23
N GLU B 70 -34.84 8.66 -0.30
CA GLU B 70 -34.31 8.59 1.06
C GLU B 70 -34.44 7.29 1.86
N GLN B 71 -35.62 6.70 1.91
CA GLN B 71 -35.76 5.47 2.70
C GLN B 71 -34.97 4.30 2.12
N GLU B 72 -34.34 4.51 0.97
CA GLU B 72 -33.54 3.48 0.32
C GLU B 72 -32.12 3.43 0.97
N CYS B 73 -31.78 4.42 1.79
CA CYS B 73 -30.44 4.43 2.40
C CYS B 73 -30.42 4.04 3.86
N ALA B 74 -29.23 3.77 4.41
CA ALA B 74 -29.13 3.46 5.84
C ALA B 74 -29.52 4.76 6.55
N PRO B 75 -29.82 4.71 7.86
CA PRO B 75 -30.23 5.87 8.67
C PRO B 75 -29.42 7.15 8.56
N GLU B 76 -30.11 8.27 8.76
CA GLU B 76 -29.50 9.57 8.68
C GLU B 76 -29.00 10.10 10.01
N LEU B 77 -27.73 10.54 10.06
CA LEU B 77 -27.16 11.08 11.28
C LEU B 77 -27.65 12.53 11.36
N PHE B 78 -27.32 13.34 10.37
CA PHE B 78 -27.84 14.70 10.33
C PHE B 78 -27.84 15.18 8.91
N ARG B 79 -28.41 16.34 8.67
CA ARG B 79 -28.43 16.84 7.32
C ARG B 79 -28.25 18.35 7.33
N VAL B 80 -27.79 18.88 6.21
CA VAL B 80 -27.62 20.31 6.13
C VAL B 80 -28.44 20.81 4.96
N PRO B 81 -29.27 21.86 5.18
CA PRO B 81 -29.49 22.58 6.45
C PRO B 81 -30.11 21.66 7.52
N ASP B 82 -29.73 21.88 8.78
CA ASP B 82 -30.19 21.07 9.90
C ASP B 82 -31.71 20.92 9.93
N HIS B 83 -32.17 19.67 9.99
CA HIS B 83 -33.60 19.37 10.03
C HIS B 83 -34.34 20.09 8.90
N ASP B 84 -34.08 19.68 7.67
CA ASP B 84 -34.71 20.29 6.52
C ASP B 84 -34.99 19.28 5.40
N PRO B 85 -36.27 19.07 5.05
CA PRO B 85 -36.64 18.12 4.00
C PRO B 85 -35.91 18.43 2.69
N ASN B 86 -35.50 19.69 2.53
CA ASN B 86 -34.80 20.14 1.35
C ASN B 86 -33.27 20.15 1.58
N TRP B 87 -32.68 18.96 1.74
CA TRP B 87 -31.24 18.83 2.02
C TRP B 87 -30.25 19.12 0.90
N LYS B 88 -29.06 19.62 1.28
CA LYS B 88 -27.98 19.92 0.33
C LYS B 88 -26.89 18.85 0.50
N LEU B 89 -26.80 18.31 1.70
CA LEU B 89 -25.87 17.22 1.96
C LEU B 89 -26.52 16.42 3.08
N ARG B 90 -26.15 15.16 3.20
CA ARG B 90 -26.66 14.31 4.25
C ARG B 90 -25.50 13.50 4.80
N VAL B 91 -25.55 13.19 6.07
CA VAL B 91 -24.50 12.36 6.63
C VAL B 91 -25.26 11.18 7.16
N ILE B 92 -24.97 10.00 6.62
CA ILE B 92 -25.66 8.78 7.05
C ILE B 92 -24.74 7.66 7.53
N GLU B 93 -25.34 6.71 8.23
CA GLU B 93 -24.57 5.57 8.68
C GLU B 93 -24.30 4.73 7.44
N ASN B 94 -23.23 3.94 7.48
CA ASN B 94 -22.90 3.03 6.38
C ASN B 94 -23.61 1.69 6.59
N LEU B 95 -24.41 1.27 5.62
CA LEU B 95 -25.17 0.02 5.69
C LEU B 95 -24.38 -1.27 5.48
N TYR B 96 -23.10 -1.16 5.11
CA TYR B 96 -22.28 -2.34 4.91
C TYR B 96 -20.96 -1.94 5.55
N PRO B 97 -20.91 -1.87 6.89
CA PRO B 97 -19.73 -1.48 7.66
C PRO B 97 -18.56 -2.41 7.78
N ALA B 98 -17.39 -1.79 7.96
CA ALA B 98 -16.14 -2.53 8.15
C ALA B 98 -15.88 -2.72 9.64
N LEU B 99 -16.49 -1.85 10.45
CA LEU B 99 -16.41 -1.88 11.92
C LEU B 99 -17.79 -1.59 12.53
N SER B 100 -18.09 -2.21 13.67
CA SER B 100 -19.40 -2.06 14.32
C SER B 100 -19.44 -1.02 15.42
N ARG B 101 -20.43 -0.14 15.36
CA ARG B 101 -20.57 0.92 16.36
C ARG B 101 -21.35 0.50 17.59
N ASN B 102 -21.81 -0.76 17.61
CA ASN B 102 -22.58 -1.25 18.77
C ASN B 102 -21.71 -2.26 19.51
N LEU B 103 -20.49 -2.46 19.02
CA LEU B 103 -19.59 -3.39 19.69
C LEU B 103 -18.78 -2.59 20.67
N GLU B 104 -19.24 -1.37 20.94
CA GLU B 104 -18.53 -0.48 21.83
C GLU B 104 -18.34 -1.02 23.23
N THR B 105 -19.38 -1.66 23.76
CA THR B 105 -19.32 -2.20 25.10
C THR B 105 -18.32 -3.37 25.20
N GLN B 106 -17.71 -3.70 24.06
CA GLN B 106 -16.68 -4.76 24.00
C GLN B 106 -15.27 -4.16 24.16
N SER B 107 -15.17 -2.91 24.65
CA SER B 107 -13.87 -2.24 24.83
C SER B 107 -12.98 -2.39 23.60
N ARG B 116 -3.19 -10.01 20.59
CA ARG B 116 -3.02 -9.76 19.14
C ARG B 116 -4.33 -9.52 18.38
N THR B 117 -5.44 -9.48 19.11
CA THR B 117 -6.76 -9.25 18.53
C THR B 117 -7.55 -8.29 19.41
N ILE B 118 -8.27 -7.35 18.80
CA ILE B 118 -9.11 -6.42 19.57
C ILE B 118 -10.48 -6.37 18.89
N VAL B 119 -11.53 -6.07 19.66
CA VAL B 119 -12.86 -6.05 19.07
C VAL B 119 -12.96 -5.02 17.96
N GLY B 120 -13.73 -5.36 16.93
CA GLY B 120 -13.85 -4.46 15.80
C GLY B 120 -14.84 -3.34 15.99
N PHE B 121 -14.66 -2.58 17.07
CA PHE B 121 -15.54 -1.46 17.36
C PHE B 121 -15.10 -0.22 16.61
N GLY B 122 -16.06 0.39 15.90
CA GLY B 122 -15.74 1.61 15.21
C GLY B 122 -16.99 2.16 14.59
N PHE B 123 -16.86 3.33 13.97
CA PHE B 123 -17.97 3.95 13.27
C PHE B 123 -17.62 4.12 11.80
N HIS B 124 -18.60 3.82 10.93
CA HIS B 124 -18.39 3.97 9.50
C HIS B 124 -19.61 4.68 8.94
N ASP B 125 -19.37 5.84 8.35
CA ASP B 125 -20.43 6.70 7.82
C ASP B 125 -20.19 7.22 6.41
N VAL B 126 -21.28 7.66 5.78
CA VAL B 126 -21.22 8.19 4.43
C VAL B 126 -21.73 9.61 4.37
N VAL B 127 -21.08 10.44 3.57
CA VAL B 127 -21.51 11.83 3.40
C VAL B 127 -21.96 11.96 1.96
N ILE B 128 -23.24 12.24 1.73
CA ILE B 128 -23.70 12.41 0.38
C ILE B 128 -23.55 13.89 0.02
N GLU B 129 -22.70 14.15 -0.98
CA GLU B 129 -22.30 15.49 -1.38
C GLU B 129 -23.25 16.42 -2.13
N SER B 130 -24.26 15.86 -2.77
CA SER B 130 -25.20 16.66 -3.56
C SER B 130 -26.50 15.91 -3.79
N PRO B 131 -27.59 16.64 -4.07
CA PRO B 131 -28.86 15.96 -4.31
C PRO B 131 -28.94 15.56 -5.76
N VAL B 132 -28.11 16.23 -6.55
CA VAL B 132 -28.06 16.05 -7.99
C VAL B 132 -27.18 14.90 -8.38
N HIS B 133 -27.77 13.94 -9.10
CA HIS B 133 -27.06 12.76 -9.52
C HIS B 133 -25.79 12.91 -10.35
N SER B 134 -25.87 13.59 -11.49
CA SER B 134 -24.69 13.74 -12.34
C SER B 134 -23.64 14.70 -11.76
N ILE B 135 -23.95 15.33 -10.62
CA ILE B 135 -23.02 16.28 -10.01
C ILE B 135 -21.83 15.60 -9.30
N GLN B 136 -20.63 16.09 -9.59
CA GLN B 136 -19.42 15.58 -8.94
C GLN B 136 -19.03 16.62 -7.88
N LEU B 137 -18.34 16.16 -6.84
CA LEU B 137 -17.94 17.02 -5.73
C LEU B 137 -17.31 18.32 -6.18
N SER B 138 -16.46 18.29 -7.21
CA SER B 138 -15.78 19.53 -7.62
C SER B 138 -16.63 20.47 -8.46
N ASP B 139 -17.79 20.01 -8.93
CA ASP B 139 -18.67 20.89 -9.71
C ASP B 139 -19.41 21.80 -8.74
N ILE B 140 -19.37 21.44 -7.46
CA ILE B 140 -20.06 22.24 -6.45
C ILE B 140 -19.35 23.57 -6.18
N ASP B 141 -20.11 24.60 -5.84
CA ASP B 141 -19.47 25.90 -5.59
C ASP B 141 -18.63 25.83 -4.33
N PRO B 142 -17.62 26.71 -4.22
CA PRO B 142 -16.73 26.71 -3.04
C PRO B 142 -17.51 26.76 -1.71
N VAL B 143 -18.61 27.49 -1.69
CA VAL B 143 -19.39 27.57 -0.46
C VAL B 143 -20.01 26.24 -0.04
N GLY B 144 -20.58 25.52 -1.02
CA GLY B 144 -21.21 24.24 -0.75
C GLY B 144 -20.16 23.20 -0.38
N ILE B 145 -18.96 23.35 -0.93
CA ILE B 145 -17.90 22.41 -0.59
C ILE B 145 -17.53 22.70 0.87
N GLY B 146 -17.38 23.98 1.21
CA GLY B 146 -17.09 24.35 2.59
C GLY B 146 -18.13 23.77 3.56
N ASP B 147 -19.42 23.75 3.15
CA ASP B 147 -20.48 23.19 4.01
C ASP B 147 -20.19 21.72 4.32
N ILE B 148 -19.80 20.99 3.28
CA ILE B 148 -19.49 19.57 3.42
C ILE B 148 -18.33 19.44 4.39
N LEU B 149 -17.36 20.35 4.25
CA LEU B 149 -16.19 20.31 5.15
C LEU B 149 -16.61 20.67 6.58
N ILE B 150 -17.66 21.46 6.73
CA ILE B 150 -18.16 21.80 8.06
C ILE B 150 -18.92 20.59 8.60
N ALA B 151 -19.58 19.85 7.71
CA ALA B 151 -20.25 18.64 8.16
C ALA B 151 -19.19 17.60 8.64
N TYR B 152 -18.04 17.50 7.98
CA TYR B 152 -17.01 16.55 8.45
C TYR B 152 -16.66 16.95 9.88
N LYS B 153 -16.56 18.26 10.06
CA LYS B 153 -16.25 18.82 11.35
C LYS B 153 -17.32 18.46 12.38
N LYS B 154 -18.59 18.74 12.08
CA LYS B 154 -19.66 18.40 13.03
C LYS B 154 -19.58 16.92 13.44
N ARG B 155 -19.56 16.02 12.45
CA ARG B 155 -19.53 14.57 12.74
C ARG B 155 -18.30 14.14 13.56
N ILE B 156 -17.14 14.71 13.25
CA ILE B 156 -15.97 14.40 14.03
C ILE B 156 -16.20 14.71 15.51
N ASN B 157 -16.77 15.87 15.80
CA ASN B 157 -17.02 16.23 17.19
C ASN B 157 -18.02 15.29 17.86
N GLN B 158 -18.99 14.78 17.09
CA GLN B 158 -19.94 13.81 17.67
C GLN B 158 -19.21 12.52 17.99
N ILE B 159 -18.34 12.08 17.09
CA ILE B 159 -17.62 10.85 17.34
C ILE B 159 -16.68 11.02 18.52
N ALA B 160 -16.02 12.16 18.58
CA ALA B 160 -15.08 12.48 19.63
C ALA B 160 -15.67 12.47 21.06
N GLN B 161 -16.98 12.21 21.17
CA GLN B 161 -17.66 12.09 22.47
C GLN B 161 -17.21 10.78 23.13
N HIS B 162 -16.92 9.79 22.30
CA HIS B 162 -16.54 8.47 22.79
C HIS B 162 -15.14 8.37 23.34
N ASP B 163 -14.86 7.30 24.10
CA ASP B 163 -13.54 7.11 24.67
C ASP B 163 -12.67 6.09 23.92
N SER B 164 -13.27 5.00 23.45
CA SER B 164 -12.52 3.95 22.75
C SER B 164 -11.94 4.41 21.43
N ILE B 165 -12.48 5.51 20.90
CA ILE B 165 -12.02 6.03 19.62
C ILE B 165 -10.74 6.83 19.83
N ASN B 166 -9.82 6.72 18.87
CA ASN B 166 -8.54 7.39 18.97
C ASN B 166 -8.07 8.11 17.71
N TYR B 167 -8.69 7.78 16.58
CA TYR B 167 -8.31 8.40 15.32
C TYR B 167 -9.46 8.14 14.35
N ILE B 168 -9.84 9.16 13.58
CA ILE B 168 -10.92 9.00 12.60
C ILE B 168 -10.38 9.37 11.22
N GLN B 169 -10.69 8.53 10.21
CA GLN B 169 -10.26 8.75 8.84
C GLN B 169 -11.45 9.21 7.99
N VAL B 170 -11.55 10.51 7.80
CA VAL B 170 -12.58 11.06 6.94
C VAL B 170 -11.88 11.06 5.60
N PHE B 171 -12.49 10.48 4.57
CA PHE B 171 -11.85 10.45 3.26
C PHE B 171 -12.88 10.30 2.13
N LYS B 172 -12.44 10.54 0.89
CA LYS B 172 -13.29 10.40 -0.32
C LYS B 172 -12.61 9.56 -1.40
N ASN B 173 -13.43 8.94 -2.26
CA ASN B 173 -12.94 8.19 -3.41
C ASN B 173 -13.95 8.37 -4.52
N GLN B 174 -13.47 8.78 -5.70
CA GLN B 174 -14.34 8.98 -6.87
C GLN B 174 -13.94 7.95 -7.91
N GLY B 175 -14.87 7.06 -8.28
CA GLY B 175 -14.56 6.05 -9.27
C GLY B 175 -14.42 4.64 -8.72
N ALA B 176 -15.01 3.71 -9.45
CA ALA B 176 -15.01 2.30 -9.10
C ALA B 176 -13.63 1.76 -8.74
N SER B 177 -12.66 2.00 -9.62
CA SER B 177 -11.29 1.51 -9.43
C SER B 177 -10.56 2.21 -8.29
N ALA B 178 -11.03 3.42 -7.97
CA ALA B 178 -10.45 4.20 -6.87
C ALA B 178 -11.22 3.78 -5.61
N GLY B 179 -12.01 2.72 -5.75
CA GLY B 179 -12.73 2.22 -4.59
C GLY B 179 -14.18 2.55 -4.44
N ALA B 180 -14.70 3.41 -5.32
CA ALA B 180 -16.10 3.79 -5.28
C ALA B 180 -16.96 2.63 -5.83
N SER B 181 -18.14 2.47 -5.25
CA SER B 181 -19.10 1.48 -5.70
C SER B 181 -20.35 2.23 -6.15
N MET B 182 -20.44 3.51 -5.78
CA MET B 182 -21.61 4.34 -6.15
C MET B 182 -21.15 5.56 -6.95
N SER B 183 -21.89 5.93 -8.01
CA SER B 183 -21.48 7.05 -8.83
C SER B 183 -21.95 8.41 -8.29
N HIS B 184 -23.01 8.41 -7.50
CA HIS B 184 -23.50 9.64 -6.89
C HIS B 184 -22.35 10.11 -5.98
N SER B 185 -22.41 11.34 -5.48
CA SER B 185 -21.34 11.89 -4.63
C SER B 185 -21.49 11.65 -3.12
N HIS B 186 -20.41 11.18 -2.49
CA HIS B 186 -20.38 10.85 -1.07
C HIS B 186 -18.98 10.90 -0.57
N SER B 187 -18.88 11.01 0.74
CA SER B 187 -17.60 11.02 1.44
C SER B 187 -17.79 9.96 2.51
N GLN B 188 -16.71 9.55 3.15
CA GLN B 188 -16.76 8.49 4.18
C GLN B 188 -15.94 8.84 5.44
N MET B 189 -16.37 8.32 6.58
CA MET B 189 -15.65 8.58 7.82
C MET B 189 -15.53 7.30 8.65
N MET B 190 -14.31 7.01 9.09
CA MET B 190 -14.07 5.85 9.92
C MET B 190 -13.32 6.27 11.17
N ALA B 191 -13.86 5.88 12.32
CA ALA B 191 -13.31 6.19 13.63
C ALA B 191 -12.72 4.87 14.19
N LEU B 192 -11.42 4.86 14.43
CA LEU B 192 -10.71 3.67 14.90
C LEU B 192 -10.43 3.66 16.39
N PRO B 193 -10.13 2.48 16.94
CA PRO B 193 -9.82 2.32 18.37
C PRO B 193 -8.33 2.51 18.59
N VAL B 194 -7.56 2.46 17.52
CA VAL B 194 -6.10 2.57 17.65
C VAL B 194 -5.52 3.57 16.65
N VAL B 195 -4.33 4.07 16.92
CA VAL B 195 -3.72 5.05 16.02
C VAL B 195 -3.01 4.35 14.88
N PRO B 196 -3.31 4.76 13.63
CA PRO B 196 -2.74 4.21 12.39
C PRO B 196 -1.29 4.50 12.10
N PRO B 197 -0.66 3.63 11.30
CA PRO B 197 0.76 3.70 10.90
C PRO B 197 1.23 5.03 10.27
N THR B 198 0.50 5.54 9.27
CA THR B 198 0.95 6.79 8.66
C THR B 198 1.04 7.86 9.74
N VAL B 199 -0.01 7.97 10.55
CA VAL B 199 -0.07 8.91 11.65
C VAL B 199 1.21 8.74 12.53
N SER B 200 1.42 7.55 13.09
CA SER B 200 2.60 7.30 13.92
C SER B 200 3.91 7.76 13.26
N SER B 201 4.08 7.41 11.98
CA SER B 201 5.29 7.79 11.25
C SER B 201 5.33 9.30 11.16
N ARG B 202 4.15 9.90 11.12
CA ARG B 202 4.09 11.35 11.02
C ARG B 202 4.49 11.99 12.36
N LEU B 203 3.82 11.62 13.45
CA LEU B 203 4.16 12.15 14.74
C LEU B 203 5.65 11.98 15.06
N ASP B 204 6.18 10.79 14.87
CA ASP B 204 7.60 10.56 15.16
C ASP B 204 8.52 11.30 14.18
N GLY B 205 8.15 11.29 12.91
CA GLY B 205 8.98 11.94 11.91
C GLY B 205 9.06 13.44 12.09
N THR B 206 7.89 14.07 12.15
CA THR B 206 7.79 15.50 12.32
C THR B 206 8.38 15.96 13.65
N LYS B 207 8.37 15.09 14.65
CA LYS B 207 8.96 15.42 15.95
C LYS B 207 10.48 15.33 15.86
N ASP B 208 11.00 14.20 15.38
CA ASP B 208 12.44 14.07 15.23
C ASP B 208 12.97 15.25 14.41
N TYR B 209 12.13 15.78 13.52
CA TYR B 209 12.51 16.91 12.71
C TYR B 209 12.44 18.21 13.55
N PHE B 210 11.33 18.38 14.28
CA PHE B 210 11.13 19.58 15.11
C PHE B 210 12.19 19.67 16.20
N GLU B 211 12.73 18.53 16.62
CA GLU B 211 13.75 18.54 17.66
C GLU B 211 15.13 18.91 17.14
N GLU B 212 15.39 18.53 15.89
CA GLU B 212 16.65 18.84 15.28
C GLU B 212 16.59 20.16 14.52
N THR B 213 15.45 20.84 14.57
CA THR B 213 15.31 22.12 13.85
C THR B 213 14.52 23.26 14.47
N GLY B 214 13.66 22.94 15.44
CA GLY B 214 12.81 23.96 16.03
C GLY B 214 11.73 24.33 15.01
N LYS B 215 11.49 23.44 14.05
CA LYS B 215 10.49 23.71 13.01
C LYS B 215 9.41 22.63 12.94
N CYS B 216 8.25 23.01 12.42
CA CYS B 216 7.15 22.09 12.24
C CYS B 216 7.25 21.78 10.76
N CYS B 217 7.33 20.50 10.42
CA CYS B 217 7.48 20.05 9.04
C CYS B 217 6.56 20.72 7.98
N LEU B 218 5.25 20.74 8.19
CA LEU B 218 4.41 21.40 7.17
C LEU B 218 4.37 22.91 7.32
N CYS B 219 4.77 23.44 8.48
CA CYS B 219 4.79 24.91 8.58
C CYS B 219 5.91 25.57 7.69
N GLU B 220 6.83 24.78 7.13
CA GLU B 220 7.87 25.33 6.23
C GLU B 220 7.61 24.84 4.80
N ALA B 221 6.38 24.40 4.56
CA ALA B 221 5.96 23.87 3.27
C ALA B 221 6.27 24.77 2.11
N LYS B 222 6.27 26.09 2.33
CA LYS B 222 6.54 27.03 1.25
C LYS B 222 7.98 26.88 0.75
N SER B 223 8.85 26.44 1.63
CA SER B 223 10.24 26.23 1.22
C SER B 223 10.62 24.76 1.11
N LYS B 224 9.80 23.85 1.67
CA LYS B 224 10.13 22.40 1.62
C LYS B 224 9.65 21.65 0.35
N HIS B 225 8.50 22.04 -0.21
CA HIS B 225 7.93 21.37 -1.38
C HIS B 225 7.80 22.32 -2.57
N PHE B 226 6.88 22.01 -3.48
CA PHE B 226 6.75 22.84 -4.67
C PHE B 226 5.34 23.36 -4.79
N VAL B 227 5.18 24.63 -4.47
CA VAL B 227 3.86 25.27 -4.46
C VAL B 227 3.17 25.35 -5.83
N ILE B 228 1.86 25.08 -5.81
CA ILE B 228 1.03 25.10 -7.01
C ILE B 228 0.10 26.31 -6.95
N ASP B 229 -0.83 26.32 -5.98
CA ASP B 229 -1.76 27.43 -5.83
C ASP B 229 -1.87 27.78 -4.35
N GLU B 230 -2.52 28.92 -4.08
CA GLU B 230 -2.63 29.42 -2.73
C GLU B 230 -3.95 30.13 -2.50
N SER B 231 -4.54 29.93 -1.32
CA SER B 231 -5.79 30.63 -0.98
C SER B 231 -5.51 31.54 0.23
N SER B 232 -6.55 32.00 0.90
CA SER B 232 -6.33 32.90 2.05
C SER B 232 -5.69 32.17 3.23
N HIS B 233 -6.14 30.93 3.46
CA HIS B 233 -5.66 30.14 4.61
C HIS B 233 -4.96 28.83 4.27
N PHE B 234 -4.88 28.52 2.97
CA PHE B 234 -4.27 27.27 2.49
C PHE B 234 -3.34 27.41 1.29
N VAL B 235 -2.49 26.40 1.12
CA VAL B 235 -1.56 26.34 0.00
C VAL B 235 -1.52 24.91 -0.50
N SER B 236 -1.37 24.77 -1.81
CA SER B 236 -1.32 23.43 -2.43
C SER B 236 0.05 23.29 -3.05
N VAL B 237 0.60 22.07 -2.96
CA VAL B 237 1.96 21.77 -3.47
C VAL B 237 2.05 20.35 -4.02
N ALA B 238 3.13 20.10 -4.76
CA ALA B 238 3.48 18.77 -5.23
C ALA B 238 4.52 18.48 -4.15
N PRO B 239 4.28 17.50 -3.27
CA PRO B 239 5.24 17.19 -2.20
C PRO B 239 6.56 16.70 -2.71
N PHE B 240 7.63 17.20 -2.11
CA PHE B 240 9.00 16.85 -2.49
C PHE B 240 9.20 15.33 -2.52
N ALA B 241 8.82 14.63 -1.44
CA ALA B 241 9.00 13.17 -1.44
C ALA B 241 7.63 12.54 -1.54
N ALA B 242 6.83 13.05 -2.48
CA ALA B 242 5.46 12.56 -2.69
C ALA B 242 5.46 11.06 -2.83
N THR B 243 4.38 10.41 -2.42
CA THR B 243 4.33 8.97 -2.57
C THR B 243 3.94 8.59 -4.00
N TYR B 244 3.12 9.43 -4.65
CA TYR B 244 2.63 9.10 -5.97
C TYR B 244 2.82 10.18 -7.03
N PRO B 245 2.73 9.78 -8.32
CA PRO B 245 2.89 10.75 -9.42
C PRO B 245 1.72 11.78 -9.41
N PHE B 246 2.10 13.06 -9.40
CA PHE B 246 1.16 14.17 -9.39
C PHE B 246 0.51 14.43 -8.03
N GLU B 247 1.00 13.79 -6.97
CA GLU B 247 0.44 14.05 -5.63
C GLU B 247 0.47 15.55 -5.33
N ILE B 248 -0.59 16.02 -4.66
CA ILE B 248 -0.75 17.40 -4.20
C ILE B 248 -1.35 17.34 -2.79
N TRP B 249 -0.77 18.09 -1.87
CA TRP B 249 -1.35 18.19 -0.53
C TRP B 249 -1.91 19.62 -0.39
N ILE B 250 -2.99 19.76 0.39
CA ILE B 250 -3.51 21.10 0.69
C ILE B 250 -3.29 21.24 2.18
N ILE B 251 -2.41 22.17 2.55
CA ILE B 251 -1.94 22.39 3.92
C ILE B 251 -2.31 23.77 4.49
N PRO B 252 -2.85 23.81 5.72
CA PRO B 252 -3.20 25.10 6.33
C PRO B 252 -1.88 25.89 6.52
N LYS B 253 -1.92 27.20 6.25
CA LYS B 253 -0.71 28.03 6.43
C LYS B 253 -0.49 28.39 7.90
N ASP B 254 -1.55 28.30 8.69
CA ASP B 254 -1.48 28.55 10.14
C ASP B 254 -1.26 27.19 10.81
N HIS B 255 -0.23 27.03 11.64
CA HIS B 255 0.02 25.74 12.31
C HIS B 255 -1.27 25.33 13.01
N SER B 256 -1.90 24.28 12.48
CA SER B 256 -3.17 23.79 13.01
C SER B 256 -3.08 22.27 13.12
N SER B 257 -3.28 21.76 14.33
CA SER B 257 -3.15 20.30 14.54
C SER B 257 -4.33 19.42 14.11
N HIS B 258 -5.53 19.91 14.36
CA HIS B 258 -6.76 19.20 14.09
C HIS B 258 -7.56 19.81 12.93
N PHE B 259 -7.94 18.96 11.99
CA PHE B 259 -8.76 19.40 10.88
C PHE B 259 -10.06 20.03 11.41
N HIS B 260 -10.62 19.40 12.45
CA HIS B 260 -11.91 19.84 12.97
C HIS B 260 -11.93 21.15 13.73
N HIS B 261 -10.82 21.89 13.72
CA HIS B 261 -10.77 23.20 14.35
C HIS B 261 -11.05 24.25 13.28
N LEU B 262 -11.39 23.79 12.08
CA LEU B 262 -11.72 24.64 10.93
C LEU B 262 -13.05 25.39 11.09
N ASP B 263 -13.11 26.63 10.57
CA ASP B 263 -14.34 27.44 10.67
C ASP B 263 -15.03 27.66 9.33
N ASP B 264 -16.09 28.47 9.33
CA ASP B 264 -16.82 28.71 8.11
C ASP B 264 -15.97 29.46 7.09
N VAL B 265 -15.08 30.34 7.57
CA VAL B 265 -14.21 31.12 6.70
C VAL B 265 -13.20 30.20 5.96
N LYS B 266 -12.39 29.46 6.71
CA LYS B 266 -11.42 28.58 6.07
C LYS B 266 -12.11 27.43 5.26
N ALA B 267 -13.27 26.98 5.71
CA ALA B 267 -13.97 25.93 4.96
C ALA B 267 -14.28 26.42 3.53
N VAL B 268 -14.70 27.68 3.39
CA VAL B 268 -14.97 28.18 2.05
C VAL B 268 -13.65 28.40 1.30
N ASP B 269 -12.64 28.91 2.01
CA ASP B 269 -11.34 29.15 1.39
C ASP B 269 -10.65 27.84 0.97
N LEU B 270 -10.89 26.77 1.72
CA LEU B 270 -10.34 25.44 1.43
C LEU B 270 -11.12 24.79 0.28
N GLY B 271 -12.44 24.86 0.41
CA GLY B 271 -13.34 24.31 -0.60
C GLY B 271 -12.99 24.89 -1.97
N GLY B 272 -12.64 26.17 -1.99
CA GLY B 272 -12.30 26.79 -3.27
C GLY B 272 -10.99 26.23 -3.85
N LEU B 273 -9.98 26.05 -2.98
CA LEU B 273 -8.67 25.56 -3.41
C LEU B 273 -8.76 24.09 -3.85
N LEU B 274 -9.53 23.30 -3.11
CA LEU B 274 -9.73 21.87 -3.42
C LEU B 274 -10.36 21.83 -4.80
N LYS B 275 -11.34 22.70 -5.00
CA LYS B 275 -12.00 22.75 -6.29
C LYS B 275 -10.99 22.99 -7.43
N LEU B 276 -10.17 24.02 -7.28
CA LEU B 276 -9.20 24.39 -8.31
C LEU B 276 -8.16 23.30 -8.62
N MET B 277 -7.82 22.48 -7.62
CA MET B 277 -6.85 21.40 -7.82
C MET B 277 -7.55 20.22 -8.49
N LEU B 278 -8.77 19.90 -8.07
CA LEU B 278 -9.50 18.79 -8.68
C LEU B 278 -9.91 19.07 -10.13
N GLN B 279 -10.29 20.32 -10.41
CA GLN B 279 -10.67 20.70 -11.78
C GLN B 279 -9.39 20.71 -12.65
N LYS B 280 -8.29 21.27 -12.14
CA LYS B 280 -7.01 21.21 -12.90
C LYS B 280 -6.63 19.74 -13.18
N ILE B 281 -6.49 18.95 -12.11
CA ILE B 281 -6.15 17.51 -12.28
C ILE B 281 -7.07 16.94 -13.37
N ALA B 282 -8.37 17.24 -13.30
CA ALA B 282 -9.31 16.71 -14.31
C ALA B 282 -8.88 17.17 -15.69
N LYS B 283 -8.59 18.46 -15.80
CA LYS B 283 -8.19 19.02 -17.08
C LYS B 283 -6.82 18.51 -17.58
N GLN B 284 -5.80 18.69 -16.75
CA GLN B 284 -4.44 18.26 -17.10
C GLN B 284 -4.31 16.75 -17.30
N LEU B 285 -5.06 15.97 -16.54
CA LEU B 285 -4.90 14.52 -16.60
C LEU B 285 -5.99 13.71 -17.25
N ASN B 286 -6.89 14.39 -17.95
CA ASN B 286 -7.98 13.68 -18.60
C ASN B 286 -8.97 13.02 -17.63
N ASP B 287 -9.36 13.77 -16.61
CA ASP B 287 -10.33 13.35 -15.62
C ASP B 287 -10.19 11.91 -15.14
N PRO B 288 -9.02 11.57 -14.58
CA PRO B 288 -8.78 10.23 -14.06
C PRO B 288 -9.55 10.00 -12.79
N PRO B 289 -9.72 8.74 -12.40
CA PRO B 289 -10.43 8.49 -11.14
C PRO B 289 -9.47 9.14 -10.09
N TYR B 290 -9.92 9.37 -8.87
CA TYR B 290 -9.03 9.93 -7.85
C TYR B 290 -9.51 9.55 -6.46
N ASN B 291 -8.64 9.78 -5.47
CA ASN B 291 -8.93 9.56 -4.07
C ASN B 291 -8.38 10.77 -3.32
N TYR B 292 -9.11 11.31 -2.34
CA TYR B 292 -8.49 12.34 -1.49
C TYR B 292 -8.64 11.86 -0.05
N MET B 293 -7.71 12.22 0.82
CA MET B 293 -7.73 11.74 2.21
C MET B 293 -7.29 12.85 3.16
N ILE B 294 -8.05 13.09 4.21
CA ILE B 294 -7.66 14.13 5.15
C ILE B 294 -6.75 13.51 6.20
N HIS B 295 -5.57 14.13 6.41
CA HIS B 295 -4.62 13.62 7.42
C HIS B 295 -4.74 14.56 8.62
N THR B 296 -5.02 13.98 9.78
CA THR B 296 -5.26 14.78 10.96
C THR B 296 -4.64 14.23 12.24
N SER B 297 -4.81 14.97 13.32
CA SER B 297 -4.19 14.59 14.57
C SER B 297 -4.95 13.51 15.32
N PRO B 298 -4.24 12.60 16.01
CA PRO B 298 -4.97 11.58 16.77
C PRO B 298 -5.87 12.34 17.76
N LEU B 299 -7.06 11.82 18.04
CA LEU B 299 -7.97 12.49 18.96
C LEU B 299 -7.39 12.58 20.36
N LYS B 300 -6.61 11.56 20.76
CA LYS B 300 -6.00 11.60 22.09
C LYS B 300 -4.56 12.14 22.05
N VAL B 301 -4.27 13.04 21.12
CA VAL B 301 -2.92 13.60 21.03
C VAL B 301 -2.50 14.31 22.33
N THR B 302 -1.22 14.30 22.67
CA THR B 302 -0.77 14.93 23.89
C THR B 302 -0.26 16.32 23.60
N GLU B 303 -0.26 17.19 24.61
CA GLU B 303 0.24 18.55 24.35
C GLU B 303 1.70 18.53 23.89
N SER B 304 2.49 17.62 24.46
CA SER B 304 3.89 17.57 24.06
C SER B 304 4.09 17.42 22.56
N GLN B 305 3.10 16.86 21.88
CA GLN B 305 3.19 16.64 20.42
C GLN B 305 2.58 17.74 19.56
N LEU B 306 1.94 18.75 20.15
CA LEU B 306 1.28 19.77 19.31
C LEU B 306 2.19 20.70 18.50
N PRO B 307 3.41 21.02 19.01
CA PRO B 307 4.30 21.92 18.25
C PRO B 307 4.67 21.41 16.85
N TYR B 308 4.67 20.08 16.68
CA TYR B 308 5.03 19.51 15.39
C TYR B 308 3.91 18.74 14.68
N THR B 309 2.70 18.82 15.21
CA THR B 309 1.57 18.11 14.59
C THR B 309 0.80 19.18 13.81
N HIS B 310 0.54 18.91 12.52
CA HIS B 310 -0.09 19.89 11.58
C HIS B 310 -0.92 19.10 10.56
N TRP B 311 -2.18 19.45 10.37
CA TRP B 311 -3.03 18.68 9.45
C TRP B 311 -2.92 19.09 7.99
N PHE B 312 -3.35 18.20 7.09
CA PHE B 312 -3.34 18.50 5.66
C PHE B 312 -4.25 17.54 4.92
N LEU B 313 -4.55 17.90 3.68
CA LEU B 313 -5.43 17.09 2.84
C LEU B 313 -4.59 16.60 1.65
N GLN B 314 -4.62 15.28 1.43
CA GLN B 314 -3.82 14.65 0.37
C GLN B 314 -4.68 14.22 -0.79
N ILE B 315 -4.30 14.66 -1.98
CA ILE B 315 -5.00 14.27 -3.21
C ILE B 315 -4.11 13.36 -4.04
N VAL B 316 -4.65 12.19 -4.46
CA VAL B 316 -3.94 11.21 -5.26
C VAL B 316 -4.74 10.75 -6.50
N PRO B 317 -4.40 11.30 -7.67
CA PRO B 317 -5.10 10.90 -8.89
C PRO B 317 -4.76 9.40 -9.08
N GLN B 318 -5.76 8.58 -9.44
CA GLN B 318 -5.54 7.15 -9.65
C GLN B 318 -4.97 6.94 -11.06
N LEU B 319 -3.65 6.87 -11.15
CA LEU B 319 -2.96 6.74 -12.44
C LEU B 319 -2.14 5.47 -12.53
N SER B 320 -1.57 5.04 -11.41
CA SER B 320 -0.73 3.85 -11.42
C SER B 320 -1.32 2.71 -10.63
N GLY B 321 -0.54 1.66 -10.40
CA GLY B 321 -1.05 0.55 -9.63
C GLY B 321 0.18 -0.04 -8.98
N VAL B 322 0.02 -1.01 -8.09
CA VAL B 322 1.23 -1.57 -7.48
C VAL B 322 1.39 -3.04 -7.78
N GLY B 323 2.64 -3.50 -7.80
CA GLY B 323 2.99 -4.88 -8.09
C GLY B 323 3.93 -5.45 -7.04
N GLY B 324 4.65 -6.50 -7.40
CA GLY B 324 5.54 -7.19 -6.46
C GLY B 324 6.51 -6.36 -5.64
N PHE B 325 7.29 -5.50 -6.28
CA PHE B 325 8.25 -4.70 -5.53
C PHE B 325 7.60 -3.86 -4.41
N GLU B 326 6.37 -3.40 -4.66
CA GLU B 326 5.66 -2.60 -3.66
C GLU B 326 5.05 -3.50 -2.61
N ILE B 327 4.38 -4.57 -3.02
CA ILE B 327 3.75 -5.45 -2.04
C ILE B 327 4.74 -5.96 -1.02
N GLY B 328 5.95 -5.40 -1.00
CA GLY B 328 6.89 -5.98 -0.05
C GLY B 328 7.98 -5.09 0.52
N THR B 329 8.15 -3.90 -0.03
CA THR B 329 9.16 -3.02 0.52
C THR B 329 8.49 -1.90 1.31
N GLY B 330 7.21 -1.64 1.05
CA GLY B 330 6.57 -0.49 1.72
C GLY B 330 7.21 0.79 1.16
N CYS B 331 7.97 0.65 0.08
CA CYS B 331 8.60 1.80 -0.60
C CYS B 331 8.00 1.88 -2.04
N TYR B 332 7.79 3.08 -2.60
CA TYR B 332 7.22 3.18 -3.96
C TYR B 332 8.29 3.62 -4.98
N ILE B 333 7.85 4.16 -6.12
CA ILE B 333 8.72 4.63 -7.20
C ILE B 333 7.90 5.68 -8.01
N ASN B 334 7.99 6.93 -7.54
CA ASN B 334 7.28 8.08 -8.10
C ASN B 334 8.00 8.37 -9.42
N PRO B 335 7.27 8.31 -10.54
CA PRO B 335 7.94 8.56 -11.84
C PRO B 335 7.98 9.99 -12.32
N VAL B 336 7.82 10.94 -11.40
CA VAL B 336 7.90 12.35 -11.74
C VAL B 336 8.24 13.06 -10.45
N PHE B 337 9.04 14.10 -10.56
CA PHE B 337 9.46 14.80 -9.39
C PHE B 337 8.44 15.88 -9.10
N PRO B 338 8.32 16.24 -7.83
CA PRO B 338 7.36 17.29 -7.48
C PRO B 338 7.77 18.58 -8.19
N GLU B 339 9.01 18.63 -8.66
CA GLU B 339 9.50 19.78 -9.41
C GLU B 339 8.67 19.94 -10.71
N ASP B 340 8.49 18.84 -11.45
CA ASP B 340 7.74 18.89 -12.72
C ASP B 340 6.23 19.04 -12.55
N VAL B 341 5.61 18.15 -11.78
CA VAL B 341 4.18 18.29 -11.57
C VAL B 341 3.84 19.75 -11.21
N ALA B 342 4.63 20.38 -10.33
CA ALA B 342 4.34 21.76 -9.95
C ALA B 342 4.34 22.69 -11.17
N LYS B 343 5.44 22.68 -11.91
CA LYS B 343 5.50 23.56 -13.08
C LYS B 343 4.25 23.32 -13.95
N VAL B 344 3.92 22.05 -14.20
CA VAL B 344 2.77 21.65 -15.02
C VAL B 344 1.43 22.17 -14.46
N MET B 345 1.20 21.92 -13.18
CA MET B 345 -0.05 22.34 -12.59
C MET B 345 -0.25 23.86 -12.52
N ARG B 346 0.85 24.61 -12.31
CA ARG B 346 0.76 26.07 -12.21
C ARG B 346 0.21 26.62 -13.53
N GLU B 347 0.71 26.08 -14.64
CA GLU B 347 0.28 26.55 -15.95
C GLU B 347 -1.20 26.37 -16.22
N VAL B 348 -1.73 25.19 -15.90
CA VAL B 348 -3.14 24.89 -16.19
C VAL B 348 -4.11 26.05 -15.99
N SER B 349 -4.95 26.30 -16.99
CA SER B 349 -5.92 27.38 -16.88
C SER B 349 -7.34 26.86 -17.04
N LEU B 350 -8.26 27.34 -16.21
CA LEU B 350 -9.65 26.93 -16.33
C LEU B 350 -10.40 27.91 -17.25
ZN ZN C . 8.78 -15.08 -24.87
ZN ZN D . 12.11 -18.45 13.74
P AMP E . 7.16 -7.64 -14.78
O1P AMP E . 7.51 -8.96 -14.13
O2P AMP E . 6.63 -6.78 -13.62
O5' AMP E . 8.44 -6.85 -15.44
C5' AMP E . 9.17 -7.28 -16.62
C4' AMP E . 10.42 -6.40 -16.82
O4' AMP E . 11.28 -6.65 -17.94
C3' AMP E . 10.20 -4.85 -16.77
O3' AMP E . 10.68 -4.35 -15.55
C2' AMP E . 10.97 -4.29 -17.98
O2' AMP E . 11.76 -3.11 -17.68
C1' AMP E . 11.85 -5.41 -18.42
N9 AMP E . 12.17 -5.58 -19.85
C8 AMP E . 11.34 -5.41 -20.93
N7 AMP E . 12.03 -5.69 -22.06
C5 AMP E . 13.29 -6.04 -21.70
C6 AMP E . 14.41 -6.43 -22.48
N6 AMP E . 14.32 -6.53 -23.79
N1 AMP E . 15.62 -6.76 -21.81
C2 AMP E . 15.73 -6.67 -20.41
N3 AMP E . 14.60 -6.27 -19.66
C4 AMP E . 13.41 -5.97 -20.32
C1 EDO F . -5.32 -14.98 4.63
O1 EDO F . -5.27 -15.68 3.40
C2 EDO F . -6.76 -14.86 5.10
O2 EDO F . -7.45 -13.91 4.29
C1 EDO G . 5.55 -8.26 5.02
O1 EDO G . 5.62 -6.92 4.49
C2 EDO G . 4.28 -8.92 4.46
O2 EDO G . 3.18 -8.02 4.60
C1 EDO H . -2.81 -6.92 -4.79
O1 EDO H . -3.26 -7.46 -6.03
C2 EDO H . -3.80 -7.33 -3.72
O2 EDO H . -5.05 -6.68 -3.94
ZN ZN I . -27.38 9.15 -7.95
ZN ZN J . 3.12 23.31 11.47
P AMP K . -18.41 5.15 -2.21
O1P AMP K . -17.01 5.51 -1.60
O2P AMP K . -18.25 4.40 -3.47
O5' AMP K . -19.41 4.29 -1.25
C5' AMP K . -19.87 4.73 -0.04
C4' AMP K . -20.48 3.66 0.87
O4' AMP K . -21.91 3.62 1.01
C3' AMP K . -20.03 2.22 0.68
O3' AMP K . -19.22 1.91 1.80
C2' AMP K . -21.33 1.40 0.63
O2' AMP K . -21.28 0.24 1.40
C1' AMP K . -22.36 2.32 1.16
N9 AMP K . -23.77 2.20 0.67
C8 AMP K . -24.25 1.76 -0.54
N7 AMP K . -25.63 1.85 -0.52
C5 AMP K . -25.99 2.32 0.70
C6 AMP K . -27.25 2.65 1.23
N6 AMP K . -28.38 2.42 0.54
N1 AMP K . -27.27 3.15 2.55
C2 AMP K . -26.11 3.38 3.28
N3 AMP K . -24.87 3.07 2.74
C4 AMP K . -24.83 2.60 1.45
C1 EDO L . 4.10 14.52 -7.04
O1 EDO L . 3.35 15.49 -7.75
C2 EDO L . 5.41 14.20 -7.81
O2 EDO L . 5.15 13.24 -8.81
C1 EDO M . 0.91 10.72 4.62
O1 EDO M . 0.84 9.38 5.14
C2 EDO M . 0.65 10.70 3.10
O2 EDO M . 1.62 9.89 2.45
C1 EDO N . -2.68 5.74 -6.80
O1 EDO N . -2.38 4.80 -7.83
C2 EDO N . -3.71 5.16 -5.88
O2 EDO N . -4.90 4.99 -6.61
N SER A 22 -18.50 -10.95 13.77
CA SER A 22 -18.26 -9.50 13.76
C SER A 22 -16.82 -9.21 13.36
N PRO A 23 -16.60 -7.98 12.91
CA PRO A 23 -15.25 -7.59 12.49
C PRO A 23 -14.32 -7.62 13.68
N GLU A 24 -13.02 -7.81 13.39
CA GLU A 24 -11.99 -7.87 14.42
C GLU A 24 -10.71 -7.21 13.89
N LEU A 25 -9.92 -6.53 14.75
CA LEU A 25 -8.66 -6.01 14.27
C LEU A 25 -7.62 -6.97 14.82
N ARG A 26 -6.82 -7.53 13.91
CA ARG A 26 -5.74 -8.45 14.32
C ARG A 26 -4.39 -7.89 13.97
N LYS A 27 -3.40 -8.25 14.79
CA LYS A 27 -2.07 -7.74 14.61
C LYS A 27 -1.06 -8.88 14.55
N ASP A 28 0.04 -8.64 13.84
CA ASP A 28 1.08 -9.64 13.73
C ASP A 28 2.46 -8.98 13.87
N PRO A 29 3.42 -9.71 14.46
CA PRO A 29 4.77 -9.18 14.65
C PRO A 29 5.46 -8.87 13.32
N VAL A 30 5.31 -9.78 12.35
CA VAL A 30 5.94 -9.60 11.06
C VAL A 30 5.49 -8.28 10.38
N THR A 31 4.19 -7.97 10.38
CA THR A 31 3.71 -6.70 9.77
C THR A 31 3.77 -5.57 10.80
N ASN A 32 3.65 -5.96 12.07
CA ASN A 32 3.68 -5.05 13.21
C ASN A 32 2.57 -3.98 13.12
N ARG A 33 1.45 -4.34 12.49
CA ARG A 33 0.31 -3.46 12.36
C ARG A 33 -1.00 -4.22 12.47
N TRP A 34 -2.07 -3.48 12.72
CA TRP A 34 -3.40 -4.06 12.82
C TRP A 34 -4.04 -4.16 11.44
N VAL A 35 -4.87 -5.18 11.24
CA VAL A 35 -5.66 -5.29 10.01
C VAL A 35 -7.11 -5.48 10.53
N ILE A 36 -8.06 -4.99 9.75
CA ILE A 36 -9.47 -5.16 10.06
C ILE A 36 -10.05 -6.31 9.20
N PHE A 37 -10.51 -7.41 9.81
CA PHE A 37 -11.19 -8.47 9.07
C PHE A 37 -12.66 -8.00 9.00
N SER A 38 -13.19 -7.93 7.77
CA SER A 38 -14.52 -7.41 7.55
C SER A 38 -15.15 -8.25 6.42
N PRO A 39 -15.61 -9.48 6.75
CA PRO A 39 -16.21 -10.39 5.76
C PRO A 39 -17.18 -9.81 4.74
N ARG A 44 -19.19 -15.17 1.03
CA ARG A 44 -18.63 -16.38 1.64
C ARG A 44 -17.24 -16.65 1.05
N PRO A 45 -16.27 -17.11 1.87
CA PRO A 45 -14.91 -17.40 1.40
C PRO A 45 -14.86 -18.08 0.04
N THR A 46 -15.60 -19.17 -0.07
CA THR A 46 -15.63 -19.93 -1.31
C THR A 46 -16.11 -19.10 -2.51
N ASP A 47 -16.87 -18.04 -2.24
CA ASP A 47 -17.37 -17.17 -3.32
C ASP A 47 -16.31 -16.21 -3.89
N PHE A 48 -15.13 -16.12 -3.26
CA PHE A 48 -14.09 -15.23 -3.79
C PHE A 48 -13.48 -15.80 -5.05
N LYS A 49 -13.33 -14.97 -6.08
CA LYS A 49 -12.75 -15.42 -7.34
C LYS A 49 -12.09 -14.26 -8.07
N SER A 50 -11.21 -14.60 -9.00
CA SER A 50 -10.56 -13.59 -9.84
C SER A 50 -11.61 -12.64 -10.45
N LYS A 51 -11.25 -11.36 -10.58
CA LYS A 51 -12.14 -10.36 -11.16
C LYS A 51 -11.50 -9.66 -12.39
N SER A 52 -10.34 -10.16 -12.82
CA SER A 52 -9.63 -9.61 -13.97
C SER A 52 -10.09 -10.26 -15.28
N PRO A 60 1.96 -11.55 -29.25
CA PRO A 60 2.57 -12.61 -30.05
C PRO A 60 3.00 -13.84 -29.25
N SER A 61 3.46 -14.86 -29.97
CA SER A 61 3.92 -16.11 -29.38
C SER A 61 5.40 -16.13 -29.06
N SER A 62 6.03 -14.96 -29.16
CA SER A 62 7.45 -14.79 -28.86
C SER A 62 7.66 -13.42 -28.24
N CYS A 63 8.88 -13.15 -27.76
CA CYS A 63 9.17 -11.87 -27.16
C CYS A 63 10.67 -11.74 -26.96
N PRO A 64 11.11 -10.56 -26.51
CA PRO A 64 12.54 -10.36 -26.27
C PRO A 64 13.12 -11.35 -25.28
N PHE A 65 12.28 -11.99 -24.48
CA PHE A 65 12.85 -12.95 -23.52
C PHE A 65 12.86 -14.38 -24.08
N CYS A 66 12.20 -14.61 -25.22
CA CYS A 66 12.21 -15.95 -25.80
C CYS A 66 13.56 -16.28 -26.39
N ILE A 67 14.03 -17.52 -26.14
CA ILE A 67 15.33 -17.94 -26.61
C ILE A 67 15.42 -17.72 -28.13
N GLY A 68 16.53 -17.10 -28.55
CA GLY A 68 16.78 -16.81 -29.95
C GLY A 68 16.77 -15.32 -30.21
N ARG A 69 16.21 -14.57 -29.26
CA ARG A 69 16.09 -13.12 -29.32
C ARG A 69 16.89 -12.47 -28.20
N GLU A 70 17.98 -13.12 -27.80
CA GLU A 70 18.82 -12.61 -26.73
C GLU A 70 19.42 -11.22 -26.95
N GLN A 71 19.90 -10.91 -28.16
CA GLN A 71 20.47 -9.60 -28.37
C GLN A 71 19.42 -8.48 -28.27
N GLU A 72 18.16 -8.85 -28.08
CA GLU A 72 17.11 -7.86 -27.94
C GLU A 72 16.82 -7.50 -26.48
N CYS A 73 17.78 -7.74 -25.59
CA CYS A 73 17.57 -7.44 -24.17
C CYS A 73 18.85 -7.00 -23.50
N ALA A 74 18.74 -6.31 -22.36
CA ALA A 74 19.97 -5.92 -21.66
C ALA A 74 20.75 -7.22 -21.52
N PRO A 75 22.07 -7.11 -21.39
CA PRO A 75 22.99 -8.24 -21.26
C PRO A 75 22.54 -9.33 -20.33
N GLU A 76 23.37 -10.35 -20.23
CA GLU A 76 23.07 -11.49 -19.38
C GLU A 76 24.09 -11.62 -18.24
N LEU A 77 23.61 -11.69 -17.00
CA LEU A 77 24.51 -11.83 -15.87
C LEU A 77 24.94 -13.30 -15.89
N PHE A 78 23.96 -14.20 -15.94
CA PHE A 78 24.29 -15.61 -16.06
C PHE A 78 23.05 -16.39 -16.47
N ARG A 79 23.22 -17.69 -16.65
CA ARG A 79 22.11 -18.54 -17.04
C ARG A 79 22.35 -19.91 -16.44
N VAL A 80 21.37 -20.78 -16.64
CA VAL A 80 21.41 -22.15 -16.17
C VAL A 80 20.80 -22.97 -17.28
N PRO A 81 21.53 -24.01 -17.77
CA PRO A 81 22.88 -24.37 -17.32
C PRO A 81 23.86 -23.28 -17.73
N ASP A 82 24.91 -23.11 -16.94
CA ASP A 82 25.93 -22.10 -17.20
C ASP A 82 26.51 -22.15 -18.63
N HIS A 83 26.54 -20.99 -19.28
CA HIS A 83 27.04 -20.86 -20.65
C HIS A 83 26.58 -21.93 -21.64
N ASP A 84 25.46 -22.59 -21.33
CA ASP A 84 24.91 -23.60 -22.20
C ASP A 84 23.88 -22.91 -23.08
N PRO A 85 24.06 -22.96 -24.42
CA PRO A 85 23.11 -22.33 -25.35
C PRO A 85 21.68 -22.84 -25.16
N ASN A 86 21.54 -24.02 -24.60
CA ASN A 86 20.25 -24.62 -24.33
C ASN A 86 19.88 -24.36 -22.86
N TRP A 87 19.71 -23.08 -22.54
CA TRP A 87 19.40 -22.68 -21.17
C TRP A 87 17.97 -22.90 -20.70
N LYS A 88 17.81 -23.04 -19.38
CA LYS A 88 16.50 -23.26 -18.77
C LYS A 88 16.03 -21.96 -18.09
N LEU A 89 16.97 -21.08 -17.74
CA LEU A 89 16.67 -19.78 -17.15
C LEU A 89 17.90 -18.89 -17.36
N ARG A 90 17.67 -17.56 -17.33
CA ARG A 90 18.73 -16.57 -17.47
C ARG A 90 18.47 -15.49 -16.42
N VAL A 91 19.53 -14.82 -16.00
CA VAL A 91 19.46 -13.71 -15.07
C VAL A 91 20.14 -12.57 -15.85
N ILE A 92 19.33 -11.59 -16.25
CA ILE A 92 19.80 -10.46 -17.01
C ILE A 92 19.49 -9.12 -16.35
N GLU A 93 20.18 -8.09 -16.81
CA GLU A 93 19.95 -6.77 -16.26
C GLU A 93 18.64 -6.26 -16.85
N ASN A 94 17.91 -5.43 -16.08
CA ASN A 94 16.65 -4.87 -16.57
C ASN A 94 17.01 -3.78 -17.59
N LEU A 95 16.48 -3.92 -18.81
CA LEU A 95 16.73 -2.92 -19.86
C LEU A 95 16.21 -1.52 -19.45
N TYR A 96 15.16 -1.47 -18.63
CA TYR A 96 14.61 -0.19 -18.16
C TYR A 96 14.64 -0.25 -16.63
N PRO A 97 15.84 -0.21 -16.06
CA PRO A 97 15.99 -0.27 -14.61
C PRO A 97 15.43 0.92 -13.87
N ALA A 98 14.89 0.66 -12.68
CA ALA A 98 14.35 1.74 -11.81
C ALA A 98 15.45 2.45 -10.94
N LEU A 99 16.62 1.80 -10.76
CA LEU A 99 17.75 2.34 -9.98
C LEU A 99 19.11 2.34 -10.74
N SER A 100 19.86 3.44 -10.58
CA SER A 100 21.13 3.64 -11.29
C SER A 100 22.39 2.91 -10.74
N ARG A 101 22.78 1.83 -11.42
CA ARG A 101 23.96 1.02 -11.06
C ARG A 101 25.21 1.88 -11.19
N ASN A 102 25.20 2.82 -12.13
CA ASN A 102 26.34 3.68 -12.30
C ASN A 102 26.55 4.70 -11.19
N LEU A 103 25.51 5.01 -10.42
CA LEU A 103 25.68 5.97 -9.34
C LEU A 103 26.35 5.19 -8.18
N GLU A 104 26.96 4.07 -8.53
CA GLU A 104 27.59 3.24 -7.50
C GLU A 104 28.61 3.95 -6.63
N THR A 105 29.21 5.04 -7.13
CA THR A 105 30.17 5.74 -6.29
C THR A 105 29.42 6.75 -5.44
N GLN A 106 28.62 7.61 -6.08
CA GLN A 106 27.88 8.64 -5.34
C GLN A 106 27.12 8.03 -4.16
N SER A 107 26.98 6.71 -4.18
CA SER A 107 26.37 5.89 -3.14
C SER A 107 24.88 5.67 -3.14
N ARG A 116 17.84 15.42 2.28
CA ARG A 116 16.47 15.00 1.97
C ARG A 116 16.43 14.01 0.79
N THR A 117 17.55 13.84 0.11
CA THR A 117 17.58 12.96 -1.03
C THR A 117 18.93 12.37 -1.31
N ILE A 118 18.96 11.05 -1.50
CA ILE A 118 20.21 10.38 -1.84
C ILE A 118 20.10 9.99 -3.32
N VAL A 119 21.23 9.89 -4.02
CA VAL A 119 21.19 9.55 -5.43
C VAL A 119 20.52 8.19 -5.59
N GLY A 120 19.88 7.99 -6.74
CA GLY A 120 19.15 6.76 -7.00
C GLY A 120 20.01 5.56 -7.37
N PHE A 121 21.03 5.32 -6.54
CA PHE A 121 21.88 4.16 -6.74
C PHE A 121 21.10 2.92 -6.36
N GLY A 122 21.23 1.90 -7.22
CA GLY A 122 20.61 0.62 -6.93
C GLY A 122 20.94 -0.28 -8.08
N PHE A 123 20.50 -1.54 -7.97
CA PHE A 123 20.64 -2.56 -9.01
C PHE A 123 19.23 -3.08 -9.28
N HIS A 124 18.88 -3.29 -10.55
CA HIS A 124 17.56 -3.81 -10.89
C HIS A 124 17.77 -4.97 -11.87
N ASP A 125 17.40 -6.19 -11.42
CA ASP A 125 17.56 -7.40 -12.21
C ASP A 125 16.26 -8.04 -12.70
N VAL A 126 16.43 -8.91 -13.69
CA VAL A 126 15.33 -9.63 -14.33
C VAL A 126 15.54 -11.14 -14.36
N VAL A 127 14.54 -11.89 -13.87
CA VAL A 127 14.66 -13.34 -13.95
C VAL A 127 13.66 -13.86 -15.00
N ILE A 128 14.20 -14.51 -16.02
CA ILE A 128 13.41 -15.09 -17.12
C ILE A 128 13.28 -16.59 -16.85
N GLU A 129 12.08 -16.99 -16.45
CA GLU A 129 11.77 -18.36 -16.08
C GLU A 129 11.79 -19.32 -17.28
N SER A 130 10.73 -19.32 -18.08
CA SER A 130 10.72 -20.27 -19.21
C SER A 130 11.22 -19.78 -20.57
N PRO A 131 11.76 -20.70 -21.40
CA PRO A 131 12.25 -20.30 -22.72
C PRO A 131 11.02 -20.16 -23.60
N VAL A 132 9.94 -20.77 -23.14
CA VAL A 132 8.63 -20.77 -23.81
C VAL A 132 7.85 -19.56 -23.24
N HIS A 133 7.39 -18.69 -24.13
CA HIS A 133 6.68 -17.50 -23.72
C HIS A 133 5.29 -17.75 -23.13
N SER A 134 4.71 -18.92 -23.39
CA SER A 134 3.34 -19.23 -22.94
C SER A 134 3.20 -20.02 -21.66
N ILE A 135 4.28 -20.65 -21.20
CA ILE A 135 4.21 -21.44 -19.97
C ILE A 135 4.13 -20.51 -18.75
N GLN A 136 3.56 -20.98 -17.65
CA GLN A 136 3.47 -20.20 -16.42
C GLN A 136 4.39 -20.91 -15.42
N LEU A 137 4.74 -20.22 -14.34
CA LEU A 137 5.62 -20.77 -13.31
C LEU A 137 4.98 -21.93 -12.56
N SER A 138 3.69 -21.84 -12.23
CA SER A 138 3.09 -22.97 -11.49
C SER A 138 3.22 -24.29 -12.23
N ASP A 139 3.45 -24.25 -13.55
CA ASP A 139 3.61 -25.47 -14.34
C ASP A 139 5.09 -25.94 -14.49
N ILE A 140 6.05 -25.10 -14.17
CA ILE A 140 7.46 -25.51 -14.24
C ILE A 140 7.68 -26.65 -13.24
N ASP A 141 8.49 -27.61 -13.65
CA ASP A 141 8.76 -28.78 -12.83
C ASP A 141 9.48 -28.44 -11.51
N PRO A 142 9.16 -29.14 -10.43
CA PRO A 142 9.77 -28.90 -9.13
C PRO A 142 11.26 -28.50 -9.16
N VAL A 143 12.14 -29.41 -9.59
CA VAL A 143 13.56 -29.09 -9.63
C VAL A 143 13.85 -27.79 -10.41
N GLY A 144 13.10 -27.56 -11.49
CA GLY A 144 13.32 -26.35 -12.27
C GLY A 144 13.06 -25.12 -11.42
N ILE A 145 11.96 -25.16 -10.69
CA ILE A 145 11.56 -24.07 -9.79
C ILE A 145 12.68 -23.95 -8.73
N GLY A 146 13.29 -25.09 -8.38
CA GLY A 146 14.40 -25.11 -7.44
C GLY A 146 15.60 -24.34 -7.99
N ASP A 147 16.00 -24.63 -9.23
CA ASP A 147 17.11 -23.92 -9.82
C ASP A 147 16.89 -22.38 -9.91
N ILE A 148 15.67 -21.93 -10.17
CA ILE A 148 15.40 -20.49 -10.20
C ILE A 148 15.69 -19.97 -8.79
N LEU A 149 15.00 -20.53 -7.80
CA LEU A 149 15.23 -20.07 -6.42
C LEU A 149 16.75 -20.04 -6.12
N ILE A 150 17.50 -21.03 -6.64
CA ILE A 150 18.95 -21.06 -6.38
C ILE A 150 19.65 -19.95 -7.15
N ALA A 151 19.07 -19.56 -8.28
CA ALA A 151 19.64 -18.47 -9.06
C ALA A 151 19.42 -17.12 -8.35
N TYR A 152 18.31 -16.96 -7.63
CA TYR A 152 18.05 -15.72 -6.91
C TYR A 152 19.20 -15.63 -5.87
N LYS A 153 19.56 -16.78 -5.31
CA LYS A 153 20.64 -16.84 -4.32
C LYS A 153 21.98 -16.46 -4.93
N LYS A 154 22.34 -17.12 -6.02
CA LYS A 154 23.61 -16.80 -6.67
C LYS A 154 23.69 -15.28 -6.98
N ARG A 155 22.57 -14.69 -7.39
CA ARG A 155 22.58 -13.26 -7.71
C ARG A 155 22.62 -12.34 -6.45
N ILE A 156 22.05 -12.83 -5.36
CA ILE A 156 22.06 -12.08 -4.10
C ILE A 156 23.50 -12.05 -3.56
N ASN A 157 24.21 -13.18 -3.65
CA ASN A 157 25.59 -13.22 -3.15
C ASN A 157 26.51 -12.29 -3.95
N GLN A 158 26.26 -12.18 -5.26
CA GLN A 158 27.05 -11.27 -6.07
C GLN A 158 26.82 -9.85 -5.57
N ILE A 159 25.54 -9.47 -5.45
CA ILE A 159 25.21 -8.12 -5.03
C ILE A 159 25.61 -7.85 -3.58
N ALA A 160 25.56 -8.89 -2.73
CA ALA A 160 25.89 -8.72 -1.33
C ALA A 160 27.37 -8.50 -1.07
N GLN A 161 28.21 -8.66 -2.10
CA GLN A 161 29.63 -8.42 -1.91
C GLN A 161 29.87 -6.93 -1.79
N HIS A 162 28.84 -6.15 -2.07
CA HIS A 162 28.96 -4.69 -1.98
C HIS A 162 28.32 -4.25 -0.70
N ASP A 163 29.12 -3.74 0.23
CA ASP A 163 28.48 -3.30 1.47
C ASP A 163 27.78 -1.99 1.20
N SER A 164 27.74 -1.66 -0.08
CA SER A 164 27.06 -0.50 -0.55
C SER A 164 25.53 -0.83 -0.52
N ILE A 165 25.18 -2.12 -0.44
CA ILE A 165 23.74 -2.54 -0.47
C ILE A 165 23.14 -3.17 0.81
N ASN A 166 22.01 -2.61 1.25
CA ASN A 166 21.30 -3.06 2.44
C ASN A 166 20.20 -4.10 2.20
N TYR A 167 19.38 -3.91 1.15
CA TYR A 167 18.33 -4.90 0.87
C TYR A 167 18.25 -5.11 -0.63
N ILE A 168 17.68 -6.24 -0.99
CA ILE A 168 17.49 -6.64 -2.38
C ILE A 168 16.18 -7.42 -2.47
N GLN A 169 15.20 -6.87 -3.21
CA GLN A 169 13.89 -7.53 -3.40
C GLN A 169 13.77 -8.42 -4.64
N VAL A 170 13.36 -9.67 -4.43
CA VAL A 170 13.13 -10.61 -5.54
C VAL A 170 11.61 -10.81 -5.46
N PHE A 171 10.90 -10.54 -6.55
CA PHE A 171 9.44 -10.69 -6.51
C PHE A 171 8.89 -11.30 -7.78
N LYS A 172 7.59 -11.60 -7.73
CA LYS A 172 6.92 -12.20 -8.86
C LYS A 172 5.55 -11.58 -9.16
N ASN A 173 5.52 -10.87 -10.27
CA ASN A 173 4.29 -10.27 -10.75
C ASN A 173 3.80 -11.09 -11.95
N GLN A 174 2.58 -11.63 -11.83
CA GLN A 174 1.96 -12.37 -12.93
C GLN A 174 0.61 -11.67 -13.14
N GLY A 175 0.30 -11.33 -14.40
CA GLY A 175 -0.94 -10.60 -14.66
C GLY A 175 -0.68 -9.12 -14.88
N ALA A 176 -1.11 -8.58 -16.02
CA ALA A 176 -0.84 -7.18 -16.29
C ALA A 176 -1.23 -6.28 -15.12
N SER A 177 -2.37 -6.58 -14.52
CA SER A 177 -2.88 -5.75 -13.44
C SER A 177 -2.24 -5.95 -12.06
N ALA A 178 -1.20 -6.79 -12.03
CA ALA A 178 -0.45 -7.05 -10.78
C ALA A 178 0.96 -6.47 -10.94
N GLY A 179 1.05 -5.46 -11.80
CA GLY A 179 2.32 -4.81 -12.05
C GLY A 179 3.17 -5.41 -13.15
N ALA A 180 2.64 -6.43 -13.83
CA ALA A 180 3.41 -7.06 -14.89
C ALA A 180 3.14 -6.32 -16.20
N SER A 181 4.22 -5.96 -16.88
CA SER A 181 4.11 -5.28 -18.18
C SER A 181 4.31 -6.31 -19.29
N MET A 182 5.10 -7.34 -19.00
CA MET A 182 5.38 -8.41 -19.97
C MET A 182 4.58 -9.68 -19.62
N SER A 183 3.98 -10.31 -20.64
CA SER A 183 3.20 -11.52 -20.40
C SER A 183 4.07 -12.74 -20.16
N HIS A 184 5.23 -12.81 -20.84
CA HIS A 184 6.17 -13.91 -20.69
C HIS A 184 6.43 -14.13 -19.19
N SER A 185 6.63 -15.38 -18.76
CA SER A 185 6.85 -15.64 -17.34
C SER A 185 8.22 -15.12 -16.94
N HIS A 186 8.26 -14.31 -15.88
CA HIS A 186 9.53 -13.77 -15.41
C HIS A 186 9.32 -13.09 -14.08
N SER A 187 10.41 -13.03 -13.31
CA SER A 187 10.42 -12.41 -11.98
C SER A 187 11.49 -11.32 -11.98
N GLN A 188 11.75 -10.71 -10.82
CA GLN A 188 12.70 -9.60 -10.79
C GLN A 188 13.42 -9.48 -9.47
N MET A 189 14.49 -8.66 -9.48
CA MET A 189 15.29 -8.38 -8.30
C MET A 189 15.64 -6.88 -8.21
N MET A 190 15.20 -6.25 -7.13
CA MET A 190 15.47 -4.83 -6.89
C MET A 190 16.33 -4.73 -5.65
N ALA A 191 17.58 -4.35 -5.87
CA ALA A 191 18.55 -4.18 -4.80
C ALA A 191 18.64 -2.69 -4.42
N LEU A 192 18.25 -2.42 -3.17
CA LEU A 192 18.20 -1.06 -2.64
C LEU A 192 19.43 -0.63 -1.84
N PRO A 193 19.73 0.69 -1.86
CA PRO A 193 20.87 1.27 -1.13
C PRO A 193 20.70 1.26 0.39
N VAL A 194 19.43 1.24 0.84
CA VAL A 194 19.04 1.21 2.25
C VAL A 194 17.89 0.21 2.44
N VAL A 195 17.49 -0.07 3.70
CA VAL A 195 16.42 -1.01 3.92
C VAL A 195 15.12 -0.20 4.01
N PRO A 196 14.08 -0.65 3.27
CA PRO A 196 12.73 -0.06 3.18
C PRO A 196 11.73 -0.34 4.30
N PRO A 197 10.73 0.54 4.46
CA PRO A 197 9.60 0.64 5.40
C PRO A 197 8.92 -0.68 5.68
N THR A 198 9.04 -1.62 4.74
CA THR A 198 8.47 -2.91 4.96
C THR A 198 9.30 -3.68 5.94
N VAL A 199 10.56 -3.93 5.58
CA VAL A 199 11.33 -4.76 6.50
C VAL A 199 11.46 -4.03 7.80
N SER A 200 11.72 -2.73 7.70
CA SER A 200 11.85 -1.87 8.87
C SER A 200 10.77 -2.08 9.94
N SER A 201 9.54 -2.33 9.52
CA SER A 201 8.49 -2.61 10.51
C SER A 201 8.74 -4.00 11.07
N ARG A 202 9.02 -4.95 10.17
CA ARG A 202 9.24 -6.33 10.58
C ARG A 202 10.33 -6.43 11.69
N LEU A 203 11.49 -5.80 11.47
CA LEU A 203 12.54 -5.84 12.50
C LEU A 203 11.99 -5.45 13.86
N ASP A 204 11.18 -4.39 13.87
CA ASP A 204 10.58 -3.90 15.13
C ASP A 204 9.57 -4.87 15.71
N GLY A 205 8.50 -5.11 14.97
CA GLY A 205 7.43 -5.98 15.45
C GLY A 205 7.95 -7.28 16.01
N THR A 206 8.92 -7.85 15.30
CA THR A 206 9.54 -9.09 15.75
C THR A 206 10.34 -8.82 17.00
N LYS A 207 11.23 -7.83 16.96
CA LYS A 207 12.02 -7.51 18.16
C LYS A 207 11.11 -7.43 19.41
N ASP A 208 10.01 -6.69 19.33
CA ASP A 208 9.09 -6.59 20.50
C ASP A 208 8.66 -7.97 21.00
N TYR A 209 8.29 -8.86 20.07
CA TYR A 209 7.86 -10.19 20.48
C TYR A 209 8.96 -10.99 21.15
N PHE A 210 10.17 -10.87 20.63
CA PHE A 210 11.31 -11.59 21.20
C PHE A 210 11.60 -11.15 22.63
N GLU A 211 11.43 -9.86 22.90
CA GLU A 211 11.68 -9.35 24.23
C GLU A 211 10.46 -9.60 25.09
N GLU A 212 9.34 -9.90 24.45
CA GLU A 212 8.13 -10.16 25.19
C GLU A 212 7.96 -11.62 25.58
N THR A 213 8.40 -12.56 24.75
CA THR A 213 8.19 -13.97 25.00
C THR A 213 9.42 -14.83 24.88
N GLY A 214 10.52 -14.22 24.46
CA GLY A 214 11.72 -15.00 24.28
C GLY A 214 11.56 -15.89 23.04
N LYS A 215 10.47 -15.73 22.28
CA LYS A 215 10.24 -16.55 21.08
C LYS A 215 10.25 -15.79 19.74
N CYS A 216 10.58 -16.52 18.67
CA CYS A 216 10.58 -16.01 17.29
C CYS A 216 9.27 -16.49 16.71
N CYS A 217 8.36 -15.59 16.41
CA CYS A 217 7.06 -16.00 15.89
C CYS A 217 7.08 -16.91 14.66
N LEU A 218 8.08 -16.80 13.78
CA LEU A 218 8.08 -17.64 12.58
C LEU A 218 8.47 -19.10 12.63
N CYS A 219 9.64 -19.46 13.15
CA CYS A 219 9.89 -20.90 13.14
C CYS A 219 9.20 -21.29 14.41
N GLU A 220 7.88 -21.31 14.26
CA GLU A 220 6.89 -21.66 15.24
C GLU A 220 5.55 -21.20 14.64
N ALA A 221 5.49 -21.30 13.34
CA ALA A 221 4.31 -20.87 12.60
C ALA A 221 3.18 -21.91 12.59
N LYS A 222 3.30 -23.00 13.34
CA LYS A 222 2.21 -23.96 13.26
C LYS A 222 1.11 -23.73 14.29
N SER A 223 1.42 -23.03 15.37
CA SER A 223 0.38 -22.71 16.36
C SER A 223 -0.06 -21.27 16.21
N LYS A 224 0.78 -20.46 15.58
CA LYS A 224 0.47 -19.04 15.41
C LYS A 224 -0.31 -18.73 14.13
N HIS A 225 -0.18 -19.60 13.13
CA HIS A 225 -0.92 -19.41 11.88
C HIS A 225 -1.78 -20.62 11.48
N PHE A 226 -2.42 -20.58 10.31
CA PHE A 226 -3.26 -21.69 9.90
C PHE A 226 -2.62 -22.46 8.74
N VAL A 227 -2.03 -23.59 9.10
CA VAL A 227 -1.29 -24.43 8.17
C VAL A 227 -2.12 -25.07 7.06
N ILE A 228 -1.73 -24.81 5.81
CA ILE A 228 -2.48 -25.36 4.70
C ILE A 228 -1.85 -26.67 4.28
N ASP A 229 -0.60 -26.58 3.84
CA ASP A 229 0.18 -27.75 3.45
C ASP A 229 1.53 -27.67 4.15
N GLU A 230 2.33 -28.71 4.04
CA GLU A 230 3.62 -28.71 4.74
C GLU A 230 4.63 -29.52 3.97
N SER A 231 5.82 -28.97 3.78
CA SER A 231 6.89 -29.65 3.08
C SER A 231 7.84 -30.23 4.13
N SER A 232 8.94 -30.84 3.68
CA SER A 232 9.86 -31.44 4.65
C SER A 232 10.60 -30.34 5.42
N HIS A 233 10.83 -29.21 4.74
CA HIS A 233 11.60 -28.11 5.32
C HIS A 233 10.82 -26.80 5.48
N PHE A 234 9.68 -26.71 4.80
CA PHE A 234 8.86 -25.52 4.81
C PHE A 234 7.41 -25.83 5.10
N VAL A 235 6.67 -24.84 5.55
CA VAL A 235 5.27 -25.04 5.81
C VAL A 235 4.56 -23.88 5.13
N SER A 236 3.34 -24.12 4.65
CA SER A 236 2.54 -23.02 4.07
C SER A 236 1.39 -22.74 5.04
N VAL A 237 1.09 -21.46 5.29
CA VAL A 237 0.01 -21.13 6.24
C VAL A 237 -0.90 -20.01 5.70
N ALA A 238 -2.15 -19.98 6.19
CA ALA A 238 -3.09 -18.88 5.88
C ALA A 238 -2.80 -17.97 7.09
N PRO A 239 -2.30 -16.76 6.82
CA PRO A 239 -1.96 -15.78 7.85
C PRO A 239 -3.02 -15.24 8.81
N PHE A 240 -2.77 -15.47 10.10
CA PHE A 240 -3.63 -15.06 11.22
C PHE A 240 -4.08 -13.59 11.10
N ALA A 241 -3.18 -12.70 10.65
CA ALA A 241 -3.59 -11.29 10.51
C ALA A 241 -3.10 -10.73 9.19
N ALA A 242 -3.22 -11.54 8.14
CA ALA A 242 -2.77 -11.17 6.81
C ALA A 242 -3.47 -9.93 6.31
N THR A 243 -2.64 -9.04 5.77
CA THR A 243 -3.06 -7.77 5.21
C THR A 243 -4.09 -7.95 4.11
N TYR A 244 -3.89 -8.99 3.30
CA TYR A 244 -4.71 -9.22 2.09
C TYR A 244 -5.46 -10.57 2.13
N PRO A 245 -6.68 -10.63 1.53
CA PRO A 245 -7.39 -11.94 1.58
C PRO A 245 -6.72 -13.05 0.74
N PHE A 246 -6.82 -14.28 1.24
CA PHE A 246 -6.23 -15.45 0.58
C PHE A 246 -4.72 -15.32 0.46
N GLU A 247 -4.15 -14.38 1.22
CA GLU A 247 -2.69 -14.25 1.29
C GLU A 247 -2.20 -15.57 1.90
N ILE A 248 -1.09 -16.08 1.36
CA ILE A 248 -0.47 -17.32 1.85
C ILE A 248 1.02 -17.04 2.09
N TRP A 249 1.56 -17.46 3.24
CA TRP A 249 2.99 -17.29 3.52
C TRP A 249 3.61 -18.70 3.53
N ILE A 250 4.87 -18.78 3.07
CA ILE A 250 5.63 -20.03 3.09
C ILE A 250 6.90 -19.66 3.89
N ILE A 251 6.99 -20.32 5.05
CA ILE A 251 7.98 -20.06 6.07
C ILE A 251 8.73 -21.32 6.44
N PRO A 252 10.06 -21.27 6.34
CA PRO A 252 10.90 -22.44 6.70
C PRO A 252 10.58 -22.81 8.14
N LYS A 253 10.55 -24.11 8.43
CA LYS A 253 10.24 -24.58 9.79
C LYS A 253 11.49 -24.37 10.66
N ASP A 254 12.64 -24.47 10.03
CA ASP A 254 13.90 -24.23 10.74
C ASP A 254 14.05 -22.71 10.87
N HIS A 255 14.77 -22.24 11.88
CA HIS A 255 14.97 -20.80 12.06
C HIS A 255 16.07 -20.42 11.05
N SER A 256 15.64 -19.79 9.94
CA SER A 256 16.55 -19.41 8.89
C SER A 256 16.34 -17.93 8.64
N SER A 257 17.38 -17.15 8.93
CA SER A 257 17.29 -15.71 8.78
C SER A 257 17.46 -15.26 7.34
N HIS A 258 18.22 -16.04 6.59
CA HIS A 258 18.55 -15.68 5.20
C HIS A 258 18.06 -16.55 4.06
N PHE A 259 17.34 -15.93 3.13
CA PHE A 259 16.89 -16.69 1.98
C PHE A 259 18.08 -17.18 1.13
N HIS A 260 19.14 -16.37 1.06
CA HIS A 260 20.27 -16.75 0.21
C HIS A 260 21.15 -17.89 0.68
N HIS A 261 20.77 -18.51 1.80
CA HIS A 261 21.48 -19.66 2.36
C HIS A 261 20.78 -20.97 1.93
N LEU A 262 19.82 -20.82 1.01
CA LEU A 262 19.04 -21.92 0.44
C LEU A 262 20.00 -22.94 -0.22
N ASP A 263 19.68 -24.23 -0.16
CA ASP A 263 20.53 -25.19 -0.85
C ASP A 263 19.67 -26.08 -1.74
N ASP A 264 20.33 -26.90 -2.56
CA ASP A 264 19.63 -27.76 -3.51
C ASP A 264 18.42 -28.45 -2.91
N VAL A 265 18.55 -28.95 -1.68
CA VAL A 265 17.41 -29.63 -1.07
C VAL A 265 16.38 -28.68 -0.51
N LYS A 266 16.80 -27.59 0.13
CA LYS A 266 15.82 -26.66 0.67
C LYS A 266 15.17 -25.83 -0.45
N ALA A 267 15.77 -25.83 -1.63
CA ALA A 267 15.18 -25.09 -2.76
C ALA A 267 14.09 -25.91 -3.47
N VAL A 268 14.40 -27.16 -3.83
CA VAL A 268 13.42 -28.01 -4.51
C VAL A 268 12.30 -28.36 -3.52
N ASP A 269 12.65 -28.37 -2.24
CA ASP A 269 11.64 -28.65 -1.23
C ASP A 269 10.71 -27.43 -1.18
N LEU A 270 11.31 -26.27 -1.40
CA LEU A 270 10.51 -25.03 -1.41
C LEU A 270 9.70 -24.93 -2.70
N GLY A 271 10.29 -25.43 -3.79
CA GLY A 271 9.58 -25.38 -5.07
C GLY A 271 8.33 -26.22 -5.04
N GLY A 272 8.50 -27.52 -4.77
CA GLY A 272 7.36 -28.40 -4.70
C GLY A 272 6.26 -27.65 -3.95
N LEU A 273 6.61 -27.05 -2.83
CA LEU A 273 5.62 -26.33 -2.03
C LEU A 273 5.16 -25.05 -2.77
N LEU A 274 6.06 -24.13 -3.10
CA LEU A 274 5.61 -22.93 -3.82
C LEU A 274 4.52 -23.33 -4.82
N LYS A 275 4.90 -24.15 -5.81
CA LYS A 275 3.99 -24.65 -6.86
C LYS A 275 2.62 -25.12 -6.33
N LEU A 276 2.62 -25.75 -5.15
CA LEU A 276 1.38 -26.24 -4.53
C LEU A 276 0.36 -25.13 -4.20
N MET A 277 0.79 -24.08 -3.50
CA MET A 277 -0.11 -22.98 -3.16
C MET A 277 -0.63 -22.29 -4.43
N LEU A 278 0.29 -22.00 -5.36
CA LEU A 278 -0.07 -21.33 -6.58
C LEU A 278 -1.03 -22.25 -7.34
N GLN A 279 -0.81 -23.56 -7.26
CA GLN A 279 -1.72 -24.44 -7.97
C GLN A 279 -3.11 -24.29 -7.37
N LYS A 280 -3.21 -24.48 -6.06
CA LYS A 280 -4.50 -24.34 -5.35
C LYS A 280 -5.03 -22.92 -5.53
N ILE A 281 -4.14 -21.93 -5.61
CA ILE A 281 -4.61 -20.58 -5.84
C ILE A 281 -5.28 -20.61 -7.24
N ALA A 282 -4.62 -21.25 -8.20
CA ALA A 282 -5.17 -21.31 -9.57
C ALA A 282 -6.53 -22.03 -9.58
N LYS A 283 -6.69 -23.01 -8.70
CA LYS A 283 -7.98 -23.66 -8.69
C LYS A 283 -9.05 -22.90 -7.89
N GLN A 284 -8.69 -22.35 -6.74
CA GLN A 284 -9.70 -21.70 -5.92
C GLN A 284 -10.31 -20.40 -6.41
N LEU A 285 -9.45 -19.52 -6.93
CA LEU A 285 -9.89 -18.19 -7.35
C LEU A 285 -9.84 -17.93 -8.86
N ASN A 286 -9.95 -19.00 -9.63
CA ASN A 286 -9.94 -18.93 -11.10
C ASN A 286 -8.75 -18.16 -11.71
N ASP A 287 -7.56 -18.71 -11.48
CA ASP A 287 -6.30 -18.19 -12.01
C ASP A 287 -6.16 -16.64 -12.02
N PRO A 288 -6.52 -15.97 -10.90
CA PRO A 288 -6.42 -14.51 -10.85
C PRO A 288 -4.99 -13.97 -10.96
N PRO A 289 -4.82 -12.65 -10.84
CA PRO A 289 -3.49 -12.01 -10.89
C PRO A 289 -3.03 -12.12 -9.40
N TYR A 290 -1.74 -11.99 -9.14
CA TYR A 290 -1.24 -12.05 -7.76
C TYR A 290 0.12 -11.43 -7.78
N ASN A 291 0.81 -11.56 -6.63
CA ASN A 291 2.17 -11.13 -6.45
C ASN A 291 2.74 -11.95 -5.32
N TYR A 292 3.94 -12.48 -5.56
CA TYR A 292 4.72 -13.15 -4.52
C TYR A 292 6.14 -12.58 -4.61
N MET A 293 6.78 -12.48 -3.44
CA MET A 293 8.11 -11.90 -3.25
C MET A 293 8.71 -12.64 -2.10
N ILE A 294 9.93 -12.26 -1.72
CA ILE A 294 10.55 -12.86 -0.53
C ILE A 294 10.75 -11.76 0.56
N HIS A 295 10.83 -12.18 1.82
CA HIS A 295 11.05 -11.28 2.98
C HIS A 295 12.24 -11.83 3.76
N THR A 296 13.44 -11.53 3.27
CA THR A 296 14.70 -12.02 3.78
C THR A 296 15.34 -11.08 4.82
N SER A 297 16.51 -11.47 5.30
CA SER A 297 17.20 -10.75 6.35
C SER A 297 18.10 -9.61 5.84
N PRO A 298 17.89 -8.34 6.28
CA PRO A 298 18.79 -7.28 5.79
C PRO A 298 20.25 -7.79 5.67
N LEU A 299 20.96 -7.37 4.61
CA LEU A 299 22.35 -7.81 4.38
C LEU A 299 23.31 -7.41 5.53
N LYS A 300 23.01 -6.33 6.26
CA LYS A 300 23.87 -5.95 7.37
C LYS A 300 23.22 -6.44 8.67
N VAL A 301 22.34 -7.46 8.57
CA VAL A 301 21.70 -7.97 9.76
C VAL A 301 22.81 -8.22 10.79
N THR A 302 22.58 -7.73 11.98
CA THR A 302 23.58 -7.86 13.02
C THR A 302 23.47 -9.18 13.72
N GLU A 303 24.26 -9.29 14.78
CA GLU A 303 24.17 -10.48 15.58
C GLU A 303 23.04 -10.25 16.61
N SER A 304 22.97 -9.05 17.16
CA SER A 304 21.98 -8.75 18.19
C SER A 304 20.48 -8.79 17.81
N GLN A 305 20.15 -8.82 16.50
CA GLN A 305 18.73 -8.93 16.09
C GLN A 305 18.50 -10.35 15.48
N LEU A 306 19.56 -11.14 15.38
CA LEU A 306 19.44 -12.46 14.73
C LEU A 306 18.49 -13.56 15.24
N PRO A 307 18.12 -13.58 16.53
CA PRO A 307 17.24 -14.61 17.13
C PRO A 307 15.75 -14.54 16.77
N TYR A 308 15.31 -13.34 16.41
CA TYR A 308 13.91 -13.13 16.02
C TYR A 308 13.75 -12.76 14.54
N THR A 309 14.83 -12.83 13.77
CA THR A 309 14.73 -12.50 12.32
C THR A 309 14.58 -13.83 11.60
N HIS A 310 13.49 -13.98 10.83
CA HIS A 310 13.18 -15.25 10.16
C HIS A 310 12.53 -14.96 8.81
N TRP A 311 13.07 -15.53 7.73
CA TRP A 311 12.53 -15.19 6.38
C TRP A 311 11.34 -16.04 5.95
N PHE A 312 10.65 -15.60 4.89
CA PHE A 312 9.55 -16.38 4.35
C PHE A 312 9.16 -15.87 2.98
N LEU A 313 8.25 -16.59 2.31
CA LEU A 313 7.79 -16.19 0.99
C LEU A 313 6.31 -15.86 1.08
N GLN A 314 5.95 -14.66 0.60
CA GLN A 314 4.57 -14.18 0.67
C GLN A 314 3.91 -14.23 -0.69
N ILE A 315 2.72 -14.83 -0.77
CA ILE A 315 1.98 -14.92 -2.04
C ILE A 315 0.70 -14.10 -1.86
N VAL A 316 0.45 -13.16 -2.77
CA VAL A 316 -0.73 -12.33 -2.67
C VAL A 316 -1.55 -12.37 -3.94
N PRO A 317 -2.68 -13.10 -3.93
CA PRO A 317 -3.55 -13.16 -5.13
C PRO A 317 -4.33 -11.85 -5.25
N GLN A 318 -4.47 -11.31 -6.46
CA GLN A 318 -5.22 -10.05 -6.66
C GLN A 318 -6.72 -10.29 -6.69
N LEU A 319 -7.40 -9.96 -5.59
CA LEU A 319 -8.83 -10.20 -5.50
C LEU A 319 -9.60 -8.96 -5.13
N SER A 320 -8.86 -7.93 -4.72
CA SER A 320 -9.46 -6.67 -4.27
C SER A 320 -8.48 -5.51 -4.40
N GLY A 321 -8.98 -4.28 -4.26
CA GLY A 321 -8.10 -3.12 -4.33
C GLY A 321 -8.09 -2.37 -3.02
N VAL A 322 -8.11 -1.02 -3.11
CA VAL A 322 -8.14 -0.14 -1.95
C VAL A 322 -8.88 1.19 -2.18
N GLY A 323 -8.98 1.99 -1.11
CA GLY A 323 -9.66 3.27 -1.18
C GLY A 323 -9.13 4.31 -0.21
N GLY A 324 -9.86 5.43 -0.04
CA GLY A 324 -9.42 6.50 0.85
C GLY A 324 -9.09 6.03 2.26
N PHE A 325 -9.82 5.04 2.76
CA PHE A 325 -9.48 4.59 4.10
C PHE A 325 -8.11 3.90 4.22
N GLU A 326 -7.89 2.89 3.39
CA GLU A 326 -6.62 2.14 3.47
C GLU A 326 -5.51 3.02 2.92
N ILE A 327 -5.84 3.85 1.93
CA ILE A 327 -4.80 4.67 1.31
C ILE A 327 -4.15 5.66 2.25
N GLY A 328 -4.98 6.29 3.10
CA GLY A 328 -4.48 7.32 4.00
C GLY A 328 -4.14 6.95 5.43
N THR A 329 -4.44 5.72 5.82
CA THR A 329 -4.21 5.25 7.19
C THR A 329 -3.15 4.17 7.29
N GLY A 330 -2.89 3.47 6.19
CA GLY A 330 -1.92 2.36 6.24
C GLY A 330 -2.46 1.12 6.91
N CYS A 331 -3.78 1.07 7.15
CA CYS A 331 -4.40 -0.10 7.74
C CYS A 331 -5.35 -0.70 6.69
N TYR A 332 -5.21 -2.00 6.43
CA TYR A 332 -6.08 -2.65 5.45
C TYR A 332 -7.33 -3.29 6.11
N ILE A 333 -8.32 -3.55 5.25
CA ILE A 333 -9.55 -4.23 5.63
C ILE A 333 -9.53 -5.53 4.83
N ASN A 334 -9.65 -6.65 5.55
CA ASN A 334 -9.60 -7.93 4.90
C ASN A 334 -10.95 -8.62 5.08
N PRO A 335 -11.65 -8.91 3.96
CA PRO A 335 -12.96 -9.56 4.00
C PRO A 335 -13.02 -11.02 4.30
N VAL A 336 -11.86 -11.68 4.47
CA VAL A 336 -11.92 -13.11 4.76
C VAL A 336 -10.91 -13.52 5.85
N PHE A 337 -11.36 -14.25 6.85
CA PHE A 337 -10.43 -14.66 7.91
C PHE A 337 -9.52 -15.77 7.44
N PRO A 338 -8.31 -15.86 8.03
CA PRO A 338 -7.35 -16.90 7.63
C PRO A 338 -7.86 -18.31 7.97
N GLU A 339 -8.56 -18.44 9.10
CA GLU A 339 -9.12 -19.72 9.47
C GLU A 339 -10.00 -20.19 8.31
N ASP A 340 -10.81 -19.28 7.76
CA ASP A 340 -11.67 -19.68 6.66
C ASP A 340 -10.85 -19.92 5.42
N VAL A 341 -9.82 -19.09 5.23
CA VAL A 341 -8.96 -19.23 4.07
C VAL A 341 -8.38 -20.62 4.12
N ALA A 342 -7.89 -21.00 5.30
CA ALA A 342 -7.26 -22.33 5.42
C ALA A 342 -8.33 -23.39 5.24
N LYS A 343 -9.51 -23.12 5.79
CA LYS A 343 -10.65 -24.04 5.66
C LYS A 343 -10.84 -24.53 4.22
N VAL A 344 -10.86 -23.60 3.27
CA VAL A 344 -11.07 -24.00 1.89
C VAL A 344 -9.80 -24.39 1.17
N MET A 345 -8.66 -23.82 1.56
CA MET A 345 -7.42 -24.14 0.83
C MET A 345 -6.89 -25.53 1.19
N ARG A 346 -7.28 -26.02 2.34
CA ARG A 346 -6.88 -27.35 2.74
C ARG A 346 -7.74 -28.40 2.03
N GLU A 347 -8.87 -27.97 1.46
CA GLU A 347 -9.74 -28.92 0.75
C GLU A 347 -9.59 -28.91 -0.78
N VAL A 348 -8.77 -28.01 -1.31
CA VAL A 348 -8.58 -27.96 -2.76
C VAL A 348 -7.86 -29.21 -3.31
N SER A 349 -8.51 -29.89 -4.27
CA SER A 349 -7.89 -31.06 -4.90
C SER A 349 -7.45 -30.64 -6.29
N LEU A 350 -6.35 -31.23 -6.77
CA LEU A 350 -5.85 -30.92 -8.10
C LEU A 350 -6.03 -32.12 -9.05
N THR A 351 -6.83 -33.09 -8.62
CA THR A 351 -7.16 -34.29 -9.41
C THR A 351 -8.53 -34.11 -10.11
N GLN B 21 15.83 12.10 -16.89
CA GLN B 21 16.38 12.50 -15.55
C GLN B 21 16.81 11.24 -14.76
N SER B 22 17.87 11.36 -13.96
CA SER B 22 18.40 10.24 -13.16
C SER B 22 17.57 9.90 -11.90
N PRO B 23 17.47 8.61 -11.58
CA PRO B 23 16.68 8.25 -10.38
C PRO B 23 17.25 8.84 -9.10
N GLU B 24 16.42 8.91 -8.06
CA GLU B 24 16.81 9.52 -6.80
C GLU B 24 15.80 9.19 -5.72
N LEU B 25 16.26 8.77 -4.54
CA LEU B 25 15.33 8.49 -3.44
C LEU B 25 15.07 9.86 -2.82
N ARG B 26 14.01 9.93 -2.01
CA ARG B 26 13.64 11.19 -1.36
C ARG B 26 12.83 10.92 -0.10
N LYS B 27 12.95 11.81 0.88
CA LYS B 27 12.26 11.62 2.17
C LYS B 27 11.43 12.85 2.58
N ASP B 28 10.56 12.66 3.57
CA ASP B 28 9.66 13.71 4.10
C ASP B 28 9.29 13.27 5.51
N PRO B 29 9.18 14.22 6.46
CA PRO B 29 8.84 13.81 7.83
C PRO B 29 7.49 13.09 7.91
N VAL B 30 6.60 13.43 6.99
CA VAL B 30 5.25 12.88 6.96
C VAL B 30 5.23 11.37 6.87
N THR B 31 5.25 10.84 5.66
CA THR B 31 5.27 9.40 5.46
C THR B 31 6.47 8.84 6.22
N ASN B 32 7.47 9.69 6.49
CA ASN B 32 8.67 9.21 7.19
C ASN B 32 9.27 7.97 6.46
N ARG B 33 9.26 8.00 5.13
CA ARG B 33 9.85 6.91 4.34
C ARG B 33 10.37 7.38 2.99
N TRP B 34 11.57 6.94 2.63
CA TRP B 34 12.09 7.29 1.32
C TRP B 34 11.12 6.88 0.21
N VAL B 35 11.21 7.56 -0.92
CA VAL B 35 10.48 7.17 -2.13
C VAL B 35 11.54 7.20 -3.27
N ILE B 36 11.40 6.32 -4.27
CA ILE B 36 12.33 6.29 -5.40
C ILE B 36 11.65 7.06 -6.51
N PHE B 37 12.40 7.91 -7.23
CA PHE B 37 11.86 8.62 -8.39
C PHE B 37 12.65 8.07 -9.58
N SER B 38 11.95 7.54 -10.56
CA SER B 38 12.57 6.93 -11.73
C SER B 38 11.62 7.12 -12.90
N PRO B 39 11.99 7.97 -13.89
CA PRO B 39 11.12 8.19 -15.03
C PRO B 39 11.26 6.99 -15.98
N THR B 46 0.80 17.03 -17.98
CA THR B 46 0.84 16.98 -19.44
C THR B 46 1.12 15.55 -19.90
N ASP B 47 2.34 15.11 -19.67
CA ASP B 47 2.76 13.77 -20.05
C ASP B 47 1.83 12.69 -19.49
N PHE B 48 1.49 12.80 -18.20
CA PHE B 48 0.62 11.82 -17.55
C PHE B 48 -0.86 12.12 -17.65
N LYS B 49 -1.66 11.07 -17.85
CA LYS B 49 -3.11 11.19 -17.96
C LYS B 49 -3.84 9.95 -17.48
N SER B 50 -5.13 10.08 -17.22
CA SER B 50 -5.95 8.96 -16.76
C SER B 50 -5.73 7.73 -17.63
N SER B 62 -30.44 7.64 -12.04
CA SER B 62 -31.10 7.54 -10.75
C SER B 62 -30.37 6.51 -9.87
N CYS B 63 -30.38 6.69 -8.56
CA CYS B 63 -29.73 5.76 -7.64
C CYS B 63 -30.30 6.03 -6.26
N PRO B 64 -29.96 5.18 -5.29
CA PRO B 64 -30.42 5.28 -3.90
C PRO B 64 -30.10 6.57 -3.15
N PHE B 65 -28.98 7.22 -3.49
CA PHE B 65 -28.57 8.46 -2.83
C PHE B 65 -29.23 9.69 -3.45
N CYS B 66 -29.78 9.50 -4.64
CA CYS B 66 -30.45 10.60 -5.34
C CYS B 66 -31.63 11.15 -4.58
N ILE B 67 -31.79 12.47 -4.61
CA ILE B 67 -32.89 13.09 -3.89
C ILE B 67 -34.24 12.45 -4.28
N GLY B 68 -34.97 11.98 -3.25
CA GLY B 68 -36.26 11.35 -3.50
C GLY B 68 -36.31 9.89 -3.12
N ARG B 69 -35.17 9.22 -3.07
CA ARG B 69 -35.09 7.80 -2.70
C ARG B 69 -34.58 7.62 -1.27
N GLU B 70 -34.92 8.57 -0.40
CA GLU B 70 -34.50 8.59 1.00
C GLU B 70 -34.51 7.28 1.81
N GLN B 71 -35.68 6.65 1.93
CA GLN B 71 -35.76 5.42 2.73
C GLN B 71 -34.97 4.25 2.12
N GLU B 72 -34.37 4.48 0.96
CA GLU B 72 -33.56 3.45 0.31
C GLU B 72 -32.15 3.39 0.94
N CYS B 73 -31.80 4.37 1.78
CA CYS B 73 -30.47 4.37 2.36
C CYS B 73 -30.42 4.04 3.85
N ALA B 74 -29.23 3.76 4.37
CA ALA B 74 -29.10 3.48 5.81
C ALA B 74 -29.52 4.78 6.53
N PRO B 75 -29.83 4.71 7.85
CA PRO B 75 -30.27 5.85 8.65
C PRO B 75 -29.51 7.17 8.49
N GLU B 76 -30.25 8.26 8.54
CA GLU B 76 -29.67 9.57 8.37
C GLU B 76 -29.13 10.16 9.65
N LEU B 77 -27.88 10.64 9.60
CA LEU B 77 -27.22 11.22 10.74
C LEU B 77 -27.59 12.71 10.86
N PHE B 78 -27.61 13.40 9.73
CA PHE B 78 -28.03 14.80 9.66
C PHE B 78 -27.91 15.28 8.21
N ARG B 79 -28.54 16.39 7.87
CA ARG B 79 -28.42 16.87 6.50
C ARG B 79 -28.16 18.38 6.46
N VAL B 80 -27.94 18.89 5.26
CA VAL B 80 -27.74 20.31 5.08
C VAL B 80 -28.51 20.82 3.89
N PRO B 81 -29.30 21.90 4.07
CA PRO B 81 -29.49 22.62 5.34
C PRO B 81 -30.27 21.72 6.29
N ASP B 82 -30.05 21.88 7.59
CA ASP B 82 -30.73 21.07 8.60
C ASP B 82 -32.18 20.77 8.24
N HIS B 83 -32.57 19.51 8.39
CA HIS B 83 -33.92 19.03 8.11
C HIS B 83 -34.68 19.55 6.89
N ASP B 84 -34.04 20.42 6.11
CA ASP B 84 -34.69 20.96 4.92
C ASP B 84 -34.91 19.79 3.94
N PRO B 85 -36.12 19.68 3.38
CA PRO B 85 -36.42 18.60 2.43
C PRO B 85 -35.61 18.68 1.15
N ASN B 86 -35.34 19.90 0.70
CA ASN B 86 -34.52 20.10 -0.50
C ASN B 86 -33.09 20.17 0.05
N TRP B 87 -32.50 19.01 0.30
CA TRP B 87 -31.14 18.96 0.85
C TRP B 87 -30.03 19.08 -0.18
N LYS B 88 -28.90 19.62 0.24
CA LYS B 88 -27.74 19.82 -0.62
C LYS B 88 -26.74 18.67 -0.48
N LEU B 89 -26.66 18.13 0.73
CA LEU B 89 -25.79 16.99 0.98
C LEU B 89 -26.35 16.31 2.25
N ARG B 90 -26.07 15.02 2.41
CA ARG B 90 -26.52 14.31 3.59
C ARG B 90 -25.40 13.43 4.16
N VAL B 91 -25.43 13.23 5.47
CA VAL B 91 -24.44 12.35 6.10
C VAL B 91 -25.28 11.19 6.58
N ILE B 92 -24.91 9.97 6.19
CA ILE B 92 -25.68 8.80 6.61
C ILE B 92 -24.79 7.62 6.98
N GLU B 93 -25.35 6.69 7.75
CA GLU B 93 -24.60 5.50 8.14
C GLU B 93 -24.37 4.67 6.88
N ASN B 94 -23.25 3.97 6.81
CA ASN B 94 -22.95 3.09 5.66
C ASN B 94 -23.88 1.89 5.81
N LEU B 95 -24.52 1.48 4.72
CA LEU B 95 -25.42 0.33 4.76
C LEU B 95 -24.62 -0.98 4.93
N TYR B 96 -23.41 -1.01 4.38
CA TYR B 96 -22.55 -2.21 4.48
C TYR B 96 -21.27 -1.70 5.11
N PRO B 97 -21.22 -1.68 6.45
CA PRO B 97 -20.06 -1.18 7.20
C PRO B 97 -18.95 -2.15 7.49
N ALA B 98 -17.72 -1.63 7.45
CA ALA B 98 -16.54 -2.44 7.70
C ALA B 98 -16.20 -2.56 9.21
N LEU B 99 -16.86 -1.76 10.05
CA LEU B 99 -16.64 -1.82 11.51
C LEU B 99 -17.97 -1.95 12.33
N SER B 100 -17.87 -2.39 13.59
CA SER B 100 -19.06 -2.62 14.42
C SER B 100 -19.52 -1.43 15.27
N ARG B 101 -20.66 -0.85 14.93
CA ARG B 101 -21.17 0.28 15.71
C ARG B 101 -21.97 -0.24 16.91
N ASN B 102 -21.83 -1.52 17.20
CA ASN B 102 -22.52 -2.13 18.34
C ASN B 102 -21.57 -2.95 19.22
N LEU B 103 -20.28 -2.60 19.24
CA LEU B 103 -19.29 -3.32 20.05
C LEU B 103 -18.52 -2.37 20.96
N GLU B 104 -19.09 -1.20 21.23
CA GLU B 104 -18.40 -0.22 22.04
C GLU B 104 -18.12 -0.60 23.49
N THR B 105 -18.89 -1.56 24.02
CA THR B 105 -18.69 -1.97 25.39
C THR B 105 -17.52 -2.95 25.45
N GLN B 106 -17.53 -3.93 24.55
CA GLN B 106 -16.44 -4.91 24.49
C GLN B 106 -15.21 -4.23 23.89
N SER B 107 -15.44 -3.06 23.27
CA SER B 107 -14.39 -2.22 22.69
C SER B 107 -14.27 -2.07 21.19
N ARG B 116 -3.50 -10.26 20.60
CA ARG B 116 -3.28 -9.44 19.41
C ARG B 116 -4.51 -9.40 18.48
N THR B 117 -5.70 -9.48 19.09
CA THR B 117 -6.96 -9.44 18.37
C THR B 117 -7.97 -8.69 19.25
N ILE B 118 -8.65 -7.70 18.69
CA ILE B 118 -9.67 -6.94 19.45
C ILE B 118 -10.95 -6.86 18.62
N VAL B 119 -12.11 -6.64 19.26
CA VAL B 119 -13.36 -6.61 18.49
C VAL B 119 -13.40 -5.45 17.52
N GLY B 120 -14.14 -5.63 16.42
CA GLY B 120 -14.17 -4.61 15.39
C GLY B 120 -15.20 -3.51 15.53
N PHE B 121 -15.11 -2.78 16.63
CA PHE B 121 -16.00 -1.67 16.90
C PHE B 121 -15.62 -0.48 16.06
N GLY B 122 -16.60 0.27 15.59
CA GLY B 122 -16.27 1.45 14.82
C GLY B 122 -17.45 2.07 14.12
N PHE B 123 -17.20 3.21 13.49
CA PHE B 123 -18.19 3.96 12.72
C PHE B 123 -17.75 4.06 11.24
N HIS B 124 -18.70 3.85 10.31
CA HIS B 124 -18.43 3.91 8.87
C HIS B 124 -19.66 4.58 8.25
N ASP B 125 -19.50 5.84 7.85
CA ASP B 125 -20.59 6.65 7.28
C ASP B 125 -20.29 7.09 5.87
N VAL B 126 -21.27 7.76 5.27
CA VAL B 126 -21.15 8.24 3.89
C VAL B 126 -21.63 9.67 3.76
N VAL B 127 -20.92 10.49 2.98
CA VAL B 127 -21.34 11.86 2.76
C VAL B 127 -21.87 12.05 1.35
N ILE B 128 -23.17 12.28 1.23
CA ILE B 128 -23.74 12.49 -0.07
C ILE B 128 -23.48 13.95 -0.36
N GLU B 129 -22.68 14.20 -1.37
CA GLU B 129 -22.26 15.56 -1.70
C GLU B 129 -23.21 16.48 -2.44
N SER B 130 -24.20 15.90 -3.14
CA SER B 130 -25.15 16.69 -3.92
C SER B 130 -26.44 15.91 -4.16
N PRO B 131 -27.53 16.60 -4.54
CA PRO B 131 -28.78 15.88 -4.79
C PRO B 131 -28.86 15.36 -6.22
N VAL B 132 -28.09 16.00 -7.09
CA VAL B 132 -28.01 15.67 -8.52
C VAL B 132 -27.06 14.52 -8.71
N HIS B 133 -27.52 13.46 -9.36
CA HIS B 133 -26.67 12.30 -9.55
C HIS B 133 -25.46 12.52 -10.43
N SER B 134 -25.65 13.22 -11.54
CA SER B 134 -24.55 13.43 -12.47
C SER B 134 -23.48 14.45 -12.08
N ILE B 135 -23.68 15.17 -10.98
CA ILE B 135 -22.70 16.18 -10.58
C ILE B 135 -21.51 15.64 -9.77
N GLN B 136 -20.29 15.97 -10.19
CA GLN B 136 -19.05 15.57 -9.47
C GLN B 136 -18.69 16.63 -8.43
N LEU B 137 -18.11 16.20 -7.30
CA LEU B 137 -17.75 17.12 -6.23
C LEU B 137 -17.12 18.40 -6.76
N SER B 138 -16.14 18.25 -7.64
CA SER B 138 -15.43 19.43 -8.12
C SER B 138 -16.33 20.42 -8.86
N ASP B 139 -17.58 20.04 -9.12
CA ASP B 139 -18.53 20.92 -9.81
C ASP B 139 -19.30 21.80 -8.86
N ILE B 140 -19.28 21.47 -7.57
CA ILE B 140 -20.01 22.28 -6.58
C ILE B 140 -19.32 23.61 -6.30
N ASP B 141 -20.09 24.67 -6.05
CA ASP B 141 -19.44 25.96 -5.82
C ASP B 141 -18.63 25.92 -4.52
N PRO B 142 -17.61 26.78 -4.43
CA PRO B 142 -16.76 26.80 -3.22
C PRO B 142 -17.56 26.81 -1.91
N VAL B 143 -18.74 27.44 -1.93
CA VAL B 143 -19.54 27.46 -0.73
C VAL B 143 -20.11 26.10 -0.38
N GLY B 144 -20.63 25.39 -1.39
CA GLY B 144 -21.21 24.08 -1.14
C GLY B 144 -20.15 23.11 -0.66
N ILE B 145 -18.94 23.25 -1.18
CA ILE B 145 -17.86 22.36 -0.78
C ILE B 145 -17.49 22.68 0.67
N GLY B 146 -17.39 23.96 1.00
CA GLY B 146 -17.09 24.35 2.38
C GLY B 146 -18.15 23.77 3.33
N ASP B 147 -19.41 23.71 2.89
CA ASP B 147 -20.48 23.13 3.73
C ASP B 147 -20.19 21.66 3.95
N ILE B 148 -19.64 21.02 2.92
CA ILE B 148 -19.32 19.60 2.99
C ILE B 148 -18.22 19.46 4.05
N LEU B 149 -17.26 20.37 3.99
CA LEU B 149 -16.15 20.31 4.95
C LEU B 149 -16.64 20.60 6.37
N ILE B 150 -17.64 21.47 6.50
CA ILE B 150 -18.23 21.79 7.79
C ILE B 150 -19.00 20.58 8.33
N ALA B 151 -19.66 19.84 7.45
CA ALA B 151 -20.34 18.66 7.92
C ALA B 151 -19.31 17.61 8.39
N TYR B 152 -18.16 17.48 7.71
CA TYR B 152 -17.15 16.51 8.19
C TYR B 152 -16.87 16.90 9.62
N LYS B 153 -16.58 18.18 9.82
CA LYS B 153 -16.31 18.74 11.14
C LYS B 153 -17.39 18.35 12.14
N LYS B 154 -18.65 18.60 11.81
CA LYS B 154 -19.76 18.24 12.70
C LYS B 154 -19.71 16.78 13.13
N ARG B 155 -19.64 15.88 12.17
CA ARG B 155 -19.62 14.43 12.46
C ARG B 155 -18.40 14.05 13.31
N ILE B 156 -17.26 14.64 12.98
CA ILE B 156 -16.08 14.38 13.78
C ILE B 156 -16.32 14.73 15.24
N ASN B 157 -16.90 15.90 15.49
CA ASN B 157 -17.16 16.32 16.86
C ASN B 157 -18.16 15.43 17.59
N GLN B 158 -19.05 14.79 16.82
CA GLN B 158 -20.00 13.83 17.42
C GLN B 158 -19.26 12.55 17.81
N ILE B 159 -18.54 11.97 16.86
CA ILE B 159 -17.84 10.73 17.11
C ILE B 159 -16.82 10.85 18.23
N ALA B 160 -16.16 12.01 18.27
CA ALA B 160 -15.14 12.31 19.26
C ALA B 160 -15.59 12.28 20.72
N GLN B 161 -16.90 12.14 20.97
CA GLN B 161 -17.39 12.07 22.35
C GLN B 161 -17.06 10.73 23.01
N HIS B 162 -16.75 9.72 22.20
CA HIS B 162 -16.45 8.39 22.72
C HIS B 162 -14.95 8.22 22.88
N ASP B 163 -14.49 8.11 24.13
CA ASP B 163 -13.08 7.98 24.41
C ASP B 163 -12.64 6.62 23.86
N SER B 164 -13.59 5.87 23.31
CA SER B 164 -13.31 4.56 22.76
C SER B 164 -12.55 4.66 21.45
N ILE B 165 -12.79 5.75 20.72
CA ILE B 165 -12.12 5.95 19.44
C ILE B 165 -10.66 6.38 19.74
N ASN B 166 -9.84 6.52 18.70
CA ASN B 166 -8.46 6.95 18.89
C ASN B 166 -7.99 7.76 17.68
N TYR B 167 -8.58 7.46 16.54
CA TYR B 167 -8.24 8.17 15.30
C TYR B 167 -9.45 8.08 14.38
N ILE B 168 -9.75 9.19 13.69
CA ILE B 168 -10.87 9.26 12.76
C ILE B 168 -10.31 9.62 11.38
N GLN B 169 -10.60 8.80 10.37
CA GLN B 169 -10.13 9.08 9.02
C GLN B 169 -11.27 9.55 8.12
N VAL B 170 -11.15 10.74 7.57
CA VAL B 170 -12.16 11.22 6.65
C VAL B 170 -11.59 10.92 5.27
N PHE B 171 -12.39 10.30 4.42
CA PHE B 171 -11.92 9.94 3.08
C PHE B 171 -13.02 9.93 2.02
N LYS B 172 -12.61 10.12 0.77
CA LYS B 172 -13.53 10.10 -0.39
C LYS B 172 -12.90 9.28 -1.52
N ASN B 173 -13.78 8.63 -2.30
CA ASN B 173 -13.38 7.84 -3.47
C ASN B 173 -14.19 8.36 -4.66
N GLN B 174 -13.60 8.38 -5.86
CA GLN B 174 -14.30 8.77 -7.10
C GLN B 174 -13.79 7.91 -8.27
N GLY B 175 -14.67 7.14 -8.91
CA GLY B 175 -14.25 6.27 -10.01
C GLY B 175 -14.07 4.84 -9.55
N ALA B 176 -14.54 3.87 -10.34
CA ALA B 176 -14.47 2.47 -9.93
C ALA B 176 -13.08 2.01 -9.51
N SER B 177 -12.07 2.37 -10.29
CA SER B 177 -10.71 1.92 -10.02
C SER B 177 -10.06 2.61 -8.83
N ALA B 178 -10.77 3.58 -8.26
CA ALA B 178 -10.31 4.30 -7.07
C ALA B 178 -11.14 3.77 -5.89
N GLY B 179 -11.85 2.67 -6.12
CA GLY B 179 -12.61 2.07 -5.03
C GLY B 179 -14.05 2.44 -4.75
N ALA B 180 -14.62 3.38 -5.51
CA ALA B 180 -16.01 3.76 -5.34
C ALA B 180 -16.92 2.59 -5.77
N SER B 181 -18.12 2.55 -5.23
CA SER B 181 -19.11 1.55 -5.58
C SER B 181 -20.38 2.27 -6.04
N MET B 182 -20.61 3.46 -5.49
CA MET B 182 -21.80 4.26 -5.85
C MET B 182 -21.34 5.45 -6.68
N SER B 183 -22.04 5.73 -7.78
CA SER B 183 -21.60 6.83 -8.63
C SER B 183 -22.02 8.22 -8.19
N HIS B 184 -23.06 8.30 -7.38
CA HIS B 184 -23.52 9.57 -6.86
C HIS B 184 -22.33 10.10 -6.04
N SER B 185 -22.14 11.42 -6.04
CA SER B 185 -21.04 12.03 -5.31
C SER B 185 -21.11 11.74 -3.82
N HIS B 186 -20.07 11.11 -3.29
CA HIS B 186 -20.11 10.80 -1.87
C HIS B 186 -18.77 10.65 -1.20
N SER B 187 -18.75 10.87 0.11
CA SER B 187 -17.50 10.68 0.86
C SER B 187 -17.78 9.76 2.01
N GLN B 188 -16.77 9.49 2.82
CA GLN B 188 -16.93 8.51 3.90
C GLN B 188 -16.04 8.72 5.11
N MET B 189 -16.57 8.43 6.30
CA MET B 189 -15.74 8.58 7.49
C MET B 189 -15.60 7.20 8.12
N MET B 190 -14.37 6.83 8.49
CA MET B 190 -14.13 5.57 9.13
C MET B 190 -13.50 5.88 10.51
N ALA B 191 -14.31 5.72 11.55
CA ALA B 191 -13.87 5.94 12.92
C ALA B 191 -13.30 4.62 13.43
N LEU B 192 -12.05 4.68 13.92
CA LEU B 192 -11.29 3.49 14.32
C LEU B 192 -10.91 3.41 15.76
N PRO B 193 -10.86 2.18 16.32
CA PRO B 193 -10.48 2.08 17.73
C PRO B 193 -8.96 1.98 17.84
N VAL B 194 -8.26 2.41 16.81
CA VAL B 194 -6.79 2.31 16.81
C VAL B 194 -6.25 3.50 16.05
N VAL B 195 -4.95 3.70 16.15
CA VAL B 195 -4.28 4.79 15.40
C VAL B 195 -3.59 4.00 14.29
N PRO B 196 -3.93 4.28 13.02
CA PRO B 196 -3.31 3.55 11.91
C PRO B 196 -1.83 3.86 11.70
N PRO B 197 -1.14 3.07 10.86
CA PRO B 197 0.31 3.23 10.58
C PRO B 197 0.82 4.53 9.96
N THR B 198 -0.01 5.18 9.15
CA THR B 198 0.44 6.42 8.56
C THR B 198 0.61 7.46 9.67
N VAL B 199 -0.34 7.45 10.61
CA VAL B 199 -0.34 8.39 11.74
C VAL B 199 0.85 8.01 12.65
N SER B 200 0.96 6.74 13.02
CA SER B 200 2.11 6.31 13.82
C SER B 200 3.38 6.96 13.23
N SER B 201 3.64 6.66 11.96
CA SER B 201 4.82 7.18 11.23
C SER B 201 4.94 8.68 11.18
N ARG B 202 3.87 9.37 10.84
CA ARG B 202 3.90 10.83 10.77
C ARG B 202 4.32 11.43 12.13
N LEU B 203 3.74 10.91 13.21
CA LEU B 203 4.09 11.41 14.53
C LEU B 203 5.61 11.24 14.71
N ASP B 204 6.05 9.99 14.59
CA ASP B 204 7.45 9.65 14.75
C ASP B 204 8.37 10.43 13.83
N GLY B 205 7.91 10.68 12.61
CA GLY B 205 8.72 11.39 11.62
C GLY B 205 8.82 12.89 11.79
N THR B 206 7.68 13.54 12.02
CA THR B 206 7.65 15.00 12.24
C THR B 206 8.32 15.34 13.57
N LYS B 207 8.13 14.51 14.60
CA LYS B 207 8.81 14.76 15.88
C LYS B 207 10.32 14.67 15.64
N ASP B 208 10.74 13.60 14.95
CA ASP B 208 12.15 13.40 14.66
C ASP B 208 12.75 14.54 13.87
N TYR B 209 11.91 15.32 13.19
CA TYR B 209 12.42 16.43 12.41
C TYR B 209 12.38 17.70 13.25
N PHE B 210 11.46 17.74 14.22
CA PHE B 210 11.31 18.88 15.11
C PHE B 210 12.46 18.88 16.15
N GLU B 211 12.92 17.69 16.54
CA GLU B 211 14.03 17.58 17.49
C GLU B 211 15.36 18.04 16.86
N GLU B 212 15.50 17.79 15.55
CA GLU B 212 16.72 18.18 14.86
C GLU B 212 16.69 19.62 14.33
N THR B 213 15.49 20.19 14.12
CA THR B 213 15.42 21.55 13.58
C THR B 213 14.65 22.59 14.38
N GLY B 214 13.84 22.15 15.34
CA GLY B 214 13.07 23.10 16.12
C GLY B 214 11.88 23.61 15.30
N LYS B 215 11.67 23.06 14.11
CA LYS B 215 10.54 23.51 13.27
C LYS B 215 9.48 22.46 12.89
N CYS B 216 8.33 22.95 12.44
CA CYS B 216 7.24 22.11 12.00
C CYS B 216 7.35 22.10 10.48
N CYS B 217 7.68 20.94 9.92
CA CYS B 217 7.89 20.84 8.48
C CYS B 217 6.76 21.35 7.57
N LEU B 218 5.50 21.17 7.97
CA LEU B 218 4.40 21.65 7.11
C LEU B 218 4.24 23.16 7.21
N CYS B 219 4.52 23.72 8.38
CA CYS B 219 4.47 25.17 8.49
C CYS B 219 5.57 25.74 7.53
N GLU B 220 6.60 24.91 7.22
CA GLU B 220 7.69 25.27 6.30
C GLU B 220 7.32 24.80 4.89
N ALA B 221 6.02 24.66 4.62
CA ALA B 221 5.62 24.13 3.32
C ALA B 221 6.14 24.87 2.10
N LYS B 222 6.16 26.21 2.15
CA LYS B 222 6.63 26.96 0.99
C LYS B 222 8.14 26.86 0.83
N SER B 223 8.84 26.52 1.91
CA SER B 223 10.28 26.40 1.80
C SER B 223 10.68 25.01 1.34
N LYS B 224 9.92 23.99 1.76
CA LYS B 224 10.29 22.60 1.44
C LYS B 224 9.52 21.92 0.31
N HIS B 225 8.28 22.36 0.09
CA HIS B 225 7.43 21.78 -0.94
C HIS B 225 7.29 22.72 -2.14
N PHE B 226 6.82 22.18 -3.26
CA PHE B 226 6.73 22.95 -4.49
C PHE B 226 5.32 23.47 -4.63
N VAL B 227 5.17 24.75 -4.30
CA VAL B 227 3.86 25.37 -4.32
C VAL B 227 3.22 25.41 -5.70
N ILE B 228 1.93 25.07 -5.73
CA ILE B 228 1.12 25.06 -6.93
C ILE B 228 0.22 26.29 -6.87
N ASP B 229 -0.80 26.24 -6.01
CA ASP B 229 -1.70 27.37 -5.85
C ASP B 229 -1.73 27.74 -4.37
N GLU B 230 -2.40 28.87 -4.09
CA GLU B 230 -2.46 29.40 -2.74
C GLU B 230 -3.75 30.15 -2.52
N SER B 231 -4.27 30.09 -1.29
CA SER B 231 -5.49 30.84 -0.95
C SER B 231 -5.27 31.67 0.34
N SER B 232 -6.34 32.21 0.90
CA SER B 232 -6.21 33.03 2.12
C SER B 232 -5.64 32.20 3.27
N HIS B 233 -6.17 30.98 3.43
CA HIS B 233 -5.74 30.12 4.55
C HIS B 233 -5.06 28.81 4.20
N PHE B 234 -4.95 28.52 2.90
CA PHE B 234 -4.34 27.27 2.42
C PHE B 234 -3.43 27.38 1.20
N VAL B 235 -2.58 26.37 1.05
CA VAL B 235 -1.65 26.27 -0.07
C VAL B 235 -1.69 24.82 -0.51
N SER B 236 -1.50 24.61 -1.81
CA SER B 236 -1.52 23.26 -2.40
C SER B 236 -0.17 23.10 -3.07
N VAL B 237 0.34 21.86 -3.03
CA VAL B 237 1.67 21.54 -3.57
C VAL B 237 1.79 20.08 -4.01
N ALA B 238 2.85 19.82 -4.77
CA ALA B 238 3.21 18.47 -5.16
C ALA B 238 4.34 18.35 -4.15
N PRO B 239 4.11 17.66 -3.02
CA PRO B 239 5.13 17.51 -1.97
C PRO B 239 6.39 16.87 -2.46
N PHE B 240 7.46 17.01 -1.67
CA PHE B 240 8.78 16.49 -2.00
C PHE B 240 8.87 14.97 -2.21
N ALA B 241 8.81 14.17 -1.17
CA ALA B 241 8.92 12.72 -1.42
C ALA B 241 7.55 12.15 -1.64
N ALA B 242 6.81 12.80 -2.54
CA ALA B 242 5.44 12.41 -2.91
C ALA B 242 5.31 10.93 -3.11
N THR B 243 4.44 10.29 -2.34
CA THR B 243 4.26 8.86 -2.49
C THR B 243 3.75 8.56 -3.88
N TYR B 244 2.88 9.45 -4.41
CA TYR B 244 2.25 9.26 -5.71
C TYR B 244 2.41 10.47 -6.65
N PRO B 245 2.42 10.22 -7.96
CA PRO B 245 2.58 11.36 -8.87
C PRO B 245 1.31 12.20 -8.81
N PHE B 246 1.49 13.50 -9.01
CA PHE B 246 0.39 14.47 -8.99
C PHE B 246 -0.36 14.51 -7.69
N GLU B 247 0.26 13.93 -6.66
CA GLU B 247 -0.27 13.93 -5.31
C GLU B 247 -0.32 15.39 -4.87
N ILE B 248 -1.31 15.78 -4.08
CA ILE B 248 -1.37 17.16 -3.61
C ILE B 248 -1.74 17.21 -2.10
N TRP B 249 -1.19 18.17 -1.37
CA TRP B 249 -1.50 18.36 0.04
C TRP B 249 -2.19 19.73 0.13
N ILE B 250 -3.26 19.78 0.90
CA ILE B 250 -3.89 21.07 1.14
C ILE B 250 -3.34 21.38 2.52
N ILE B 251 -2.76 22.56 2.67
CA ILE B 251 -2.10 22.93 3.93
C ILE B 251 -2.68 24.19 4.60
N PRO B 252 -3.23 24.05 5.84
CA PRO B 252 -3.79 25.21 6.55
C PRO B 252 -2.62 26.10 7.03
N LYS B 253 -2.46 27.27 6.41
CA LYS B 253 -1.34 28.19 6.74
C LYS B 253 -1.15 28.58 8.20
N ASP B 254 -2.07 28.15 9.03
CA ASP B 254 -2.04 28.40 10.46
C ASP B 254 -1.64 27.08 11.13
N HIS B 255 -0.57 27.07 11.93
CA HIS B 255 -0.15 25.83 12.59
C HIS B 255 -1.36 25.31 13.35
N SER B 256 -1.94 24.22 12.84
CA SER B 256 -3.13 23.61 13.42
C SER B 256 -3.06 22.10 13.34
N SER B 257 -3.11 21.46 14.50
CA SER B 257 -3.01 19.98 14.58
C SER B 257 -4.25 19.19 14.14
N HIS B 258 -5.42 19.80 14.31
CA HIS B 258 -6.70 19.19 14.02
C HIS B 258 -7.50 19.79 12.87
N PHE B 259 -7.97 18.93 11.98
CA PHE B 259 -8.79 19.38 10.87
C PHE B 259 -10.07 20.02 11.43
N HIS B 260 -10.61 19.41 12.49
CA HIS B 260 -11.88 19.86 13.04
C HIS B 260 -11.90 21.17 13.81
N HIS B 261 -10.78 21.90 13.76
CA HIS B 261 -10.71 23.21 14.39
C HIS B 261 -11.03 24.26 13.34
N LEU B 262 -11.38 23.78 12.15
CA LEU B 262 -11.75 24.61 11.00
C LEU B 262 -13.05 25.39 11.26
N ASP B 263 -13.05 26.70 10.96
CA ASP B 263 -14.25 27.53 11.14
C ASP B 263 -14.87 27.81 9.78
N ASP B 264 -16.06 28.41 9.78
CA ASP B 264 -16.77 28.71 8.53
C ASP B 264 -15.87 29.38 7.48
N VAL B 265 -15.17 30.42 7.91
CA VAL B 265 -14.27 31.16 7.02
C VAL B 265 -13.20 30.26 6.41
N LYS B 266 -12.48 29.52 7.24
CA LYS B 266 -11.47 28.65 6.66
C LYS B 266 -12.11 27.57 5.77
N ALA B 267 -13.35 27.17 6.07
CA ALA B 267 -13.98 26.14 5.24
C ALA B 267 -14.30 26.60 3.81
N VAL B 268 -14.70 27.87 3.66
CA VAL B 268 -15.00 28.40 2.32
C VAL B 268 -13.74 28.54 1.47
N ASP B 269 -12.72 29.18 2.03
CA ASP B 269 -11.47 29.34 1.28
C ASP B 269 -10.90 27.92 1.03
N LEU B 270 -11.02 27.03 2.03
CA LEU B 270 -10.57 25.65 1.88
C LEU B 270 -11.44 24.97 0.81
N GLY B 271 -12.75 24.98 1.03
CA GLY B 271 -13.69 24.38 0.09
C GLY B 271 -13.37 24.85 -1.31
N GLY B 272 -13.05 26.13 -1.43
CA GLY B 272 -12.73 26.68 -2.74
C GLY B 272 -11.38 26.21 -3.28
N LEU B 273 -10.41 26.02 -2.36
CA LEU B 273 -9.08 25.63 -2.78
C LEU B 273 -9.06 24.14 -3.16
N LEU B 274 -9.88 23.36 -2.46
CA LEU B 274 -10.02 21.94 -2.76
C LEU B 274 -10.62 21.90 -4.17
N LYS B 275 -11.59 22.78 -4.43
CA LYS B 275 -12.23 22.82 -5.73
C LYS B 275 -11.18 23.15 -6.80
N LEU B 276 -10.45 24.23 -6.61
CA LEU B 276 -9.45 24.60 -7.60
C LEU B 276 -8.49 23.42 -7.91
N MET B 277 -8.25 22.59 -6.91
CA MET B 277 -7.34 21.48 -7.13
C MET B 277 -8.01 20.33 -7.85
N LEU B 278 -9.22 19.98 -7.41
CA LEU B 278 -9.89 18.87 -8.05
C LEU B 278 -10.31 19.24 -9.47
N GLN B 279 -10.60 20.51 -9.72
CA GLN B 279 -11.01 20.83 -11.10
C GLN B 279 -9.81 20.81 -12.02
N LYS B 280 -8.68 21.37 -11.59
CA LYS B 280 -7.47 21.35 -12.40
C LYS B 280 -7.02 19.89 -12.66
N ILE B 281 -7.24 19.00 -11.71
CA ILE B 281 -6.89 17.59 -11.92
C ILE B 281 -7.88 16.98 -12.89
N ALA B 282 -9.15 17.19 -12.62
CA ALA B 282 -10.16 16.61 -13.47
C ALA B 282 -9.98 17.05 -14.92
N LYS B 283 -9.45 18.26 -15.15
CA LYS B 283 -9.24 18.70 -16.53
C LYS B 283 -7.87 18.29 -17.03
N GLN B 284 -6.85 18.44 -16.19
CA GLN B 284 -5.53 18.05 -16.65
C GLN B 284 -5.42 16.55 -16.89
N LEU B 285 -5.77 15.76 -15.88
CA LEU B 285 -5.62 14.31 -15.96
C LEU B 285 -6.73 13.49 -16.66
N ASN B 286 -7.38 14.16 -17.59
CA ASN B 286 -8.46 13.55 -18.34
C ASN B 286 -9.45 12.84 -17.40
N ASP B 287 -9.89 13.52 -16.35
CA ASP B 287 -10.87 12.99 -15.41
C ASP B 287 -10.50 11.65 -14.79
N PRO B 288 -9.34 11.58 -14.12
CA PRO B 288 -8.98 10.30 -13.51
C PRO B 288 -9.83 10.02 -12.29
N PRO B 289 -9.66 8.81 -11.73
CA PRO B 289 -10.34 8.32 -10.52
C PRO B 289 -9.50 9.03 -9.42
N TYR B 290 -10.01 9.12 -8.20
CA TYR B 290 -9.21 9.69 -7.13
C TYR B 290 -9.79 9.54 -5.74
N ASN B 291 -8.94 9.78 -4.74
CA ASN B 291 -9.38 9.73 -3.35
C ASN B 291 -8.76 10.93 -2.66
N TYR B 292 -9.41 11.42 -1.61
CA TYR B 292 -8.72 12.44 -0.80
C TYR B 292 -8.79 11.97 0.67
N MET B 293 -7.73 12.30 1.39
CA MET B 293 -7.51 11.83 2.77
C MET B 293 -7.23 12.97 3.73
N ILE B 294 -7.99 13.07 4.82
CA ILE B 294 -7.71 14.09 5.81
C ILE B 294 -6.74 13.47 6.85
N HIS B 295 -5.50 13.98 6.85
CA HIS B 295 -4.46 13.53 7.79
C HIS B 295 -4.50 14.59 8.90
N THR B 296 -4.98 14.16 10.07
CA THR B 296 -5.18 15.04 11.20
C THR B 296 -4.60 14.37 12.43
N SER B 297 -4.92 14.89 13.61
CA SER B 297 -4.32 14.28 14.78
C SER B 297 -5.10 13.16 15.45
N PRO B 298 -4.42 12.41 16.33
CA PRO B 298 -5.00 11.31 17.11
C PRO B 298 -5.96 12.02 18.10
N LEU B 299 -6.94 11.31 18.61
CA LEU B 299 -7.89 11.92 19.55
C LEU B 299 -7.26 12.39 20.88
N LYS B 300 -6.34 11.59 21.43
CA LYS B 300 -5.70 11.93 22.71
C LYS B 300 -4.26 12.44 22.49
N VAL B 301 -4.04 13.09 21.35
CA VAL B 301 -2.73 13.65 21.03
C VAL B 301 -2.22 14.40 22.26
N THR B 302 -0.93 14.28 22.55
CA THR B 302 -0.39 14.91 23.72
C THR B 302 -0.14 16.39 23.53
N GLU B 303 -0.32 17.16 24.60
CA GLU B 303 -0.03 18.58 24.48
C GLU B 303 1.41 18.70 23.99
N SER B 304 2.25 17.77 24.45
CA SER B 304 3.64 17.83 24.04
C SER B 304 3.77 17.86 22.54
N GLN B 305 3.42 16.77 21.87
CA GLN B 305 3.56 16.69 20.42
C GLN B 305 2.79 17.72 19.59
N LEU B 306 2.09 18.65 20.23
CA LEU B 306 1.28 19.60 19.43
C LEU B 306 2.02 20.50 18.43
N PRO B 307 3.16 21.09 18.84
CA PRO B 307 3.92 21.98 17.93
C PRO B 307 4.35 21.38 16.60
N TYR B 308 4.57 20.07 16.55
CA TYR B 308 5.01 19.45 15.30
C TYR B 308 3.93 18.58 14.65
N THR B 309 2.70 18.74 15.07
CA THR B 309 1.59 17.95 14.51
C THR B 309 0.76 18.98 13.73
N HIS B 310 0.82 18.86 12.41
CA HIS B 310 0.17 19.82 11.45
C HIS B 310 -0.74 19.03 10.48
N TRP B 311 -2.03 19.38 10.41
CA TRP B 311 -2.93 18.62 9.53
C TRP B 311 -2.82 19.06 8.07
N PHE B 312 -3.29 18.19 7.16
CA PHE B 312 -3.28 18.51 5.72
C PHE B 312 -4.23 17.53 5.02
N LEU B 313 -4.56 17.85 3.77
CA LEU B 313 -5.47 17.00 2.99
C LEU B 313 -4.75 16.43 1.77
N GLN B 314 -4.88 15.11 1.63
CA GLN B 314 -4.23 14.33 0.56
C GLN B 314 -5.22 13.96 -0.51
N ILE B 315 -4.94 14.43 -1.70
CA ILE B 315 -5.75 14.16 -2.87
C ILE B 315 -4.88 13.30 -3.74
N VAL B 316 -5.32 12.06 -3.98
CA VAL B 316 -4.57 11.14 -4.83
C VAL B 316 -5.44 10.62 -5.97
N PRO B 317 -5.14 11.03 -7.23
CA PRO B 317 -5.86 10.60 -8.42
C PRO B 317 -5.15 9.32 -8.85
N GLN B 318 -5.84 8.49 -9.64
CA GLN B 318 -5.33 7.19 -10.11
C GLN B 318 -4.68 7.26 -11.48
N LEU B 319 -3.41 6.87 -11.54
CA LEU B 319 -2.63 6.92 -12.76
C LEU B 319 -1.71 5.70 -12.87
N SER B 320 -1.74 4.84 -11.85
CA SER B 320 -0.86 3.68 -11.87
C SER B 320 -1.22 2.72 -10.75
N GLY B 321 -0.75 1.47 -10.83
CA GLY B 321 -1.10 0.53 -9.77
C GLY B 321 0.17 -0.01 -9.15
N VAL B 322 0.08 -1.10 -8.41
CA VAL B 322 1.30 -1.67 -7.81
C VAL B 322 1.57 -3.13 -8.18
N GLY B 323 2.81 -3.55 -7.87
CA GLY B 323 3.26 -4.90 -8.15
C GLY B 323 3.99 -5.39 -6.92
N GLY B 324 4.78 -6.45 -7.07
CA GLY B 324 5.48 -7.01 -5.93
C GLY B 324 6.42 -6.09 -5.18
N PHE B 325 7.39 -5.50 -5.89
CA PHE B 325 8.33 -4.60 -5.24
C PHE B 325 7.52 -3.64 -4.34
N GLU B 326 6.37 -3.22 -4.85
CA GLU B 326 5.48 -2.32 -4.11
C GLU B 326 5.02 -2.95 -2.82
N ILE B 327 4.36 -4.10 -2.90
CA ILE B 327 3.89 -4.73 -1.67
C ILE B 327 5.08 -5.17 -0.86
N GLY B 328 6.09 -5.64 -1.57
CA GLY B 328 7.30 -6.13 -0.91
C GLY B 328 7.96 -5.13 0.02
N THR B 329 8.59 -4.11 -0.56
CA THR B 329 9.31 -3.09 0.20
C THR B 329 8.48 -2.02 0.91
N GLY B 330 7.21 -1.83 0.53
CA GLY B 330 6.46 -0.75 1.20
C GLY B 330 6.84 0.64 0.66
N CYS B 331 7.86 0.72 -0.18
CA CYS B 331 8.20 2.02 -0.77
C CYS B 331 7.36 2.14 -2.06
N TYR B 332 7.47 3.24 -2.77
CA TYR B 332 6.74 3.38 -4.02
C TYR B 332 7.68 3.80 -5.12
N ILE B 333 7.27 3.58 -6.37
CA ILE B 333 8.09 4.00 -7.50
C ILE B 333 7.30 5.14 -8.17
N ASN B 334 7.85 6.35 -8.13
CA ASN B 334 7.17 7.53 -8.67
C ASN B 334 7.94 8.05 -9.91
N PRO B 335 7.27 8.08 -11.06
CA PRO B 335 7.94 8.55 -12.28
C PRO B 335 7.92 10.08 -12.47
N VAL B 336 7.00 10.79 -11.84
CA VAL B 336 6.96 12.23 -12.07
C VAL B 336 7.54 13.03 -10.90
N PHE B 337 8.63 13.75 -11.15
CA PHE B 337 9.27 14.56 -10.13
C PHE B 337 8.27 15.65 -9.69
N PRO B 338 8.23 15.96 -8.37
CA PRO B 338 7.28 17.00 -7.89
C PRO B 338 7.50 18.39 -8.50
N GLU B 339 8.76 18.75 -8.78
CA GLU B 339 9.03 20.04 -9.40
C GLU B 339 8.33 20.13 -10.77
N ASP B 340 8.25 18.99 -11.47
CA ASP B 340 7.60 18.98 -12.79
C ASP B 340 6.08 19.04 -12.69
N VAL B 341 5.51 18.36 -11.70
CA VAL B 341 4.07 18.39 -11.49
C VAL B 341 3.58 19.83 -11.24
N ALA B 342 4.17 20.50 -10.23
CA ALA B 342 3.76 21.86 -9.89
C ALA B 342 3.74 22.78 -11.11
N LYS B 343 4.51 22.42 -12.14
CA LYS B 343 4.62 23.24 -13.34
C LYS B 343 3.37 23.21 -14.21
N VAL B 344 2.87 22.00 -14.47
CA VAL B 344 1.68 21.82 -15.29
C VAL B 344 0.40 22.25 -14.53
N MET B 345 0.45 22.17 -13.20
CA MET B 345 -0.67 22.51 -12.32
C MET B 345 -0.78 24.01 -12.00
N ARG B 346 0.34 24.72 -12.13
CA ARG B 346 0.37 26.16 -11.90
C ARG B 346 -0.11 26.77 -13.22
N GLU B 347 0.18 26.07 -14.33
CA GLU B 347 -0.19 26.53 -15.66
C GLU B 347 -1.50 25.93 -16.16
N VAL B 348 -2.13 25.09 -15.34
CA VAL B 348 -3.38 24.49 -15.75
C VAL B 348 -4.33 25.58 -16.20
N SER B 349 -4.37 25.78 -17.51
CA SER B 349 -5.22 26.81 -18.06
C SER B 349 -6.66 26.31 -18.08
N LEU B 350 -7.45 26.89 -17.17
CA LEU B 350 -8.86 26.57 -17.03
C LEU B 350 -9.77 27.59 -17.74
ZN ZN C . 8.72 -14.86 -24.78
ZN ZN D . 12.53 -18.39 13.68
P AMP E . 7.73 -8.45 -15.53
O1P AMP E . 7.51 -8.26 -14.02
O2P AMP E . 6.47 -7.99 -16.23
O5' AMP E . 8.97 -7.59 -16.30
C5' AMP E . 10.40 -7.67 -16.11
C4' AMP E . 11.16 -6.34 -16.41
O4' AMP E . 12.19 -6.34 -17.49
C3' AMP E . 10.29 -5.10 -16.64
O3' AMP E . 10.42 -4.23 -15.55
C2' AMP E . 10.80 -4.45 -17.94
O2' AMP E . 11.00 -3.06 -17.82
C1' AMP E . 12.11 -5.13 -18.26
N9 AMP E . 12.36 -5.41 -19.72
C8 AMP E . 11.48 -5.24 -20.77
N7 AMP E . 12.09 -5.61 -21.92
C5 AMP E . 13.36 -6.01 -21.62
C6 AMP E . 14.40 -6.49 -22.44
N6 AMP E . 14.25 -6.62 -23.75
N1 AMP E . 15.64 -6.84 -21.82
C2 AMP E . 15.81 -6.70 -20.44
N3 AMP E . 14.75 -6.22 -19.64
C4 AMP E . 13.55 -5.87 -20.24
C1 EDO F . -5.40 -14.19 4.30
O1 EDO F . -5.07 -15.56 4.47
C2 EDO F . -6.64 -13.87 5.15
O2 EDO F . -7.70 -13.50 4.28
C1 EDO G . 5.46 -8.34 5.72
O1 EDO G . 5.62 -7.02 5.15
C2 EDO G . 4.27 -9.02 5.02
O2 EDO G . 3.09 -8.21 5.14
C1 EDO H . -2.85 -7.02 -4.68
O1 EDO H . -3.46 -7.67 -5.78
C2 EDO H . -3.76 -7.16 -3.49
O2 EDO H . -5.02 -6.54 -3.78
ZN ZN I . -27.91 8.98 -7.70
ZN ZN J . 2.89 23.49 11.60
P AMP K . -18.03 5.27 -1.90
O1P AMP K . -16.77 5.68 -1.12
O2P AMP K . -17.55 4.46 -3.02
O5' AMP K . -19.03 4.34 -1.05
C5' AMP K . -19.81 4.74 0.05
C4' AMP K . -20.40 3.56 0.84
O4' AMP K . -21.82 3.52 1.08
C3' AMP K . -20.02 2.16 0.37
O3' AMP K . -19.13 1.60 1.31
C2' AMP K . -21.34 1.40 0.30
O2' AMP K . -21.29 0.15 0.91
C1' AMP K . -22.33 2.24 0.98
N9 AMP K . -23.72 2.22 0.45
C8 AMP K . -24.17 1.77 -0.77
N7 AMP K . -25.52 1.94 -0.86
C5 AMP K . -25.93 2.44 0.33
C6 AMP K . -27.19 2.85 0.77
N6 AMP K . -28.28 2.66 -0.01
N1 AMP K . -27.28 3.39 2.07
C2 AMP K . -26.17 3.58 2.88
N3 AMP K . -24.92 3.19 2.43
C4 AMP K . -24.81 2.68 1.15
C1 EDO L . 4.00 14.94 -6.72
O1 EDO L . 2.86 15.35 -7.48
C2 EDO L . 5.10 14.39 -7.68
O2 EDO L . 4.59 13.34 -8.50
C1 EDO M . 0.72 10.58 4.59
O1 EDO M . 0.53 9.23 5.07
C2 EDO M . 0.53 10.61 3.06
O2 EDO M . 1.56 9.86 2.42
C1 EDO N . -2.78 5.77 -6.80
O1 EDO N . -2.41 4.84 -7.82
C2 EDO N . -3.79 5.14 -5.90
O2 EDO N . -4.96 4.89 -6.64
N SER A 22 -18.98 -11.05 12.19
CA SER A 22 -18.66 -9.76 12.91
C SER A 22 -17.20 -9.40 12.64
N PRO A 23 -16.91 -8.09 12.51
CA PRO A 23 -15.52 -7.70 12.23
C PRO A 23 -14.60 -7.93 13.41
N GLU A 24 -13.30 -7.80 13.16
CA GLU A 24 -12.27 -8.00 14.20
C GLU A 24 -10.95 -7.37 13.71
N LEU A 25 -10.15 -6.77 14.63
CA LEU A 25 -8.87 -6.29 14.16
C LEU A 25 -7.87 -7.29 14.67
N ARG A 26 -6.86 -7.59 13.86
CA ARG A 26 -5.79 -8.51 14.25
C ARG A 26 -4.42 -7.90 13.96
N LYS A 27 -3.44 -8.30 14.78
CA LYS A 27 -2.10 -7.78 14.65
C LYS A 27 -1.06 -8.91 14.65
N ASP A 28 0.04 -8.68 13.95
CA ASP A 28 1.11 -9.67 13.91
C ASP A 28 2.46 -8.96 13.99
N PRO A 29 3.46 -9.62 14.59
CA PRO A 29 4.81 -9.03 14.73
C PRO A 29 5.50 -8.74 13.39
N VAL A 30 5.37 -9.67 12.44
CA VAL A 30 6.04 -9.51 11.15
C VAL A 30 5.57 -8.23 10.41
N THR A 31 4.27 -8.01 10.31
CA THR A 31 3.76 -6.78 9.63
C THR A 31 3.83 -5.61 10.61
N ASN A 32 3.72 -5.94 11.89
CA ASN A 32 3.74 -4.97 12.96
C ASN A 32 2.71 -3.89 12.65
N ARG A 33 1.42 -4.28 12.70
CA ARG A 33 0.30 -3.40 12.45
C ARG A 33 -1.02 -4.15 12.52
N TRP A 34 -2.09 -3.43 12.86
CA TRP A 34 -3.42 -4.03 12.92
C TRP A 34 -3.99 -4.11 11.50
N VAL A 35 -4.92 -5.04 11.30
CA VAL A 35 -5.65 -5.14 10.05
C VAL A 35 -7.13 -5.36 10.43
N ILE A 36 -8.03 -4.77 9.65
CA ILE A 36 -9.44 -4.97 9.87
C ILE A 36 -9.97 -6.19 9.05
N PHE A 37 -10.53 -7.18 9.73
CA PHE A 37 -11.20 -8.33 9.09
C PHE A 37 -12.68 -7.98 9.12
N SER A 38 -13.28 -7.90 7.93
CA SER A 38 -14.67 -7.54 7.81
C SER A 38 -15.19 -8.28 6.58
N PRO A 39 -15.62 -9.53 6.76
CA PRO A 39 -16.16 -10.40 5.70
C PRO A 39 -17.25 -9.83 4.81
N ARG A 44 -19.33 -16.30 0.81
CA ARG A 44 -18.59 -17.44 1.37
C ARG A 44 -17.14 -17.41 0.91
N PRO A 45 -16.21 -17.83 1.78
CA PRO A 45 -14.78 -17.84 1.41
C PRO A 45 -14.51 -18.60 0.12
N THR A 46 -14.99 -19.85 0.07
CA THR A 46 -14.81 -20.69 -1.11
C THR A 46 -15.59 -20.11 -2.30
N ASP A 47 -16.18 -18.93 -2.07
CA ASP A 47 -16.93 -18.22 -3.11
C ASP A 47 -16.08 -17.06 -3.63
N PHE A 48 -14.82 -16.96 -3.18
CA PHE A 48 -13.94 -15.87 -3.64
C PHE A 48 -13.27 -16.19 -4.98
N LYS A 49 -13.39 -15.27 -5.94
CA LYS A 49 -12.79 -15.50 -7.26
C LYS A 49 -12.16 -14.26 -7.89
N SER A 50 -11.21 -14.49 -8.79
CA SER A 50 -10.56 -13.40 -9.53
C SER A 50 -11.62 -12.53 -10.25
N LYS A 51 -11.41 -11.21 -10.28
CA LYS A 51 -12.32 -10.30 -10.98
C LYS A 51 -11.68 -9.68 -12.24
N SER A 52 -10.55 -10.24 -12.67
CA SER A 52 -9.83 -9.76 -13.85
C SER A 52 -10.34 -10.40 -15.14
N PRO A 60 -0.01 -13.26 -28.69
CA PRO A 60 1.42 -13.09 -28.42
C PRO A 60 2.13 -14.43 -28.16
N SER A 61 2.83 -14.94 -29.16
CA SER A 61 3.51 -16.21 -28.98
C SER A 61 4.99 -15.93 -29.01
N SER A 62 5.31 -14.65 -29.01
CA SER A 62 6.70 -14.21 -29.06
C SER A 62 6.83 -12.80 -28.44
N CYS A 63 8.05 -12.43 -28.10
CA CYS A 63 8.33 -11.15 -27.49
C CYS A 63 9.82 -11.24 -27.38
N PRO A 64 10.48 -10.25 -26.78
CA PRO A 64 11.94 -10.29 -26.64
C PRO A 64 12.49 -11.45 -25.87
N PHE A 65 11.77 -11.86 -24.81
CA PHE A 65 12.17 -12.96 -23.96
C PHE A 65 12.01 -14.36 -24.56
N CYS A 66 11.86 -14.46 -25.88
CA CYS A 66 11.70 -15.76 -26.55
C CYS A 66 13.05 -16.31 -26.97
N ILE A 67 13.36 -17.54 -26.51
CA ILE A 67 14.66 -18.15 -26.81
C ILE A 67 15.04 -17.87 -28.27
N GLY A 68 16.34 -17.66 -28.50
CA GLY A 68 16.84 -17.34 -29.84
C GLY A 68 16.97 -15.83 -30.03
N ARG A 69 16.27 -15.09 -29.18
CA ARG A 69 16.26 -13.63 -29.25
C ARG A 69 17.10 -12.97 -28.17
N GLU A 70 18.14 -13.67 -27.73
CA GLU A 70 19.01 -13.20 -26.67
C GLU A 70 19.67 -11.83 -26.89
N GLN A 71 20.09 -11.53 -28.11
CA GLN A 71 20.72 -10.25 -28.36
C GLN A 71 19.71 -9.10 -28.26
N GLU A 72 18.43 -9.43 -28.08
CA GLU A 72 17.38 -8.41 -27.94
C GLU A 72 17.13 -7.97 -26.48
N CYS A 73 17.92 -8.48 -25.55
CA CYS A 73 17.77 -8.10 -24.15
C CYS A 73 19.06 -7.51 -23.59
N ALA A 74 18.93 -6.71 -22.53
CA ALA A 74 20.09 -6.13 -21.83
C ALA A 74 20.98 -7.32 -21.45
N PRO A 75 22.25 -7.03 -21.10
CA PRO A 75 23.34 -7.94 -20.70
C PRO A 75 23.07 -9.03 -19.66
N GLU A 76 23.48 -10.23 -20.01
CA GLU A 76 23.27 -11.40 -19.15
C GLU A 76 24.28 -11.42 -18.02
N LEU A 77 23.78 -11.55 -16.79
CA LEU A 77 24.63 -11.59 -15.60
C LEU A 77 25.12 -13.04 -15.53
N PHE A 78 24.22 -13.96 -15.83
CA PHE A 78 24.60 -15.36 -15.88
C PHE A 78 23.36 -16.17 -16.21
N ARG A 79 23.55 -17.38 -16.73
CA ARG A 79 22.44 -18.24 -17.10
C ARG A 79 22.66 -19.58 -16.42
N VAL A 80 21.69 -20.46 -16.60
CA VAL A 80 21.72 -21.81 -16.08
C VAL A 80 21.01 -22.74 -17.08
N PRO A 81 21.62 -23.89 -17.43
CA PRO A 81 22.93 -24.35 -16.92
C PRO A 81 24.04 -23.37 -17.32
N ASP A 82 25.11 -23.35 -16.53
CA ASP A 82 26.25 -22.49 -16.77
C ASP A 82 26.91 -22.77 -18.12
N HIS A 83 26.99 -21.75 -18.97
CA HIS A 83 27.58 -21.85 -20.31
C HIS A 83 26.90 -22.89 -21.23
N ASP A 84 25.60 -22.73 -21.46
CA ASP A 84 24.89 -23.64 -22.33
C ASP A 84 23.85 -22.90 -23.14
N PRO A 85 23.96 -22.94 -24.48
CA PRO A 85 22.98 -22.24 -25.34
C PRO A 85 21.57 -22.83 -25.17
N ASN A 86 21.49 -24.02 -24.57
CA ASN A 86 20.22 -24.68 -24.32
C ASN A 86 19.87 -24.41 -22.84
N TRP A 87 19.83 -23.13 -22.49
CA TRP A 87 19.55 -22.72 -21.10
C TRP A 87 18.13 -22.94 -20.61
N LYS A 88 18.00 -23.06 -19.28
CA LYS A 88 16.69 -23.26 -18.67
C LYS A 88 16.25 -22.01 -17.89
N LEU A 89 17.21 -21.14 -17.56
CA LEU A 89 16.92 -19.87 -16.90
C LEU A 89 18.10 -18.93 -17.17
N ARG A 90 17.83 -17.61 -17.06
CA ARG A 90 18.82 -16.55 -17.25
C ARG A 90 18.46 -15.45 -16.22
N VAL A 91 19.43 -14.57 -15.92
CA VAL A 91 19.25 -13.44 -15.03
C VAL A 91 19.86 -12.24 -15.79
N ILE A 92 19.02 -11.23 -16.08
CA ILE A 92 19.48 -10.06 -16.83
C ILE A 92 19.16 -8.68 -16.30
N GLU A 93 19.66 -7.69 -17.03
CA GLU A 93 19.46 -6.30 -16.68
C GLU A 93 18.14 -5.80 -17.18
N ASN A 94 17.45 -5.10 -16.28
CA ASN A 94 16.15 -4.55 -16.60
C ASN A 94 16.26 -3.35 -17.55
N LEU A 95 15.80 -3.53 -18.77
CA LEU A 95 15.82 -2.50 -19.82
C LEU A 95 15.41 -1.08 -19.38
N TYR A 96 14.59 -0.99 -18.32
CA TYR A 96 14.14 0.33 -17.79
C TYR A 96 14.29 0.24 -16.24
N PRO A 97 15.52 0.37 -15.74
CA PRO A 97 15.84 0.29 -14.30
C PRO A 97 15.39 1.34 -13.28
N ALA A 98 14.66 0.88 -12.25
CA ALA A 98 14.19 1.77 -11.17
C ALA A 98 15.32 2.67 -10.60
N LEU A 99 16.48 2.03 -10.39
CA LEU A 99 17.68 2.67 -9.86
C LEU A 99 18.85 2.38 -10.81
N SER A 100 19.88 3.23 -10.74
CA SER A 100 21.04 3.10 -11.61
C SER A 100 22.24 2.40 -10.97
N ARG A 101 22.76 1.35 -11.61
CA ARG A 101 23.91 0.67 -11.02
C ARG A 101 25.21 1.46 -11.28
N ASN A 102 25.11 2.50 -12.12
CA ASN A 102 26.26 3.33 -12.41
C ASN A 102 26.40 4.53 -11.46
N LEU A 103 25.53 4.61 -10.45
CA LEU A 103 25.63 5.70 -9.47
C LEU A 103 26.28 5.23 -8.15
N GLU A 104 26.96 4.11 -8.19
CA GLU A 104 27.58 3.57 -6.96
C GLU A 104 28.52 4.51 -6.17
N THR A 105 29.48 5.15 -6.83
CA THR A 105 30.38 6.03 -6.08
C THR A 105 29.60 7.13 -5.39
N GLN A 106 28.56 7.65 -6.06
CA GLN A 106 27.75 8.71 -5.46
C GLN A 106 27.06 8.13 -4.21
N SER A 107 26.89 6.80 -4.23
CA SER A 107 26.33 5.99 -3.13
C SER A 107 24.83 5.79 -3.04
N ARG A 116 17.24 14.34 3.28
CA ARG A 116 16.00 14.16 2.51
C ARG A 116 16.24 13.66 1.06
N THR A 117 17.50 13.60 0.62
CA THR A 117 17.76 13.16 -0.74
C THR A 117 19.02 12.33 -0.90
N ILE A 118 18.96 11.30 -1.74
CA ILE A 118 20.14 10.51 -2.05
C ILE A 118 20.04 10.04 -3.52
N VAL A 119 21.19 9.86 -4.17
CA VAL A 119 21.17 9.45 -5.56
C VAL A 119 20.52 8.08 -5.65
N GLY A 120 19.87 7.83 -6.79
CA GLY A 120 19.16 6.57 -7.01
C GLY A 120 20.01 5.38 -7.47
N PHE A 121 20.99 5.04 -6.64
CA PHE A 121 21.85 3.90 -6.89
C PHE A 121 21.14 2.60 -6.47
N GLY A 122 21.20 1.60 -7.35
CA GLY A 122 20.66 0.29 -7.04
C GLY A 122 20.91 -0.62 -8.22
N PHE A 123 20.42 -1.86 -8.12
CA PHE A 123 20.52 -2.84 -9.23
C PHE A 123 19.10 -3.32 -9.52
N HIS A 124 18.84 -3.71 -10.79
CA HIS A 124 17.53 -4.18 -11.19
C HIS A 124 17.71 -5.34 -12.19
N ASP A 125 17.16 -6.52 -11.85
CA ASP A 125 17.31 -7.72 -12.70
C ASP A 125 16.05 -8.59 -12.91
N VAL A 126 15.67 -8.74 -14.19
CA VAL A 126 14.55 -9.60 -14.58
C VAL A 126 15.07 -11.03 -14.69
N VAL A 127 14.63 -11.89 -13.80
CA VAL A 127 15.08 -13.27 -13.93
C VAL A 127 14.17 -13.92 -14.95
N ILE A 128 14.74 -14.41 -16.07
CA ILE A 128 13.91 -15.08 -17.08
C ILE A 128 13.72 -16.53 -16.67
N GLU A 129 12.45 -16.88 -16.43
CA GLU A 129 12.05 -18.18 -15.92
C GLU A 129 11.83 -19.33 -16.89
N SER A 130 11.77 -19.05 -18.18
CA SER A 130 11.59 -20.13 -19.15
C SER A 130 11.96 -19.68 -20.54
N PRO A 131 12.59 -20.58 -21.31
CA PRO A 131 12.95 -20.20 -22.67
C PRO A 131 11.69 -20.15 -23.51
N VAL A 132 10.64 -20.82 -23.01
CA VAL A 132 9.34 -20.93 -23.71
C VAL A 132 8.37 -19.84 -23.23
N HIS A 133 7.74 -19.19 -24.20
CA HIS A 133 6.83 -18.11 -23.92
C HIS A 133 5.51 -18.47 -23.23
N SER A 134 4.91 -19.60 -23.61
CA SER A 134 3.60 -20.01 -23.10
C SER A 134 3.49 -20.66 -21.70
N ILE A 135 4.59 -21.14 -21.15
CA ILE A 135 4.52 -21.77 -19.83
C ILE A 135 4.47 -20.71 -18.71
N GLN A 136 3.73 -21.01 -17.64
CA GLN A 136 3.64 -20.12 -16.48
C GLN A 136 4.49 -20.83 -15.42
N LEU A 137 4.99 -20.08 -14.45
CA LEU A 137 5.84 -20.63 -13.40
C LEU A 137 5.17 -21.79 -12.66
N SER A 138 3.88 -21.69 -12.36
CA SER A 138 3.24 -22.78 -11.63
C SER A 138 3.27 -24.11 -12.38
N ASP A 139 3.59 -24.08 -13.69
CA ASP A 139 3.69 -25.30 -14.48
C ASP A 139 5.16 -25.76 -14.67
N ILE A 140 6.11 -25.11 -14.02
CA ILE A 140 7.51 -25.54 -14.10
C ILE A 140 7.70 -26.66 -13.08
N ASP A 141 8.52 -27.65 -13.43
CA ASP A 141 8.73 -28.79 -12.53
C ASP A 141 9.39 -28.33 -11.22
N PRO A 142 9.10 -29.02 -10.10
CA PRO A 142 9.67 -28.64 -8.80
C PRO A 142 11.17 -28.38 -8.80
N VAL A 143 11.94 -29.25 -9.46
CA VAL A 143 13.40 -29.08 -9.51
C VAL A 143 13.76 -27.82 -10.28
N GLY A 144 12.95 -27.48 -11.30
CA GLY A 144 13.25 -26.29 -12.09
C GLY A 144 13.00 -25.02 -11.30
N ILE A 145 11.99 -25.06 -10.45
CA ILE A 145 11.62 -23.92 -9.61
C ILE A 145 12.75 -23.75 -8.56
N GLY A 146 13.30 -24.89 -8.12
CA GLY A 146 14.43 -24.88 -7.21
C GLY A 146 15.62 -24.18 -7.84
N ASP A 147 15.89 -24.47 -9.12
CA ASP A 147 16.99 -23.82 -9.82
C ASP A 147 16.79 -22.27 -9.87
N ILE A 148 15.57 -21.81 -10.14
CA ILE A 148 15.28 -20.35 -10.16
C ILE A 148 15.59 -19.79 -8.78
N LEU A 149 15.13 -20.50 -7.74
CA LEU A 149 15.38 -20.03 -6.37
C LEU A 149 16.90 -19.99 -6.09
N ILE A 150 17.65 -20.98 -6.62
CA ILE A 150 19.11 -21.03 -6.41
C ILE A 150 19.77 -19.89 -7.20
N ALA A 151 19.09 -19.43 -8.24
CA ALA A 151 19.62 -18.33 -9.04
C ALA A 151 19.48 -16.99 -8.26
N TYR A 152 18.38 -16.83 -7.53
CA TYR A 152 18.18 -15.62 -6.73
C TYR A 152 19.36 -15.58 -5.74
N LYS A 153 19.61 -16.73 -5.11
CA LYS A 153 20.69 -16.85 -4.12
C LYS A 153 22.07 -16.53 -4.68
N LYS A 154 22.35 -16.99 -5.89
CA LYS A 154 23.64 -16.72 -6.51
C LYS A 154 23.75 -15.22 -6.83
N ARG A 155 22.65 -14.61 -7.28
CA ARG A 155 22.65 -13.18 -7.62
C ARG A 155 22.72 -12.29 -6.35
N ILE A 156 22.13 -12.79 -5.26
CA ILE A 156 22.16 -12.06 -3.98
C ILE A 156 23.60 -12.04 -3.45
N ASN A 157 24.30 -13.18 -3.49
CA ASN A 157 25.67 -13.22 -2.99
C ASN A 157 26.57 -12.25 -3.78
N GLN A 158 26.37 -12.19 -5.11
CA GLN A 158 27.16 -11.25 -5.88
C GLN A 158 26.82 -9.84 -5.37
N ILE A 159 25.52 -9.53 -5.35
CA ILE A 159 25.06 -8.21 -4.92
C ILE A 159 25.63 -7.85 -3.56
N ALA A 160 25.54 -8.77 -2.61
CA ALA A 160 26.00 -8.52 -1.25
C ALA A 160 27.47 -8.14 -1.18
N GLN A 161 28.24 -8.40 -2.25
CA GLN A 161 29.65 -8.05 -2.23
C GLN A 161 29.80 -6.52 -2.27
N HIS A 162 28.70 -5.84 -2.55
CA HIS A 162 28.72 -4.38 -2.58
C HIS A 162 28.15 -3.87 -1.25
N ASP A 163 29.04 -3.48 -0.33
CA ASP A 163 28.57 -2.96 0.96
C ASP A 163 27.78 -1.71 0.63
N SER A 164 27.61 -1.51 -0.67
CA SER A 164 26.86 -0.42 -1.28
C SER A 164 25.33 -0.73 -1.25
N ILE A 165 24.94 -1.77 -0.52
CA ILE A 165 23.49 -2.12 -0.48
C ILE A 165 23.02 -2.39 0.96
N ASN A 166 21.73 -2.14 1.20
CA ASN A 166 21.10 -2.38 2.51
C ASN A 166 20.01 -3.45 2.52
N TYR A 167 19.32 -3.66 1.40
CA TYR A 167 18.28 -4.72 1.34
C TYR A 167 18.07 -5.24 -0.07
N ILE A 168 17.61 -6.48 -0.19
CA ILE A 168 17.34 -7.05 -1.53
C ILE A 168 15.91 -7.63 -1.62
N GLN A 169 15.14 -7.14 -2.60
CA GLN A 169 13.77 -7.58 -2.83
C GLN A 169 13.65 -8.47 -4.08
N VAL A 170 13.26 -9.73 -3.89
CA VAL A 170 13.02 -10.65 -5.02
C VAL A 170 11.49 -10.71 -5.09
N PHE A 171 10.93 -10.60 -6.29
CA PHE A 171 9.48 -10.69 -6.41
C PHE A 171 9.02 -11.14 -7.79
N LYS A 172 7.74 -11.47 -7.89
CA LYS A 172 7.18 -11.90 -9.17
C LYS A 172 5.82 -11.25 -9.37
N ASN A 173 5.57 -10.86 -10.61
CA ASN A 173 4.28 -10.27 -11.02
C ASN A 173 3.67 -11.17 -12.09
N GLN A 174 2.43 -11.62 -11.88
CA GLN A 174 1.71 -12.41 -12.88
C GLN A 174 0.39 -11.67 -13.07
N GLY A 175 0.16 -11.13 -14.27
CA GLY A 175 -1.06 -10.35 -14.53
C GLY A 175 -0.74 -8.86 -14.69
N ALA A 176 -1.15 -8.25 -15.82
CA ALA A 176 -0.85 -6.84 -16.04
C ALA A 176 -1.19 -5.97 -14.82
N SER A 177 -2.38 -6.18 -14.27
CA SER A 177 -2.80 -5.39 -13.13
C SER A 177 -2.04 -5.78 -11.86
N ALA A 178 -1.21 -6.81 -11.98
CA ALA A 178 -0.36 -7.26 -10.85
C ALA A 178 1.04 -6.75 -11.18
N GLY A 179 1.10 -6.01 -12.29
CA GLY A 179 2.35 -5.42 -12.72
C GLY A 179 3.18 -6.19 -13.74
N ALA A 180 2.61 -7.15 -14.47
CA ALA A 180 3.42 -7.85 -15.45
C ALA A 180 3.32 -7.10 -16.77
N SER A 181 4.28 -6.21 -17.00
CA SER A 181 4.33 -5.45 -18.26
C SER A 181 4.74 -6.34 -19.43
N MET A 182 4.94 -7.64 -19.15
CA MET A 182 5.31 -8.64 -20.18
C MET A 182 4.72 -10.02 -19.79
N SER A 183 4.14 -10.73 -20.75
CA SER A 183 3.49 -12.04 -20.53
C SER A 183 4.38 -13.28 -20.28
N HIS A 184 5.59 -13.30 -20.85
CA HIS A 184 6.54 -14.40 -20.71
C HIS A 184 6.81 -14.67 -19.21
N SER A 185 7.14 -15.91 -18.80
CA SER A 185 7.38 -16.23 -17.37
C SER A 185 8.77 -15.79 -16.85
N HIS A 186 8.79 -14.69 -16.08
CA HIS A 186 10.04 -14.16 -15.54
C HIS A 186 9.77 -13.35 -14.29
N SER A 187 10.76 -13.32 -13.38
CA SER A 187 10.59 -12.53 -12.16
C SER A 187 11.64 -11.43 -12.09
N GLN A 188 11.68 -10.70 -10.97
CA GLN A 188 12.62 -9.58 -10.88
C GLN A 188 13.34 -9.52 -9.55
N MET A 189 14.45 -8.78 -9.55
CA MET A 189 15.26 -8.55 -8.36
C MET A 189 15.62 -7.08 -8.29
N MET A 190 15.49 -6.52 -7.10
CA MET A 190 15.81 -5.11 -6.88
C MET A 190 16.67 -4.92 -5.65
N ALA A 191 17.88 -4.42 -5.86
CA ALA A 191 18.83 -4.19 -4.77
C ALA A 191 18.76 -2.71 -4.38
N LEU A 192 18.44 -2.49 -3.11
CA LEU A 192 18.24 -1.16 -2.53
C LEU A 192 19.35 -0.64 -1.61
N PRO A 193 19.58 0.69 -1.63
CA PRO A 193 20.59 1.34 -0.77
C PRO A 193 20.07 1.47 0.69
N VAL A 194 18.74 1.46 0.86
CA VAL A 194 18.14 1.56 2.20
C VAL A 194 17.29 0.33 2.55
N VAL A 195 17.03 0.12 3.84
CA VAL A 195 16.19 -0.98 4.31
C VAL A 195 14.73 -0.49 4.13
N PRO A 196 13.91 -1.22 3.37
CA PRO A 196 12.54 -0.70 3.19
C PRO A 196 11.58 -0.99 4.33
N PRO A 197 10.50 -0.19 4.39
CA PRO A 197 9.46 -0.29 5.43
C PRO A 197 9.05 -1.64 5.99
N THR A 198 8.59 -2.55 5.15
CA THR A 198 8.12 -3.84 5.69
C THR A 198 9.25 -4.52 6.47
N VAL A 199 10.49 -4.15 6.11
CA VAL A 199 11.67 -4.75 6.75
C VAL A 199 11.89 -4.04 8.08
N SER A 200 11.75 -2.71 8.05
CA SER A 200 11.86 -1.91 9.29
C SER A 200 10.80 -2.35 10.29
N SER A 201 9.53 -2.35 9.85
CA SER A 201 8.44 -2.76 10.74
C SER A 201 8.59 -4.18 11.22
N ARG A 202 9.01 -5.07 10.32
CA ARG A 202 9.20 -6.48 10.66
C ARG A 202 10.31 -6.58 11.73
N LEU A 203 11.40 -5.84 11.51
CA LEU A 203 12.50 -5.83 12.47
C LEU A 203 12.00 -5.34 13.83
N ASP A 204 10.95 -4.53 13.83
CA ASP A 204 10.42 -4.01 15.11
C ASP A 204 9.46 -4.94 15.83
N GLY A 205 8.38 -5.34 15.15
CA GLY A 205 7.39 -6.22 15.79
C GLY A 205 8.03 -7.51 16.27
N THR A 206 8.99 -8.00 15.50
CA THR A 206 9.69 -9.23 15.87
C THR A 206 10.62 -8.97 17.04
N LYS A 207 11.38 -7.86 17.00
CA LYS A 207 12.26 -7.53 18.12
C LYS A 207 11.36 -7.36 19.39
N ASP A 208 10.22 -6.68 19.23
CA ASP A 208 9.31 -6.49 20.38
C ASP A 208 8.69 -7.79 20.87
N TYR A 209 8.29 -8.66 19.93
CA TYR A 209 7.67 -9.93 20.30
C TYR A 209 8.61 -10.92 21.01
N PHE A 210 9.77 -11.15 20.39
CA PHE A 210 10.77 -12.05 20.96
C PHE A 210 11.01 -11.71 22.42
N GLU A 211 11.14 -10.41 22.71
CA GLU A 211 11.38 -10.00 24.07
C GLU A 211 10.15 -10.23 24.93
N GLU A 212 8.99 -9.92 24.38
CA GLU A 212 7.78 -10.12 25.12
C GLU A 212 7.72 -11.54 25.67
N THR A 213 7.43 -12.54 24.81
CA THR A 213 7.29 -13.92 25.25
C THR A 213 8.45 -14.86 24.91
N GLY A 214 9.60 -14.28 24.64
CA GLY A 214 10.76 -15.09 24.32
C GLY A 214 10.58 -16.13 23.23
N LYS A 215 9.97 -15.77 22.12
CA LYS A 215 9.80 -16.73 21.00
C LYS A 215 9.85 -16.06 19.62
N CYS A 216 10.58 -16.68 18.68
CA CYS A 216 10.64 -16.17 17.31
C CYS A 216 9.28 -16.47 16.70
N CYS A 217 8.65 -15.46 16.09
CA CYS A 217 7.34 -15.65 15.50
C CYS A 217 7.27 -16.79 14.48
N LEU A 218 8.05 -16.69 13.40
CA LEU A 218 8.01 -17.74 12.40
C LEU A 218 8.46 -19.11 12.94
N CYS A 219 9.23 -19.16 14.04
CA CYS A 219 9.61 -20.47 14.54
C CYS A 219 8.43 -21.01 15.38
N GLU A 220 7.33 -20.24 15.41
CA GLU A 220 6.08 -20.61 16.10
C GLU A 220 4.91 -20.68 15.09
N ALA A 221 5.23 -20.65 13.79
CA ALA A 221 4.19 -20.58 12.74
C ALA A 221 2.97 -21.49 12.88
N LYS A 222 3.19 -22.75 13.20
CA LYS A 222 2.03 -23.64 13.30
C LYS A 222 1.21 -23.26 14.53
N SER A 223 1.88 -22.86 15.61
CA SER A 223 1.10 -22.47 16.79
C SER A 223 0.53 -21.06 16.66
N LYS A 224 1.03 -20.31 15.68
CA LYS A 224 0.61 -18.91 15.48
C LYS A 224 -0.32 -18.66 14.29
N HIS A 225 -0.08 -19.37 13.20
CA HIS A 225 -0.90 -19.20 12.00
C HIS A 225 -1.79 -20.41 11.69
N PHE A 226 -2.39 -20.45 10.49
CA PHE A 226 -3.27 -21.56 10.17
C PHE A 226 -2.72 -22.34 8.98
N VAL A 227 -2.11 -23.48 9.31
CA VAL A 227 -1.48 -24.30 8.30
C VAL A 227 -2.44 -24.72 7.20
N ILE A 228 -1.88 -24.85 5.99
CA ILE A 228 -2.62 -25.24 4.80
C ILE A 228 -2.07 -26.56 4.25
N ASP A 229 -0.76 -26.61 4.05
CA ASP A 229 -0.08 -27.81 3.56
C ASP A 229 1.32 -27.80 4.15
N GLU A 230 1.97 -28.95 4.18
CA GLU A 230 3.34 -28.98 4.71
C GLU A 230 4.22 -29.79 3.77
N SER A 231 5.50 -29.41 3.67
CA SER A 231 6.45 -30.12 2.82
C SER A 231 7.61 -30.65 3.69
N SER A 232 8.61 -31.22 3.04
CA SER A 232 9.73 -31.79 3.78
C SER A 232 10.36 -30.75 4.72
N HIS A 233 10.41 -29.51 4.26
CA HIS A 233 11.03 -28.44 5.03
C HIS A 233 10.26 -27.13 5.11
N PHE A 234 9.15 -27.04 4.39
CA PHE A 234 8.37 -25.81 4.41
C PHE A 234 6.90 -25.99 4.77
N VAL A 235 6.28 -25.00 5.42
CA VAL A 235 4.86 -25.09 5.79
C VAL A 235 4.17 -23.81 5.30
N SER A 236 2.91 -23.91 4.83
CA SER A 236 2.17 -22.69 4.41
C SER A 236 1.06 -22.31 5.40
N VAL A 237 0.81 -21.00 5.53
CA VAL A 237 -0.22 -20.53 6.46
C VAL A 237 -0.96 -19.24 6.03
N ALA A 238 -2.28 -19.21 6.24
CA ALA A 238 -3.01 -17.97 6.02
C ALA A 238 -2.63 -17.27 7.33
N PRO A 239 -1.99 -16.09 7.22
CA PRO A 239 -1.53 -15.29 8.36
C PRO A 239 -2.66 -14.72 9.18
N PHE A 240 -2.62 -15.04 10.46
CA PHE A 240 -3.60 -14.54 11.43
C PHE A 240 -3.79 -13.05 11.25
N ALA A 241 -2.71 -12.32 10.95
CA ALA A 241 -2.90 -10.87 10.76
C ALA A 241 -2.70 -10.40 9.34
N ALA A 242 -2.98 -11.30 8.40
CA ALA A 242 -2.83 -11.05 6.98
C ALA A 242 -3.21 -9.64 6.58
N THR A 243 -3.17 -9.43 5.28
CA THR A 243 -3.49 -8.15 4.68
C THR A 243 -4.44 -8.34 3.50
N TYR A 244 -4.11 -9.34 2.67
CA TYR A 244 -4.84 -9.60 1.42
C TYR A 244 -5.66 -10.88 1.43
N PRO A 245 -6.84 -10.85 0.80
CA PRO A 245 -7.70 -12.04 0.75
C PRO A 245 -6.91 -13.18 0.13
N PHE A 246 -6.85 -14.29 0.87
CA PHE A 246 -6.13 -15.52 0.48
C PHE A 246 -4.62 -15.36 0.39
N GLU A 247 -4.07 -14.38 1.12
CA GLU A 247 -2.61 -14.20 1.19
C GLU A 247 -2.05 -15.50 1.75
N ILE A 248 -1.18 -16.13 0.98
CA ILE A 248 -0.54 -17.39 1.41
C ILE A 248 0.93 -17.17 1.76
N TRP A 249 1.37 -17.76 2.89
CA TRP A 249 2.76 -17.66 3.33
C TRP A 249 3.47 -19.02 3.41
N ILE A 250 4.54 -19.21 2.64
CA ILE A 250 5.30 -20.44 2.73
C ILE A 250 6.48 -20.10 3.67
N ILE A 251 6.66 -20.93 4.70
CA ILE A 251 7.67 -20.66 5.73
C ILE A 251 8.57 -21.85 6.04
N PRO A 252 9.91 -21.67 5.95
CA PRO A 252 10.84 -22.80 6.23
C PRO A 252 10.65 -23.25 7.66
N LYS A 253 11.05 -24.48 7.96
CA LYS A 253 10.91 -24.95 9.33
C LYS A 253 12.07 -24.65 10.27
N ASP A 254 13.30 -24.84 9.81
CA ASP A 254 14.42 -24.50 10.71
C ASP A 254 14.76 -23.03 10.58
N HIS A 255 15.19 -22.44 11.68
CA HIS A 255 15.53 -21.02 11.68
C HIS A 255 16.47 -20.76 10.50
N SER A 256 16.13 -19.73 9.71
CA SER A 256 16.89 -19.30 8.52
C SER A 256 16.70 -17.80 8.38
N SER A 257 17.73 -17.05 8.81
CA SER A 257 17.63 -15.60 8.71
C SER A 257 17.61 -15.11 7.28
N HIS A 258 18.36 -15.80 6.42
CA HIS A 258 18.49 -15.41 5.01
C HIS A 258 17.98 -16.43 4.00
N PHE A 259 17.04 -16.01 3.20
CA PHE A 259 16.51 -16.87 2.16
C PHE A 259 17.70 -17.47 1.37
N HIS A 260 18.70 -16.64 1.07
CA HIS A 260 19.82 -17.16 0.30
C HIS A 260 20.83 -17.99 1.08
N HIS A 261 20.49 -18.37 2.31
CA HIS A 261 21.32 -19.25 3.08
C HIS A 261 20.77 -20.67 2.87
N LEU A 262 19.73 -20.81 2.04
CA LEU A 262 19.19 -22.16 1.77
C LEU A 262 20.14 -22.93 0.83
N ASP A 263 19.90 -24.24 0.65
CA ASP A 263 20.73 -25.01 -0.29
C ASP A 263 19.85 -25.70 -1.34
N ASP A 264 20.45 -26.25 -2.41
CA ASP A 264 19.63 -26.88 -3.47
C ASP A 264 18.59 -27.86 -2.98
N VAL A 265 18.91 -28.66 -1.96
CA VAL A 265 17.93 -29.61 -1.47
C VAL A 265 16.70 -28.90 -0.97
N LYS A 266 16.88 -27.85 -0.17
CA LYS A 266 15.73 -27.16 0.33
C LYS A 266 15.08 -26.35 -0.80
N ALA A 267 15.89 -25.86 -1.74
CA ALA A 267 15.31 -25.07 -2.84
C ALA A 267 14.40 -25.89 -3.80
N VAL A 268 14.53 -27.22 -3.78
CA VAL A 268 13.71 -28.08 -4.64
C VAL A 268 12.39 -28.39 -3.91
N ASP A 269 12.51 -28.62 -2.61
CA ASP A 269 11.35 -28.90 -1.77
C ASP A 269 10.52 -27.61 -1.69
N LEU A 270 11.18 -26.47 -1.51
CA LEU A 270 10.43 -25.20 -1.46
C LEU A 270 9.72 -25.01 -2.80
N GLY A 271 10.40 -25.41 -3.89
CA GLY A 271 9.80 -25.25 -5.20
C GLY A 271 8.52 -26.07 -5.28
N GLY A 272 8.61 -27.29 -4.77
CA GLY A 272 7.46 -28.18 -4.76
C GLY A 272 6.30 -27.54 -4.02
N LEU A 273 6.56 -27.01 -2.83
CA LEU A 273 5.49 -26.38 -2.05
C LEU A 273 5.02 -25.09 -2.72
N LEU A 274 5.94 -24.23 -3.15
CA LEU A 274 5.53 -23.01 -3.84
C LEU A 274 4.73 -23.40 -5.07
N LYS A 275 5.19 -24.46 -5.76
CA LYS A 275 4.47 -24.91 -6.94
C LYS A 275 3.08 -25.38 -6.55
N LEU A 276 2.99 -26.06 -5.40
CA LEU A 276 1.71 -26.58 -4.94
C LEU A 276 0.72 -25.47 -4.58
N MET A 277 1.25 -24.36 -4.09
CA MET A 277 0.41 -23.25 -3.67
C MET A 277 0.00 -22.37 -4.84
N LEU A 278 0.86 -22.24 -5.83
CA LEU A 278 0.49 -21.42 -6.97
C LEU A 278 -0.61 -22.11 -7.76
N GLN A 279 -0.54 -23.44 -7.85
CA GLN A 279 -1.56 -24.22 -8.58
C GLN A 279 -2.86 -24.31 -7.79
N LYS A 280 -2.77 -24.41 -6.46
CA LYS A 280 -4.01 -24.49 -5.66
C LYS A 280 -4.67 -23.13 -5.79
N ILE A 281 -3.86 -22.06 -5.74
CA ILE A 281 -4.44 -20.74 -5.90
C ILE A 281 -5.16 -20.70 -7.25
N ALA A 282 -4.42 -20.83 -8.34
CA ALA A 282 -4.99 -20.78 -9.69
C ALA A 282 -6.28 -21.64 -9.92
N LYS A 283 -6.29 -22.90 -9.44
CA LYS A 283 -7.45 -23.79 -9.61
C LYS A 283 -8.69 -23.26 -8.96
N GLN A 284 -8.50 -22.81 -7.71
CA GLN A 284 -9.59 -22.31 -6.86
C GLN A 284 -10.02 -20.87 -6.97
N LEU A 285 -9.12 -19.97 -7.37
CA LEU A 285 -9.47 -18.55 -7.45
C LEU A 285 -9.63 -18.10 -8.89
N ASN A 286 -9.75 -19.09 -9.76
CA ASN A 286 -9.91 -18.89 -11.20
C ASN A 286 -8.81 -18.03 -11.84
N ASP A 287 -7.56 -18.44 -11.61
CA ASP A 287 -6.40 -17.78 -12.21
C ASP A 287 -6.23 -16.29 -11.93
N PRO A 288 -6.24 -15.89 -10.64
CA PRO A 288 -6.07 -14.46 -10.40
C PRO A 288 -4.63 -14.06 -10.75
N PRO A 289 -4.37 -12.75 -10.89
CA PRO A 289 -3.03 -12.23 -11.18
C PRO A 289 -2.42 -12.43 -9.79
N TYR A 290 -1.10 -12.36 -9.66
CA TYR A 290 -0.48 -12.47 -8.35
C TYR A 290 0.93 -11.92 -8.34
N ASN A 291 1.49 -11.85 -7.13
CA ASN A 291 2.84 -11.40 -6.93
C ASN A 291 3.42 -12.28 -5.81
N TYR A 292 4.73 -12.49 -5.80
CA TYR A 292 5.35 -13.15 -4.64
C TYR A 292 6.65 -12.37 -4.26
N MET A 293 6.70 -12.02 -2.98
CA MET A 293 7.76 -11.23 -2.39
C MET A 293 8.50 -12.14 -1.44
N ILE A 294 9.82 -12.22 -1.61
CA ILE A 294 10.61 -13.01 -0.66
C ILE A 294 11.01 -11.96 0.39
N HIS A 295 10.69 -12.25 1.65
CA HIS A 295 11.01 -11.36 2.77
C HIS A 295 12.22 -11.99 3.46
N THR A 296 13.35 -11.29 3.46
CA THR A 296 14.57 -11.86 3.99
C THR A 296 15.18 -10.84 4.95
N SER A 297 16.37 -11.14 5.43
CA SER A 297 16.98 -10.26 6.38
C SER A 297 17.83 -9.15 5.75
N PRO A 298 17.97 -8.01 6.44
CA PRO A 298 18.80 -6.90 5.93
C PRO A 298 20.20 -7.51 5.71
N LEU A 299 20.93 -7.03 4.70
CA LEU A 299 22.28 -7.56 4.43
C LEU A 299 23.30 -7.23 5.53
N LYS A 300 23.01 -6.20 6.35
CA LYS A 300 23.91 -5.86 7.44
C LYS A 300 23.25 -6.32 8.76
N VAL A 301 22.38 -7.33 8.67
CA VAL A 301 21.69 -7.84 9.84
C VAL A 301 22.74 -8.10 10.92
N THR A 302 22.34 -7.87 12.16
CA THR A 302 23.26 -8.06 13.25
C THR A 302 23.09 -9.40 13.93
N GLU A 303 24.12 -9.83 14.65
CA GLU A 303 24.03 -11.10 15.33
C GLU A 303 22.85 -11.08 16.30
N SER A 304 22.72 -9.96 16.99
CA SER A 304 21.66 -9.78 17.99
C SER A 304 20.23 -9.79 17.43
N GLN A 305 20.10 -9.74 16.10
CA GLN A 305 18.79 -9.76 15.43
C GLN A 305 18.48 -11.13 14.79
N LEU A 306 19.49 -12.01 14.72
CA LEU A 306 19.33 -13.34 14.10
C LEU A 306 18.23 -14.24 14.69
N PRO A 307 18.48 -14.80 15.90
CA PRO A 307 17.48 -15.69 16.54
C PRO A 307 16.02 -15.41 16.20
N TYR A 308 15.66 -14.12 16.02
CA TYR A 308 14.28 -13.74 15.68
C TYR A 308 14.11 -13.11 14.29
N THR A 309 14.95 -13.52 13.36
CA THR A 309 14.85 -13.03 11.99
C THR A 309 15.05 -14.29 11.13
N HIS A 310 13.95 -14.70 10.50
CA HIS A 310 13.88 -15.91 9.67
C HIS A 310 13.34 -15.34 8.39
N TRP A 311 13.63 -15.97 7.26
CA TRP A 311 13.12 -15.42 5.98
C TRP A 311 11.76 -16.08 5.72
N PHE A 312 10.94 -15.52 4.83
CA PHE A 312 9.67 -16.17 4.49
C PHE A 312 9.15 -15.61 3.19
N LEU A 313 8.29 -16.36 2.49
CA LEU A 313 7.74 -15.89 1.26
C LEU A 313 6.26 -15.56 1.38
N GLN A 314 5.90 -14.38 0.88
CA GLN A 314 4.52 -13.90 0.93
C GLN A 314 3.97 -13.99 -0.49
N ILE A 315 2.86 -14.72 -0.68
CA ILE A 315 2.22 -14.81 -1.99
C ILE A 315 0.94 -13.99 -1.85
N VAL A 316 0.72 -13.02 -2.74
CA VAL A 316 -0.49 -12.23 -2.67
C VAL A 316 -1.32 -12.34 -3.94
N PRO A 317 -2.39 -13.17 -3.94
CA PRO A 317 -3.26 -13.30 -5.11
C PRO A 317 -4.02 -11.96 -5.23
N GLN A 318 -4.08 -11.39 -6.42
CA GLN A 318 -4.78 -10.10 -6.60
C GLN A 318 -6.29 -10.35 -6.72
N LEU A 319 -7.07 -9.81 -5.78
CA LEU A 319 -8.51 -10.01 -5.79
C LEU A 319 -9.29 -8.70 -5.71
N SER A 320 -8.57 -7.59 -5.47
CA SER A 320 -9.16 -6.26 -5.32
C SER A 320 -8.19 -5.10 -5.47
N GLY A 321 -8.73 -3.92 -5.78
CA GLY A 321 -7.88 -2.73 -5.86
C GLY A 321 -8.05 -2.00 -4.54
N VAL A 322 -7.46 -0.82 -4.39
CA VAL A 322 -7.61 -0.10 -3.14
C VAL A 322 -8.26 1.26 -3.39
N GLY A 323 -8.67 1.91 -2.31
CA GLY A 323 -9.30 3.21 -2.42
C GLY A 323 -8.78 4.05 -1.29
N GLY A 324 -9.27 5.28 -1.29
CA GLY A 324 -8.88 6.26 -0.29
C GLY A 324 -8.60 5.79 1.13
N PHE A 325 -9.45 4.91 1.66
CA PHE A 325 -9.24 4.47 3.05
C PHE A 325 -7.85 3.89 3.36
N GLU A 326 -7.46 2.86 2.62
CA GLU A 326 -6.16 2.23 2.91
C GLU A 326 -5.01 3.16 2.55
N ILE A 327 -5.28 4.12 1.66
CA ILE A 327 -4.24 5.09 1.36
C ILE A 327 -4.15 6.03 2.55
N GLY A 328 -5.30 6.46 3.07
CA GLY A 328 -5.28 7.39 4.18
C GLY A 328 -4.60 6.86 5.42
N THR A 329 -4.90 5.61 5.75
CA THR A 329 -4.37 5.00 6.96
C THR A 329 -3.22 4.04 6.78
N GLY A 330 -3.28 3.24 5.72
CA GLY A 330 -2.30 2.22 5.50
C GLY A 330 -2.89 0.98 6.17
N CYS A 331 -4.12 1.13 6.70
CA CYS A 331 -4.81 0.01 7.34
C CYS A 331 -5.57 -0.71 6.22
N TYR A 332 -5.34 -2.01 6.09
CA TYR A 332 -6.02 -2.79 5.04
C TYR A 332 -7.29 -3.46 5.53
N ILE A 333 -8.25 -3.62 4.61
CA ILE A 333 -9.46 -4.32 4.96
C ILE A 333 -9.47 -5.68 4.25
N ASN A 334 -9.45 -6.76 5.03
CA ASN A 334 -9.45 -8.12 4.48
C ASN A 334 -10.88 -8.66 4.63
N PRO A 335 -11.46 -9.19 3.53
CA PRO A 335 -12.81 -9.72 3.58
C PRO A 335 -12.94 -11.19 3.92
N VAL A 336 -11.80 -11.87 4.14
CA VAL A 336 -11.82 -13.30 4.49
C VAL A 336 -10.88 -13.66 5.66
N PHE A 337 -11.35 -14.41 6.64
CA PHE A 337 -10.47 -14.77 7.76
C PHE A 337 -9.50 -15.87 7.34
N PRO A 338 -8.25 -15.81 7.85
CA PRO A 338 -7.29 -16.84 7.48
C PRO A 338 -7.68 -18.27 7.89
N GLU A 339 -8.43 -18.41 9.00
CA GLU A 339 -8.86 -19.75 9.39
C GLU A 339 -9.78 -20.33 8.32
N ASP A 340 -10.49 -19.46 7.62
CA ASP A 340 -11.43 -19.93 6.60
C ASP A 340 -10.76 -20.12 5.26
N VAL A 341 -9.58 -19.52 5.09
CA VAL A 341 -8.84 -19.65 3.83
C VAL A 341 -8.17 -21.01 3.90
N ALA A 342 -7.55 -21.30 5.04
CA ALA A 342 -6.82 -22.55 5.23
C ALA A 342 -7.73 -23.76 4.97
N LYS A 343 -9.00 -23.65 5.36
CA LYS A 343 -9.94 -24.73 5.15
C LYS A 343 -10.09 -25.00 3.66
N VAL A 344 -10.46 -23.97 2.91
CA VAL A 344 -10.68 -24.13 1.48
C VAL A 344 -9.43 -24.44 0.66
N MET A 345 -8.29 -23.97 1.15
CA MET A 345 -7.01 -24.16 0.48
C MET A 345 -6.49 -25.56 0.84
N ARG A 346 -6.60 -25.95 2.10
CA ARG A 346 -6.14 -27.28 2.45
C ARG A 346 -6.86 -28.23 1.51
N GLU A 347 -8.16 -28.37 1.77
CA GLU A 347 -9.04 -29.28 1.03
C GLU A 347 -8.77 -29.37 -0.44
N VAL A 348 -8.16 -28.34 -1.05
CA VAL A 348 -7.89 -28.41 -2.49
C VAL A 348 -7.20 -29.74 -2.85
N SER A 349 -7.76 -30.41 -3.86
CA SER A 349 -7.29 -31.70 -4.40
C SER A 349 -7.27 -31.33 -5.88
N LEU A 350 -6.10 -31.21 -6.50
CA LEU A 350 -5.97 -30.88 -7.93
C LEU A 350 -6.32 -32.10 -8.77
N THR A 351 -7.16 -32.99 -8.23
CA THR A 351 -7.59 -34.21 -8.95
C THR A 351 -8.77 -33.97 -9.91
N GLN B 21 15.77 9.62 -17.06
CA GLN B 21 16.69 10.59 -16.38
C GLN B 21 17.19 9.99 -15.05
N SER B 22 18.12 10.67 -14.39
CA SER B 22 18.74 10.20 -13.14
C SER B 22 17.76 9.87 -11.96
N PRO B 23 17.66 8.59 -11.58
CA PRO B 23 16.74 8.27 -10.48
C PRO B 23 17.24 8.88 -9.17
N GLU B 24 16.35 9.01 -8.19
CA GLU B 24 16.71 9.63 -6.92
C GLU B 24 15.76 9.23 -5.81
N LEU B 25 16.28 9.01 -4.60
CA LEU B 25 15.43 8.71 -3.47
C LEU B 25 15.22 10.00 -2.67
N ARG B 26 14.02 10.16 -2.13
CA ARG B 26 13.66 11.33 -1.34
C ARG B 26 12.80 10.90 -0.17
N LYS B 27 12.88 11.65 0.93
CA LYS B 27 12.15 11.32 2.14
C LYS B 27 11.49 12.57 2.69
N ASP B 28 10.38 12.40 3.43
CA ASP B 28 9.62 13.52 4.00
C ASP B 28 9.36 13.22 5.47
N PRO B 29 9.40 14.24 6.34
CA PRO B 29 9.14 13.96 7.77
C PRO B 29 7.73 13.46 8.04
N VAL B 30 6.79 13.86 7.18
CA VAL B 30 5.40 13.46 7.36
C VAL B 30 5.20 12.03 6.91
N THR B 31 6.06 11.56 6.01
CA THR B 31 5.90 10.18 5.57
C THR B 31 6.92 9.29 6.26
N ASN B 32 8.03 9.89 6.66
CA ASN B 32 9.12 9.17 7.34
C ASN B 32 9.67 8.01 6.48
N ARG B 33 9.42 8.06 5.17
CA ARG B 33 9.94 7.01 4.32
C ARG B 33 10.49 7.57 3.02
N TRP B 34 11.52 6.90 2.51
CA TRP B 34 12.07 7.30 1.24
C TRP B 34 11.08 6.81 0.17
N VAL B 35 11.11 7.47 -0.97
CA VAL B 35 10.33 7.03 -2.13
C VAL B 35 11.37 7.04 -3.29
N ILE B 36 11.26 6.11 -4.24
CA ILE B 36 12.20 6.12 -5.36
C ILE B 36 11.65 7.03 -6.43
N PHE B 37 12.26 8.21 -6.66
CA PHE B 37 11.78 9.02 -7.77
C PHE B 37 12.48 8.61 -9.05
N SER B 38 11.70 8.18 -10.06
CA SER B 38 12.24 7.74 -11.35
C SER B 38 11.14 7.29 -12.33
N PRO B 39 11.42 7.26 -13.65
CA PRO B 39 10.43 6.83 -14.66
C PRO B 39 10.19 5.30 -14.70
N THR B 46 3.67 15.39 -18.19
CA THR B 46 2.75 16.19 -18.99
C THR B 46 1.75 15.31 -19.74
N ASP B 47 2.03 14.02 -19.82
CA ASP B 47 1.16 13.09 -20.52
C ASP B 47 0.81 11.86 -19.66
N PHE B 48 0.87 12.02 -18.35
CA PHE B 48 0.56 10.95 -17.42
C PHE B 48 -0.93 11.00 -17.12
N LYS B 49 -1.72 11.32 -18.14
CA LYS B 49 -3.17 11.42 -18.01
C LYS B 49 -3.84 10.10 -17.72
N SER B 50 -5.11 10.14 -17.36
CA SER B 50 -5.87 8.92 -17.08
C SER B 50 -5.92 8.03 -18.31
N SER B 62 -30.99 7.57 -10.99
CA SER B 62 -31.37 7.60 -9.58
C SER B 62 -30.77 6.47 -8.75
N CYS B 63 -30.75 6.62 -7.43
CA CYS B 63 -30.20 5.56 -6.58
C CYS B 63 -30.68 5.74 -5.14
N PRO B 64 -30.18 4.91 -4.21
CA PRO B 64 -30.61 5.01 -2.81
C PRO B 64 -30.28 6.33 -2.10
N PHE B 65 -29.28 7.05 -2.61
CA PHE B 65 -28.82 8.33 -2.04
C PHE B 65 -29.51 9.55 -2.66
N CYS B 66 -30.27 9.35 -3.74
CA CYS B 66 -30.98 10.46 -4.39
C CYS B 66 -32.12 11.00 -3.53
N ILE B 67 -32.25 12.31 -3.48
CA ILE B 67 -33.27 12.95 -2.66
C ILE B 67 -34.63 12.24 -2.81
N GLY B 68 -35.21 11.84 -1.69
CA GLY B 68 -36.49 11.14 -1.72
C GLY B 68 -36.38 9.63 -1.73
N ARG B 69 -35.34 9.09 -1.07
CA ARG B 69 -35.11 7.64 -0.95
C ARG B 69 -34.45 7.33 0.40
N GLU B 70 -34.51 8.29 1.33
CA GLU B 70 -33.90 8.14 2.65
C GLU B 70 -34.17 6.87 3.47
N GLN B 71 -35.45 6.50 3.60
CA GLN B 71 -35.86 5.29 4.36
C GLN B 71 -35.10 4.07 3.85
N GLU B 72 -34.53 4.25 2.66
CA GLU B 72 -33.75 3.27 1.91
C GLU B 72 -32.23 3.36 2.21
N CYS B 73 -31.87 4.14 3.24
CA CYS B 73 -30.49 4.33 3.70
C CYS B 73 -30.41 3.89 5.17
N ALA B 74 -29.22 3.53 5.63
CA ALA B 74 -29.05 3.18 7.04
C ALA B 74 -29.42 4.46 7.80
N PRO B 75 -29.59 4.40 9.13
CA PRO B 75 -29.96 5.61 9.89
C PRO B 75 -29.15 6.90 9.68
N GLU B 76 -29.87 8.02 9.72
CA GLU B 76 -29.29 9.34 9.56
C GLU B 76 -28.72 9.80 10.89
N LEU B 77 -27.52 10.36 10.89
CA LEU B 77 -26.96 10.87 12.13
C LEU B 77 -27.52 12.29 12.23
N PHE B 78 -27.28 13.10 11.21
CA PHE B 78 -27.85 14.44 11.16
C PHE B 78 -27.83 14.85 9.71
N ARG B 79 -28.40 15.99 9.39
CA ARG B 79 -28.40 16.48 8.01
C ARG B 79 -28.16 17.99 8.09
N VAL B 80 -28.01 18.63 6.93
CA VAL B 80 -27.74 20.07 6.82
C VAL B 80 -28.48 20.63 5.58
N PRO B 81 -29.32 21.69 5.78
CA PRO B 81 -29.66 22.38 7.02
C PRO B 81 -30.16 21.44 8.13
N ASP B 82 -29.77 21.73 9.36
CA ASP B 82 -30.15 20.89 10.50
C ASP B 82 -31.66 20.64 10.58
N HIS B 83 -32.03 19.38 10.72
CA HIS B 83 -33.43 19.00 10.84
C HIS B 83 -34.26 19.70 9.78
N ASP B 84 -33.81 19.61 8.52
CA ASP B 84 -34.51 20.29 7.44
C ASP B 84 -34.99 19.38 6.33
N PRO B 85 -36.11 19.75 5.68
CA PRO B 85 -36.67 18.98 4.57
C PRO B 85 -35.61 18.84 3.46
N ASN B 86 -35.71 19.60 2.37
CA ASN B 86 -34.69 19.44 1.33
C ASN B 86 -33.30 19.75 1.86
N TRP B 87 -32.55 18.70 2.04
CA TRP B 87 -31.20 18.81 2.58
C TRP B 87 -30.16 19.17 1.53
N LYS B 88 -29.00 19.62 2.00
CA LYS B 88 -27.89 19.97 1.13
C LYS B 88 -26.95 18.75 1.26
N LEU B 89 -26.89 18.17 2.45
CA LEU B 89 -26.06 16.98 2.67
C LEU B 89 -26.57 16.19 3.89
N ARG B 90 -26.22 14.92 3.99
CA ARG B 90 -26.65 14.12 5.13
C ARG B 90 -25.51 13.25 5.57
N VAL B 91 -25.39 13.04 6.87
CA VAL B 91 -24.35 12.18 7.42
C VAL B 91 -25.12 11.01 8.01
N ILE B 92 -24.88 9.84 7.44
CA ILE B 92 -25.58 8.64 7.85
C ILE B 92 -24.64 7.51 8.18
N GLU B 93 -25.19 6.45 8.74
CA GLU B 93 -24.37 5.28 9.03
C GLU B 93 -24.20 4.55 7.71
N ASN B 94 -23.09 3.84 7.58
CA ASN B 94 -22.83 3.04 6.36
C ASN B 94 -23.68 1.76 6.45
N LEU B 95 -24.48 1.49 5.43
CA LEU B 95 -25.33 0.28 5.38
C LEU B 95 -24.46 -0.95 5.61
N TYR B 96 -23.40 -1.11 4.80
CA TYR B 96 -22.48 -2.26 4.88
C TYR B 96 -21.18 -1.73 5.50
N PRO B 97 -21.10 -1.70 6.83
CA PRO B 97 -19.92 -1.19 7.53
C PRO B 97 -18.76 -2.12 7.68
N ALA B 98 -17.56 -1.54 7.73
CA ALA B 98 -16.34 -2.33 7.89
C ALA B 98 -16.06 -2.60 9.37
N LEU B 99 -16.64 -1.79 10.25
CA LEU B 99 -16.51 -1.95 11.71
C LEU B 99 -17.89 -1.81 12.42
N SER B 100 -18.03 -2.40 13.60
CA SER B 100 -19.32 -2.39 14.31
C SER B 100 -19.50 -1.33 15.38
N ARG B 101 -20.48 -0.46 15.20
CA ARG B 101 -20.76 0.58 16.18
C ARG B 101 -21.42 0.05 17.43
N ASN B 102 -21.80 -1.22 17.45
CA ASN B 102 -22.48 -1.77 18.63
C ASN B 102 -21.53 -2.61 19.50
N LEU B 103 -20.23 -2.32 19.43
CA LEU B 103 -19.24 -3.10 20.21
C LEU B 103 -18.41 -2.25 21.16
N GLU B 104 -18.94 -1.09 21.54
CA GLU B 104 -18.17 -0.20 22.41
C GLU B 104 -17.83 -0.80 23.78
N THR B 105 -18.84 -1.24 24.53
CA THR B 105 -18.59 -1.79 25.84
C THR B 105 -17.47 -2.85 25.81
N GLN B 106 -17.56 -3.82 24.91
CA GLN B 106 -16.48 -4.81 24.83
C GLN B 106 -15.35 -4.14 24.04
N SER B 107 -14.89 -3.00 24.56
CA SER B 107 -13.83 -2.21 23.93
C SER B 107 -14.25 -1.89 22.50
N ARG B 116 -3.04 -9.33 20.68
CA ARG B 116 -2.99 -9.35 19.21
C ARG B 116 -4.36 -9.44 18.48
N THR B 117 -5.46 -9.43 19.23
CA THR B 117 -6.81 -9.53 18.64
C THR B 117 -7.79 -8.68 19.48
N ILE B 118 -8.65 -7.90 18.82
CA ILE B 118 -9.65 -7.07 19.52
C ILE B 118 -10.93 -7.01 18.67
N VAL B 119 -12.10 -6.73 19.28
CA VAL B 119 -13.34 -6.71 18.50
C VAL B 119 -13.43 -5.59 17.47
N GLY B 120 -14.20 -5.82 16.41
CA GLY B 120 -14.32 -4.86 15.32
C GLY B 120 -15.17 -3.66 15.55
N PHE B 121 -14.93 -3.01 16.69
CA PHE B 121 -15.67 -1.83 17.07
C PHE B 121 -15.18 -0.57 16.39
N GLY B 122 -16.13 0.25 15.95
CA GLY B 122 -15.78 1.52 15.32
C GLY B 122 -17.01 2.11 14.72
N PHE B 123 -16.88 3.33 14.16
CA PHE B 123 -18.02 3.96 13.50
C PHE B 123 -17.68 4.21 12.06
N HIS B 124 -18.47 3.61 11.16
CA HIS B 124 -18.25 3.75 9.74
C HIS B 124 -19.45 4.51 9.26
N ASP B 125 -19.21 5.76 8.90
CA ASP B 125 -20.28 6.65 8.46
C ASP B 125 -20.14 7.14 7.02
N VAL B 126 -21.28 7.49 6.43
CA VAL B 126 -21.29 7.98 5.05
C VAL B 126 -21.74 9.42 4.97
N VAL B 127 -21.04 10.22 4.18
CA VAL B 127 -21.44 11.62 3.98
C VAL B 127 -21.94 11.77 2.56
N ILE B 128 -23.23 12.00 2.40
CA ILE B 128 -23.80 12.20 1.06
C ILE B 128 -23.73 13.69 0.79
N GLU B 129 -22.85 14.08 -0.12
CA GLU B 129 -22.51 15.47 -0.45
C GLU B 129 -23.49 16.35 -1.19
N SER B 130 -24.55 15.75 -1.71
CA SER B 130 -25.51 16.54 -2.43
C SER B 130 -26.80 15.78 -2.68
N PRO B 131 -27.85 16.52 -3.08
CA PRO B 131 -29.13 15.85 -3.36
C PRO B 131 -29.19 15.56 -4.86
N VAL B 132 -28.22 16.06 -5.63
CA VAL B 132 -28.20 15.86 -7.08
C VAL B 132 -27.45 14.58 -7.42
N HIS B 133 -27.84 13.92 -8.53
CA HIS B 133 -27.19 12.65 -8.90
C HIS B 133 -25.97 12.68 -9.82
N SER B 134 -26.03 13.44 -10.90
CA SER B 134 -24.92 13.44 -11.87
C SER B 134 -23.79 14.45 -11.65
N ILE B 135 -23.87 15.24 -10.57
CA ILE B 135 -22.83 16.22 -10.31
C ILE B 135 -21.64 15.66 -9.49
N GLN B 136 -20.41 15.89 -9.94
CA GLN B 136 -19.22 15.42 -9.19
C GLN B 136 -18.85 16.53 -8.19
N LEU B 137 -18.25 16.13 -7.06
CA LEU B 137 -17.87 17.09 -6.01
C LEU B 137 -17.17 18.29 -6.63
N SER B 138 -16.40 18.05 -7.69
CA SER B 138 -15.65 19.14 -8.30
C SER B 138 -16.49 20.23 -8.94
N ASP B 139 -17.79 19.97 -9.11
CA ASP B 139 -18.71 20.96 -9.72
C ASP B 139 -19.38 21.83 -8.68
N ILE B 140 -19.42 21.37 -7.43
CA ILE B 140 -20.07 22.13 -6.35
C ILE B 140 -19.38 23.48 -6.06
N ASP B 141 -20.16 24.50 -5.69
CA ASP B 141 -19.53 25.81 -5.44
C ASP B 141 -18.80 25.82 -4.08
N PRO B 142 -17.81 26.73 -3.94
CA PRO B 142 -17.01 26.85 -2.71
C PRO B 142 -17.79 26.83 -1.38
N VAL B 143 -18.88 27.58 -1.31
CA VAL B 143 -19.68 27.58 -0.08
C VAL B 143 -20.13 26.16 0.27
N GLY B 144 -20.66 25.47 -0.74
CA GLY B 144 -21.14 24.11 -0.57
C GLY B 144 -20.02 23.18 -0.17
N ILE B 145 -18.84 23.39 -0.74
CA ILE B 145 -17.72 22.53 -0.33
C ILE B 145 -17.55 22.81 1.17
N GLY B 146 -17.58 24.09 1.53
CA GLY B 146 -17.48 24.48 2.94
C GLY B 146 -18.47 23.68 3.79
N ASP B 147 -19.76 23.68 3.40
CA ASP B 147 -20.80 22.94 4.12
C ASP B 147 -20.39 21.50 4.47
N ILE B 148 -19.89 20.79 3.47
CA ILE B 148 -19.47 19.41 3.63
C ILE B 148 -18.30 19.36 4.62
N LEU B 149 -17.32 20.24 4.43
CA LEU B 149 -16.16 20.26 5.32
C LEU B 149 -16.60 20.58 6.77
N ILE B 150 -17.58 21.47 6.92
CA ILE B 150 -18.12 21.79 8.26
C ILE B 150 -18.88 20.56 8.77
N ALA B 151 -19.52 19.83 7.87
CA ALA B 151 -20.19 18.62 8.29
C ALA B 151 -19.15 17.58 8.79
N TYR B 152 -17.98 17.49 8.13
CA TYR B 152 -16.94 16.55 8.59
C TYR B 152 -16.56 16.96 10.01
N LYS B 153 -16.56 18.26 10.19
CA LYS B 153 -16.24 18.84 11.47
C LYS B 153 -17.33 18.50 12.49
N LYS B 154 -18.59 18.84 12.20
CA LYS B 154 -19.67 18.53 13.13
C LYS B 154 -19.54 17.08 13.60
N ARG B 155 -19.58 16.13 12.65
CA ARG B 155 -19.50 14.70 13.00
C ARG B 155 -18.33 14.31 13.91
N ILE B 156 -17.09 14.61 13.48
CA ILE B 156 -15.94 14.31 14.32
C ILE B 156 -16.22 14.87 15.73
N ASN B 157 -16.92 15.99 15.77
CA ASN B 157 -17.25 16.64 17.04
C ASN B 157 -18.18 15.83 17.92
N GLN B 158 -18.90 14.88 17.30
CA GLN B 158 -19.78 13.97 18.04
C GLN B 158 -18.96 12.73 18.41
N ILE B 159 -18.25 12.21 17.42
CA ILE B 159 -17.42 11.03 17.60
C ILE B 159 -16.45 11.12 18.78
N ALA B 160 -15.73 12.24 18.83
CA ALA B 160 -14.74 12.49 19.87
C ALA B 160 -15.28 12.30 21.30
N GLN B 161 -16.59 12.40 21.50
CA GLN B 161 -17.14 12.19 22.84
C GLN B 161 -17.04 10.72 23.24
N HIS B 162 -16.71 9.84 22.29
CA HIS B 162 -16.58 8.41 22.56
C HIS B 162 -15.11 8.15 22.92
N ASP B 163 -14.83 7.84 24.17
CA ASP B 163 -13.45 7.64 24.59
C ASP B 163 -12.87 6.42 23.88
N SER B 164 -13.74 5.66 23.23
CA SER B 164 -13.33 4.44 22.56
C SER B 164 -12.73 4.63 21.17
N ILE B 165 -13.01 5.77 20.54
CA ILE B 165 -12.49 6.07 19.20
C ILE B 165 -11.12 6.75 19.28
N ASN B 166 -10.16 6.26 18.48
CA ASN B 166 -8.81 6.84 18.46
C ASN B 166 -8.46 7.60 17.14
N TYR B 167 -9.25 7.47 16.08
CA TYR B 167 -8.90 8.23 14.84
C TYR B 167 -10.05 8.32 13.84
N ILE B 168 -9.93 9.23 12.87
CA ILE B 168 -10.98 9.35 11.84
C ILE B 168 -10.49 9.60 10.40
N GLN B 169 -10.58 8.57 9.56
CA GLN B 169 -10.15 8.67 8.17
C GLN B 169 -11.35 9.09 7.31
N VAL B 170 -11.28 10.33 6.82
CA VAL B 170 -12.26 10.92 5.94
C VAL B 170 -11.75 10.75 4.51
N PHE B 171 -12.43 10.02 3.65
CA PHE B 171 -11.87 9.93 2.31
C PHE B 171 -12.91 9.99 1.23
N LYS B 172 -12.42 10.24 0.02
CA LYS B 172 -13.31 10.29 -1.09
C LYS B 172 -12.76 9.31 -2.13
N ASN B 173 -13.63 8.40 -2.57
CA ASN B 173 -13.31 7.41 -3.58
C ASN B 173 -14.16 7.75 -4.76
N GLN B 174 -13.88 8.84 -5.45
CA GLN B 174 -14.71 9.11 -6.61
C GLN B 174 -14.19 8.08 -7.61
N GLY B 175 -15.06 7.22 -8.12
CA GLY B 175 -14.61 6.23 -9.08
C GLY B 175 -14.44 4.81 -8.57
N ALA B 176 -15.01 3.89 -9.34
CA ALA B 176 -14.96 2.47 -9.02
C ALA B 176 -13.53 1.94 -8.89
N SER B 177 -12.64 2.36 -9.79
CA SER B 177 -11.26 1.87 -9.74
C SER B 177 -10.46 2.47 -8.59
N ALA B 178 -11.07 3.47 -7.95
CA ALA B 178 -10.50 4.16 -6.78
C ALA B 178 -11.28 3.76 -5.54
N GLY B 179 -12.10 2.71 -5.66
CA GLY B 179 -12.83 2.22 -4.50
C GLY B 179 -14.26 2.62 -4.27
N ALA B 180 -14.84 3.35 -5.21
CA ALA B 180 -16.23 3.76 -5.10
C ALA B 180 -17.13 2.52 -5.35
N SER B 181 -18.24 2.46 -4.63
CA SER B 181 -19.24 1.42 -4.78
C SER B 181 -20.57 2.10 -5.14
N MET B 182 -20.68 3.40 -4.87
CA MET B 182 -21.92 4.14 -5.22
C MET B 182 -21.57 5.28 -6.13
N SER B 183 -22.32 5.46 -7.22
CA SER B 183 -21.97 6.49 -8.18
C SER B 183 -22.40 7.92 -7.86
N HIS B 184 -23.33 8.07 -6.94
CA HIS B 184 -23.81 9.37 -6.53
C HIS B 184 -22.64 10.03 -5.77
N SER B 185 -22.15 11.14 -6.33
CA SER B 185 -21.04 11.89 -5.77
C SER B 185 -21.02 11.79 -4.25
N HIS B 186 -19.89 11.43 -3.68
CA HIS B 186 -19.86 11.32 -2.22
C HIS B 186 -18.51 10.97 -1.65
N SER B 187 -18.37 11.16 -0.33
CA SER B 187 -17.11 10.78 0.36
C SER B 187 -17.50 9.81 1.49
N GLN B 188 -16.56 9.52 2.40
CA GLN B 188 -16.78 8.57 3.49
C GLN B 188 -15.99 8.94 4.74
N MET B 189 -16.38 8.33 5.88
CA MET B 189 -15.65 8.52 7.15
C MET B 189 -15.55 7.17 7.85
N MET B 190 -14.34 6.75 8.23
CA MET B 190 -14.15 5.50 8.97
C MET B 190 -13.56 5.82 10.34
N ALA B 191 -14.38 5.69 11.37
CA ALA B 191 -13.95 5.93 12.74
C ALA B 191 -13.38 4.60 13.25
N LEU B 192 -12.09 4.64 13.61
CA LEU B 192 -11.33 3.46 14.04
C LEU B 192 -11.09 3.46 15.51
N PRO B 193 -10.82 2.27 16.10
CA PRO B 193 -10.57 2.28 17.55
C PRO B 193 -9.04 2.29 17.80
N VAL B 194 -8.30 2.19 16.72
CA VAL B 194 -6.84 2.16 16.77
C VAL B 194 -6.39 3.27 15.87
N VAL B 195 -5.10 3.56 15.92
CA VAL B 195 -4.48 4.58 15.09
C VAL B 195 -3.78 3.80 13.97
N PRO B 196 -4.01 4.20 12.73
CA PRO B 196 -3.38 3.48 11.61
C PRO B 196 -1.86 3.66 11.52
N PRO B 197 -1.19 2.96 10.59
CA PRO B 197 0.27 3.03 10.40
C PRO B 197 0.79 4.30 9.77
N THR B 198 -0.13 5.11 9.25
CA THR B 198 0.29 6.38 8.67
C THR B 198 0.28 7.47 9.73
N VAL B 199 -0.64 7.36 10.70
CA VAL B 199 -0.75 8.38 11.74
C VAL B 199 0.40 8.19 12.75
N SER B 200 0.77 6.94 13.04
CA SER B 200 1.89 6.70 13.96
C SER B 200 3.22 6.93 13.18
N SER B 201 3.23 6.62 11.87
CA SER B 201 4.44 6.83 11.05
C SER B 201 4.75 8.31 11.00
N ARG B 202 3.73 9.11 10.71
CA ARG B 202 3.88 10.56 10.62
C ARG B 202 4.19 11.15 12.01
N LEU B 203 3.63 10.56 13.06
CA LEU B 203 3.87 11.08 14.40
C LEU B 203 5.36 10.93 14.77
N ASP B 204 6.03 9.96 14.17
CA ASP B 204 7.44 9.73 14.46
C ASP B 204 8.38 10.62 13.66
N GLY B 205 8.09 10.76 12.37
CA GLY B 205 8.92 11.56 11.49
C GLY B 205 8.93 13.04 11.80
N THR B 206 7.72 13.56 12.03
CA THR B 206 7.54 14.98 12.40
C THR B 206 8.29 15.24 13.70
N LYS B 207 8.18 14.32 14.65
CA LYS B 207 8.90 14.46 15.91
C LYS B 207 10.42 14.62 15.66
N ASP B 208 10.99 13.74 14.83
CA ASP B 208 12.43 13.79 14.52
C ASP B 208 12.87 15.16 13.98
N TYR B 209 12.16 15.64 12.97
CA TYR B 209 12.44 16.90 12.35
C TYR B 209 12.40 18.01 13.40
N PHE B 210 11.38 17.98 14.26
CA PHE B 210 11.23 18.98 15.29
C PHE B 210 12.42 18.90 16.27
N GLU B 211 12.83 17.68 16.65
CA GLU B 211 13.98 17.53 17.56
C GLU B 211 15.26 17.96 16.85
N GLU B 212 15.28 17.89 15.53
CA GLU B 212 16.44 18.27 14.76
C GLU B 212 16.44 19.75 14.35
N THR B 213 15.30 20.44 14.50
CA THR B 213 15.22 21.84 14.09
C THR B 213 14.42 22.74 15.02
N GLY B 214 13.56 22.16 15.85
CA GLY B 214 12.74 22.95 16.74
C GLY B 214 11.63 23.65 15.97
N LYS B 215 11.10 22.98 14.94
CA LYS B 215 10.04 23.57 14.10
C LYS B 215 9.17 22.51 13.46
N CYS B 216 7.94 22.88 13.12
CA CYS B 216 7.01 21.98 12.47
C CYS B 216 7.34 22.02 10.99
N CYS B 217 7.44 20.86 10.34
CA CYS B 217 7.80 20.90 8.93
C CYS B 217 6.71 21.49 8.02
N LEU B 218 5.43 21.23 8.32
CA LEU B 218 4.37 21.77 7.45
C LEU B 218 4.24 23.28 7.47
N CYS B 219 4.72 23.93 8.54
CA CYS B 219 4.71 25.39 8.56
C CYS B 219 5.70 25.93 7.47
N GLU B 220 6.70 25.11 7.13
CA GLU B 220 7.70 25.44 6.10
C GLU B 220 7.28 24.87 4.76
N ALA B 221 5.97 24.77 4.51
CA ALA B 221 5.55 24.17 3.26
C ALA B 221 6.05 24.90 2.03
N LYS B 222 6.21 26.22 2.12
CA LYS B 222 6.69 27.00 0.96
C LYS B 222 8.18 26.84 0.69
N SER B 223 8.92 26.42 1.71
CA SER B 223 10.35 26.23 1.50
C SER B 223 10.75 24.76 1.42
N LYS B 224 9.81 23.86 1.79
CA LYS B 224 10.10 22.41 1.75
C LYS B 224 9.47 21.67 0.57
N HIS B 225 8.39 22.24 0.01
CA HIS B 225 7.67 21.62 -1.10
C HIS B 225 7.58 22.58 -2.29
N PHE B 226 6.68 22.29 -3.23
CA PHE B 226 6.60 23.13 -4.42
C PHE B 226 5.19 23.61 -4.64
N VAL B 227 5.00 24.92 -4.85
CA VAL B 227 3.65 25.43 -4.98
C VAL B 227 3.03 25.55 -6.40
N ILE B 228 1.71 25.36 -6.44
CA ILE B 228 0.95 25.43 -7.69
C ILE B 228 -0.10 26.53 -7.57
N ASP B 229 -0.69 26.63 -6.37
CA ASP B 229 -1.71 27.64 -6.07
C ASP B 229 -1.81 27.84 -4.56
N GLU B 230 -2.46 28.94 -4.17
CA GLU B 230 -2.58 29.31 -2.77
C GLU B 230 -3.91 30.01 -2.53
N SER B 231 -4.40 29.96 -1.30
CA SER B 231 -5.65 30.67 -0.96
C SER B 231 -5.41 31.56 0.27
N SER B 232 -6.48 32.03 0.91
CA SER B 232 -6.30 32.90 2.08
C SER B 232 -5.71 32.13 3.25
N HIS B 233 -6.23 30.92 3.47
CA HIS B 233 -5.79 30.07 4.60
C HIS B 233 -5.08 28.79 4.24
N PHE B 234 -4.98 28.50 2.95
CA PHE B 234 -4.34 27.26 2.48
C PHE B 234 -3.40 27.41 1.28
N VAL B 235 -2.48 26.45 1.16
CA VAL B 235 -1.54 26.45 0.06
C VAL B 235 -1.47 25.05 -0.51
N SER B 236 -1.32 24.96 -1.83
CA SER B 236 -1.27 23.65 -2.49
C SER B 236 0.14 23.44 -2.97
N VAL B 237 0.62 22.20 -2.80
CA VAL B 237 1.98 21.82 -3.21
C VAL B 237 2.05 20.39 -3.76
N ALA B 238 3.05 20.13 -4.59
CA ALA B 238 3.36 18.79 -5.08
C ALA B 238 4.40 18.44 -4.01
N PRO B 239 4.19 17.37 -3.24
CA PRO B 239 5.17 17.03 -2.19
C PRO B 239 6.54 16.66 -2.71
N PHE B 240 7.56 17.19 -2.05
CA PHE B 240 8.94 16.94 -2.42
C PHE B 240 9.24 15.44 -2.49
N ALA B 241 8.62 14.63 -1.62
CA ALA B 241 8.89 13.19 -1.66
C ALA B 241 7.60 12.41 -1.90
N ALA B 242 6.71 12.98 -2.71
CA ALA B 242 5.41 12.38 -3.02
C ALA B 242 5.49 10.91 -3.41
N THR B 243 4.60 10.10 -2.85
CA THR B 243 4.59 8.68 -3.13
C THR B 243 3.98 8.35 -4.49
N TYR B 244 3.00 9.17 -4.89
CA TYR B 244 2.25 8.91 -6.10
C TYR B 244 2.36 10.03 -7.10
N PRO B 245 2.48 9.66 -8.38
CA PRO B 245 2.59 10.66 -9.46
C PRO B 245 1.37 11.60 -9.44
N PHE B 246 1.67 12.90 -9.47
CA PHE B 246 0.66 13.96 -9.44
C PHE B 246 -0.15 14.01 -8.15
N GLU B 247 0.34 13.35 -7.11
CA GLU B 247 -0.31 13.44 -5.80
C GLU B 247 -0.20 14.93 -5.49
N ILE B 248 -1.18 15.48 -4.79
CA ILE B 248 -1.17 16.90 -4.41
C ILE B 248 -1.29 17.02 -2.90
N TRP B 249 -0.62 18.02 -2.35
CA TRP B 249 -0.72 18.33 -0.94
C TRP B 249 -1.27 19.77 -0.69
N ILE B 250 -2.49 19.85 -0.16
CA ILE B 250 -3.07 21.16 0.22
C ILE B 250 -2.75 21.20 1.73
N ILE B 251 -2.23 22.34 2.22
CA ILE B 251 -1.81 22.40 3.64
C ILE B 251 -2.12 23.77 4.26
N PRO B 252 -2.74 23.77 5.47
CA PRO B 252 -3.04 25.06 6.12
C PRO B 252 -1.74 25.83 6.34
N LYS B 253 -1.79 27.14 6.12
CA LYS B 253 -0.59 27.96 6.33
C LYS B 253 -0.37 28.29 7.81
N ASP B 254 -1.45 28.30 8.61
CA ASP B 254 -1.34 28.54 10.06
C ASP B 254 -1.09 27.17 10.72
N HIS B 255 -0.16 27.07 11.67
CA HIS B 255 0.10 25.78 12.34
C HIS B 255 -1.22 25.36 12.96
N SER B 256 -1.70 24.19 12.58
CA SER B 256 -2.99 23.69 13.07
C SER B 256 -2.94 22.17 13.09
N SER B 257 -3.05 21.59 14.27
CA SER B 257 -2.97 20.10 14.41
C SER B 257 -4.27 19.39 14.04
N HIS B 258 -5.39 20.06 14.27
CA HIS B 258 -6.72 19.53 14.09
C HIS B 258 -7.48 20.00 12.85
N PHE B 259 -7.89 19.06 12.00
CA PHE B 259 -8.66 19.43 10.82
C PHE B 259 -10.01 20.04 11.24
N HIS B 260 -10.65 19.45 12.25
CA HIS B 260 -11.97 19.89 12.64
C HIS B 260 -12.10 21.18 13.45
N HIS B 261 -10.97 21.77 13.88
CA HIS B 261 -11.05 23.04 14.59
C HIS B 261 -11.36 24.12 13.57
N LEU B 262 -11.28 23.75 12.30
CA LEU B 262 -11.57 24.66 11.18
C LEU B 262 -12.86 25.46 11.41
N ASP B 263 -12.95 26.65 10.80
CA ASP B 263 -14.15 27.50 10.93
C ASP B 263 -14.79 27.77 9.58
N ASP B 264 -15.84 28.60 9.56
CA ASP B 264 -16.55 28.89 8.32
C ASP B 264 -15.74 29.61 7.24
N VAL B 265 -14.78 30.44 7.64
CA VAL B 265 -13.96 31.15 6.67
C VAL B 265 -13.03 30.19 5.92
N LYS B 266 -12.29 29.39 6.68
CA LYS B 266 -11.37 28.43 6.05
C LYS B 266 -12.10 27.34 5.22
N ALA B 267 -13.27 26.89 5.68
CA ALA B 267 -14.01 25.88 4.91
C ALA B 267 -14.35 26.42 3.51
N VAL B 268 -14.78 27.68 3.42
CA VAL B 268 -15.05 28.22 2.10
C VAL B 268 -13.72 28.42 1.38
N ASP B 269 -12.72 28.88 2.13
CA ASP B 269 -11.40 29.07 1.55
C ASP B 269 -10.87 27.73 1.06
N LEU B 270 -10.55 26.82 1.98
CA LEU B 270 -10.08 25.48 1.61
C LEU B 270 -10.99 25.11 0.45
N GLY B 271 -12.20 25.66 0.54
CA GLY B 271 -13.19 25.46 -0.50
C GLY B 271 -12.54 25.71 -1.85
N GLY B 272 -12.70 26.92 -2.38
CA GLY B 272 -12.14 27.23 -3.68
C GLY B 272 -10.80 26.55 -4.05
N LEU B 273 -9.93 26.24 -3.06
CA LEU B 273 -8.64 25.63 -3.37
C LEU B 273 -8.79 24.13 -3.75
N LEU B 274 -9.55 23.37 -2.95
CA LEU B 274 -9.78 21.93 -3.24
C LEU B 274 -10.43 21.86 -4.61
N LYS B 275 -11.49 22.65 -4.81
CA LYS B 275 -12.19 22.63 -6.08
C LYS B 275 -11.22 22.93 -7.24
N LEU B 276 -10.33 23.90 -7.04
CA LEU B 276 -9.39 24.30 -8.09
C LEU B 276 -8.40 23.18 -8.46
N MET B 277 -7.90 22.48 -7.44
CA MET B 277 -6.94 21.41 -7.70
C MET B 277 -7.63 20.23 -8.39
N LEU B 278 -8.86 19.90 -7.99
CA LEU B 278 -9.56 18.81 -8.64
C LEU B 278 -9.94 19.11 -10.10
N GLN B 279 -10.31 20.36 -10.36
CA GLN B 279 -10.65 20.75 -11.73
C GLN B 279 -9.37 20.75 -12.59
N LYS B 280 -8.26 21.30 -12.07
CA LYS B 280 -6.99 21.24 -12.84
C LYS B 280 -6.61 19.76 -13.12
N ILE B 281 -6.53 18.96 -12.06
CA ILE B 281 -6.20 17.52 -12.24
C ILE B 281 -7.06 16.93 -13.35
N ALA B 282 -8.38 17.18 -13.29
CA ALA B 282 -9.27 16.62 -14.32
C ALA B 282 -8.87 17.14 -15.69
N LYS B 283 -8.64 18.44 -15.75
CA LYS B 283 -8.26 19.09 -17.00
C LYS B 283 -6.90 18.62 -17.55
N GLN B 284 -5.88 18.60 -16.69
CA GLN B 284 -4.54 18.19 -17.07
C GLN B 284 -4.36 16.68 -17.24
N LEU B 285 -5.21 15.88 -16.61
CA LEU B 285 -5.02 14.43 -16.64
C LEU B 285 -6.19 13.63 -17.17
N ASN B 286 -7.11 14.33 -17.85
CA ASN B 286 -8.27 13.67 -18.41
C ASN B 286 -9.20 12.95 -17.43
N ASP B 287 -9.65 13.68 -16.41
CA ASP B 287 -10.60 13.21 -15.43
C ASP B 287 -10.36 11.80 -14.89
N PRO B 288 -9.22 11.58 -14.25
CA PRO B 288 -8.91 10.27 -13.69
C PRO B 288 -9.74 10.00 -12.45
N PRO B 289 -9.72 8.74 -11.99
CA PRO B 289 -10.43 8.36 -10.77
C PRO B 289 -9.55 9.08 -9.71
N TYR B 290 -10.03 9.22 -8.47
CA TYR B 290 -9.18 9.82 -7.44
C TYR B 290 -9.66 9.54 -6.04
N ASN B 291 -8.80 9.85 -5.07
CA ASN B 291 -9.11 9.71 -3.65
C ASN B 291 -8.54 10.92 -2.92
N TYR B 292 -9.24 11.38 -1.87
CA TYR B 292 -8.62 12.41 -1.02
C TYR B 292 -8.68 11.93 0.43
N MET B 293 -7.66 12.29 1.18
CA MET B 293 -7.48 11.85 2.57
C MET B 293 -7.07 12.99 3.47
N ILE B 294 -7.83 13.22 4.53
CA ILE B 294 -7.48 14.26 5.48
C ILE B 294 -6.56 13.60 6.53
N HIS B 295 -5.42 14.23 6.81
CA HIS B 295 -4.49 13.72 7.80
C HIS B 295 -4.59 14.64 9.00
N THR B 296 -4.79 14.07 10.17
CA THR B 296 -5.00 14.90 11.34
C THR B 296 -4.44 14.23 12.57
N SER B 297 -4.56 14.93 13.69
CA SER B 297 -4.00 14.40 14.91
C SER B 297 -4.87 13.26 15.43
N PRO B 298 -4.35 12.51 16.42
CA PRO B 298 -5.01 11.40 17.10
C PRO B 298 -5.94 12.12 18.11
N LEU B 299 -7.06 11.51 18.48
CA LEU B 299 -7.96 12.16 19.45
C LEU B 299 -7.25 12.40 20.79
N LYS B 300 -6.39 11.46 21.21
CA LYS B 300 -5.68 11.60 22.47
C LYS B 300 -4.29 12.24 22.26
N VAL B 301 -4.16 13.00 21.18
CA VAL B 301 -2.88 13.68 20.88
C VAL B 301 -2.36 14.34 22.14
N THR B 302 -1.06 14.24 22.37
CA THR B 302 -0.49 14.81 23.57
C THR B 302 0.09 16.19 23.41
N GLU B 303 0.42 16.81 24.54
CA GLU B 303 1.00 18.14 24.52
C GLU B 303 2.32 18.14 23.73
N SER B 304 3.31 17.39 24.19
CA SER B 304 4.58 17.37 23.49
C SER B 304 4.44 17.11 21.99
N GLN B 305 3.33 16.53 21.54
CA GLN B 305 3.17 16.26 20.09
C GLN B 305 2.68 17.48 19.30
N LEU B 306 1.96 18.39 19.96
CA LEU B 306 1.37 19.55 19.29
C LEU B 306 2.31 20.46 18.48
N PRO B 307 3.54 20.73 18.99
CA PRO B 307 4.51 21.60 18.30
C PRO B 307 4.81 21.20 16.85
N TYR B 308 4.76 19.89 16.57
CA TYR B 308 5.04 19.41 15.23
C TYR B 308 3.90 18.64 14.58
N THR B 309 2.69 18.72 15.15
CA THR B 309 1.54 18.03 14.56
C THR B 309 0.75 19.12 13.82
N HIS B 310 0.57 18.93 12.52
CA HIS B 310 -0.04 19.95 11.61
C HIS B 310 -0.92 19.18 10.59
N TRP B 311 -2.24 19.32 10.67
CA TRP B 311 -3.11 18.58 9.75
C TRP B 311 -2.99 19.05 8.31
N PHE B 312 -3.46 18.22 7.37
CA PHE B 312 -3.46 18.57 5.94
C PHE B 312 -4.33 17.59 5.17
N LEU B 313 -4.70 17.97 3.95
CA LEU B 313 -5.54 17.11 3.12
C LEU B 313 -4.72 16.69 1.92
N GLN B 314 -4.71 15.39 1.68
CA GLN B 314 -3.92 14.76 0.62
C GLN B 314 -4.84 14.25 -0.48
N ILE B 315 -4.54 14.65 -1.69
CA ILE B 315 -5.32 14.21 -2.85
C ILE B 315 -4.47 13.30 -3.72
N VAL B 316 -5.05 12.18 -4.17
CA VAL B 316 -4.34 11.22 -5.02
C VAL B 316 -5.05 10.86 -6.34
N PRO B 317 -4.64 11.48 -7.44
CA PRO B 317 -5.27 11.13 -8.72
C PRO B 317 -4.80 9.70 -8.95
N GLN B 318 -5.51 8.91 -9.78
CA GLN B 318 -5.08 7.53 -10.05
C GLN B 318 -4.54 7.41 -11.47
N LEU B 319 -3.27 7.05 -11.59
CA LEU B 319 -2.62 7.00 -12.89
C LEU B 319 -2.01 5.66 -13.31
N SER B 320 -1.87 4.71 -12.39
CA SER B 320 -1.32 3.39 -12.70
C SER B 320 -1.28 2.53 -11.45
N GLY B 321 -0.71 1.33 -11.58
CA GLY B 321 -0.63 0.40 -10.46
C GLY B 321 0.79 0.03 -10.02
N VAL B 322 0.89 -0.88 -9.05
CA VAL B 322 2.20 -1.32 -8.54
C VAL B 322 2.35 -2.85 -8.55
N GLY B 323 3.42 -3.35 -7.94
CA GLY B 323 3.70 -4.78 -7.92
C GLY B 323 4.29 -5.18 -6.59
N GLY B 324 4.68 -6.44 -6.50
CA GLY B 324 5.23 -6.95 -5.29
C GLY B 324 6.54 -6.24 -4.98
N PHE B 325 7.12 -5.55 -5.96
CA PHE B 325 8.33 -4.84 -5.65
C PHE B 325 7.98 -3.81 -4.58
N GLU B 326 6.95 -3.04 -4.87
CA GLU B 326 6.49 -1.97 -3.97
C GLU B 326 5.88 -2.56 -2.73
N ILE B 327 5.00 -3.53 -2.93
CA ILE B 327 4.35 -4.16 -1.79
C ILE B 327 5.48 -4.77 -0.94
N GLY B 328 6.14 -5.79 -1.44
CA GLY B 328 7.22 -6.42 -0.66
C GLY B 328 8.02 -5.54 0.30
N THR B 329 8.29 -4.28 -0.07
CA THR B 329 9.10 -3.35 0.77
C THR B 329 8.39 -2.30 1.64
N GLY B 330 7.42 -1.60 1.06
CA GLY B 330 6.75 -0.49 1.73
C GLY B 330 7.33 0.79 1.10
N CYS B 331 7.95 0.63 -0.07
CA CYS B 331 8.51 1.74 -0.87
C CYS B 331 7.78 1.73 -2.25
N TYR B 332 7.28 2.87 -2.70
CA TYR B 332 6.58 2.93 -4.01
C TYR B 332 7.53 3.49 -5.04
N ILE B 333 7.14 3.43 -6.32
CA ILE B 333 7.95 4.03 -7.37
C ILE B 333 7.19 5.29 -7.84
N ASN B 334 7.91 6.37 -8.11
CA ASN B 334 7.26 7.62 -8.51
C ASN B 334 7.86 8.06 -9.86
N PRO B 335 7.04 8.06 -10.91
CA PRO B 335 7.53 8.46 -12.24
C PRO B 335 7.58 9.94 -12.58
N VAL B 336 7.00 10.82 -11.77
CA VAL B 336 7.05 12.24 -12.11
C VAL B 336 7.62 13.05 -10.95
N PHE B 337 8.71 13.77 -11.21
CA PHE B 337 9.32 14.59 -10.16
C PHE B 337 8.25 15.60 -9.72
N PRO B 338 8.21 15.93 -8.40
CA PRO B 338 7.21 16.90 -7.93
C PRO B 338 7.36 18.32 -8.49
N GLU B 339 8.60 18.81 -8.61
CA GLU B 339 8.81 20.15 -9.17
C GLU B 339 8.18 20.28 -10.55
N ASP B 340 8.22 19.20 -11.34
CA ASP B 340 7.68 19.21 -12.69
C ASP B 340 6.13 19.17 -12.69
N VAL B 341 5.54 18.64 -11.62
CA VAL B 341 4.09 18.58 -11.51
C VAL B 341 3.57 19.99 -11.22
N ALA B 342 4.18 20.66 -10.23
CA ALA B 342 3.77 22.01 -9.81
C ALA B 342 3.76 23.03 -10.96
N LYS B 343 4.55 22.76 -11.99
CA LYS B 343 4.68 23.66 -13.14
C LYS B 343 3.66 23.27 -14.20
N VAL B 344 3.45 21.96 -14.35
CA VAL B 344 2.48 21.42 -15.30
C VAL B 344 1.13 21.84 -14.74
N MET B 345 1.02 21.90 -13.42
CA MET B 345 -0.25 22.27 -12.82
C MET B 345 -0.43 23.78 -12.61
N ARG B 346 0.67 24.52 -12.38
CA ARG B 346 0.59 25.97 -12.19
C ARG B 346 0.02 26.55 -13.50
N GLU B 347 0.38 25.94 -14.63
CA GLU B 347 -0.07 26.42 -15.93
C GLU B 347 -1.41 25.92 -16.43
N VAL B 348 -2.11 25.12 -15.64
CA VAL B 348 -3.40 24.62 -16.10
C VAL B 348 -4.42 25.74 -16.25
N SER B 349 -5.02 25.82 -17.44
CA SER B 349 -6.03 26.84 -17.68
C SER B 349 -7.42 26.20 -17.73
N LEU B 350 -8.34 26.66 -16.88
CA LEU B 350 -9.70 26.10 -16.82
C LEU B 350 -10.68 26.72 -17.82
ZN ZN C . 8.90 -15.10 -24.91
ZN ZN D . 12.63 -18.26 13.81
P AMP E . 7.29 -8.56 -16.93
O1P AMP E . 7.50 -9.15 -15.51
O2P AMP E . 6.03 -7.90 -17.01
O5' AMP E . 8.48 -7.42 -17.29
C5' AMP E . 9.84 -7.70 -17.31
C4' AMP E . 10.70 -6.45 -17.09
O4' AMP E . 11.85 -6.40 -17.94
C3' AMP E . 9.97 -5.11 -17.26
O3' AMP E . 9.95 -4.46 -16.05
C2' AMP E . 10.74 -4.33 -18.31
O2' AMP E . 11.06 -3.01 -17.92
C1' AMP E . 12.03 -5.13 -18.58
N9 AMP E . 12.35 -5.45 -19.98
C8 AMP E . 11.50 -5.35 -21.06
N7 AMP E . 12.16 -5.77 -22.16
C5 AMP E . 13.42 -6.13 -21.79
C6 AMP E . 14.52 -6.65 -22.55
N6 AMP E . 14.41 -6.85 -23.86
N1 AMP E . 15.72 -6.94 -21.86
C2 AMP E . 15.83 -6.74 -20.48
N3 AMP E . 14.74 -6.22 -19.75
C4 AMP E . 13.56 -5.94 -20.41
C1 EDO F . -5.39 -14.77 4.55
O1 EDO F . -5.20 -15.64 3.43
C2 EDO F . -6.88 -14.48 4.71
O2 EDO F . -7.35 -13.72 3.59
C1 EDO G . 5.50 -8.35 5.50
O1 EDO G . 5.63 -7.03 4.96
C2 EDO G . 4.28 -9.02 4.85
O2 EDO G . 3.11 -8.22 5.09
C1 EDO H . -2.63 -6.65 -4.81
O1 EDO H . -2.62 -6.96 -6.21
C2 EDO H . -3.69 -7.52 -4.15
O2 EDO H . -4.93 -6.81 -4.11
ZN ZN I . -28.33 8.68 -6.62
ZN ZN J . 2.93 23.53 11.60
P AMP K . -18.36 4.78 -1.52
O1P AMP K . -17.39 5.48 -0.58
O2P AMP K . -17.56 3.86 -2.39
O5' AMP K . -19.55 3.90 -0.86
C5' AMP K . -20.54 4.35 -0.03
C4' AMP K . -20.66 3.48 1.21
O4' AMP K . -22.01 3.37 1.61
C3' AMP K . -20.15 2.07 1.01
O3' AMP K . -19.15 1.86 1.99
C2' AMP K . -21.39 1.17 1.22
O2' AMP K . -21.19 0.10 2.09
C1' AMP K . -22.44 2.08 1.79
N9 AMP K . -23.81 2.02 1.22
C8 AMP K . -24.24 1.50 0.01
N7 AMP K . -25.60 1.65 -0.08
C5 AMP K . -26.00 2.29 1.04
C6 AMP K . -27.28 2.64 1.49
N6 AMP K . -28.37 2.45 0.72
N1 AMP K . -27.36 3.28 2.75
C2 AMP K . -26.24 3.49 3.57
N3 AMP K . -24.99 3.11 3.12
C4 AMP K . -24.89 2.46 1.89
C1 EDO L . 4.06 15.03 -6.71
O1 EDO L . 2.84 15.31 -7.39
C2 EDO L . 5.00 14.19 -7.63
O2 EDO L . 4.31 13.17 -8.35
C1 EDO M . 0.94 10.69 4.81
O1 EDO M . 0.77 9.30 5.17
C2 EDO M . 0.82 10.83 3.29
O2 EDO M . 1.77 10.00 2.63
C1 EDO N . -2.61 5.69 -6.75
O1 EDO N . -2.37 4.80 -7.85
C2 EDO N . -3.75 5.16 -5.93
O2 EDO N . -4.89 5.11 -6.75
N SER A 22 -18.49 -11.34 13.10
CA SER A 22 -18.26 -9.95 13.58
C SER A 22 -16.83 -9.50 13.25
N PRO A 23 -16.67 -8.21 12.91
CA PRO A 23 -15.34 -7.68 12.58
C PRO A 23 -14.34 -7.83 13.70
N GLU A 24 -13.07 -7.82 13.33
CA GLU A 24 -12.00 -7.97 14.31
C GLU A 24 -10.75 -7.22 13.82
N LEU A 25 -9.98 -6.59 14.72
CA LEU A 25 -8.73 -6.00 14.26
C LEU A 25 -7.66 -6.95 14.73
N ARG A 26 -6.67 -7.17 13.86
CA ARG A 26 -5.55 -8.05 14.15
C ARG A 26 -4.23 -7.37 13.80
N LYS A 27 -3.16 -7.91 14.37
CA LYS A 27 -1.84 -7.37 14.15
C LYS A 27 -0.83 -8.41 14.61
N ASP A 28 0.12 -8.71 13.73
CA ASP A 28 1.15 -9.69 14.06
C ASP A 28 2.52 -9.04 14.01
N PRO A 29 3.40 -9.40 14.95
CA PRO A 29 4.75 -8.82 14.97
C PRO A 29 5.47 -8.80 13.60
N VAL A 30 5.06 -9.65 12.66
CA VAL A 30 5.77 -9.69 11.38
C VAL A 30 5.44 -8.49 10.45
N THR A 31 4.18 -8.08 10.41
CA THR A 31 3.79 -6.93 9.57
C THR A 31 3.82 -5.66 10.42
N ASN A 32 3.54 -5.82 11.71
CA ASN A 32 3.52 -4.72 12.64
C ASN A 32 2.47 -3.64 12.31
N ARG A 33 1.36 -4.03 11.64
CA ARG A 33 0.30 -3.08 11.30
C ARG A 33 -1.10 -3.64 11.54
N TRP A 34 -1.98 -2.81 12.04
CA TRP A 34 -3.33 -3.28 12.26
C TRP A 34 -3.92 -3.47 10.89
N VAL A 35 -4.68 -4.55 10.77
CA VAL A 35 -5.47 -4.86 9.60
C VAL A 35 -6.87 -5.08 10.22
N ILE A 36 -7.90 -4.64 9.51
CA ILE A 36 -9.26 -4.87 9.97
C ILE A 36 -9.87 -6.10 9.20
N PHE A 37 -10.43 -7.07 9.93
CA PHE A 37 -11.13 -8.23 9.36
C PHE A 37 -12.62 -7.96 9.46
N SER A 38 -13.29 -7.80 8.31
CA SER A 38 -14.70 -7.53 8.26
C SER A 38 -15.29 -8.24 7.04
N PRO A 39 -15.86 -9.43 7.29
CA PRO A 39 -16.48 -10.25 6.23
C PRO A 39 -17.71 -9.61 5.59
N ARG A 44 -19.39 -16.69 0.75
CA ARG A 44 -18.66 -17.85 1.27
C ARG A 44 -17.19 -17.79 0.88
N PRO A 45 -16.29 -18.28 1.76
CA PRO A 45 -14.85 -18.25 1.47
C PRO A 45 -14.48 -19.01 0.20
N THR A 46 -15.28 -20.01 -0.16
CA THR A 46 -15.00 -20.78 -1.37
C THR A 46 -15.76 -20.16 -2.54
N ASP A 47 -16.36 -19.01 -2.28
CA ASP A 47 -17.11 -18.26 -3.28
C ASP A 47 -16.23 -17.09 -3.75
N PHE A 48 -14.98 -17.04 -3.28
CA PHE A 48 -14.09 -15.93 -3.69
C PHE A 48 -13.37 -16.24 -5.02
N LYS A 49 -13.42 -15.31 -5.97
CA LYS A 49 -12.78 -15.55 -7.27
C LYS A 49 -12.15 -14.31 -7.91
N SER A 50 -11.23 -14.57 -8.85
CA SER A 50 -10.58 -13.52 -9.64
C SER A 50 -11.61 -12.59 -10.34
N LYS A 51 -11.26 -11.32 -10.49
CA LYS A 51 -12.10 -10.32 -11.15
C LYS A 51 -11.77 -10.15 -12.65
N SER A 52 -10.48 -10.01 -12.96
CA SER A 52 -10.00 -9.84 -14.34
C SER A 52 -10.65 -10.84 -15.29
N PRO A 60 1.34 -12.57 -27.52
CA PRO A 60 2.41 -12.93 -28.45
C PRO A 60 2.86 -14.40 -28.33
N SER A 61 3.53 -14.90 -29.36
CA SER A 61 3.98 -16.30 -29.32
C SER A 61 5.47 -16.39 -29.08
N SER A 62 6.15 -15.25 -29.21
CA SER A 62 7.59 -15.17 -29.04
C SER A 62 7.95 -13.82 -28.42
N CYS A 63 9.20 -13.66 -28.00
CA CYS A 63 9.65 -12.42 -27.39
C CYS A 63 11.15 -12.49 -27.15
N PRO A 64 11.77 -11.35 -26.85
CA PRO A 64 13.20 -11.26 -26.61
C PRO A 64 13.75 -12.22 -25.55
N PHE A 65 12.90 -12.70 -24.63
CA PHE A 65 13.35 -13.63 -23.58
C PHE A 65 13.21 -15.11 -23.99
N CYS A 66 12.63 -15.38 -25.16
CA CYS A 66 12.49 -16.76 -25.60
C CYS A 66 13.89 -17.23 -26.00
N ILE A 67 14.11 -18.54 -25.99
CA ILE A 67 15.43 -19.05 -26.33
C ILE A 67 15.70 -18.66 -27.79
N GLY A 68 16.94 -18.25 -28.07
CA GLY A 68 17.32 -17.83 -29.40
C GLY A 68 17.23 -16.32 -29.65
N ARG A 69 17.06 -15.51 -28.60
CA ARG A 69 16.97 -14.05 -28.81
C ARG A 69 17.71 -13.22 -27.76
N GLU A 70 18.67 -13.84 -27.09
CA GLU A 70 19.42 -13.20 -26.03
C GLU A 70 20.15 -11.95 -26.45
N GLN A 71 20.47 -11.84 -27.74
CA GLN A 71 21.15 -10.67 -28.21
C GLN A 71 20.23 -9.45 -28.08
N GLU A 72 18.91 -9.66 -28.14
CA GLU A 72 17.96 -8.54 -27.98
C GLU A 72 17.67 -8.24 -26.49
N CYS A 73 18.63 -8.46 -25.59
CA CYS A 73 18.37 -8.21 -24.17
C CYS A 73 19.47 -7.50 -23.39
N ALA A 74 19.10 -6.60 -22.47
CA ALA A 74 20.10 -5.90 -21.63
C ALA A 74 21.10 -6.95 -21.15
N PRO A 75 22.34 -6.53 -20.88
CA PRO A 75 23.46 -7.39 -20.43
C PRO A 75 23.11 -8.56 -19.48
N GLU A 76 23.63 -9.74 -19.80
CA GLU A 76 23.34 -10.94 -19.00
C GLU A 76 24.30 -11.04 -17.84
N LEU A 77 23.82 -11.60 -16.73
CA LEU A 77 24.64 -11.77 -15.52
C LEU A 77 25.05 -13.24 -15.52
N PHE A 78 24.08 -14.13 -15.71
CA PHE A 78 24.44 -15.54 -15.83
C PHE A 78 23.24 -16.34 -16.27
N ARG A 79 23.47 -17.63 -16.53
CA ARG A 79 22.40 -18.51 -16.98
C ARG A 79 22.57 -19.87 -16.35
N VAL A 80 21.50 -20.65 -16.39
CA VAL A 80 21.44 -21.99 -15.86
C VAL A 80 20.91 -22.91 -16.94
N PRO A 81 21.55 -24.10 -17.13
CA PRO A 81 22.72 -24.57 -16.36
C PRO A 81 23.99 -23.73 -16.57
N ASP A 82 24.82 -23.64 -15.52
CA ASP A 82 26.06 -22.87 -15.53
C ASP A 82 26.74 -22.98 -16.90
N HIS A 83 26.56 -21.98 -17.75
CA HIS A 83 27.14 -22.03 -19.10
C HIS A 83 26.44 -23.12 -19.92
N ASP A 84 26.00 -22.75 -21.13
CA ASP A 84 25.34 -23.63 -22.11
C ASP A 84 24.39 -22.80 -22.95
N PRO A 85 24.45 -22.94 -24.27
CA PRO A 85 23.56 -22.17 -25.16
C PRO A 85 22.08 -22.59 -25.07
N ASN A 86 21.81 -23.84 -24.67
CA ASN A 86 20.45 -24.33 -24.52
C ASN A 86 19.94 -23.96 -23.11
N TRP A 87 19.56 -22.69 -22.95
CA TRP A 87 19.10 -22.22 -21.64
C TRP A 87 17.61 -22.33 -21.34
N LYS A 88 17.31 -22.48 -20.04
CA LYS A 88 15.94 -22.64 -19.56
C LYS A 88 15.50 -21.43 -18.71
N LEU A 89 16.40 -20.48 -18.49
CA LEU A 89 16.12 -19.26 -17.71
C LEU A 89 17.45 -18.51 -17.62
N ARG A 90 17.41 -17.17 -17.72
CA ARG A 90 18.61 -16.36 -17.61
C ARG A 90 18.35 -15.23 -16.61
N VAL A 91 19.44 -14.74 -16.00
CA VAL A 91 19.36 -13.61 -15.10
C VAL A 91 20.02 -12.47 -15.91
N ILE A 92 19.16 -11.59 -16.44
CA ILE A 92 19.60 -10.45 -17.23
C ILE A 92 19.36 -9.15 -16.50
N GLU A 93 20.09 -8.13 -16.92
CA GLU A 93 19.93 -6.83 -16.31
C GLU A 93 18.64 -6.26 -16.89
N ASN A 94 17.93 -5.45 -16.10
CA ASN A 94 16.68 -4.84 -16.59
C ASN A 94 17.04 -3.77 -17.61
N LEU A 95 16.46 -3.86 -18.80
CA LEU A 95 16.69 -2.87 -19.85
C LEU A 95 16.18 -1.47 -19.44
N TYR A 96 15.15 -1.40 -18.58
CA TYR A 96 14.60 -0.12 -18.12
C TYR A 96 14.67 -0.15 -16.58
N PRO A 97 15.88 -0.16 -16.05
CA PRO A 97 16.04 -0.21 -14.60
C PRO A 97 15.45 0.95 -13.84
N ALA A 98 14.72 0.62 -12.75
CA ALA A 98 14.13 1.66 -11.89
C ALA A 98 15.23 2.37 -11.04
N LEU A 99 16.37 1.67 -10.86
CA LEU A 99 17.54 2.18 -10.14
C LEU A 99 18.77 2.01 -11.05
N SER A 100 19.74 2.92 -10.88
CA SER A 100 20.94 2.95 -11.70
C SER A 100 22.20 2.37 -11.04
N ARG A 101 22.77 1.30 -11.59
CA ARG A 101 23.97 0.76 -10.95
C ARG A 101 25.20 1.62 -11.26
N ASN A 102 25.01 2.73 -11.96
CA ASN A 102 26.11 3.63 -12.29
C ASN A 102 26.26 4.81 -11.31
N LEU A 103 25.41 4.86 -10.29
CA LEU A 103 25.49 5.93 -9.30
C LEU A 103 26.14 5.44 -7.98
N GLU A 104 26.83 4.31 -8.04
CA GLU A 104 27.46 3.78 -6.84
C GLU A 104 28.47 4.73 -6.20
N THR A 105 29.43 5.26 -6.99
CA THR A 105 30.41 6.14 -6.37
C THR A 105 29.90 7.56 -6.11
N GLN A 106 28.63 7.64 -5.70
CA GLN A 106 27.98 8.89 -5.30
C GLN A 106 27.61 8.65 -3.82
N SER A 107 28.19 7.59 -3.26
CA SER A 107 27.97 7.17 -1.87
C SER A 107 26.49 6.94 -1.57
N ARG A 116 17.33 14.63 2.97
CA ARG A 116 16.14 14.66 2.11
C ARG A 116 16.30 13.81 0.83
N THR A 117 17.52 13.67 0.31
CA THR A 117 17.73 12.87 -0.89
C THR A 117 18.93 11.93 -0.66
N ILE A 118 18.84 10.68 -1.11
CA ILE A 118 19.94 9.71 -0.95
C ILE A 118 20.14 9.09 -2.31
N VAL A 119 21.34 9.22 -2.90
CA VAL A 119 21.64 8.73 -4.25
C VAL A 119 20.86 7.54 -4.79
N GLY A 120 20.42 7.64 -6.05
CA GLY A 120 19.65 6.56 -6.66
C GLY A 120 20.43 5.27 -6.97
N PHE A 121 21.47 4.98 -6.24
CA PHE A 121 22.15 3.73 -6.53
C PHE A 121 21.31 2.51 -6.15
N GLY A 122 21.39 1.48 -6.99
CA GLY A 122 20.74 0.20 -6.76
C GLY A 122 20.89 -0.65 -8.00
N PHE A 123 20.52 -1.93 -7.90
CA PHE A 123 20.54 -2.85 -9.06
C PHE A 123 19.08 -3.22 -9.35
N HIS A 124 18.77 -3.50 -10.61
CA HIS A 124 17.42 -3.87 -11.01
C HIS A 124 17.60 -4.91 -12.13
N ASP A 125 17.37 -6.19 -11.78
CA ASP A 125 17.57 -7.30 -12.72
C ASP A 125 16.29 -8.13 -12.92
N VAL A 126 16.28 -8.93 -13.98
CA VAL A 126 15.14 -9.80 -14.31
C VAL A 126 15.59 -11.25 -14.39
N VAL A 127 14.75 -12.13 -13.84
CA VAL A 127 15.06 -13.54 -13.93
C VAL A 127 14.10 -14.17 -14.93
N ILE A 128 14.55 -14.36 -16.16
CA ILE A 128 13.70 -14.97 -17.18
C ILE A 128 13.47 -16.43 -16.82
N GLU A 129 12.20 -16.75 -16.52
CA GLU A 129 11.82 -18.07 -16.07
C GLU A 129 11.53 -19.17 -17.07
N SER A 130 11.64 -18.88 -18.36
CA SER A 130 11.37 -19.95 -19.33
C SER A 130 11.75 -19.57 -20.74
N PRO A 131 12.36 -20.52 -21.46
CA PRO A 131 12.73 -20.24 -22.85
C PRO A 131 11.44 -20.15 -23.66
N VAL A 132 10.40 -20.86 -23.20
CA VAL A 132 9.09 -20.91 -23.88
C VAL A 132 8.21 -19.73 -23.46
N HIS A 133 7.66 -19.06 -24.46
CA HIS A 133 6.88 -17.88 -24.23
C HIS A 133 5.60 -17.95 -23.37
N SER A 134 4.83 -19.05 -23.46
CA SER A 134 3.56 -19.12 -22.72
C SER A 134 3.53 -20.04 -21.50
N ILE A 135 4.69 -20.51 -21.06
CA ILE A 135 4.69 -21.35 -19.87
C ILE A 135 4.71 -20.44 -18.62
N GLN A 136 3.67 -20.53 -17.76
CA GLN A 136 3.55 -19.72 -16.52
C GLN A 136 4.38 -20.42 -15.40
N LEU A 137 4.95 -19.65 -14.46
CA LEU A 137 5.77 -20.27 -13.40
C LEU A 137 5.11 -21.52 -12.83
N SER A 138 3.83 -21.46 -12.49
CA SER A 138 3.19 -22.64 -11.91
C SER A 138 3.10 -23.82 -12.90
N ASP A 139 3.29 -23.55 -14.19
CA ASP A 139 3.29 -24.56 -15.28
C ASP A 139 4.65 -25.36 -15.12
N ILE A 140 5.67 -24.75 -14.50
CA ILE A 140 6.98 -25.44 -14.35
C ILE A 140 7.01 -26.56 -13.33
N ASP A 141 8.05 -27.40 -13.35
CA ASP A 141 8.13 -28.52 -12.39
C ASP A 141 8.88 -28.03 -11.14
N PRO A 142 8.86 -28.82 -10.03
CA PRO A 142 9.55 -28.41 -8.80
C PRO A 142 11.05 -28.23 -8.91
N VAL A 143 11.72 -29.08 -9.68
CA VAL A 143 13.16 -28.94 -9.83
C VAL A 143 13.38 -27.65 -10.60
N GLY A 144 12.50 -27.42 -11.58
CA GLY A 144 12.59 -26.22 -12.40
C GLY A 144 12.38 -24.97 -11.56
N ILE A 145 11.54 -25.06 -10.54
CA ILE A 145 11.29 -23.91 -9.68
C ILE A 145 12.48 -23.80 -8.70
N GLY A 146 12.98 -24.95 -8.24
CA GLY A 146 14.13 -24.95 -7.38
C GLY A 146 15.32 -24.30 -8.11
N ASP A 147 15.43 -24.52 -9.43
CA ASP A 147 16.52 -23.90 -10.16
C ASP A 147 16.41 -22.35 -10.17
N ILE A 148 15.26 -21.84 -9.71
CA ILE A 148 15.05 -20.39 -9.62
C ILE A 148 15.66 -19.89 -8.31
N LEU A 149 15.16 -20.43 -7.19
CA LEU A 149 15.64 -20.05 -5.83
C LEU A 149 17.19 -19.96 -5.76
N ILE A 150 17.89 -20.98 -6.27
CA ILE A 150 19.37 -21.03 -6.32
C ILE A 150 19.87 -19.96 -7.30
N ALA A 151 19.12 -19.72 -8.37
CA ALA A 151 19.53 -18.67 -9.30
C ALA A 151 19.31 -17.31 -8.59
N TYR A 152 18.26 -17.20 -7.78
CA TYR A 152 18.02 -15.97 -7.02
C TYR A 152 19.24 -15.87 -6.09
N LYS A 153 19.47 -16.94 -5.34
CA LYS A 153 20.62 -16.99 -4.42
C LYS A 153 21.91 -16.60 -5.12
N LYS A 154 22.25 -17.29 -6.20
CA LYS A 154 23.48 -16.94 -6.88
C LYS A 154 23.54 -15.42 -7.20
N ARG A 155 22.44 -14.82 -7.63
CA ARG A 155 22.46 -13.39 -7.93
C ARG A 155 22.53 -12.54 -6.64
N ILE A 156 21.97 -13.06 -5.55
CA ILE A 156 22.03 -12.36 -4.28
C ILE A 156 23.47 -12.36 -3.77
N ASN A 157 24.15 -13.51 -3.84
CA ASN A 157 25.53 -13.58 -3.36
C ASN A 157 26.52 -12.68 -4.13
N GLN A 158 26.11 -12.28 -5.34
CA GLN A 158 26.90 -11.35 -6.17
C GLN A 158 26.67 -9.92 -5.67
N ILE A 159 25.39 -9.59 -5.48
CA ILE A 159 25.05 -8.24 -5.05
C ILE A 159 25.59 -7.91 -3.66
N ALA A 160 25.53 -8.88 -2.75
CA ALA A 160 25.97 -8.67 -1.39
C ALA A 160 27.42 -8.24 -1.27
N GLN A 161 28.21 -8.36 -2.36
CA GLN A 161 29.60 -7.94 -2.31
C GLN A 161 29.74 -6.41 -2.43
N HIS A 162 28.60 -5.71 -2.53
CA HIS A 162 28.59 -4.24 -2.61
C HIS A 162 28.08 -3.63 -1.29
N ASP A 163 29.00 -3.04 -0.52
CA ASP A 163 28.70 -2.42 0.78
C ASP A 163 27.65 -1.35 0.73
N SER A 164 27.39 -0.88 -0.48
CA SER A 164 26.39 0.15 -0.75
C SER A 164 24.95 -0.39 -0.80
N ILE A 165 24.77 -1.71 -0.79
CA ILE A 165 23.43 -2.33 -0.83
C ILE A 165 22.94 -2.68 0.59
N ASN A 166 21.73 -2.25 0.94
CA ASN A 166 21.19 -2.54 2.27
C ASN A 166 20.07 -3.58 2.31
N TYR A 167 19.37 -3.77 1.18
CA TYR A 167 18.30 -4.79 1.15
C TYR A 167 18.04 -5.18 -0.28
N ILE A 168 17.69 -6.44 -0.50
CA ILE A 168 17.35 -6.89 -1.88
C ILE A 168 15.97 -7.56 -1.85
N GLN A 169 15.05 -7.04 -2.68
CA GLN A 169 13.68 -7.58 -2.78
C GLN A 169 13.50 -8.51 -3.98
N VAL A 170 13.10 -9.74 -3.70
CA VAL A 170 12.82 -10.70 -4.77
C VAL A 170 11.29 -10.78 -4.83
N PHE A 171 10.72 -10.44 -5.97
CA PHE A 171 9.27 -10.52 -6.17
C PHE A 171 8.93 -11.02 -7.58
N LYS A 172 7.66 -11.37 -7.80
CA LYS A 172 7.22 -11.83 -9.12
C LYS A 172 5.82 -11.30 -9.39
N ASN A 173 5.57 -10.93 -10.64
CA ASN A 173 4.25 -10.42 -11.06
C ASN A 173 3.67 -11.35 -12.14
N GLN A 174 2.41 -11.77 -11.96
CA GLN A 174 1.71 -12.57 -12.97
C GLN A 174 0.40 -11.84 -13.29
N GLY A 175 0.19 -11.50 -14.56
CA GLY A 175 -1.01 -10.77 -14.96
C GLY A 175 -0.80 -9.26 -15.01
N ALA A 176 -1.20 -8.61 -16.11
CA ALA A 176 -0.97 -7.18 -16.20
C ALA A 176 -1.55 -6.41 -15.00
N SER A 177 -2.64 -6.93 -14.44
CA SER A 177 -3.29 -6.21 -13.34
C SER A 177 -2.49 -6.29 -12.02
N ALA A 178 -1.53 -7.21 -11.95
CA ALA A 178 -0.68 -7.31 -10.74
C ALA A 178 0.69 -6.73 -11.10
N GLY A 179 0.68 -5.86 -12.10
CA GLY A 179 1.92 -5.22 -12.50
C GLY A 179 2.63 -5.70 -13.75
N ALA A 180 2.53 -6.99 -14.11
CA ALA A 180 3.26 -7.49 -15.28
C ALA A 180 2.95 -6.74 -16.55
N SER A 181 4.01 -6.52 -17.33
CA SER A 181 3.95 -5.84 -18.63
C SER A 181 4.75 -6.68 -19.63
N MET A 182 4.94 -7.94 -19.28
CA MET A 182 5.67 -8.91 -20.12
C MET A 182 4.99 -10.28 -19.99
N SER A 183 4.19 -10.63 -20.99
CA SER A 183 3.45 -11.89 -21.02
C SER A 183 4.34 -13.13 -20.86
N HIS A 184 5.65 -12.90 -20.88
CA HIS A 184 6.68 -13.94 -20.71
C HIS A 184 6.89 -14.09 -19.19
N SER A 185 7.17 -15.30 -18.70
CA SER A 185 7.35 -15.46 -17.26
C SER A 185 8.74 -15.09 -16.71
N HIS A 186 8.75 -14.39 -15.58
CA HIS A 186 10.00 -13.99 -14.92
C HIS A 186 9.65 -13.24 -13.66
N SER A 187 10.68 -13.01 -12.83
CA SER A 187 10.51 -12.27 -11.59
C SER A 187 11.50 -11.11 -11.69
N GLN A 188 11.67 -10.35 -10.60
CA GLN A 188 12.56 -9.21 -10.61
C GLN A 188 13.41 -9.24 -9.35
N MET A 189 14.64 -8.71 -9.48
CA MET A 189 15.59 -8.62 -8.39
C MET A 189 15.99 -7.16 -8.32
N MET A 190 15.30 -6.42 -7.44
CA MET A 190 15.51 -5.00 -7.22
C MET A 190 16.31 -4.86 -5.93
N ALA A 191 17.55 -4.44 -6.12
CA ALA A 191 18.51 -4.22 -5.04
C ALA A 191 18.27 -2.80 -4.55
N LEU A 192 18.62 -2.53 -3.30
CA LEU A 192 18.38 -1.19 -2.71
C LEU A 192 19.46 -0.65 -1.77
N PRO A 193 19.64 0.69 -1.76
CA PRO A 193 20.62 1.37 -0.89
C PRO A 193 20.11 1.66 0.55
N VAL A 194 18.83 1.37 0.83
CA VAL A 194 18.24 1.59 2.17
C VAL A 194 17.48 0.38 2.71
N VAL A 195 17.16 0.38 4.01
CA VAL A 195 16.33 -0.70 4.57
C VAL A 195 14.90 -0.15 4.40
N PRO A 196 14.05 -0.78 3.55
CA PRO A 196 12.70 -0.25 3.34
C PRO A 196 11.68 -0.48 4.45
N PRO A 197 10.47 0.09 4.31
CA PRO A 197 9.47 -0.06 5.38
C PRO A 197 9.09 -1.42 5.87
N THR A 198 8.70 -2.33 4.98
CA THR A 198 8.26 -3.62 5.50
C THR A 198 9.39 -4.23 6.32
N VAL A 199 10.62 -3.79 6.01
CA VAL A 199 11.77 -4.36 6.71
C VAL A 199 11.97 -3.76 8.10
N SER A 200 11.78 -2.45 8.26
CA SER A 200 11.90 -1.84 9.60
C SER A 200 10.79 -2.33 10.52
N SER A 201 9.53 -2.29 10.03
CA SER A 201 8.41 -2.75 10.87
C SER A 201 8.59 -4.18 11.35
N ARG A 202 9.08 -5.03 10.45
CA ARG A 202 9.30 -6.44 10.77
C ARG A 202 10.39 -6.60 11.86
N LEU A 203 11.50 -5.87 11.72
CA LEU A 203 12.58 -5.90 12.70
C LEU A 203 12.03 -5.44 14.04
N ASP A 204 11.24 -4.39 14.00
CA ASP A 204 10.66 -3.85 15.24
C ASP A 204 9.63 -4.78 15.88
N GLY A 205 8.65 -5.22 15.09
CA GLY A 205 7.61 -6.10 15.64
C GLY A 205 8.13 -7.44 16.15
N THR A 206 9.05 -8.03 15.39
CA THR A 206 9.63 -9.33 15.78
C THR A 206 10.53 -9.17 16.99
N LYS A 207 11.24 -8.05 17.08
CA LYS A 207 12.10 -7.80 18.25
C LYS A 207 11.20 -7.72 19.52
N ASP A 208 10.08 -7.00 19.43
CA ASP A 208 9.17 -6.86 20.61
C ASP A 208 8.73 -8.23 21.07
N TYR A 209 8.30 -9.04 20.09
CA TYR A 209 7.81 -10.38 20.43
C TYR A 209 8.89 -11.17 21.11
N PHE A 210 10.13 -10.98 20.64
CA PHE A 210 11.27 -11.66 21.21
C PHE A 210 11.58 -11.14 22.61
N GLU A 211 11.35 -9.86 22.82
CA GLU A 211 11.57 -9.25 24.12
C GLU A 211 10.44 -9.68 25.04
N GLU A 212 9.39 -10.24 24.46
CA GLU A 212 8.25 -10.68 25.24
C GLU A 212 8.19 -12.19 25.53
N THR A 213 8.71 -13.02 24.65
CA THR A 213 8.62 -14.47 24.87
C THR A 213 9.94 -15.19 24.82
N GLY A 214 10.92 -14.61 24.16
CA GLY A 214 12.19 -15.27 23.99
C GLY A 214 12.01 -16.26 22.86
N LYS A 215 11.03 -16.04 21.98
CA LYS A 215 10.76 -16.99 20.89
C LYS A 215 10.72 -16.45 19.45
N CYS A 216 11.29 -17.20 18.49
CA CYS A 216 11.26 -16.83 17.07
C CYS A 216 9.77 -16.96 16.68
N CYS A 217 9.12 -15.83 16.40
CA CYS A 217 7.71 -15.89 16.08
C CYS A 217 7.43 -16.75 14.83
N LEU A 218 8.37 -16.76 13.88
CA LEU A 218 8.18 -17.59 12.71
C LEU A 218 8.61 -19.02 13.03
N CYS A 219 9.47 -19.21 14.02
CA CYS A 219 9.85 -20.58 14.32
C CYS A 219 8.58 -21.19 15.06
N GLU A 220 7.65 -20.34 15.53
CA GLU A 220 6.40 -20.81 16.17
C GLU A 220 5.16 -20.72 15.23
N ALA A 221 5.38 -20.66 13.92
CA ALA A 221 4.27 -20.45 12.98
C ALA A 221 3.10 -21.45 12.99
N LYS A 222 3.37 -22.72 13.29
CA LYS A 222 2.24 -23.65 13.23
C LYS A 222 1.21 -23.45 14.36
N SER A 223 1.57 -22.75 15.42
CA SER A 223 0.57 -22.51 16.47
C SER A 223 -0.14 -21.15 16.39
N LYS A 224 0.43 -20.18 15.72
CA LYS A 224 -0.24 -18.86 15.70
C LYS A 224 -0.98 -18.58 14.39
N HIS A 225 -0.42 -19.09 13.29
CA HIS A 225 -1.04 -18.96 11.97
C HIS A 225 -1.85 -20.23 11.64
N PHE A 226 -2.63 -20.22 10.56
CA PHE A 226 -3.48 -21.35 10.22
C PHE A 226 -2.88 -22.18 9.10
N VAL A 227 -2.24 -23.27 9.51
CA VAL A 227 -1.54 -24.12 8.55
C VAL A 227 -2.44 -24.55 7.42
N ILE A 228 -1.84 -24.63 6.22
CA ILE A 228 -2.53 -25.08 5.00
C ILE A 228 -1.91 -26.40 4.56
N ASP A 229 -0.66 -26.34 4.11
CA ASP A 229 0.11 -27.53 3.68
C ASP A 229 1.54 -27.53 4.24
N GLU A 230 2.18 -28.69 4.19
CA GLU A 230 3.52 -28.79 4.78
C GLU A 230 4.44 -29.65 3.92
N SER A 231 5.68 -29.20 3.72
CA SER A 231 6.67 -29.95 2.96
C SER A 231 7.74 -30.41 3.97
N SER A 232 8.88 -30.92 3.50
CA SER A 232 9.89 -31.41 4.46
C SER A 232 10.51 -30.33 5.36
N HIS A 233 10.71 -29.13 4.82
CA HIS A 233 11.38 -28.04 5.56
C HIS A 233 10.65 -26.70 5.57
N PHE A 234 9.44 -26.70 5.02
CA PHE A 234 8.62 -25.48 4.91
C PHE A 234 7.15 -25.76 5.20
N VAL A 235 6.42 -24.81 5.78
CA VAL A 235 5.00 -25.02 6.02
C VAL A 235 4.30 -23.84 5.32
N SER A 236 3.10 -24.08 4.79
CA SER A 236 2.29 -22.98 4.19
C SER A 236 1.01 -22.75 5.03
N VAL A 237 0.50 -21.50 5.06
CA VAL A 237 -0.71 -21.21 5.86
C VAL A 237 -1.50 -19.93 5.49
N ALA A 238 -2.52 -19.66 6.28
CA ALA A 238 -3.29 -18.44 6.16
C ALA A 238 -2.74 -17.65 7.36
N PRO A 239 -1.78 -16.72 7.10
CA PRO A 239 -1.13 -15.88 8.12
C PRO A 239 -2.14 -15.16 8.97
N PHE A 240 -2.09 -15.44 10.27
CA PHE A 240 -3.03 -14.83 11.21
C PHE A 240 -3.44 -13.41 10.77
N ALA A 241 -2.56 -12.43 10.96
CA ALA A 241 -2.90 -11.02 10.65
C ALA A 241 -2.76 -10.56 9.20
N ALA A 242 -3.11 -11.44 8.28
CA ALA A 242 -3.02 -11.19 6.85
C ALA A 242 -3.66 -9.87 6.48
N THR A 243 -2.90 -9.09 5.73
CA THR A 243 -3.32 -7.81 5.25
C THR A 243 -4.27 -7.98 4.08
N TYR A 244 -4.06 -9.07 3.32
CA TYR A 244 -4.81 -9.29 2.06
C TYR A 244 -5.68 -10.56 2.05
N PRO A 245 -6.79 -10.55 1.28
CA PRO A 245 -7.63 -11.76 1.23
C PRO A 245 -6.87 -12.93 0.57
N PHE A 246 -6.96 -14.11 1.20
CA PHE A 246 -6.26 -15.30 0.73
C PHE A 246 -4.75 -15.10 0.75
N GLU A 247 -4.26 -14.09 1.47
CA GLU A 247 -2.79 -14.01 1.61
C GLU A 247 -2.36 -15.39 2.20
N ILE A 248 -1.15 -15.85 1.89
CA ILE A 248 -0.63 -17.15 2.36
C ILE A 248 0.86 -16.97 2.51
N TRP A 249 1.47 -17.51 3.56
CA TRP A 249 2.93 -17.44 3.71
C TRP A 249 3.42 -18.88 3.55
N ILE A 250 4.63 -19.03 2.99
CA ILE A 250 5.30 -20.31 2.87
C ILE A 250 6.60 -20.00 3.61
N ILE A 251 7.03 -20.88 4.51
CA ILE A 251 8.17 -20.58 5.31
C ILE A 251 9.03 -21.76 5.77
N PRO A 252 10.35 -21.53 5.93
CA PRO A 252 11.24 -22.61 6.38
C PRO A 252 10.85 -22.93 7.80
N LYS A 253 10.70 -24.22 8.08
CA LYS A 253 10.29 -24.66 9.42
C LYS A 253 11.35 -24.49 10.51
N ASP A 254 12.62 -24.54 10.16
CA ASP A 254 13.63 -24.31 11.20
C ASP A 254 14.01 -22.85 11.10
N HIS A 255 14.32 -22.22 12.23
CA HIS A 255 14.72 -20.81 12.21
C HIS A 255 15.70 -20.72 11.03
N SER A 256 15.58 -19.63 10.27
CA SER A 256 16.41 -19.41 9.10
C SER A 256 16.34 -17.94 8.76
N SER A 257 17.46 -17.23 8.96
CA SER A 257 17.49 -15.80 8.73
C SER A 257 17.55 -15.31 7.30
N HIS A 258 18.51 -15.81 6.53
CA HIS A 258 18.70 -15.37 5.14
C HIS A 258 18.13 -16.31 4.10
N PHE A 259 17.29 -15.76 3.24
CA PHE A 259 16.74 -16.58 2.18
C PHE A 259 17.91 -17.16 1.33
N HIS A 260 18.99 -16.41 1.18
CA HIS A 260 20.09 -16.88 0.32
C HIS A 260 21.02 -17.93 0.89
N HIS A 261 20.78 -18.37 2.13
CA HIS A 261 21.56 -19.45 2.69
C HIS A 261 20.88 -20.78 2.29
N LEU A 262 19.71 -20.67 1.66
CA LEU A 262 18.98 -21.84 1.14
C LEU A 262 19.95 -22.87 0.47
N ASP A 263 19.86 -24.15 0.81
CA ASP A 263 20.74 -25.11 0.13
C ASP A 263 19.93 -25.78 -1.00
N ASP A 264 20.58 -26.58 -1.85
CA ASP A 264 19.85 -27.20 -2.97
C ASP A 264 18.70 -28.07 -2.54
N VAL A 265 18.84 -28.73 -1.39
CA VAL A 265 17.79 -29.57 -0.90
C VAL A 265 16.59 -28.72 -0.53
N LYS A 266 16.81 -27.63 0.21
CA LYS A 266 15.68 -26.81 0.58
C LYS A 266 15.02 -26.22 -0.67
N ALA A 267 15.81 -25.76 -1.64
CA ALA A 267 15.21 -25.17 -2.85
C ALA A 267 14.05 -25.98 -3.49
N VAL A 268 14.30 -27.27 -3.78
CA VAL A 268 13.28 -28.11 -4.41
C VAL A 268 12.15 -28.53 -3.41
N ASP A 269 12.45 -28.49 -2.10
CA ASP A 269 11.42 -28.85 -1.11
C ASP A 269 10.35 -27.73 -1.20
N LEU A 270 10.84 -26.55 -1.56
CA LEU A 270 9.98 -25.38 -1.76
C LEU A 270 9.48 -25.37 -3.21
N GLY A 271 10.39 -25.59 -4.17
CA GLY A 271 9.98 -25.57 -5.58
C GLY A 271 8.66 -26.30 -5.76
N GLY A 272 8.57 -27.48 -5.14
CA GLY A 272 7.33 -28.26 -5.18
C GLY A 272 6.15 -27.64 -4.41
N LEU A 273 6.40 -27.07 -3.23
CA LEU A 273 5.30 -26.50 -2.43
C LEU A 273 4.75 -25.14 -2.93
N LEU A 274 5.61 -24.35 -3.57
CA LEU A 274 5.24 -23.05 -4.12
C LEU A 274 4.15 -23.26 -5.20
N LYS A 275 4.41 -24.23 -6.08
CA LYS A 275 3.49 -24.66 -7.15
C LYS A 275 2.14 -25.11 -6.56
N LEU A 276 2.20 -25.95 -5.52
CA LEU A 276 0.98 -26.46 -4.87
C LEU A 276 0.06 -25.28 -4.46
N MET A 277 0.64 -24.31 -3.75
CA MET A 277 -0.15 -23.15 -3.32
C MET A 277 -0.65 -22.39 -4.58
N LEU A 278 0.25 -22.16 -5.53
CA LEU A 278 -0.14 -21.43 -6.73
C LEU A 278 -1.23 -22.18 -7.52
N GLN A 279 -1.17 -23.51 -7.51
CA GLN A 279 -2.16 -24.32 -8.25
C GLN A 279 -3.50 -24.31 -7.46
N LYS A 280 -3.39 -24.33 -6.13
CA LYS A 280 -4.61 -24.27 -5.29
C LYS A 280 -5.15 -22.82 -5.41
N ILE A 281 -4.26 -21.83 -5.50
CA ILE A 281 -4.77 -20.47 -5.68
C ILE A 281 -5.48 -20.39 -7.05
N ALA A 282 -4.81 -20.89 -8.09
CA ALA A 282 -5.40 -20.81 -9.45
C ALA A 282 -6.78 -21.52 -9.51
N LYS A 283 -6.83 -22.82 -9.23
CA LYS A 283 -8.14 -23.48 -9.30
C LYS A 283 -9.19 -22.79 -8.41
N GLN A 284 -8.90 -22.73 -7.11
CA GLN A 284 -9.83 -22.15 -6.14
C GLN A 284 -10.33 -20.76 -6.48
N LEU A 285 -9.44 -19.91 -6.97
CA LEU A 285 -9.81 -18.51 -7.23
C LEU A 285 -9.98 -18.17 -8.71
N ASN A 286 -10.03 -19.19 -9.56
CA ASN A 286 -10.20 -18.97 -11.00
C ASN A 286 -9.03 -18.23 -11.67
N ASP A 287 -7.84 -18.74 -11.41
CA ASP A 287 -6.62 -18.21 -12.00
C ASP A 287 -6.50 -16.69 -11.95
N PRO A 288 -6.30 -16.14 -10.74
CA PRO A 288 -6.15 -14.70 -10.63
C PRO A 288 -4.70 -14.31 -10.95
N PRO A 289 -4.46 -13.02 -11.20
CA PRO A 289 -3.09 -12.56 -11.46
C PRO A 289 -2.51 -12.76 -10.05
N TYR A 290 -1.23 -12.50 -9.83
CA TYR A 290 -0.67 -12.61 -8.48
C TYR A 290 0.73 -12.02 -8.41
N ASN A 291 1.23 -11.85 -7.18
CA ASN A 291 2.57 -11.37 -6.97
C ASN A 291 3.07 -12.20 -5.79
N TYR A 292 4.36 -12.54 -5.79
CA TYR A 292 4.98 -13.15 -4.60
C TYR A 292 6.26 -12.33 -4.28
N MET A 293 6.53 -12.19 -2.99
CA MET A 293 7.63 -11.39 -2.48
C MET A 293 8.41 -12.22 -1.49
N ILE A 294 9.74 -12.16 -1.58
CA ILE A 294 10.57 -12.88 -0.61
C ILE A 294 10.98 -11.83 0.44
N HIS A 295 10.68 -12.11 1.72
CA HIS A 295 11.03 -11.23 2.83
C HIS A 295 12.18 -11.94 3.51
N THR A 296 13.27 -11.21 3.81
CA THR A 296 14.42 -11.91 4.32
C THR A 296 15.28 -10.89 5.05
N SER A 297 16.49 -11.27 5.42
CA SER A 297 17.32 -10.33 6.11
C SER A 297 17.86 -9.27 5.15
N PRO A 298 18.25 -8.12 5.69
CA PRO A 298 18.86 -6.98 4.99
C PRO A 298 20.36 -7.27 5.06
N LEU A 299 21.22 -6.40 4.54
CA LEU A 299 22.66 -6.74 4.61
C LEU A 299 23.41 -6.35 5.92
N LYS A 300 22.78 -5.60 6.82
CA LYS A 300 23.51 -5.24 8.04
C LYS A 300 22.92 -5.84 9.33
N VAL A 301 22.09 -6.86 9.19
CA VAL A 301 21.48 -7.51 10.36
C VAL A 301 22.58 -7.78 11.38
N THR A 302 22.52 -7.08 12.51
CA THR A 302 23.50 -7.22 13.61
C THR A 302 23.41 -8.64 14.16
N GLU A 303 24.55 -9.16 14.67
CA GLU A 303 24.55 -10.51 15.23
C GLU A 303 23.38 -10.68 16.15
N SER A 304 23.00 -9.57 16.80
CA SER A 304 21.92 -9.62 17.77
C SER A 304 20.51 -9.72 17.18
N GLN A 305 20.31 -9.23 15.95
CA GLN A 305 18.98 -9.34 15.34
C GLN A 305 18.61 -10.78 14.93
N LEU A 306 19.61 -11.65 14.77
CA LEU A 306 19.35 -13.02 14.30
C LEU A 306 18.25 -13.83 15.05
N PRO A 307 18.36 -13.95 16.40
CA PRO A 307 17.39 -14.71 17.22
C PRO A 307 15.90 -14.54 16.89
N TYR A 308 15.51 -13.32 16.53
CA TYR A 308 14.13 -13.04 16.15
C TYR A 308 13.93 -12.59 14.71
N THR A 309 14.87 -12.94 13.82
CA THR A 309 14.74 -12.57 12.39
C THR A 309 14.78 -13.89 11.63
N HIS A 310 13.84 -14.09 10.71
CA HIS A 310 13.69 -15.39 10.03
C HIS A 310 13.09 -15.05 8.69
N TRP A 311 13.81 -15.34 7.59
CA TRP A 311 13.27 -14.92 6.28
C TRP A 311 11.93 -15.60 6.03
N PHE A 312 11.05 -14.99 5.22
CA PHE A 312 9.81 -15.68 4.85
C PHE A 312 9.39 -15.28 3.44
N LEU A 313 8.47 -16.03 2.82
CA LEU A 313 7.95 -15.71 1.49
C LEU A 313 6.50 -15.22 1.56
N GLN A 314 6.16 -14.25 0.72
CA GLN A 314 4.81 -13.70 0.75
C GLN A 314 4.13 -13.80 -0.62
N ILE A 315 3.07 -14.63 -0.74
CA ILE A 315 2.30 -14.79 -2.00
C ILE A 315 0.89 -14.23 -1.75
N VAL A 316 0.42 -13.34 -2.62
CA VAL A 316 -0.91 -12.76 -2.51
C VAL A 316 -1.51 -12.63 -3.91
N PRO A 317 -2.65 -13.30 -4.15
CA PRO A 317 -3.43 -13.31 -5.40
C PRO A 317 -4.19 -11.97 -5.41
N GLN A 318 -4.58 -11.45 -6.58
CA GLN A 318 -5.31 -10.15 -6.62
C GLN A 318 -6.81 -10.25 -6.80
N LEU A 319 -7.56 -10.03 -5.71
CA LEU A 319 -9.00 -10.18 -5.76
C LEU A 319 -9.81 -8.89 -5.71
N SER A 320 -9.19 -7.81 -5.23
CA SER A 320 -9.84 -6.49 -5.06
C SER A 320 -8.75 -5.45 -4.76
N GLY A 321 -9.12 -4.17 -4.82
CA GLY A 321 -8.15 -3.10 -4.58
C GLY A 321 -8.52 -2.20 -3.41
N VAL A 322 -7.87 -1.04 -3.32
CA VAL A 322 -8.13 -0.10 -2.22
C VAL A 322 -8.52 1.30 -2.69
N GLY A 323 -8.74 2.19 -1.70
CA GLY A 323 -9.13 3.55 -1.97
C GLY A 323 -8.60 4.47 -0.87
N GLY A 324 -9.29 5.58 -0.61
CA GLY A 324 -8.84 6.54 0.38
C GLY A 324 -8.71 6.03 1.81
N PHE A 325 -9.50 5.04 2.18
CA PHE A 325 -9.33 4.57 3.56
C PHE A 325 -7.89 4.08 3.77
N GLU A 326 -7.56 3.04 3.03
CA GLU A 326 -6.23 2.42 3.09
C GLU A 326 -5.11 3.42 2.79
N ILE A 327 -5.44 4.42 1.97
CA ILE A 327 -4.42 5.43 1.64
C ILE A 327 -4.27 6.43 2.77
N GLY A 328 -5.32 6.62 3.54
CA GLY A 328 -5.22 7.58 4.61
C GLY A 328 -4.83 6.93 5.92
N THR A 329 -4.84 5.60 5.99
CA THR A 329 -4.55 4.86 7.25
C THR A 329 -3.28 4.04 7.47
N GLY A 330 -2.92 3.19 6.51
CA GLY A 330 -1.75 2.30 6.67
C GLY A 330 -2.17 0.90 7.10
N CYS A 331 -3.46 0.65 6.91
CA CYS A 331 -4.08 -0.62 7.19
C CYS A 331 -5.05 -0.82 6.01
N TYR A 332 -5.43 -2.08 5.76
CA TYR A 332 -6.40 -2.43 4.68
C TYR A 332 -7.62 -3.09 5.35
N ILE A 333 -8.50 -3.63 4.52
CA ILE A 333 -9.63 -4.41 5.03
C ILE A 333 -9.53 -5.81 4.39
N ASN A 334 -9.57 -6.86 5.24
CA ASN A 334 -9.46 -8.24 4.76
C ASN A 334 -10.72 -9.03 5.15
N PRO A 335 -11.74 -9.03 4.26
CA PRO A 335 -13.03 -9.71 4.40
C PRO A 335 -13.01 -11.19 4.36
N VAL A 336 -11.81 -11.79 4.46
CA VAL A 336 -11.74 -13.23 4.40
C VAL A 336 -10.92 -13.78 5.58
N PHE A 337 -11.51 -13.97 6.76
CA PHE A 337 -10.69 -14.48 7.89
C PHE A 337 -9.78 -15.60 7.42
N PRO A 338 -8.54 -15.67 7.96
CA PRO A 338 -7.61 -16.74 7.54
C PRO A 338 -8.08 -18.13 8.01
N GLU A 339 -8.68 -18.19 9.20
CA GLU A 339 -9.26 -19.43 9.72
C GLU A 339 -9.99 -20.06 8.54
N ASP A 340 -10.83 -19.26 7.88
CA ASP A 340 -11.62 -19.75 6.76
C ASP A 340 -10.79 -20.07 5.53
N VAL A 341 -9.85 -19.16 5.23
CA VAL A 341 -9.00 -19.33 4.06
C VAL A 341 -8.35 -20.68 4.15
N ALA A 342 -7.90 -21.03 5.35
CA ALA A 342 -7.18 -22.32 5.49
C ALA A 342 -8.13 -23.51 5.36
N LYS A 343 -9.29 -23.43 6.00
CA LYS A 343 -10.26 -24.52 5.91
C LYS A 343 -10.69 -24.63 4.44
N VAL A 344 -10.57 -23.54 3.68
CA VAL A 344 -10.94 -23.61 2.26
C VAL A 344 -9.85 -24.24 1.44
N MET A 345 -8.61 -23.77 1.61
CA MET A 345 -7.49 -24.26 0.78
C MET A 345 -7.14 -25.76 0.97
N ARG A 346 -7.13 -26.21 2.22
CA ARG A 346 -6.85 -27.62 2.46
C ARG A 346 -7.88 -28.51 1.75
N GLU A 347 -9.07 -27.97 1.43
CA GLU A 347 -10.08 -28.78 0.73
C GLU A 347 -9.82 -28.87 -0.78
N VAL A 348 -9.04 -27.93 -1.33
CA VAL A 348 -8.75 -27.98 -2.76
C VAL A 348 -8.04 -29.29 -3.13
N SER A 349 -8.51 -29.90 -4.22
CA SER A 349 -7.92 -31.14 -4.74
C SER A 349 -7.58 -30.82 -6.19
N LEU A 350 -6.36 -31.13 -6.62
CA LEU A 350 -5.97 -30.87 -8.00
C LEU A 350 -6.26 -32.10 -8.86
N THR A 351 -7.04 -33.03 -8.33
CA THR A 351 -7.45 -34.25 -9.06
C THR A 351 -8.68 -34.01 -9.95
N GLN B 21 15.28 12.16 -16.57
CA GLN B 21 16.27 12.58 -15.52
C GLN B 21 16.90 11.41 -14.70
N SER B 22 17.66 11.78 -13.68
CA SER B 22 18.39 10.84 -12.81
C SER B 22 17.54 10.24 -11.68
N PRO B 23 17.75 8.95 -11.34
CA PRO B 23 16.91 8.41 -10.24
C PRO B 23 17.24 9.10 -8.90
N GLU B 24 16.32 9.03 -7.96
CA GLU B 24 16.51 9.66 -6.65
C GLU B 24 15.65 8.95 -5.60
N LEU B 25 15.91 9.25 -4.33
CA LEU B 25 15.17 8.73 -3.19
C LEU B 25 15.01 9.90 -2.22
N ARG B 26 13.75 10.17 -1.89
CA ARG B 26 13.36 11.27 -0.98
C ARG B 26 12.49 10.59 0.10
N LYS B 27 12.44 11.22 1.27
CA LYS B 27 11.71 10.73 2.44
C LYS B 27 11.13 11.97 3.08
N ASP B 28 9.81 12.02 3.23
CA ASP B 28 9.11 13.16 3.83
C ASP B 28 8.89 12.87 5.29
N PRO B 29 9.31 13.79 6.17
CA PRO B 29 9.15 13.57 7.62
C PRO B 29 7.70 13.28 8.03
N VAL B 30 6.75 13.68 7.19
CA VAL B 30 5.33 13.49 7.50
C VAL B 30 4.83 12.11 7.10
N THR B 31 5.38 11.57 6.03
CA THR B 31 5.02 10.23 5.56
C THR B 31 6.11 9.23 6.04
N ASN B 32 7.22 9.78 6.50
CA ASN B 32 8.36 8.99 6.97
C ASN B 32 8.58 7.67 6.20
N ARG B 33 9.36 7.78 5.12
CA ARG B 33 9.77 6.66 4.28
C ARG B 33 10.41 7.15 3.00
N TRP B 34 11.34 6.38 2.47
CA TRP B 34 11.95 6.77 1.20
C TRP B 34 11.04 6.35 0.03
N VAL B 35 10.97 7.20 -0.99
CA VAL B 35 10.26 6.87 -2.22
C VAL B 35 11.31 6.91 -3.36
N ILE B 36 11.17 6.04 -4.36
CA ILE B 36 12.09 6.05 -5.49
C ILE B 36 11.44 6.85 -6.62
N PHE B 37 12.09 7.92 -7.09
CA PHE B 37 11.56 8.67 -8.24
C PHE B 37 12.29 8.12 -9.46
N SER B 38 11.53 7.68 -10.46
CA SER B 38 12.17 7.11 -11.64
C SER B 38 11.29 7.22 -12.91
N PRO B 39 11.29 8.41 -13.56
CA PRO B 39 10.57 8.78 -14.78
C PRO B 39 11.12 8.21 -16.10
N THR B 46 4.08 16.38 -17.53
CA THR B 46 3.24 16.99 -18.55
C THR B 46 3.00 15.99 -19.67
N ASP B 47 2.38 14.88 -19.32
CA ASP B 47 2.11 13.81 -20.28
C ASP B 47 1.29 12.69 -19.64
N PHE B 48 1.13 12.77 -18.32
CA PHE B 48 0.37 11.76 -17.58
C PHE B 48 -1.12 11.98 -17.70
N LYS B 49 -1.87 10.88 -17.86
CA LYS B 49 -3.33 10.95 -17.99
C LYS B 49 -4.00 9.74 -17.36
N SER B 50 -5.31 9.85 -17.12
CA SER B 50 -6.07 8.75 -16.54
C SER B 50 -5.80 7.46 -17.32
N SER B 62 -31.12 8.29 -10.10
CA SER B 62 -31.84 7.75 -8.93
C SER B 62 -31.12 6.57 -8.25
N CYS B 63 -30.98 6.62 -6.92
CA CYS B 63 -30.37 5.53 -6.15
C CYS B 63 -30.77 5.71 -4.67
N PRO B 64 -30.28 4.81 -3.78
CA PRO B 64 -30.64 4.94 -2.35
C PRO B 64 -30.32 6.24 -1.62
N PHE B 65 -29.30 6.96 -2.09
CA PHE B 65 -28.85 8.22 -1.49
C PHE B 65 -29.58 9.42 -2.07
N CYS B 66 -30.35 9.17 -3.13
CA CYS B 66 -31.14 10.23 -3.79
C CYS B 66 -32.21 10.82 -2.90
N ILE B 67 -32.36 12.13 -3.01
CA ILE B 67 -33.32 12.90 -2.22
C ILE B 67 -34.67 12.20 -2.20
N GLY B 68 -35.16 11.89 -1.01
CA GLY B 68 -36.43 11.21 -0.92
C GLY B 68 -36.33 9.74 -1.26
N ARG B 69 -35.37 9.06 -0.63
CA ARG B 69 -35.11 7.63 -0.75
C ARG B 69 -34.42 7.24 0.57
N GLU B 70 -34.47 8.15 1.54
CA GLU B 70 -33.84 7.99 2.85
C GLU B 70 -34.15 6.75 3.70
N GLN B 71 -35.42 6.36 3.78
CA GLN B 71 -35.84 5.19 4.56
C GLN B 71 -35.13 3.94 4.03
N GLU B 72 -34.53 4.14 2.86
CA GLU B 72 -33.78 3.15 2.10
C GLU B 72 -32.25 3.17 2.41
N CYS B 73 -31.89 3.80 3.53
CA CYS B 73 -30.50 3.92 3.97
C CYS B 73 -30.40 3.71 5.47
N ALA B 74 -29.22 3.31 5.94
CA ALA B 74 -29.03 3.12 7.39
C ALA B 74 -29.39 4.44 8.09
N PRO B 75 -29.56 4.42 9.41
CA PRO B 75 -29.92 5.62 10.19
C PRO B 75 -29.12 6.91 9.97
N GLU B 76 -29.85 8.03 9.94
CA GLU B 76 -29.27 9.35 9.76
C GLU B 76 -28.71 9.85 11.09
N LEU B 77 -27.51 10.46 11.05
CA LEU B 77 -26.91 11.01 12.26
C LEU B 77 -27.31 12.48 12.36
N PHE B 78 -27.43 13.13 11.20
CA PHE B 78 -27.90 14.50 11.13
C PHE B 78 -27.85 14.88 9.69
N ARG B 79 -28.42 16.02 9.34
CA ARG B 79 -28.40 16.48 7.98
C ARG B 79 -28.16 17.99 8.05
N VAL B 80 -28.01 18.63 6.88
CA VAL B 80 -27.76 20.07 6.76
C VAL B 80 -28.49 20.62 5.51
N PRO B 81 -29.37 21.63 5.68
CA PRO B 81 -29.78 22.33 6.91
C PRO B 81 -30.33 21.36 7.96
N ASP B 82 -30.08 21.63 9.23
CA ASP B 82 -30.52 20.75 10.29
C ASP B 82 -32.01 20.44 10.30
N HIS B 83 -32.34 19.15 10.19
CA HIS B 83 -33.74 18.72 10.21
C HIS B 83 -34.54 19.26 9.02
N ASP B 84 -33.83 19.85 8.07
CA ASP B 84 -34.51 20.40 6.90
C ASP B 84 -34.84 19.29 5.93
N PRO B 85 -36.14 19.12 5.62
CA PRO B 85 -36.58 18.08 4.67
C PRO B 85 -35.92 18.30 3.31
N ASN B 86 -35.56 19.56 3.03
CA ASN B 86 -34.93 19.94 1.78
C ASN B 86 -33.39 20.04 1.98
N TRP B 87 -32.79 18.90 2.28
CA TRP B 87 -31.35 18.82 2.57
C TRP B 87 -30.34 19.13 1.48
N LYS B 88 -29.13 19.54 1.90
CA LYS B 88 -28.06 19.84 0.97
C LYS B 88 -27.02 18.72 1.16
N LEU B 89 -26.92 18.16 2.36
CA LEU B 89 -26.02 17.03 2.61
C LEU B 89 -26.55 16.23 3.80
N ARG B 90 -26.25 14.94 3.88
CA ARG B 90 -26.73 14.14 5.00
C ARG B 90 -25.54 13.35 5.48
N VAL B 91 -25.50 13.03 6.76
CA VAL B 91 -24.42 12.21 7.32
C VAL B 91 -25.18 11.07 7.98
N ILE B 92 -24.85 9.85 7.56
CA ILE B 92 -25.55 8.67 8.02
C ILE B 92 -24.60 7.53 8.34
N GLU B 93 -25.13 6.48 8.95
CA GLU B 93 -24.31 5.32 9.24
C GLU B 93 -24.11 4.56 7.94
N ASN B 94 -23.02 3.82 7.84
CA ASN B 94 -22.78 2.99 6.64
C ASN B 94 -23.65 1.73 6.76
N LEU B 95 -24.39 1.40 5.70
CA LEU B 95 -25.25 0.22 5.69
C LEU B 95 -24.43 -1.08 5.61
N TYR B 96 -23.12 -0.96 5.32
CA TYR B 96 -22.26 -2.14 5.21
C TYR B 96 -20.95 -1.78 5.88
N PRO B 97 -21.02 -1.18 7.07
CA PRO B 97 -19.89 -0.73 7.88
C PRO B 97 -18.79 -1.76 8.03
N ALA B 98 -17.56 -1.35 7.77
CA ALA B 98 -16.42 -2.25 7.89
C ALA B 98 -16.11 -2.55 9.36
N LEU B 99 -16.61 -1.68 10.26
CA LEU B 99 -16.47 -1.86 11.71
C LEU B 99 -17.90 -1.81 12.32
N SER B 100 -18.06 -2.31 13.54
CA SER B 100 -19.40 -2.37 14.14
C SER B 100 -19.65 -1.47 15.33
N ARG B 101 -20.48 -0.46 15.15
CA ARG B 101 -20.83 0.45 16.25
C ARG B 101 -21.52 -0.33 17.36
N ASN B 102 -21.87 -1.58 17.13
CA ASN B 102 -22.55 -2.34 18.19
C ASN B 102 -21.56 -2.94 19.19
N LEU B 103 -20.34 -3.19 18.72
CA LEU B 103 -19.33 -3.75 19.60
C LEU B 103 -18.74 -2.72 20.53
N GLU B 104 -19.37 -1.55 20.63
CA GLU B 104 -18.79 -0.50 21.46
C GLU B 104 -18.56 -0.88 22.91
N THR B 105 -19.50 -1.60 23.52
CA THR B 105 -19.31 -1.95 24.90
C THR B 105 -18.15 -2.94 24.98
N GLN B 106 -17.96 -3.74 23.93
CA GLN B 106 -16.85 -4.71 23.91
C GLN B 106 -15.53 -3.95 23.66
N SER B 107 -15.67 -2.71 23.17
CA SER B 107 -14.55 -1.78 22.92
C SER B 107 -13.93 -1.69 21.55
N ARG B 116 -3.03 -9.62 20.62
CA ARG B 116 -2.97 -9.58 19.14
C ARG B 116 -4.33 -9.51 18.43
N THR B 117 -5.40 -9.41 19.21
CA THR B 117 -6.76 -9.33 18.70
C THR B 117 -7.56 -8.35 19.56
N ILE B 118 -8.46 -7.59 18.94
CA ILE B 118 -9.33 -6.67 19.70
C ILE B 118 -10.65 -6.69 18.94
N VAL B 119 -11.77 -6.39 19.61
CA VAL B 119 -13.04 -6.45 18.88
C VAL B 119 -13.11 -5.41 17.79
N GLY B 120 -14.00 -5.62 16.83
CA GLY B 120 -14.07 -4.70 15.72
C GLY B 120 -14.89 -3.46 15.93
N PHE B 121 -14.62 -2.76 17.03
CA PHE B 121 -15.33 -1.53 17.31
C PHE B 121 -14.79 -0.31 16.58
N GLY B 122 -15.71 0.55 16.15
CA GLY B 122 -15.35 1.79 15.48
C GLY B 122 -16.63 2.32 14.93
N PHE B 123 -16.58 3.46 14.24
CA PHE B 123 -17.76 4.02 13.60
C PHE B 123 -17.48 4.23 12.13
N HIS B 124 -18.31 3.60 11.31
CA HIS B 124 -18.14 3.68 9.87
C HIS B 124 -19.36 4.43 9.38
N ASP B 125 -19.13 5.70 9.05
CA ASP B 125 -20.20 6.58 8.62
C ASP B 125 -20.09 7.07 7.16
N VAL B 126 -21.22 7.43 6.59
CA VAL B 126 -21.26 7.93 5.20
C VAL B 126 -21.72 9.36 5.12
N VAL B 127 -21.00 10.19 4.35
CA VAL B 127 -21.40 11.59 4.19
C VAL B 127 -21.90 11.82 2.78
N ILE B 128 -23.22 11.97 2.63
CA ILE B 128 -23.81 12.22 1.31
C ILE B 128 -23.63 13.71 1.11
N GLU B 129 -23.06 14.09 -0.04
CA GLU B 129 -22.66 15.49 -0.30
C GLU B 129 -23.55 16.35 -1.17
N SER B 130 -24.56 15.74 -1.77
CA SER B 130 -25.45 16.49 -2.62
C SER B 130 -26.77 15.75 -2.82
N PRO B 131 -27.86 16.50 -3.03
CA PRO B 131 -29.13 15.81 -3.24
C PRO B 131 -29.28 15.52 -4.74
N VAL B 132 -28.33 15.98 -5.55
CA VAL B 132 -28.40 15.78 -7.01
C VAL B 132 -27.55 14.59 -7.42
N HIS B 133 -28.21 13.46 -7.71
CA HIS B 133 -27.54 12.22 -8.08
C HIS B 133 -26.33 12.43 -8.99
N SER B 134 -26.43 13.34 -9.95
CA SER B 134 -25.33 13.58 -10.88
C SER B 134 -24.33 14.72 -10.52
N ILE B 135 -24.47 15.33 -9.36
CA ILE B 135 -23.51 16.35 -8.98
C ILE B 135 -22.30 15.65 -8.34
N GLN B 136 -21.11 15.79 -8.91
CA GLN B 136 -19.91 15.22 -8.30
C GLN B 136 -19.35 16.37 -7.42
N LEU B 137 -18.67 15.98 -6.34
CA LEU B 137 -18.11 16.96 -5.41
C LEU B 137 -17.50 18.18 -6.05
N SER B 138 -16.70 17.98 -7.10
CA SER B 138 -16.01 19.10 -7.74
C SER B 138 -16.92 20.18 -8.32
N ASP B 139 -18.14 19.82 -8.65
CA ASP B 139 -19.15 20.76 -9.20
C ASP B 139 -19.79 21.63 -8.11
N ILE B 140 -19.62 21.24 -6.86
CA ILE B 140 -20.21 22.01 -5.77
C ILE B 140 -19.53 23.36 -5.55
N ASP B 141 -20.32 24.38 -5.25
CA ASP B 141 -19.76 25.72 -5.01
C ASP B 141 -18.98 25.68 -3.69
N PRO B 142 -17.97 26.58 -3.54
CA PRO B 142 -17.12 26.71 -2.36
C PRO B 142 -17.82 26.65 -0.98
N VAL B 143 -18.91 27.41 -0.81
CA VAL B 143 -19.64 27.41 0.46
C VAL B 143 -20.25 26.04 0.82
N GLY B 144 -20.78 25.34 -0.18
CA GLY B 144 -21.35 24.03 0.06
C GLY B 144 -20.28 23.04 0.56
N ILE B 145 -19.21 22.90 -0.22
CA ILE B 145 -18.09 22.02 0.16
C ILE B 145 -17.65 22.51 1.55
N GLY B 146 -17.66 23.85 1.68
CA GLY B 146 -17.35 24.45 2.97
C GLY B 146 -18.24 23.78 4.01
N ASP B 147 -19.53 23.59 3.70
CA ASP B 147 -20.42 22.94 4.67
C ASP B 147 -20.19 21.41 4.90
N ILE B 148 -19.59 20.74 3.91
CA ILE B 148 -19.27 19.30 4.00
C ILE B 148 -18.05 19.16 4.94
N LEU B 149 -17.22 20.20 4.99
CA LEU B 149 -16.03 20.23 5.84
C LEU B 149 -16.46 20.53 7.31
N ILE B 150 -17.46 21.40 7.47
CA ILE B 150 -17.90 21.70 8.84
C ILE B 150 -18.77 20.56 9.45
N ALA B 151 -19.29 19.66 8.61
CA ALA B 151 -20.09 18.54 9.11
C ALA B 151 -19.16 17.48 9.72
N TYR B 152 -18.04 17.21 9.04
CA TYR B 152 -17.07 16.23 9.52
C TYR B 152 -16.71 16.73 10.94
N LYS B 153 -16.31 18.00 11.01
CA LYS B 153 -15.98 18.61 12.29
C LYS B 153 -17.10 18.29 13.29
N LYS B 154 -18.35 18.48 12.88
CA LYS B 154 -19.47 18.19 13.78
C LYS B 154 -19.56 16.69 14.13
N ARG B 155 -19.25 15.84 13.15
CA ARG B 155 -19.29 14.41 13.40
C ARG B 155 -18.09 14.02 14.27
N ILE B 156 -16.93 14.57 13.95
CA ILE B 156 -15.74 14.34 14.75
C ILE B 156 -16.03 14.70 16.22
N ASN B 157 -16.50 15.92 16.48
CA ASN B 157 -16.78 16.29 17.86
C ASN B 157 -17.65 15.27 18.59
N GLN B 158 -18.69 14.78 17.92
CA GLN B 158 -19.59 13.77 18.49
C GLN B 158 -18.78 12.49 18.75
N ILE B 159 -18.00 12.10 17.75
CA ILE B 159 -17.17 10.94 17.85
C ILE B 159 -16.10 11.12 18.94
N ALA B 160 -15.56 12.33 19.05
CA ALA B 160 -14.53 12.62 20.04
C ALA B 160 -15.10 12.43 21.46
N GLN B 161 -16.42 12.44 21.59
CA GLN B 161 -17.03 12.26 22.90
C GLN B 161 -16.88 10.82 23.39
N HIS B 162 -16.39 9.94 22.51
CA HIS B 162 -16.19 8.53 22.89
C HIS B 162 -14.71 8.24 23.13
N ASP B 163 -14.35 8.02 24.40
CA ASP B 163 -12.97 7.77 24.77
C ASP B 163 -12.51 6.49 24.08
N SER B 164 -13.45 5.81 23.45
CA SER B 164 -13.17 4.56 22.80
C SER B 164 -12.56 4.71 21.40
N ILE B 165 -12.58 5.93 20.89
CA ILE B 165 -12.01 6.23 19.56
C ILE B 165 -10.65 6.98 19.64
N ASN B 166 -9.66 6.47 18.90
CA ASN B 166 -8.32 7.07 18.89
C ASN B 166 -7.95 7.94 17.68
N TYR B 167 -8.52 7.60 16.54
CA TYR B 167 -8.21 8.34 15.32
C TYR B 167 -9.45 8.33 14.43
N ILE B 168 -9.57 9.32 13.56
CA ILE B 168 -10.71 9.39 12.66
C ILE B 168 -10.22 9.70 11.25
N GLN B 169 -10.48 8.80 10.30
CA GLN B 169 -10.06 9.00 8.93
C GLN B 169 -11.21 9.50 8.08
N VAL B 170 -11.10 10.72 7.58
CA VAL B 170 -12.10 11.22 6.67
C VAL B 170 -11.43 11.04 5.33
N PHE B 171 -12.17 10.51 4.36
CA PHE B 171 -11.63 10.28 3.03
C PHE B 171 -12.81 10.26 2.08
N LYS B 172 -12.54 10.01 0.80
CA LYS B 172 -13.58 9.93 -0.24
C LYS B 172 -12.95 9.30 -1.47
N ASN B 173 -13.78 8.58 -2.24
CA ASN B 173 -13.35 7.99 -3.51
C ASN B 173 -14.20 8.62 -4.61
N GLN B 174 -13.71 8.51 -5.85
CA GLN B 174 -14.42 8.94 -7.07
C GLN B 174 -13.94 7.98 -8.16
N GLY B 175 -14.84 7.12 -8.66
CA GLY B 175 -14.44 6.16 -9.67
C GLY B 175 -14.35 4.77 -9.06
N ALA B 176 -14.96 3.81 -9.73
CA ALA B 176 -14.99 2.42 -9.26
C ALA B 176 -13.63 1.87 -8.84
N SER B 177 -12.60 2.16 -9.63
CA SER B 177 -11.23 1.66 -9.35
C SER B 177 -10.55 2.37 -8.17
N ALA B 178 -11.11 3.52 -7.80
CA ALA B 178 -10.61 4.30 -6.67
C ALA B 178 -11.37 3.83 -5.44
N GLY B 179 -12.14 2.76 -5.62
CA GLY B 179 -12.84 2.17 -4.50
C GLY B 179 -14.27 2.56 -4.20
N ALA B 180 -14.88 3.36 -5.07
CA ALA B 180 -16.25 3.73 -4.86
C ALA B 180 -17.14 2.53 -5.27
N SER B 181 -18.25 2.36 -4.58
CA SER B 181 -19.22 1.32 -4.89
C SER B 181 -20.54 2.04 -5.25
N MET B 182 -20.56 3.37 -5.22
CA MET B 182 -21.79 4.10 -5.55
C MET B 182 -21.54 5.38 -6.30
N SER B 183 -22.35 5.63 -7.33
CA SER B 183 -22.16 6.80 -8.17
C SER B 183 -22.64 8.15 -7.61
N HIS B 184 -23.46 8.13 -6.57
CA HIS B 184 -23.94 9.37 -5.97
C HIS B 184 -22.68 9.99 -5.27
N SER B 185 -22.64 11.31 -5.09
CA SER B 185 -21.45 11.92 -4.45
C SER B 185 -21.42 11.81 -2.92
N HIS B 186 -20.41 11.12 -2.39
CA HIS B 186 -20.33 10.89 -0.93
C HIS B 186 -18.94 10.63 -0.52
N SER B 187 -18.70 10.87 0.75
CA SER B 187 -17.39 10.59 1.35
C SER B 187 -17.77 9.81 2.58
N GLN B 188 -16.77 9.42 3.36
CA GLN B 188 -16.96 8.59 4.54
C GLN B 188 -15.99 8.93 5.68
N MET B 189 -16.20 8.27 6.80
CA MET B 189 -15.34 8.43 7.98
C MET B 189 -15.21 7.09 8.70
N MET B 190 -14.18 6.99 9.52
CA MET B 190 -13.95 5.81 10.29
C MET B 190 -13.22 6.20 11.55
N ALA B 191 -13.85 5.84 12.65
CA ALA B 191 -13.35 6.07 14.01
C ALA B 191 -12.69 4.75 14.44
N LEU B 192 -11.39 4.78 14.69
CA LEU B 192 -10.64 3.60 15.03
C LEU B 192 -10.34 3.49 16.53
N PRO B 193 -9.99 2.28 16.99
CA PRO B 193 -9.66 2.06 18.40
C PRO B 193 -8.14 1.99 18.48
N VAL B 194 -7.49 2.36 17.39
CA VAL B 194 -6.04 2.29 17.38
C VAL B 194 -5.36 3.15 16.30
N VAL B 195 -4.63 4.17 16.75
CA VAL B 195 -3.91 5.09 15.86
C VAL B 195 -3.23 4.18 14.84
N PRO B 196 -3.59 4.31 13.54
CA PRO B 196 -3.02 3.47 12.48
C PRO B 196 -1.59 3.79 12.09
N PRO B 197 -1.01 2.96 11.21
CA PRO B 197 0.37 3.16 10.76
C PRO B 197 0.74 4.50 10.17
N THR B 198 -0.09 5.03 9.27
CA THR B 198 0.30 6.31 8.71
C THR B 198 0.34 7.41 9.75
N VAL B 199 -0.56 7.35 10.74
CA VAL B 199 -0.62 8.38 11.76
C VAL B 199 0.57 8.23 12.74
N SER B 200 0.92 6.99 13.11
CA SER B 200 2.09 6.82 14.00
C SER B 200 3.38 7.04 13.17
N SER B 201 3.31 6.80 11.87
CA SER B 201 4.46 7.00 10.99
C SER B 201 4.80 8.48 10.93
N ARG B 202 3.76 9.29 10.73
CA ARG B 202 3.92 10.74 10.67
C ARG B 202 4.30 11.34 12.05
N LEU B 203 3.70 10.82 13.12
CA LEU B 203 4.00 11.34 14.44
C LEU B 203 5.50 11.17 14.75
N ASP B 204 6.06 10.04 14.36
CA ASP B 204 7.47 9.79 14.60
C ASP B 204 8.37 10.67 13.75
N GLY B 205 8.04 10.77 12.46
CA GLY B 205 8.82 11.54 11.52
C GLY B 205 8.94 13.02 11.84
N THR B 206 7.79 13.61 12.19
CA THR B 206 7.74 15.03 12.56
C THR B 206 8.24 15.19 14.00
N LYS B 207 8.20 14.12 14.78
CA LYS B 207 8.76 14.27 16.12
C LYS B 207 10.27 14.44 15.93
N ASP B 208 10.89 13.48 15.23
CA ASP B 208 12.33 13.50 14.95
C ASP B 208 12.79 14.79 14.26
N TYR B 209 12.04 15.23 13.25
CA TYR B 209 12.41 16.44 12.57
C TYR B 209 12.36 17.61 13.55
N PHE B 210 11.29 17.70 14.32
CA PHE B 210 11.17 18.81 15.27
C PHE B 210 12.26 18.78 16.37
N GLU B 211 12.47 17.60 16.98
CA GLU B 211 13.48 17.50 18.05
C GLU B 211 14.86 17.94 17.60
N GLU B 212 15.15 17.78 16.31
CA GLU B 212 16.42 18.16 15.73
C GLU B 212 16.44 19.60 15.18
N THR B 213 15.47 19.94 14.35
CA THR B 213 15.42 21.27 13.75
C THR B 213 14.65 22.33 14.53
N GLY B 214 13.82 21.89 15.47
CA GLY B 214 13.01 22.83 16.22
C GLY B 214 11.88 23.36 15.34
N LYS B 215 11.70 22.77 14.16
CA LYS B 215 10.64 23.24 13.24
C LYS B 215 9.55 22.25 12.81
N CYS B 216 8.41 22.81 12.40
CA CYS B 216 7.27 22.06 11.89
C CYS B 216 7.32 22.21 10.37
N CYS B 217 7.81 21.17 9.71
CA CYS B 217 7.98 21.20 8.26
C CYS B 217 6.77 21.66 7.47
N LEU B 218 5.57 21.53 8.05
CA LEU B 218 4.39 21.96 7.32
C LEU B 218 4.13 23.44 7.48
N CYS B 219 4.77 24.05 8.47
CA CYS B 219 4.70 25.50 8.60
C CYS B 219 5.68 26.17 7.57
N GLU B 220 6.62 25.36 7.05
CA GLU B 220 7.63 25.76 6.04
C GLU B 220 7.41 25.10 4.67
N ALA B 221 6.17 24.66 4.43
CA ALA B 221 5.85 23.96 3.18
C ALA B 221 6.22 24.72 1.94
N LYS B 222 6.14 26.06 1.97
CA LYS B 222 6.45 26.84 0.77
C LYS B 222 7.93 26.79 0.41
N SER B 223 8.77 26.57 1.41
CA SER B 223 10.19 26.49 1.11
C SER B 223 10.67 25.05 1.07
N LYS B 224 9.82 24.10 1.52
CA LYS B 224 10.23 22.69 1.48
C LYS B 224 9.52 21.85 0.40
N HIS B 225 8.41 22.38 -0.12
CA HIS B 225 7.58 21.69 -1.13
C HIS B 225 7.39 22.59 -2.37
N PHE B 226 6.79 22.03 -3.42
CA PHE B 226 6.66 22.77 -4.68
C PHE B 226 5.25 23.31 -4.85
N VAL B 227 5.13 24.60 -4.56
CA VAL B 227 3.87 25.31 -4.59
C VAL B 227 3.14 25.36 -5.96
N ILE B 228 1.84 25.07 -5.91
CA ILE B 228 0.98 25.08 -7.09
C ILE B 228 0.06 26.30 -7.00
N ASP B 229 -0.88 26.27 -6.05
CA ASP B 229 -1.79 27.39 -5.87
C ASP B 229 -1.80 27.77 -4.40
N GLU B 230 -2.49 28.87 -4.11
CA GLU B 230 -2.55 29.39 -2.77
C GLU B 230 -3.86 30.11 -2.53
N SER B 231 -4.46 29.86 -1.37
CA SER B 231 -5.69 30.56 -1.00
C SER B 231 -5.32 31.48 0.16
N SER B 232 -6.28 32.03 0.86
CA SER B 232 -5.92 32.94 1.97
C SER B 232 -5.51 32.21 3.25
N HIS B 233 -5.79 30.90 3.35
CA HIS B 233 -5.45 30.14 4.59
C HIS B 233 -4.64 28.87 4.40
N PHE B 234 -4.45 28.50 3.14
CA PHE B 234 -3.75 27.27 2.75
C PHE B 234 -2.81 27.48 1.59
N VAL B 235 -1.90 26.54 1.40
CA VAL B 235 -1.03 26.63 0.23
C VAL B 235 -0.99 25.25 -0.43
N SER B 236 -1.07 25.23 -1.75
CA SER B 236 -1.00 23.93 -2.40
C SER B 236 0.40 23.65 -2.89
N VAL B 237 0.93 22.48 -2.46
CA VAL B 237 2.26 22.04 -2.84
C VAL B 237 2.30 20.67 -3.51
N ALA B 238 3.40 20.40 -4.22
CA ALA B 238 3.71 19.11 -4.80
C ALA B 238 4.73 18.72 -3.71
N PRO B 239 4.41 17.71 -2.88
CA PRO B 239 5.32 17.32 -1.81
C PRO B 239 6.66 16.88 -2.32
N PHE B 240 7.70 17.44 -1.73
CA PHE B 240 9.07 17.14 -2.12
C PHE B 240 9.31 15.64 -2.27
N ALA B 241 9.09 14.90 -1.19
CA ALA B 241 9.33 13.46 -1.24
C ALA B 241 8.01 12.79 -1.60
N ALA B 242 7.36 13.33 -2.61
CA ALA B 242 6.07 12.81 -3.08
C ALA B 242 5.97 11.32 -3.33
N THR B 243 5.00 10.71 -2.65
CA THR B 243 4.82 9.28 -2.84
C THR B 243 4.23 8.89 -4.20
N TYR B 244 3.24 9.66 -4.71
CA TYR B 244 2.55 9.22 -5.92
C TYR B 244 2.64 10.10 -7.17
N PRO B 245 2.08 9.58 -8.26
CA PRO B 245 2.12 10.36 -9.51
C PRO B 245 1.02 11.43 -9.49
N PHE B 246 1.48 12.67 -9.46
CA PHE B 246 0.70 13.90 -9.41
C PHE B 246 -0.02 14.11 -8.08
N GLU B 247 0.64 13.67 -7.00
CA GLU B 247 0.12 13.90 -5.63
C GLU B 247 0.23 15.41 -5.34
N ILE B 248 -0.77 15.94 -4.67
CA ILE B 248 -0.84 17.34 -4.24
C ILE B 248 -1.38 17.40 -2.81
N TRP B 249 -0.68 18.05 -1.90
CA TRP B 249 -1.27 18.22 -0.56
C TRP B 249 -1.83 19.66 -0.45
N ILE B 250 -2.91 19.81 0.33
CA ILE B 250 -3.46 21.15 0.61
C ILE B 250 -3.21 21.32 2.10
N ILE B 251 -2.30 22.26 2.42
CA ILE B 251 -1.81 22.49 3.79
C ILE B 251 -2.23 23.80 4.43
N PRO B 252 -2.71 23.72 5.69
CA PRO B 252 -3.12 24.94 6.40
C PRO B 252 -1.84 25.79 6.55
N LYS B 253 -1.91 27.06 6.18
CA LYS B 253 -0.73 27.93 6.30
C LYS B 253 -0.44 28.20 7.79
N ASP B 254 -1.49 28.37 8.59
CA ASP B 254 -1.38 28.58 10.05
C ASP B 254 -1.10 27.18 10.66
N HIS B 255 -0.45 27.12 11.84
CA HIS B 255 -0.18 25.82 12.48
C HIS B 255 -1.48 25.34 13.15
N SER B 256 -2.18 24.41 12.50
CA SER B 256 -3.46 23.85 12.99
C SER B 256 -3.25 22.35 13.15
N SER B 257 -3.31 21.88 14.39
CA SER B 257 -3.07 20.46 14.71
C SER B 257 -4.16 19.41 14.41
N HIS B 258 -5.41 19.84 14.38
CA HIS B 258 -6.53 18.96 14.17
C HIS B 258 -7.52 19.65 13.24
N PHE B 259 -7.81 18.96 12.15
CA PHE B 259 -8.77 19.43 11.17
C PHE B 259 -9.99 20.07 11.87
N HIS B 260 -10.47 19.41 12.93
CA HIS B 260 -11.68 19.88 13.60
C HIS B 260 -11.56 21.07 14.52
N HIS B 261 -10.86 22.08 14.00
CA HIS B 261 -10.70 23.36 14.67
C HIS B 261 -10.97 24.43 13.63
N LEU B 262 -11.12 24.03 12.38
CA LEU B 262 -11.39 25.03 11.35
C LEU B 262 -12.78 25.63 11.60
N ASP B 263 -12.97 26.91 11.21
CA ASP B 263 -14.29 27.57 11.36
C ASP B 263 -14.88 27.76 9.98
N ASP B 264 -16.11 28.30 9.92
CA ASP B 264 -16.78 28.52 8.64
C ASP B 264 -15.93 29.25 7.61
N VAL B 265 -15.17 30.26 8.07
CA VAL B 265 -14.33 31.03 7.18
C VAL B 265 -13.27 30.17 6.48
N LYS B 266 -12.44 29.48 7.24
CA LYS B 266 -11.45 28.63 6.60
C LYS B 266 -12.11 27.54 5.75
N ALA B 267 -13.25 27.02 6.22
CA ALA B 267 -13.91 25.97 5.46
C ALA B 267 -14.23 26.42 4.03
N VAL B 268 -14.64 27.67 3.85
CA VAL B 268 -14.94 28.13 2.50
C VAL B 268 -13.62 28.46 1.77
N ASP B 269 -12.60 28.84 2.54
CA ASP B 269 -11.30 29.12 1.94
C ASP B 269 -10.75 27.84 1.30
N LEU B 270 -10.95 26.73 1.99
CA LEU B 270 -10.51 25.44 1.49
C LEU B 270 -11.34 24.93 0.31
N GLY B 271 -12.65 25.06 0.43
CA GLY B 271 -13.56 24.62 -0.62
C GLY B 271 -13.13 25.13 -1.99
N GLY B 272 -12.85 26.43 -2.09
CA GLY B 272 -12.41 26.97 -3.36
C GLY B 272 -11.08 26.35 -3.82
N LEU B 273 -10.16 26.07 -2.87
CA LEU B 273 -8.85 25.54 -3.23
C LEU B 273 -8.93 24.03 -3.56
N LEU B 274 -9.80 23.31 -2.85
CA LEU B 274 -10.02 21.88 -3.08
C LEU B 274 -10.71 21.77 -4.43
N LYS B 275 -11.95 22.26 -4.50
CA LYS B 275 -12.73 22.21 -5.75
C LYS B 275 -11.81 22.50 -6.95
N LEU B 276 -10.95 23.52 -6.83
CA LEU B 276 -10.06 23.91 -7.92
C LEU B 276 -8.96 22.89 -8.15
N MET B 277 -8.11 22.68 -7.15
CA MET B 277 -7.03 21.72 -7.31
C MET B 277 -7.59 20.55 -8.07
N LEU B 278 -8.81 20.16 -7.70
CA LEU B 278 -9.45 19.04 -8.38
C LEU B 278 -9.85 19.47 -9.79
N GLN B 279 -10.25 20.72 -9.95
CA GLN B 279 -10.60 21.10 -11.31
C GLN B 279 -9.34 21.10 -12.18
N LYS B 280 -8.19 21.48 -11.63
CA LYS B 280 -6.96 21.39 -12.45
C LYS B 280 -6.60 19.91 -12.76
N ILE B 281 -7.08 18.99 -11.94
CA ILE B 281 -6.82 17.56 -12.18
C ILE B 281 -7.76 16.93 -13.21
N ALA B 282 -9.03 17.22 -13.07
CA ALA B 282 -10.00 16.66 -14.00
C ALA B 282 -9.63 17.04 -15.42
N LYS B 283 -9.12 18.25 -15.61
CA LYS B 283 -8.74 18.66 -16.97
C LYS B 283 -7.32 18.30 -17.45
N GLN B 284 -6.31 18.54 -16.63
CA GLN B 284 -4.94 18.21 -17.04
C GLN B 284 -4.70 16.70 -17.24
N LEU B 285 -5.36 15.88 -16.43
CA LEU B 285 -5.10 14.45 -16.47
C LEU B 285 -6.15 13.59 -17.14
N ASN B 286 -6.94 14.22 -18.00
CA ASN B 286 -7.98 13.51 -18.69
C ASN B 286 -9.07 12.97 -17.74
N ASP B 287 -9.21 13.62 -16.59
CA ASP B 287 -10.25 13.31 -15.65
C ASP B 287 -10.26 11.88 -15.09
N PRO B 288 -9.22 11.51 -14.33
CA PRO B 288 -9.08 10.19 -13.72
C PRO B 288 -9.89 10.02 -12.43
N PRO B 289 -9.84 8.79 -11.88
CA PRO B 289 -10.49 8.41 -10.62
C PRO B 289 -9.61 9.15 -9.57
N TYR B 290 -10.08 9.27 -8.31
CA TYR B 290 -9.25 9.91 -7.29
C TYR B 290 -9.66 9.62 -5.85
N ASN B 291 -8.71 9.87 -4.94
CA ASN B 291 -8.91 9.73 -3.50
C ASN B 291 -8.38 11.00 -2.84
N TYR B 292 -9.05 11.45 -1.79
CA TYR B 292 -8.49 12.52 -0.95
C TYR B 292 -8.61 12.01 0.48
N MET B 293 -7.60 12.31 1.25
CA MET B 293 -7.47 11.79 2.63
C MET B 293 -7.22 12.91 3.62
N ILE B 294 -8.04 13.04 4.65
CA ILE B 294 -7.79 14.06 5.64
C ILE B 294 -6.75 13.48 6.62
N HIS B 295 -5.54 14.05 6.61
CA HIS B 295 -4.48 13.62 7.53
C HIS B 295 -4.57 14.61 8.67
N THR B 296 -5.03 14.09 9.81
CA THR B 296 -5.28 14.91 10.98
C THR B 296 -4.67 14.30 12.22
N SER B 297 -4.87 14.93 13.36
CA SER B 297 -4.20 14.42 14.53
C SER B 297 -4.97 13.36 15.30
N PRO B 298 -4.25 12.46 16.00
CA PRO B 298 -4.97 11.46 16.78
C PRO B 298 -5.81 12.29 17.76
N LEU B 299 -7.04 11.83 18.05
CA LEU B 299 -7.91 12.57 18.95
C LEU B 299 -7.35 12.65 20.36
N LYS B 300 -6.48 11.69 20.73
CA LYS B 300 -5.87 11.69 22.05
C LYS B 300 -4.40 12.19 22.00
N VAL B 301 -4.14 13.23 21.21
CA VAL B 301 -2.78 13.78 21.09
C VAL B 301 -2.34 14.56 22.36
N THR B 302 -1.04 14.64 22.63
CA THR B 302 -0.57 15.35 23.82
C THR B 302 -0.13 16.78 23.57
N GLU B 303 0.04 17.52 24.68
CA GLU B 303 0.51 18.89 24.57
C GLU B 303 1.91 18.84 23.93
N SER B 304 2.74 17.88 24.33
CA SER B 304 4.09 17.82 23.74
C SER B 304 4.07 17.48 22.28
N GLN B 305 2.98 16.89 21.80
CA GLN B 305 2.90 16.55 20.39
C GLN B 305 2.36 17.70 19.52
N LEU B 306 1.86 18.78 20.13
CA LEU B 306 1.30 19.84 19.26
C LEU B 306 2.31 20.72 18.51
N PRO B 307 3.56 20.87 19.03
CA PRO B 307 4.59 21.70 18.36
C PRO B 307 4.86 21.31 16.90
N TYR B 308 4.87 20.01 16.63
CA TYR B 308 5.13 19.51 15.29
C TYR B 308 3.95 18.76 14.65
N THR B 309 2.74 18.91 15.19
CA THR B 309 1.57 18.24 14.62
C THR B 309 0.81 19.33 13.87
N HIS B 310 0.44 19.06 12.62
CA HIS B 310 -0.17 20.07 11.70
C HIS B 310 -0.93 19.25 10.62
N TRP B 311 -2.21 19.54 10.43
CA TRP B 311 -2.97 18.75 9.47
C TRP B 311 -2.77 19.21 8.03
N PHE B 312 -3.26 18.41 7.08
CA PHE B 312 -3.18 18.74 5.65
C PHE B 312 -4.04 17.77 4.87
N LEU B 313 -4.24 18.06 3.58
CA LEU B 313 -5.05 17.23 2.70
C LEU B 313 -4.19 16.65 1.55
N GLN B 314 -4.44 15.38 1.20
CA GLN B 314 -3.67 14.68 0.16
C GLN B 314 -4.45 14.29 -1.08
N ILE B 315 -4.04 14.82 -2.21
CA ILE B 315 -4.71 14.43 -3.47
C ILE B 315 -3.80 13.56 -4.36
N VAL B 316 -4.28 12.35 -4.70
CA VAL B 316 -3.58 11.34 -5.53
C VAL B 316 -4.43 10.86 -6.73
N PRO B 317 -3.99 11.15 -7.96
CA PRO B 317 -4.74 10.73 -9.14
C PRO B 317 -4.36 9.25 -9.27
N GLN B 318 -5.30 8.43 -9.71
CA GLN B 318 -5.00 7.00 -9.82
C GLN B 318 -4.33 6.72 -11.15
N LEU B 319 -3.13 7.28 -11.34
CA LEU B 319 -2.37 7.15 -12.57
C LEU B 319 -1.59 5.83 -12.73
N SER B 320 -1.71 4.91 -11.77
CA SER B 320 -0.97 3.65 -11.86
C SER B 320 -1.25 2.75 -10.68
N GLY B 321 -0.85 1.47 -10.75
CA GLY B 321 -1.13 0.59 -9.63
C GLY B 321 0.19 0.04 -9.12
N VAL B 322 0.17 -1.08 -8.41
CA VAL B 322 1.46 -1.63 -7.91
C VAL B 322 1.73 -3.09 -8.31
N GLY B 323 2.93 -3.54 -7.98
CA GLY B 323 3.39 -4.88 -8.27
C GLY B 323 4.14 -5.41 -7.07
N GLY B 324 4.94 -6.44 -7.27
CA GLY B 324 5.65 -7.07 -6.17
C GLY B 324 6.67 -6.23 -5.40
N PHE B 325 7.26 -5.20 -6.02
CA PHE B 325 8.22 -4.39 -5.30
C PHE B 325 7.58 -3.60 -4.13
N GLU B 326 6.49 -2.90 -4.42
CA GLU B 326 5.78 -2.09 -3.44
C GLU B 326 5.17 -2.96 -2.32
N ILE B 327 4.54 -4.08 -2.70
CA ILE B 327 3.97 -4.94 -1.69
C ILE B 327 5.12 -5.53 -0.90
N GLY B 328 6.23 -5.77 -1.58
CA GLY B 328 7.39 -6.38 -0.90
C GLY B 328 8.08 -5.50 0.14
N THR B 329 8.50 -4.31 -0.29
CA THR B 329 9.23 -3.39 0.58
C THR B 329 8.41 -2.21 1.13
N GLY B 330 7.30 -1.86 0.48
CA GLY B 330 6.62 -0.66 0.96
C GLY B 330 7.36 0.56 0.39
N CYS B 331 8.14 0.34 -0.66
CA CYS B 331 8.84 1.47 -1.30
C CYS B 331 8.13 1.85 -2.61
N TYR B 332 7.54 3.04 -2.65
CA TYR B 332 6.87 3.44 -3.89
C TYR B 332 7.89 3.96 -4.89
N ILE B 333 7.51 3.88 -6.18
CA ILE B 333 8.33 4.36 -7.27
C ILE B 333 7.46 5.37 -8.05
N ASN B 334 7.65 6.64 -7.71
CA ASN B 334 6.90 7.79 -8.26
C ASN B 334 7.56 8.29 -9.57
N PRO B 335 7.08 7.82 -10.73
CA PRO B 335 7.62 8.20 -12.04
C PRO B 335 7.38 9.64 -12.46
N VAL B 336 7.60 10.61 -11.57
CA VAL B 336 7.42 12.06 -11.86
C VAL B 336 7.88 12.93 -10.69
N PHE B 337 8.88 13.78 -10.91
CA PHE B 337 9.37 14.63 -9.83
C PHE B 337 8.33 15.71 -9.53
N PRO B 338 8.12 16.03 -8.24
CA PRO B 338 7.14 17.07 -7.85
C PRO B 338 7.51 18.46 -8.41
N GLU B 339 8.78 18.69 -8.70
CA GLU B 339 9.20 19.95 -9.30
C GLU B 339 8.44 20.15 -10.64
N ASP B 340 8.32 19.07 -11.43
CA ASP B 340 7.65 19.14 -12.73
C ASP B 340 6.11 19.19 -12.59
N VAL B 341 5.60 18.53 -11.55
CA VAL B 341 4.18 18.56 -11.29
C VAL B 341 3.79 20.04 -11.11
N ALA B 342 4.38 20.69 -10.10
CA ALA B 342 4.06 22.08 -9.76
C ALA B 342 4.29 23.05 -10.93
N LYS B 343 5.24 22.69 -11.80
CA LYS B 343 5.56 23.53 -12.94
C LYS B 343 4.55 23.30 -14.06
N VAL B 344 3.91 22.12 -14.02
CA VAL B 344 2.92 21.73 -15.02
C VAL B 344 1.52 22.17 -14.56
N MET B 345 1.21 21.89 -13.31
CA MET B 345 -0.10 22.23 -12.80
C MET B 345 -0.39 23.72 -12.66
N ARG B 346 0.64 24.54 -12.44
CA ARG B 346 0.44 25.98 -12.29
C ARG B 346 0.37 26.65 -13.66
N GLU B 347 -0.01 25.87 -14.68
CA GLU B 347 -0.12 26.40 -16.03
C GLU B 347 -1.43 25.92 -16.62
N VAL B 348 -2.16 25.12 -15.85
CA VAL B 348 -3.44 24.62 -16.33
C VAL B 348 -4.47 25.75 -16.35
N SER B 349 -5.20 25.84 -17.45
CA SER B 349 -6.21 26.89 -17.56
C SER B 349 -7.62 26.27 -17.55
N LEU B 350 -8.51 26.81 -16.72
CA LEU B 350 -9.87 26.26 -16.65
C LEU B 350 -10.95 27.22 -17.18
ZN ZN C . 8.63 -14.69 -24.93
ZN ZN D . 12.71 -18.72 13.29
P AMP E . 7.47 -8.61 -15.32
O1P AMP E . 7.06 -8.44 -13.83
O2P AMP E . 6.32 -8.33 -16.23
O5' AMP E . 8.54 -7.52 -15.81
C5' AMP E . 9.75 -7.32 -15.37
C4' AMP E . 10.66 -6.46 -16.34
O4' AMP E . 11.04 -6.77 -17.73
C3' AMP E . 10.45 -4.92 -16.29
O3' AMP E . 11.32 -4.35 -15.38
C2' AMP E . 10.69 -4.40 -17.74
O2' AMP E . 11.48 -3.18 -17.76
C1' AMP E . 11.46 -5.50 -18.28
N9 AMP E . 11.80 -5.55 -19.75
C8 AMP E . 11.02 -5.30 -20.84
N7 AMP E . 11.77 -5.50 -21.96
C5 AMP E . 13.03 -5.86 -21.59
C6 AMP E . 14.18 -6.19 -22.35
N6 AMP E . 14.15 -6.15 -23.67
N1 AMP E . 15.37 -6.55 -21.66
C2 AMP E . 15.39 -6.59 -20.26
N3 AMP E . 14.24 -6.25 -19.52
C4 AMP E . 13.06 -5.91 -20.20
C1 EDO F . -5.38 -14.85 4.67
O1 EDO F . -5.56 -16.13 4.08
C2 EDO F . -6.74 -14.21 5.05
O2 EDO F . -7.42 -13.75 3.87
C1 EDO G . 5.47 -8.21 5.79
O1 EDO G . 5.58 -6.99 5.03
C2 EDO G . 4.27 -9.03 5.26
O2 EDO G . 3.11 -8.19 5.15
C1 EDO H . -2.74 -6.91 -4.68
O1 EDO H . -3.15 -7.37 -5.95
C2 EDO H . -3.80 -7.34 -3.68
O2 EDO H . -5.06 -6.77 -4.03
ZN ZN I . -28.29 9.25 -5.91
ZN ZN J . 2.98 23.46 11.55
P AMP K . -18.49 5.28 -2.22
O1P AMP K . -17.03 5.55 -1.73
O2P AMP K . -18.47 4.68 -3.58
O5' AMP K . -19.41 4.28 -1.26
C5' AMP K . -19.68 4.58 0.05
C4' AMP K . -20.49 3.59 0.95
O4' AMP K . -21.93 3.53 1.00
C3' AMP K . -19.99 2.13 1.09
O3' AMP K . -19.24 2.02 2.28
C2' AMP K . -21.31 1.28 1.12
O2' AMP K . -21.29 0.24 2.08
C1' AMP K . -22.35 2.27 1.47
N9 AMP K . -23.80 2.01 1.13
C8 AMP K . -24.35 1.30 0.09
N7 AMP K . -25.72 1.34 0.19
C5 AMP K . -26.04 2.05 1.29
C6 AMP K . -27.27 2.43 1.85
N6 AMP K . -28.44 2.03 1.30
N1 AMP K . -27.24 3.19 3.02
C2 AMP K . -26.05 3.62 3.62
N3 AMP K . -24.84 3.25 3.06
C4 AMP K . -24.85 2.49 1.89
C1 EDO L . 3.80 14.33 -6.86
O1 EDO L . 3.13 15.38 -7.52
C2 EDO L . 5.12 13.98 -7.61
O2 EDO L . 4.81 13.28 -8.80
C1 EDO M . 0.71 10.62 4.48
O1 EDO M . 0.77 9.31 5.08
C2 EDO M . 0.35 10.52 2.99
O2 EDO M . 1.19 9.54 2.34
C1 EDO N . -2.54 5.69 -6.71
O1 EDO N . -2.42 4.91 -7.90
C2 EDO N . -3.69 5.18 -5.89
O2 EDO N . -4.84 5.24 -6.70
N SER A 22 -19.10 -10.49 11.57
CA SER A 22 -18.55 -9.86 12.84
C SER A 22 -17.12 -9.37 12.65
N PRO A 23 -16.90 -8.08 12.81
CA PRO A 23 -15.55 -7.51 12.64
C PRO A 23 -14.53 -7.89 13.69
N GLU A 24 -13.26 -7.85 13.29
CA GLU A 24 -12.15 -8.12 14.20
C GLU A 24 -10.89 -7.51 13.58
N LEU A 25 -10.01 -6.93 14.39
CA LEU A 25 -8.78 -6.48 13.80
C LEU A 25 -7.82 -7.45 14.45
N ARG A 26 -6.69 -7.65 13.80
CA ARG A 26 -5.63 -8.54 14.30
C ARG A 26 -4.26 -7.99 13.93
N LYS A 27 -3.26 -8.35 14.75
CA LYS A 27 -1.90 -7.89 14.55
C LYS A 27 -0.97 -9.09 14.59
N ASP A 28 0.24 -8.90 14.08
CA ASP A 28 1.25 -9.94 14.08
C ASP A 28 2.60 -9.21 14.07
N PRO A 29 3.63 -9.77 14.71
CA PRO A 29 4.93 -9.10 14.72
C PRO A 29 5.55 -8.83 13.35
N VAL A 30 5.34 -9.75 12.40
CA VAL A 30 5.95 -9.58 11.09
C VAL A 30 5.50 -8.28 10.37
N THR A 31 4.21 -7.96 10.35
CA THR A 31 3.77 -6.69 9.69
C THR A 31 3.84 -5.55 10.70
N ASN A 32 3.73 -5.91 11.98
CA ASN A 32 3.77 -5.00 13.10
C ASN A 32 2.70 -3.91 12.99
N ARG A 33 1.49 -4.32 12.57
CA ARG A 33 0.39 -3.41 12.43
C ARG A 33 -0.93 -4.15 12.50
N TRP A 34 -1.94 -3.48 13.06
CA TRP A 34 -3.25 -4.09 13.08
C TRP A 34 -3.73 -3.95 11.64
N VAL A 35 -4.56 -4.90 11.21
CA VAL A 35 -5.21 -4.81 9.92
C VAL A 35 -6.67 -4.98 10.37
N ILE A 36 -7.61 -4.55 9.54
CA ILE A 36 -8.98 -4.78 9.88
C ILE A 36 -9.46 -6.06 9.08
N PHE A 37 -10.36 -6.82 9.72
CA PHE A 37 -11.05 -8.00 9.18
C PHE A 37 -12.56 -7.69 9.23
N SER A 38 -13.21 -7.74 8.05
CA SER A 38 -14.60 -7.42 7.99
C SER A 38 -15.24 -8.29 6.90
N PRO A 39 -15.73 -9.47 7.29
CA PRO A 39 -16.36 -10.39 6.34
C PRO A 39 -17.62 -9.82 5.72
N ARG A 44 -19.25 -15.37 0.78
CA ARG A 44 -18.77 -16.70 1.12
C ARG A 44 -17.29 -16.85 0.73
N PRO A 45 -16.44 -17.36 1.64
CA PRO A 45 -15.01 -17.53 1.33
C PRO A 45 -14.78 -18.22 0.00
N THR A 46 -15.38 -19.38 -0.15
CA THR A 46 -15.23 -20.16 -1.36
C THR A 46 -15.84 -19.46 -2.59
N ASP A 47 -16.44 -18.29 -2.36
CA ASP A 47 -17.02 -17.51 -3.46
C ASP A 47 -16.06 -16.42 -3.98
N PHE A 48 -14.86 -16.35 -3.42
CA PHE A 48 -13.87 -15.36 -3.88
C PHE A 48 -13.19 -15.89 -5.13
N LYS A 49 -13.19 -15.09 -6.20
CA LYS A 49 -12.56 -15.54 -7.45
C LYS A 49 -11.92 -14.37 -8.19
N SER A 50 -11.14 -14.72 -9.22
CA SER A 50 -10.50 -13.73 -10.10
C SER A 50 -11.57 -12.83 -10.75
N LYS A 51 -11.12 -11.78 -11.43
CA LYS A 51 -12.02 -10.83 -12.08
C LYS A 51 -11.33 -9.84 -13.02
N SER A 52 -10.26 -10.30 -13.67
CA SER A 52 -9.49 -9.48 -14.62
C SER A 52 -10.27 -9.30 -15.92
N PRO A 60 1.41 -12.32 -27.41
CA PRO A 60 2.19 -12.78 -28.56
C PRO A 60 2.74 -14.20 -28.39
N SER A 61 3.36 -14.74 -29.44
CA SER A 61 3.90 -16.09 -29.36
C SER A 61 5.39 -16.11 -29.09
N SER A 62 6.02 -14.94 -29.16
CA SER A 62 7.43 -14.77 -28.90
C SER A 62 7.68 -13.39 -28.31
N CYS A 63 8.90 -13.14 -27.84
CA CYS A 63 9.24 -11.86 -27.28
C CYS A 63 10.74 -11.81 -27.02
N PRO A 64 11.24 -10.63 -26.63
CA PRO A 64 12.67 -10.49 -26.36
C PRO A 64 13.20 -11.46 -25.33
N PHE A 65 12.32 -12.09 -24.55
CA PHE A 65 12.82 -13.04 -23.55
C PHE A 65 12.87 -14.49 -24.09
N CYS A 66 12.27 -14.75 -25.26
CA CYS A 66 12.28 -16.10 -25.84
C CYS A 66 13.67 -16.56 -26.28
N ILE A 67 13.93 -17.87 -26.16
CA ILE A 67 15.23 -18.42 -26.53
C ILE A 67 15.48 -18.14 -28.02
N GLY A 68 16.73 -17.79 -28.33
CA GLY A 68 17.14 -17.45 -29.69
C GLY A 68 17.23 -15.94 -29.87
N ARG A 69 16.29 -15.23 -29.25
CA ARG A 69 16.19 -13.77 -29.34
C ARG A 69 16.97 -13.01 -28.28
N GLU A 70 18.04 -13.62 -27.76
CA GLU A 70 18.81 -13.01 -26.69
C GLU A 70 19.50 -11.68 -26.97
N GLN A 71 19.79 -11.38 -28.23
CA GLN A 71 20.45 -10.12 -28.52
C GLN A 71 19.52 -8.93 -28.31
N GLU A 72 18.24 -9.22 -28.07
CA GLU A 72 17.27 -8.16 -27.83
C GLU A 72 17.08 -7.83 -26.33
N CYS A 73 17.88 -8.43 -25.47
CA CYS A 73 17.78 -8.19 -24.02
C CYS A 73 18.90 -7.31 -23.46
N ALA A 74 18.66 -6.65 -22.33
CA ALA A 74 19.69 -5.86 -21.65
C ALA A 74 20.79 -6.89 -21.34
N PRO A 75 22.00 -6.45 -20.94
CA PRO A 75 23.13 -7.33 -20.62
C PRO A 75 22.85 -8.58 -19.77
N GLU A 76 23.28 -9.73 -20.28
CA GLU A 76 23.04 -10.98 -19.54
C GLU A 76 23.97 -10.97 -18.34
N LEU A 77 23.66 -11.82 -17.36
CA LEU A 77 24.45 -11.97 -16.13
C LEU A 77 24.83 -13.46 -15.98
N PHE A 78 23.94 -14.32 -16.46
CA PHE A 78 24.17 -15.77 -16.48
C PHE A 78 22.92 -16.52 -16.93
N ARG A 79 23.07 -17.84 -17.00
CA ARG A 79 21.98 -18.72 -17.40
C ARG A 79 22.17 -20.13 -16.83
N VAL A 80 21.09 -20.90 -16.86
CA VAL A 80 21.11 -22.27 -16.40
C VAL A 80 20.55 -23.11 -17.54
N PRO A 81 21.29 -24.14 -17.98
CA PRO A 81 22.60 -24.50 -17.44
C PRO A 81 23.55 -23.40 -17.88
N ASP A 82 24.59 -23.15 -17.09
CA ASP A 82 25.52 -22.11 -17.43
C ASP A 82 26.05 -22.20 -18.86
N HIS A 83 26.27 -21.03 -19.46
CA HIS A 83 26.73 -20.92 -20.84
C HIS A 83 26.29 -22.03 -21.80
N ASP A 84 24.98 -22.21 -21.91
CA ASP A 84 24.43 -23.18 -22.82
C ASP A 84 23.45 -22.45 -23.71
N PRO A 85 23.40 -22.84 -24.98
CA PRO A 85 22.49 -22.21 -25.93
C PRO A 85 20.99 -22.46 -25.65
N ASN A 86 20.63 -23.69 -25.27
CA ASN A 86 19.22 -24.04 -24.98
C ASN A 86 18.98 -23.84 -23.48
N TRP A 87 19.08 -22.60 -23.02
CA TRP A 87 18.90 -22.31 -21.60
C TRP A 87 17.55 -22.67 -20.98
N LYS A 88 17.53 -22.79 -19.64
CA LYS A 88 16.32 -23.11 -18.88
C LYS A 88 15.75 -21.83 -18.26
N LEU A 89 16.61 -20.83 -18.03
CA LEU A 89 16.21 -19.52 -17.48
C LEU A 89 17.38 -18.54 -17.69
N ARG A 90 17.08 -17.24 -17.77
CA ARG A 90 18.11 -16.23 -17.93
C ARG A 90 17.81 -15.06 -17.02
N VAL A 91 18.85 -14.63 -16.32
CA VAL A 91 18.76 -13.47 -15.47
C VAL A 91 19.56 -12.39 -16.19
N ILE A 92 18.95 -11.22 -16.32
CA ILE A 92 19.57 -10.09 -17.01
C ILE A 92 19.30 -8.74 -16.34
N GLU A 93 20.11 -7.77 -16.73
CA GLU A 93 19.93 -6.42 -16.18
C GLU A 93 18.60 -5.98 -16.77
N ASN A 94 17.82 -5.22 -15.99
CA ASN A 94 16.54 -4.73 -16.49
C ASN A 94 16.83 -3.65 -17.54
N LEU A 95 16.41 -3.88 -18.78
CA LEU A 95 16.62 -2.89 -19.85
C LEU A 95 16.07 -1.49 -19.48
N TYR A 96 15.11 -1.42 -18.57
CA TYR A 96 14.54 -0.13 -18.13
C TYR A 96 14.59 -0.19 -16.59
N PRO A 97 15.80 -0.03 -16.03
CA PRO A 97 15.95 -0.10 -14.59
C PRO A 97 15.41 1.05 -13.77
N ALA A 98 14.71 0.70 -12.69
CA ALA A 98 14.15 1.72 -11.76
C ALA A 98 15.30 2.45 -11.01
N LEU A 99 16.44 1.74 -10.84
CA LEU A 99 17.65 2.27 -10.22
C LEU A 99 18.85 1.97 -11.14
N SER A 100 19.86 2.83 -11.06
CA SER A 100 21.05 2.72 -11.89
C SER A 100 22.27 2.17 -11.17
N ARG A 101 22.85 1.08 -11.65
CA ARG A 101 24.04 0.61 -10.92
C ARG A 101 25.27 1.48 -11.21
N ASN A 102 25.08 2.64 -11.87
CA ASN A 102 26.17 3.56 -12.19
C ASN A 102 26.38 4.72 -11.18
N LEU A 103 25.48 4.85 -10.19
CA LEU A 103 25.61 5.91 -9.20
C LEU A 103 26.24 5.41 -7.86
N GLU A 104 26.87 4.26 -7.91
CA GLU A 104 27.46 3.67 -6.70
C GLU A 104 28.51 4.54 -5.99
N THR A 105 29.55 4.94 -6.72
CA THR A 105 30.60 5.75 -6.13
C THR A 105 30.06 7.04 -5.51
N GLN A 106 28.89 7.51 -5.94
CA GLN A 106 28.32 8.72 -5.33
C GLN A 106 27.52 8.28 -4.10
N SER A 107 27.79 7.04 -3.69
CA SER A 107 27.19 6.36 -2.56
C SER A 107 25.83 5.77 -2.95
N ARG A 116 17.40 14.12 3.73
CA ARG A 116 16.06 13.80 3.22
C ARG A 116 16.07 13.12 1.85
N THR A 117 17.26 12.77 1.36
CA THR A 117 17.36 12.13 0.03
C THR A 117 18.76 11.55 -0.22
N ILE A 118 18.83 10.43 -0.93
CA ILE A 118 20.13 9.83 -1.25
C ILE A 118 20.12 9.50 -2.73
N VAL A 119 21.31 9.32 -3.34
CA VAL A 119 21.39 9.05 -4.77
C VAL A 119 20.70 7.74 -5.14
N GLY A 120 20.19 7.69 -6.39
CA GLY A 120 19.46 6.51 -6.85
C GLY A 120 20.29 5.31 -7.31
N PHE A 121 21.21 4.89 -6.44
CA PHE A 121 22.00 3.70 -6.74
C PHE A 121 21.27 2.43 -6.29
N GLY A 122 21.32 1.41 -7.14
CA GLY A 122 20.79 0.10 -6.81
C GLY A 122 20.92 -0.79 -8.04
N PHE A 123 20.50 -2.04 -7.91
CA PHE A 123 20.49 -2.99 -9.04
C PHE A 123 19.03 -3.29 -9.36
N HIS A 124 18.73 -3.56 -10.63
CA HIS A 124 17.36 -3.89 -11.04
C HIS A 124 17.52 -4.92 -12.15
N ASP A 125 17.32 -6.21 -11.80
CA ASP A 125 17.49 -7.31 -12.74
C ASP A 125 16.22 -8.14 -12.92
N VAL A 126 16.17 -8.89 -14.02
CA VAL A 126 15.05 -9.76 -14.36
C VAL A 126 15.47 -11.21 -14.44
N VAL A 127 14.65 -12.08 -13.86
CA VAL A 127 14.95 -13.49 -13.97
C VAL A 127 13.93 -14.07 -14.96
N ILE A 128 14.41 -14.51 -16.12
CA ILE A 128 13.56 -15.12 -17.14
C ILE A 128 13.53 -16.60 -16.78
N GLU A 129 12.34 -17.06 -16.40
CA GLU A 129 12.13 -18.41 -15.87
C GLU A 129 11.96 -19.60 -16.79
N SER A 130 11.91 -19.36 -18.09
CA SER A 130 11.79 -20.47 -19.03
C SER A 130 12.24 -19.99 -20.41
N PRO A 131 12.61 -20.92 -21.27
CA PRO A 131 13.03 -20.50 -22.62
C PRO A 131 11.77 -20.37 -23.47
N VAL A 132 10.72 -21.06 -23.02
CA VAL A 132 9.43 -21.13 -23.71
C VAL A 132 8.52 -19.99 -23.27
N HIS A 133 7.92 -19.37 -24.27
CA HIS A 133 7.09 -18.21 -24.02
C HIS A 133 5.74 -18.38 -23.31
N SER A 134 5.07 -19.50 -23.57
CA SER A 134 3.73 -19.76 -23.03
C SER A 134 3.58 -20.41 -21.65
N ILE A 135 4.66 -20.96 -21.11
CA ILE A 135 4.54 -21.60 -19.80
C ILE A 135 4.41 -20.52 -18.71
N GLN A 136 3.62 -20.78 -17.65
CA GLN A 136 3.41 -19.85 -16.52
C GLN A 136 4.23 -20.47 -15.34
N LEU A 137 4.75 -19.67 -14.42
CA LEU A 137 5.55 -20.25 -13.33
C LEU A 137 4.89 -21.49 -12.70
N SER A 138 3.60 -21.46 -12.40
CA SER A 138 3.00 -22.64 -11.76
C SER A 138 3.12 -23.98 -12.50
N ASP A 139 3.28 -23.97 -13.84
CA ASP A 139 3.42 -25.21 -14.64
C ASP A 139 4.74 -25.94 -14.41
N ILE A 140 5.84 -25.16 -14.44
CA ILE A 140 7.19 -25.70 -14.28
C ILE A 140 7.27 -26.74 -13.17
N ASP A 141 8.09 -27.77 -13.37
CA ASP A 141 8.18 -28.83 -12.37
C ASP A 141 9.08 -28.42 -11.20
N PRO A 142 8.76 -28.91 -9.98
CA PRO A 142 9.54 -28.57 -8.80
C PRO A 142 11.02 -28.46 -9.11
N VAL A 143 11.60 -29.48 -9.74
CA VAL A 143 13.02 -29.39 -10.04
C VAL A 143 13.32 -28.06 -10.72
N GLY A 144 12.50 -27.72 -11.71
CA GLY A 144 12.68 -26.49 -12.46
C GLY A 144 12.53 -25.24 -11.61
N ILE A 145 11.45 -25.20 -10.83
CA ILE A 145 11.18 -24.06 -9.94
C ILE A 145 12.34 -24.04 -8.96
N GLY A 146 12.82 -25.24 -8.60
CA GLY A 146 13.96 -25.37 -7.71
C GLY A 146 15.15 -24.63 -8.31
N ASP A 147 15.30 -24.67 -9.63
CA ASP A 147 16.43 -23.92 -10.21
C ASP A 147 16.22 -22.39 -10.07
N ILE A 148 15.12 -21.85 -10.61
CA ILE A 148 14.84 -20.40 -10.46
C ILE A 148 15.23 -19.95 -9.05
N LEU A 149 14.97 -20.82 -8.09
CA LEU A 149 15.35 -20.49 -6.73
C LEU A 149 16.87 -20.46 -6.65
N ILE A 150 17.45 -21.56 -7.13
CA ILE A 150 18.88 -21.73 -7.08
C ILE A 150 19.50 -20.45 -7.63
N ALA A 151 18.86 -19.92 -8.66
CA ALA A 151 19.32 -18.72 -9.33
C ALA A 151 19.10 -17.41 -8.54
N TYR A 152 18.04 -17.34 -7.75
CA TYR A 152 17.82 -16.14 -6.94
C TYR A 152 19.03 -16.11 -6.00
N LYS A 153 19.33 -17.28 -5.44
CA LYS A 153 20.46 -17.40 -4.51
C LYS A 153 21.76 -16.95 -5.17
N LYS A 154 22.00 -17.43 -6.39
CA LYS A 154 23.22 -17.03 -7.07
C LYS A 154 23.27 -15.50 -7.11
N ARG A 155 22.53 -14.90 -8.03
CA ARG A 155 22.52 -13.45 -8.17
C ARG A 155 22.58 -12.72 -6.83
N ILE A 156 21.72 -13.11 -5.88
CA ILE A 156 21.76 -12.50 -4.56
C ILE A 156 23.20 -12.37 -4.15
N ASN A 157 23.93 -13.48 -4.10
CA ASN A 157 25.32 -13.40 -3.72
C ASN A 157 26.20 -12.47 -4.57
N GLN A 158 25.83 -12.27 -5.84
CA GLN A 158 26.55 -11.35 -6.73
C GLN A 158 26.41 -9.90 -6.26
N ILE A 159 25.19 -9.50 -5.93
CA ILE A 159 24.92 -8.13 -5.50
C ILE A 159 25.57 -7.86 -4.15
N ALA A 160 25.62 -8.89 -3.33
CA ALA A 160 26.23 -8.84 -2.02
C ALA A 160 27.64 -8.25 -2.03
N GLN A 161 28.44 -8.62 -3.03
CA GLN A 161 29.81 -8.13 -3.10
C GLN A 161 29.91 -6.60 -2.94
N HIS A 162 28.78 -5.88 -2.90
CA HIS A 162 28.83 -4.42 -2.73
C HIS A 162 28.55 -3.99 -1.26
N ASP A 163 29.04 -2.82 -0.84
CA ASP A 163 28.78 -2.40 0.53
C ASP A 163 27.65 -1.44 0.72
N SER A 164 27.42 -0.53 -0.23
CA SER A 164 26.32 0.43 -0.04
C SER A 164 24.91 -0.06 -0.39
N ILE A 165 24.69 -1.38 -0.39
CA ILE A 165 23.33 -1.91 -0.61
C ILE A 165 22.87 -2.18 0.86
N ASN A 166 21.60 -1.90 1.18
CA ASN A 166 21.12 -2.12 2.53
C ASN A 166 20.05 -3.16 2.66
N TYR A 167 19.33 -3.42 1.58
CA TYR A 167 18.31 -4.48 1.56
C TYR A 167 18.13 -4.89 0.12
N ILE A 168 17.76 -6.16 -0.10
CA ILE A 168 17.51 -6.64 -1.47
C ILE A 168 16.07 -7.24 -1.47
N GLN A 169 15.23 -6.81 -2.43
CA GLN A 169 13.85 -7.32 -2.53
C GLN A 169 13.49 -8.17 -3.76
N VAL A 170 13.27 -9.47 -3.55
CA VAL A 170 12.85 -10.37 -4.63
C VAL A 170 11.31 -10.41 -4.75
N PHE A 171 10.78 -10.45 -5.98
CA PHE A 171 9.34 -10.52 -6.18
C PHE A 171 8.92 -11.01 -7.57
N LYS A 172 7.63 -11.28 -7.73
CA LYS A 172 7.10 -11.70 -9.03
C LYS A 172 5.68 -11.17 -9.22
N ASN A 173 5.39 -10.76 -10.45
CA ASN A 173 4.06 -10.27 -10.82
C ASN A 173 3.44 -11.39 -11.66
N GLN A 174 2.12 -11.53 -11.59
CA GLN A 174 1.43 -12.53 -12.38
C GLN A 174 0.13 -11.95 -12.94
N GLY A 175 0.21 -11.36 -14.13
CA GLY A 175 -0.96 -10.74 -14.75
C GLY A 175 -0.80 -9.24 -14.94
N ALA A 176 -1.76 -8.61 -15.62
CA ALA A 176 -1.71 -7.17 -15.84
C ALA A 176 -2.04 -6.36 -14.58
N SER A 177 -3.11 -6.73 -13.89
CA SER A 177 -3.50 -5.99 -12.68
C SER A 177 -2.52 -6.22 -11.53
N ALA A 178 -1.58 -7.15 -11.68
CA ALA A 178 -0.59 -7.40 -10.59
C ALA A 178 0.75 -6.70 -10.93
N GLY A 179 0.68 -5.82 -11.92
CA GLY A 179 1.87 -5.06 -12.32
C GLY A 179 2.77 -5.60 -13.40
N ALA A 180 2.46 -6.74 -14.02
CA ALA A 180 3.34 -7.29 -15.06
C ALA A 180 3.25 -6.58 -16.41
N SER A 181 4.41 -6.32 -17.00
CA SER A 181 4.52 -5.70 -18.33
C SER A 181 4.93 -6.74 -19.39
N MET A 182 5.72 -7.74 -18.96
CA MET A 182 6.19 -8.81 -19.87
C MET A 182 5.31 -10.08 -19.74
N SER A 183 4.84 -10.61 -20.86
CA SER A 183 4.02 -11.82 -20.82
C SER A 183 4.80 -13.13 -20.53
N HIS A 184 6.08 -13.14 -20.90
CA HIS A 184 6.97 -14.30 -20.69
C HIS A 184 7.19 -14.46 -19.17
N SER A 185 6.88 -15.65 -18.66
CA SER A 185 7.01 -15.87 -17.23
C SER A 185 8.40 -15.50 -16.70
N HIS A 186 8.44 -14.53 -15.78
CA HIS A 186 9.70 -14.11 -15.17
C HIS A 186 9.37 -13.54 -13.82
N SER A 187 10.45 -13.27 -13.06
CA SER A 187 10.36 -12.65 -11.74
C SER A 187 11.51 -11.69 -11.84
N GLN A 188 11.70 -10.86 -10.80
CA GLN A 188 12.75 -9.85 -10.84
C GLN A 188 13.34 -9.77 -9.48
N MET A 189 14.34 -8.89 -9.34
CA MET A 189 14.99 -8.64 -8.07
C MET A 189 15.42 -7.20 -8.17
N MET A 190 15.36 -6.49 -7.05
CA MET A 190 15.78 -5.09 -6.99
C MET A 190 16.52 -4.87 -5.69
N ALA A 191 17.73 -4.33 -5.80
CA ALA A 191 18.60 -4.06 -4.65
C ALA A 191 18.63 -2.56 -4.30
N LEU A 192 18.37 -2.29 -3.02
CA LEU A 192 18.27 -0.94 -2.45
C LEU A 192 19.41 -0.47 -1.54
N PRO A 193 19.64 0.86 -1.51
CA PRO A 193 20.66 1.53 -0.69
C PRO A 193 20.15 1.82 0.75
N VAL A 194 18.88 1.50 1.01
CA VAL A 194 18.24 1.70 2.32
C VAL A 194 17.43 0.45 2.70
N VAL A 195 17.15 0.27 3.99
CA VAL A 195 16.31 -0.85 4.43
C VAL A 195 14.88 -0.25 4.32
N PRO A 196 13.99 -0.85 3.48
CA PRO A 196 12.62 -0.32 3.32
C PRO A 196 11.65 -0.51 4.47
N PRO A 197 10.54 0.26 4.47
CA PRO A 197 9.51 0.22 5.54
C PRO A 197 9.11 -1.14 5.98
N THR A 198 8.93 -2.06 5.03
CA THR A 198 8.50 -3.36 5.48
C THR A 198 9.59 -4.08 6.25
N VAL A 199 10.79 -4.11 5.67
CA VAL A 199 11.87 -4.85 6.34
C VAL A 199 12.16 -4.19 7.71
N SER A 200 12.13 -2.86 7.75
CA SER A 200 12.37 -2.16 9.01
C SER A 200 11.16 -2.31 9.96
N SER A 201 9.95 -2.52 9.41
CA SER A 201 8.78 -2.73 10.25
C SER A 201 8.98 -4.05 10.95
N ARG A 202 9.03 -5.12 10.15
CA ARG A 202 9.18 -6.48 10.66
C ARG A 202 10.22 -6.63 11.80
N LEU A 203 11.40 -6.04 11.62
CA LEU A 203 12.45 -6.11 12.65
C LEU A 203 11.98 -5.38 13.93
N ASP A 204 11.44 -4.18 13.79
CA ASP A 204 10.91 -3.45 14.99
C ASP A 204 9.94 -4.39 15.66
N GLY A 205 9.20 -5.16 14.84
CA GLY A 205 8.22 -6.10 15.37
C GLY A 205 8.73 -7.44 15.91
N THR A 206 9.19 -8.31 15.03
CA THR A 206 9.70 -9.61 15.46
C THR A 206 10.50 -9.44 16.76
N LYS A 207 11.22 -8.32 16.90
CA LYS A 207 11.96 -8.11 18.13
C LYS A 207 10.98 -8.09 19.33
N ASP A 208 10.08 -7.12 19.38
CA ASP A 208 9.14 -7.02 20.56
C ASP A 208 8.75 -8.43 20.99
N TYR A 209 8.22 -9.17 20.01
CA TYR A 209 7.74 -10.53 20.28
C TYR A 209 8.80 -11.35 20.99
N PHE A 210 10.05 -11.06 20.65
CA PHE A 210 11.21 -11.73 21.24
C PHE A 210 11.61 -11.15 22.61
N GLU A 211 11.44 -9.85 22.78
CA GLU A 211 11.79 -9.23 24.06
C GLU A 211 10.94 -9.86 25.16
N GLU A 212 9.68 -10.10 24.83
CA GLU A 212 8.75 -10.68 25.79
C GLU A 212 8.86 -12.20 25.96
N THR A 213 8.50 -12.96 24.93
CA THR A 213 8.52 -14.44 25.00
C THR A 213 9.91 -15.03 24.97
N GLY A 214 10.79 -14.36 24.23
CA GLY A 214 12.13 -14.87 24.07
C GLY A 214 12.08 -15.80 22.86
N LYS A 215 10.97 -15.77 22.12
CA LYS A 215 10.73 -16.63 20.95
C LYS A 215 10.64 -15.96 19.58
N CYS A 216 10.62 -16.79 18.53
CA CYS A 216 10.48 -16.36 17.12
C CYS A 216 9.02 -16.74 16.76
N CYS A 217 8.23 -15.83 16.21
CA CYS A 217 6.83 -16.14 15.90
C CYS A 217 6.54 -17.00 14.64
N LEU A 218 7.53 -17.07 13.74
CA LEU A 218 7.42 -17.87 12.51
C LEU A 218 8.05 -19.27 12.70
N CYS A 219 8.97 -19.44 13.66
CA CYS A 219 9.51 -20.81 13.87
C CYS A 219 8.31 -21.46 14.62
N GLU A 220 7.55 -20.64 15.34
CA GLU A 220 6.37 -21.10 16.06
C GLU A 220 5.10 -20.93 15.20
N ALA A 221 5.31 -20.69 13.91
CA ALA A 221 4.19 -20.40 13.01
C ALA A 221 3.08 -21.46 12.92
N LYS A 222 3.42 -22.74 13.13
CA LYS A 222 2.38 -23.75 12.98
C LYS A 222 1.27 -23.69 14.01
N SER A 223 1.46 -22.87 15.04
CA SER A 223 0.39 -22.70 16.04
C SER A 223 -0.22 -21.30 16.13
N LYS A 224 0.38 -20.30 15.50
CA LYS A 224 -0.17 -18.95 15.63
C LYS A 224 -0.89 -18.47 14.36
N HIS A 225 -0.72 -19.25 13.30
CA HIS A 225 -1.33 -19.01 11.99
C HIS A 225 -1.99 -20.33 11.53
N PHE A 226 -2.85 -20.26 10.52
CA PHE A 226 -3.55 -21.45 10.04
C PHE A 226 -2.70 -22.22 9.06
N VAL A 227 -2.52 -23.49 9.35
CA VAL A 227 -1.68 -24.33 8.52
C VAL A 227 -2.39 -24.88 7.29
N ILE A 228 -1.69 -24.79 6.15
CA ILE A 228 -2.23 -25.26 4.89
C ILE A 228 -1.63 -26.62 4.56
N ASP A 229 -0.54 -26.58 3.81
CA ASP A 229 0.18 -27.80 3.41
C ASP A 229 1.60 -27.79 3.99
N GLU A 230 2.24 -28.93 3.90
CA GLU A 230 3.58 -29.04 4.46
C GLU A 230 4.39 -29.90 3.49
N SER A 231 5.71 -29.71 3.47
CA SER A 231 6.60 -30.53 2.65
C SER A 231 7.80 -30.89 3.55
N SER A 232 8.94 -31.26 2.99
CA SER A 232 10.06 -31.64 3.85
C SER A 232 10.54 -30.53 4.80
N HIS A 233 10.67 -29.33 4.25
CA HIS A 233 11.13 -28.18 5.02
C HIS A 233 10.16 -27.01 5.16
N PHE A 234 9.02 -27.07 4.49
CA PHE A 234 8.09 -25.93 4.61
C PHE A 234 6.69 -26.24 5.14
N VAL A 235 5.83 -25.23 5.22
CA VAL A 235 4.47 -25.44 5.73
C VAL A 235 3.63 -24.30 5.16
N SER A 236 3.07 -24.48 4.00
CA SER A 236 2.29 -23.38 3.47
C SER A 236 1.31 -22.89 4.55
N VAL A 237 1.19 -21.58 4.71
CA VAL A 237 0.27 -21.07 5.71
C VAL A 237 -0.48 -19.77 5.41
N ALA A 238 -1.67 -19.66 6.00
CA ALA A 238 -2.43 -18.41 5.94
C ALA A 238 -1.95 -17.68 7.24
N PRO A 239 -1.55 -16.41 7.16
CA PRO A 239 -1.08 -15.63 8.33
C PRO A 239 -2.23 -15.21 9.22
N PHE A 240 -1.98 -15.15 10.51
CA PHE A 240 -3.02 -14.73 11.48
C PHE A 240 -3.63 -13.34 11.22
N ALA A 241 -2.78 -12.33 11.00
CA ALA A 241 -3.35 -10.97 10.75
C ALA A 241 -3.05 -10.46 9.35
N ALA A 242 -3.28 -11.34 8.37
CA ALA A 242 -3.06 -11.10 6.95
C ALA A 242 -3.47 -9.71 6.49
N THR A 243 -2.61 -9.15 5.64
CA THR A 243 -2.75 -7.82 5.03
C THR A 243 -3.61 -7.84 3.79
N TYR A 244 -3.95 -9.04 3.31
CA TYR A 244 -4.74 -9.12 2.07
C TYR A 244 -5.57 -10.43 2.09
N PRO A 245 -6.81 -10.40 1.54
CA PRO A 245 -7.62 -11.65 1.54
C PRO A 245 -6.91 -12.81 0.86
N PHE A 246 -7.09 -14.01 1.40
CA PHE A 246 -6.43 -15.17 0.83
C PHE A 246 -4.93 -14.95 0.74
N GLU A 247 -4.35 -14.16 1.62
CA GLU A 247 -2.88 -14.09 1.67
C GLU A 247 -2.41 -15.46 2.30
N ILE A 248 -1.19 -15.89 2.02
CA ILE A 248 -0.61 -17.16 2.54
C ILE A 248 0.87 -16.85 2.59
N TRP A 249 1.58 -17.31 3.62
CA TRP A 249 3.03 -17.11 3.69
C TRP A 249 3.56 -18.53 3.73
N ILE A 250 4.79 -18.73 3.21
CA ILE A 250 5.47 -20.03 3.26
C ILE A 250 6.66 -19.74 4.17
N ILE A 251 6.64 -20.42 5.33
CA ILE A 251 7.60 -20.21 6.40
C ILE A 251 8.51 -21.37 6.60
N PRO A 252 9.83 -21.11 6.60
CA PRO A 252 10.82 -22.19 6.81
C PRO A 252 10.37 -22.76 8.14
N LYS A 253 10.51 -24.07 8.29
CA LYS A 253 10.10 -24.70 9.55
C LYS A 253 11.29 -24.57 10.50
N ASP A 254 12.45 -24.31 9.91
CA ASP A 254 13.67 -24.14 10.70
C ASP A 254 13.95 -22.64 10.82
N HIS A 255 14.62 -22.21 11.89
CA HIS A 255 14.91 -20.77 12.03
C HIS A 255 16.01 -20.46 11.00
N SER A 256 15.60 -19.82 9.90
CA SER A 256 16.49 -19.48 8.82
C SER A 256 16.30 -18.01 8.55
N SER A 257 17.38 -17.26 8.77
CA SER A 257 17.31 -15.81 8.62
C SER A 257 17.46 -15.30 7.21
N HIS A 258 18.32 -15.97 6.44
CA HIS A 258 18.61 -15.56 5.07
C HIS A 258 18.09 -16.48 3.98
N PHE A 259 17.20 -15.95 3.17
CA PHE A 259 16.69 -16.74 2.07
C PHE A 259 17.89 -17.35 1.29
N HIS A 260 18.96 -16.57 1.10
CA HIS A 260 20.08 -17.09 0.32
C HIS A 260 20.95 -18.12 1.02
N HIS A 261 20.95 -18.16 2.36
CA HIS A 261 21.71 -19.22 2.99
C HIS A 261 21.01 -20.55 2.62
N LEU A 262 19.82 -20.45 2.06
CA LEU A 262 19.12 -21.67 1.63
C LEU A 262 20.09 -22.61 0.87
N ASP A 263 19.94 -23.95 1.03
CA ASP A 263 20.82 -24.85 0.27
C ASP A 263 20.04 -25.61 -0.81
N ASP A 264 20.74 -26.38 -1.63
CA ASP A 264 20.08 -27.14 -2.70
C ASP A 264 18.96 -28.06 -2.24
N VAL A 265 19.13 -28.70 -1.10
CA VAL A 265 18.10 -29.59 -0.62
C VAL A 265 16.81 -28.78 -0.45
N LYS A 266 16.93 -27.65 0.23
CA LYS A 266 15.75 -26.86 0.44
C LYS A 266 15.22 -26.36 -0.92
N ALA A 267 16.04 -25.66 -1.71
CA ALA A 267 15.49 -25.17 -2.99
C ALA A 267 14.54 -26.18 -3.66
N VAL A 268 14.96 -27.46 -3.74
CA VAL A 268 14.12 -28.49 -4.35
C VAL A 268 12.74 -28.51 -3.69
N ASP A 269 12.73 -28.71 -2.39
CA ASP A 269 11.48 -28.76 -1.63
C ASP A 269 10.80 -27.38 -1.63
N LEU A 270 11.61 -26.32 -1.55
CA LEU A 270 11.01 -25.00 -1.56
C LEU A 270 10.28 -24.85 -2.90
N GLY A 271 10.98 -25.11 -4.01
CA GLY A 271 10.32 -25.00 -5.32
C GLY A 271 9.07 -25.84 -5.29
N GLY A 272 9.15 -26.83 -4.39
CA GLY A 272 8.11 -27.81 -4.21
C GLY A 272 6.92 -27.18 -3.53
N LEU A 273 7.12 -26.63 -2.34
CA LEU A 273 6.00 -26.04 -1.64
C LEU A 273 5.46 -24.83 -2.39
N LEU A 274 6.33 -24.04 -2.99
CA LEU A 274 5.82 -22.88 -3.74
C LEU A 274 4.98 -23.34 -4.94
N LYS A 275 5.50 -24.30 -5.70
CA LYS A 275 4.79 -24.78 -6.87
C LYS A 275 3.40 -25.20 -6.45
N LEU A 276 3.34 -26.12 -5.49
CA LEU A 276 2.05 -26.63 -5.05
C LEU A 276 1.20 -25.42 -4.78
N MET A 277 1.80 -24.44 -4.14
CA MET A 277 1.07 -23.26 -3.79
C MET A 277 0.38 -22.78 -5.02
N LEU A 278 1.13 -22.14 -5.88
CA LEU A 278 0.58 -21.60 -7.13
C LEU A 278 -0.58 -22.38 -7.70
N GLN A 279 -0.32 -23.55 -8.27
CA GLN A 279 -1.41 -24.31 -8.87
C GLN A 279 -2.65 -24.28 -7.98
N LYS A 280 -2.46 -24.20 -6.65
CA LYS A 280 -3.62 -24.17 -5.74
C LYS A 280 -4.29 -22.79 -5.76
N ILE A 281 -3.51 -21.76 -6.03
CA ILE A 281 -4.05 -20.40 -6.15
C ILE A 281 -4.93 -20.36 -7.42
N ALA A 282 -4.41 -20.91 -8.52
CA ALA A 282 -5.17 -20.93 -9.80
C ALA A 282 -6.48 -21.75 -9.67
N LYS A 283 -6.40 -22.93 -9.04
CA LYS A 283 -7.61 -23.75 -8.89
C LYS A 283 -8.72 -22.98 -8.19
N GLN A 284 -8.61 -22.89 -6.88
CA GLN A 284 -9.65 -22.27 -6.05
C GLN A 284 -10.06 -20.86 -6.41
N LEU A 285 -9.10 -20.02 -6.84
CA LEU A 285 -9.41 -18.61 -7.13
C LEU A 285 -9.86 -18.33 -8.57
N ASN A 286 -9.95 -19.37 -9.40
CA ASN A 286 -10.38 -19.21 -10.80
C ASN A 286 -9.41 -18.42 -11.68
N ASP A 287 -8.12 -18.62 -11.43
CA ASP A 287 -7.03 -17.94 -12.16
C ASP A 287 -6.78 -16.48 -11.89
N PRO A 288 -6.72 -16.09 -10.60
CA PRO A 288 -6.47 -14.67 -10.39
C PRO A 288 -5.04 -14.32 -10.74
N PRO A 289 -4.82 -13.04 -11.09
CA PRO A 289 -3.43 -12.63 -11.37
C PRO A 289 -2.85 -12.71 -9.92
N TYR A 290 -1.54 -12.67 -9.72
CA TYR A 290 -1.04 -12.71 -8.34
C TYR A 290 0.36 -12.08 -8.25
N ASN A 291 0.86 -11.91 -7.01
CA ASN A 291 2.21 -11.43 -6.77
C ASN A 291 2.62 -12.36 -5.65
N TYR A 292 3.94 -12.45 -5.43
CA TYR A 292 4.54 -13.13 -4.27
C TYR A 292 5.75 -12.26 -3.86
N MET A 293 6.17 -12.39 -2.61
CA MET A 293 7.26 -11.55 -2.11
C MET A 293 8.09 -12.21 -0.99
N ILE A 294 9.38 -12.35 -1.28
CA ILE A 294 10.35 -12.94 -0.35
C ILE A 294 10.73 -11.84 0.67
N HIS A 295 10.49 -12.17 1.93
CA HIS A 295 10.79 -11.33 3.08
C HIS A 295 11.96 -12.00 3.78
N THR A 296 13.10 -11.32 3.77
CA THR A 296 14.32 -11.88 4.27
C THR A 296 15.02 -10.81 5.11
N SER A 297 16.27 -11.06 5.46
CA SER A 297 16.98 -10.12 6.30
C SER A 297 17.79 -9.07 5.54
N PRO A 298 18.12 -7.96 6.23
CA PRO A 298 18.93 -6.87 5.70
C PRO A 298 20.35 -7.50 5.56
N LEU A 299 21.14 -7.11 4.56
CA LEU A 299 22.50 -7.69 4.42
C LEU A 299 23.45 -7.25 5.57
N LYS A 300 23.11 -6.18 6.31
CA LYS A 300 23.95 -5.72 7.42
C LYS A 300 23.34 -6.07 8.78
N VAL A 301 22.51 -7.11 8.82
CA VAL A 301 21.85 -7.51 10.05
C VAL A 301 22.91 -7.79 11.12
N THR A 302 22.70 -7.23 12.30
CA THR A 302 23.66 -7.42 13.41
C THR A 302 23.30 -8.65 14.23
N GLU A 303 24.28 -9.11 15.02
CA GLU A 303 24.01 -10.29 15.84
C GLU A 303 22.79 -10.19 16.77
N SER A 304 22.54 -9.04 17.39
CA SER A 304 21.42 -8.93 18.33
C SER A 304 20.04 -9.04 17.71
N GLN A 305 19.94 -8.73 16.40
CA GLN A 305 18.70 -8.83 15.65
C GLN A 305 18.66 -10.26 15.09
N LEU A 306 19.52 -11.11 15.64
CA LEU A 306 19.58 -12.46 15.11
C LEU A 306 18.48 -13.43 15.47
N PRO A 307 18.10 -13.51 16.75
CA PRO A 307 17.05 -14.41 17.27
C PRO A 307 15.68 -14.11 16.68
N TYR A 308 15.57 -12.98 16.00
CA TYR A 308 14.27 -12.67 15.40
C TYR A 308 14.25 -12.43 13.88
N THR A 309 15.06 -13.17 13.12
CA THR A 309 15.05 -12.97 11.65
C THR A 309 14.83 -14.41 11.12
N HIS A 310 13.75 -14.63 10.36
CA HIS A 310 13.37 -15.99 9.88
C HIS A 310 12.70 -15.65 8.54
N TRP A 311 13.34 -16.00 7.42
CA TRP A 311 12.80 -15.57 6.11
C TRP A 311 11.53 -16.25 5.62
N PHE A 312 10.53 -15.49 5.18
CA PHE A 312 9.34 -16.18 4.66
C PHE A 312 8.96 -15.70 3.27
N LEU A 313 8.15 -16.49 2.53
CA LEU A 313 7.71 -16.08 1.20
C LEU A 313 6.21 -15.82 1.27
N GLN A 314 5.82 -14.57 0.97
CA GLN A 314 4.42 -14.12 1.02
C GLN A 314 3.84 -14.18 -0.39
N ILE A 315 2.61 -14.68 -0.53
CA ILE A 315 1.93 -14.75 -1.82
C ILE A 315 0.59 -14.03 -1.69
N VAL A 316 0.16 -13.31 -2.73
CA VAL A 316 -1.11 -12.63 -2.63
C VAL A 316 -1.81 -12.72 -3.98
N PRO A 317 -3.09 -13.05 -3.94
CA PRO A 317 -3.83 -13.14 -5.20
C PRO A 317 -4.20 -11.71 -5.55
N GLN A 318 -4.28 -11.37 -6.83
CA GLN A 318 -4.62 -10.00 -7.13
C GLN A 318 -6.14 -9.88 -7.14
N LEU A 319 -6.66 -9.59 -5.97
CA LEU A 319 -8.10 -9.50 -5.80
C LEU A 319 -8.51 -8.08 -5.40
N SER A 320 -9.80 -7.85 -5.27
CA SER A 320 -10.34 -6.55 -4.87
C SER A 320 -9.30 -5.48 -4.43
N GLY A 321 -9.55 -4.26 -4.89
CA GLY A 321 -8.68 -3.13 -4.59
C GLY A 321 -9.02 -2.37 -3.32
N VAL A 322 -8.49 -1.15 -3.19
CA VAL A 322 -8.75 -0.35 -1.98
C VAL A 322 -9.27 1.06 -2.31
N GLY A 323 -9.64 1.78 -1.24
CA GLY A 323 -10.11 3.15 -1.39
C GLY A 323 -9.29 4.08 -0.51
N GLY A 324 -9.81 5.29 -0.26
CA GLY A 324 -9.08 6.26 0.55
C GLY A 324 -8.82 5.91 2.00
N PHE A 325 -9.54 4.93 2.53
CA PHE A 325 -9.26 4.58 3.94
C PHE A 325 -7.86 4.02 4.15
N GLU A 326 -7.47 3.14 3.24
CA GLU A 326 -6.16 2.49 3.33
C GLU A 326 -5.03 3.47 2.99
N ILE A 327 -5.22 4.27 1.94
CA ILE A 327 -4.16 5.22 1.61
C ILE A 327 -3.85 6.17 2.79
N GLY A 328 -4.89 6.78 3.34
CA GLY A 328 -4.72 7.72 4.43
C GLY A 328 -4.18 7.13 5.71
N THR A 329 -4.56 5.88 6.00
CA THR A 329 -4.19 5.18 7.24
C THR A 329 -3.08 4.13 7.23
N GLY A 330 -2.90 3.43 6.10
CA GLY A 330 -1.91 2.34 6.10
C GLY A 330 -2.49 1.11 6.79
N CYS A 331 -3.80 1.14 7.09
CA CYS A 331 -4.47 0.00 7.68
C CYS A 331 -5.31 -0.60 6.53
N TYR A 332 -5.29 -1.92 6.42
CA TYR A 332 -6.07 -2.60 5.37
C TYR A 332 -7.35 -3.25 5.93
N ILE A 333 -8.26 -3.55 5.00
CA ILE A 333 -9.48 -4.26 5.32
C ILE A 333 -9.48 -5.56 4.52
N ASN A 334 -9.54 -6.69 5.23
CA ASN A 334 -9.51 -8.00 4.60
C ASN A 334 -10.92 -8.59 4.66
N PRO A 335 -11.45 -9.06 3.52
CA PRO A 335 -12.80 -9.64 3.53
C PRO A 335 -12.96 -11.12 3.79
N VAL A 336 -11.85 -11.84 3.98
CA VAL A 336 -11.91 -13.29 4.26
C VAL A 336 -11.11 -13.70 5.54
N PHE A 337 -11.77 -14.09 6.62
CA PHE A 337 -10.96 -14.48 7.81
C PHE A 337 -9.95 -15.56 7.41
N PRO A 338 -8.76 -15.56 8.04
CA PRO A 338 -7.78 -16.60 7.66
C PRO A 338 -8.24 -18.00 8.06
N GLU A 339 -9.15 -18.04 9.02
CA GLU A 339 -9.77 -19.27 9.51
C GLU A 339 -10.45 -19.93 8.31
N ASP A 340 -11.14 -19.11 7.51
CA ASP A 340 -11.85 -19.65 6.36
C ASP A 340 -10.95 -20.01 5.21
N VAL A 341 -10.05 -19.09 4.83
CA VAL A 341 -9.13 -19.36 3.72
C VAL A 341 -8.41 -20.62 4.12
N ALA A 342 -8.16 -20.75 5.42
CA ALA A 342 -7.43 -21.92 5.88
C ALA A 342 -8.33 -23.12 5.59
N LYS A 343 -9.56 -23.07 6.06
CA LYS A 343 -10.48 -24.19 5.81
C LYS A 343 -10.63 -24.40 4.31
N VAL A 344 -10.76 -23.31 3.56
CA VAL A 344 -10.95 -23.44 2.13
C VAL A 344 -9.76 -24.05 1.45
N MET A 345 -8.55 -23.60 1.77
CA MET A 345 -7.37 -24.10 1.03
C MET A 345 -6.95 -25.55 1.30
N ARG A 346 -7.37 -26.11 2.42
CA ARG A 346 -7.05 -27.53 2.64
C ARG A 346 -8.06 -28.39 1.88
N GLU A 347 -9.24 -27.83 1.57
CA GLU A 347 -10.29 -28.60 0.84
C GLU A 347 -10.09 -28.65 -0.68
N VAL A 348 -9.26 -27.76 -1.22
CA VAL A 348 -9.03 -27.77 -2.67
C VAL A 348 -8.49 -29.13 -3.10
N SER A 349 -9.07 -29.66 -4.18
CA SER A 349 -8.66 -30.95 -4.74
C SER A 349 -7.98 -30.74 -6.08
N LEU A 350 -6.79 -31.34 -6.21
CA LEU A 350 -6.00 -31.26 -7.43
C LEU A 350 -5.83 -32.56 -8.23
N THR A 351 -6.95 -33.05 -8.74
CA THR A 351 -7.05 -34.25 -9.59
C THR A 351 -8.34 -34.11 -10.43
N GLN B 21 14.84 13.30 -15.20
CA GLN B 21 15.81 13.60 -14.11
C GLN B 21 16.25 12.26 -13.51
N SER B 22 17.53 11.98 -13.60
CA SER B 22 18.09 10.73 -13.07
C SER B 22 17.41 10.21 -11.79
N PRO B 23 17.32 8.88 -11.62
CA PRO B 23 16.66 8.43 -10.39
C PRO B 23 17.34 8.81 -9.07
N GLU B 24 16.50 9.14 -8.08
CA GLU B 24 16.90 9.54 -6.71
C GLU B 24 15.92 8.91 -5.75
N LEU B 25 16.35 8.72 -4.50
CA LEU B 25 15.50 8.20 -3.44
C LEU B 25 15.20 9.43 -2.58
N ARG B 26 13.92 9.66 -2.29
CA ARG B 26 13.49 10.81 -1.53
C ARG B 26 12.64 10.39 -0.32
N LYS B 27 12.78 11.14 0.78
CA LYS B 27 12.11 10.82 2.04
C LYS B 27 11.52 12.06 2.67
N ASP B 28 10.37 11.89 3.33
CA ASP B 28 9.67 13.02 3.94
C ASP B 28 9.30 12.80 5.39
N PRO B 29 9.41 13.84 6.24
CA PRO B 29 9.06 13.63 7.66
C PRO B 29 7.62 13.14 7.87
N VAL B 30 6.72 13.58 6.99
CA VAL B 30 5.30 13.21 7.09
C VAL B 30 5.03 11.78 6.69
N THR B 31 5.63 11.33 5.59
CA THR B 31 5.42 9.93 5.20
C THR B 31 6.36 9.08 6.02
N ASN B 32 7.56 9.60 6.26
CA ASN B 32 8.56 8.85 6.98
C ASN B 32 8.99 7.52 6.29
N ARG B 33 9.02 7.50 4.95
CA ARG B 33 9.48 6.30 4.25
C ARG B 33 10.15 6.64 2.93
N TRP B 34 11.00 5.72 2.44
CA TRP B 34 11.65 6.01 1.16
C TRP B 34 10.81 5.75 -0.07
N VAL B 35 10.78 6.74 -0.97
CA VAL B 35 10.11 6.64 -2.24
C VAL B 35 11.22 6.79 -3.32
N ILE B 36 11.18 5.95 -4.35
CA ILE B 36 12.16 6.11 -5.41
C ILE B 36 11.53 6.92 -6.53
N PHE B 37 12.17 8.01 -6.96
CA PHE B 37 11.65 8.72 -8.10
C PHE B 37 12.37 8.18 -9.31
N SER B 38 11.63 7.77 -10.33
CA SER B 38 12.27 7.19 -11.52
C SER B 38 11.35 7.28 -12.77
N PRO B 39 11.37 8.44 -13.46
CA PRO B 39 10.62 8.79 -14.67
C PRO B 39 11.08 8.10 -15.95
N THR B 46 7.27 15.16 -16.22
CA THR B 46 6.23 16.08 -16.65
C THR B 46 5.14 15.39 -17.47
N ASP B 47 5.53 14.39 -18.25
CA ASP B 47 4.53 13.71 -19.06
C ASP B 47 3.92 12.46 -18.42
N PHE B 48 2.80 12.67 -17.72
CA PHE B 48 2.10 11.55 -17.10
C PHE B 48 0.59 11.72 -17.06
N LYS B 49 -0.02 11.87 -18.24
CA LYS B 49 -1.46 12.04 -18.33
C LYS B 49 -2.21 10.72 -18.16
N SER B 50 -3.50 10.81 -17.83
CA SER B 50 -4.33 9.63 -17.61
C SER B 50 -5.02 9.11 -18.87
N SER B 62 -31.27 7.93 -9.78
CA SER B 62 -32.13 7.50 -8.67
C SER B 62 -31.55 6.31 -7.90
N CYS B 63 -30.81 6.59 -6.83
CA CYS B 63 -30.20 5.55 -6.01
C CYS B 63 -30.72 5.70 -4.57
N PRO B 64 -30.27 4.84 -3.65
CA PRO B 64 -30.74 4.96 -2.26
C PRO B 64 -30.37 6.27 -1.57
N PHE B 65 -29.40 6.98 -2.15
CA PHE B 65 -28.89 8.27 -1.64
C PHE B 65 -29.60 9.49 -2.24
N CYS B 66 -30.35 9.27 -3.33
CA CYS B 66 -31.08 10.34 -4.04
C CYS B 66 -32.18 11.05 -3.25
N ILE B 67 -32.29 12.36 -3.49
CA ILE B 67 -33.24 13.24 -2.80
C ILE B 67 -34.68 12.93 -3.20
N GLY B 68 -35.12 11.75 -2.78
CA GLY B 68 -36.45 11.25 -3.06
C GLY B 68 -36.61 9.83 -2.56
N ARG B 69 -35.50 9.18 -2.18
CA ARG B 69 -35.55 7.82 -1.67
C ARG B 69 -34.61 7.51 -0.51
N GLU B 70 -34.82 8.24 0.59
CA GLU B 70 -34.02 8.11 1.82
C GLU B 70 -34.24 6.87 2.69
N GLN B 71 -35.50 6.46 2.83
CA GLN B 71 -35.90 5.30 3.66
C GLN B 71 -35.04 4.04 3.53
N GLU B 72 -34.38 3.93 2.39
CA GLU B 72 -33.53 2.80 2.06
C GLU B 72 -32.07 2.95 2.61
N CYS B 73 -31.82 4.02 3.38
CA CYS B 73 -30.50 4.27 3.97
C CYS B 73 -30.42 3.84 5.42
N ALA B 74 -29.24 3.45 5.89
CA ALA B 74 -29.08 3.11 7.29
C ALA B 74 -29.43 4.43 8.03
N PRO B 75 -29.62 4.38 9.36
CA PRO B 75 -29.98 5.60 10.10
C PRO B 75 -29.19 6.91 9.84
N GLU B 76 -29.92 7.95 9.46
CA GLU B 76 -29.32 9.26 9.19
C GLU B 76 -28.72 9.79 10.49
N LEU B 77 -27.65 10.56 10.39
CA LEU B 77 -27.04 11.17 11.56
C LEU B 77 -27.56 12.61 11.54
N PHE B 78 -27.27 13.35 10.47
CA PHE B 78 -27.81 14.70 10.36
C PHE B 78 -27.84 15.17 8.93
N ARG B 79 -28.38 16.35 8.69
CA ARG B 79 -28.41 16.83 7.34
C ARG B 79 -28.23 18.35 7.28
N VAL B 80 -27.82 18.85 6.13
CA VAL B 80 -27.66 20.27 5.99
C VAL B 80 -28.44 20.77 4.79
N PRO B 81 -29.29 21.80 4.98
CA PRO B 81 -29.57 22.51 6.24
C PRO B 81 -30.31 21.55 7.18
N ASP B 82 -30.03 21.65 8.48
CA ASP B 82 -30.62 20.76 9.48
C ASP B 82 -32.12 20.55 9.33
N HIS B 83 -32.53 19.29 9.18
CA HIS B 83 -33.93 18.92 9.06
C HIS B 83 -34.70 19.55 7.89
N ASP B 84 -33.99 20.12 6.93
CA ASP B 84 -34.64 20.73 5.78
C ASP B 84 -34.96 19.66 4.74
N PRO B 85 -36.25 19.50 4.40
CA PRO B 85 -36.62 18.48 3.40
C PRO B 85 -35.85 18.73 2.10
N ASN B 86 -35.45 19.97 1.88
CA ASN B 86 -34.67 20.30 0.70
C ASN B 86 -33.17 20.28 1.05
N TRP B 87 -32.65 19.10 1.41
CA TRP B 87 -31.23 18.97 1.80
C TRP B 87 -30.19 19.18 0.70
N LYS B 88 -29.04 19.77 1.07
CA LYS B 88 -27.93 20.02 0.14
C LYS B 88 -26.86 18.93 0.36
N LEU B 89 -26.84 18.35 1.55
CA LEU B 89 -25.93 17.25 1.85
C LEU B 89 -26.56 16.50 3.00
N ARG B 90 -26.14 15.25 3.21
CA ARG B 90 -26.63 14.42 4.31
C ARG B 90 -25.52 13.53 4.81
N VAL B 91 -25.52 13.25 6.09
CA VAL B 91 -24.49 12.36 6.61
C VAL B 91 -25.27 11.18 7.11
N ILE B 92 -24.96 10.00 6.57
CA ILE B 92 -25.66 8.77 6.98
C ILE B 92 -24.74 7.64 7.41
N GLU B 93 -25.35 6.61 7.99
CA GLU B 93 -24.58 5.44 8.36
C GLU B 93 -24.38 4.64 7.08
N ASN B 94 -23.26 3.90 7.01
CA ASN B 94 -22.97 3.03 5.85
C ASN B 94 -23.87 1.79 5.98
N LEU B 95 -24.36 1.28 4.86
CA LEU B 95 -25.22 0.08 4.84
C LEU B 95 -24.41 -1.21 5.02
N TYR B 96 -23.11 -1.15 4.72
CA TYR B 96 -22.22 -2.31 4.85
C TYR B 96 -20.99 -1.75 5.55
N PRO B 97 -21.12 -1.41 6.84
CA PRO B 97 -20.03 -0.83 7.64
C PRO B 97 -18.85 -1.74 7.86
N ALA B 98 -17.66 -1.19 7.62
CA ALA B 98 -16.42 -1.94 7.76
C ALA B 98 -16.25 -2.46 9.19
N LEU B 99 -16.54 -1.61 10.16
CA LEU B 99 -16.48 -1.95 11.58
C LEU B 99 -17.94 -1.88 12.08
N SER B 100 -18.19 -2.35 13.30
CA SER B 100 -19.54 -2.38 13.86
C SER B 100 -19.73 -1.44 15.05
N ARG B 101 -20.68 -0.52 14.93
CA ARG B 101 -20.96 0.39 16.02
C ARG B 101 -21.56 -0.40 17.17
N ASN B 102 -22.11 -1.57 16.91
CA ASN B 102 -22.71 -2.30 18.03
C ASN B 102 -21.76 -3.13 18.89
N LEU B 103 -20.47 -2.74 18.91
CA LEU B 103 -19.50 -3.47 19.73
C LEU B 103 -18.76 -2.57 20.71
N GLU B 104 -19.30 -1.38 20.97
CA GLU B 104 -18.62 -0.44 21.86
C GLU B 104 -18.56 -0.85 23.33
N THR B 105 -19.60 -1.54 23.80
CA THR B 105 -19.70 -1.96 25.20
C THR B 105 -18.63 -2.98 25.60
N GLN B 106 -17.80 -3.36 24.62
CA GLN B 106 -16.68 -4.28 24.86
C GLN B 106 -15.53 -3.45 24.27
N SER B 107 -15.68 -2.13 24.41
CA SER B 107 -14.71 -1.15 23.92
C SER B 107 -14.53 -1.27 22.40
N ARG B 116 -3.57 -10.52 20.65
CA ARG B 116 -3.33 -10.30 19.21
C ARG B 116 -4.59 -9.90 18.43
N THR B 117 -5.65 -9.59 19.16
CA THR B 117 -6.93 -9.18 18.59
C THR B 117 -7.39 -7.89 19.30
N ILE B 118 -8.30 -7.17 18.65
CA ILE B 118 -8.90 -5.93 19.20
C ILE B 118 -10.33 -5.88 18.71
N VAL B 119 -11.31 -5.85 19.62
CA VAL B 119 -12.70 -5.86 19.17
C VAL B 119 -12.90 -4.92 18.00
N GLY B 120 -13.56 -5.44 16.96
CA GLY B 120 -13.74 -4.66 15.76
C GLY B 120 -14.82 -3.61 15.86
N PHE B 121 -14.74 -2.79 16.90
CA PHE B 121 -15.67 -1.72 17.11
C PHE B 121 -15.23 -0.48 16.37
N GLY B 122 -16.19 0.29 15.87
CA GLY B 122 -15.86 1.53 15.22
C GLY B 122 -17.10 2.09 14.58
N PHE B 123 -16.96 3.29 14.03
CA PHE B 123 -18.08 3.92 13.33
C PHE B 123 -17.68 4.03 11.87
N HIS B 124 -18.64 3.73 10.97
CA HIS B 124 -18.37 3.85 9.56
C HIS B 124 -19.57 4.59 9.02
N ASP B 125 -19.31 5.82 8.56
CA ASP B 125 -20.35 6.71 8.07
C ASP B 125 -20.16 7.18 6.63
N VAL B 126 -21.27 7.54 6.01
CA VAL B 126 -21.23 8.02 4.65
C VAL B 126 -21.71 9.45 4.57
N VAL B 127 -20.98 10.29 3.82
CA VAL B 127 -21.41 11.67 3.65
C VAL B 127 -21.91 11.79 2.23
N ILE B 128 -23.22 12.01 2.07
CA ILE B 128 -23.74 12.20 0.72
C ILE B 128 -23.65 13.70 0.43
N GLU B 129 -22.84 14.04 -0.58
CA GLU B 129 -22.47 15.41 -0.91
C GLU B 129 -23.36 16.29 -1.79
N SER B 130 -24.46 15.76 -2.27
CA SER B 130 -25.31 16.55 -3.14
C SER B 130 -26.64 15.85 -3.31
N PRO B 131 -27.69 16.62 -3.66
CA PRO B 131 -29.00 15.98 -3.85
C PRO B 131 -29.11 15.56 -5.30
N VAL B 132 -28.27 16.17 -6.12
CA VAL B 132 -28.27 15.93 -7.56
C VAL B 132 -27.44 14.71 -7.90
N HIS B 133 -28.08 13.69 -8.47
CA HIS B 133 -27.36 12.45 -8.75
C HIS B 133 -26.14 12.59 -9.64
N SER B 134 -26.17 13.49 -10.61
CA SER B 134 -25.04 13.67 -11.50
C SER B 134 -24.00 14.73 -11.03
N ILE B 135 -24.25 15.35 -9.89
CA ILE B 135 -23.31 16.32 -9.39
C ILE B 135 -22.06 15.60 -8.81
N GLN B 136 -20.88 15.97 -9.28
CA GLN B 136 -19.62 15.44 -8.78
C GLN B 136 -19.11 16.56 -7.83
N LEU B 137 -18.27 16.18 -6.88
CA LEU B 137 -17.77 17.16 -5.93
C LEU B 137 -17.13 18.36 -6.62
N SER B 138 -16.27 18.11 -7.61
CA SER B 138 -15.55 19.22 -8.24
C SER B 138 -16.41 20.26 -8.96
N ASP B 139 -17.67 19.91 -9.22
CA ASP B 139 -18.58 20.85 -9.90
C ASP B 139 -19.19 21.79 -8.89
N ILE B 140 -19.32 21.33 -7.65
CA ILE B 140 -19.92 22.15 -6.59
C ILE B 140 -19.20 23.48 -6.33
N ASP B 141 -19.96 24.55 -6.13
CA ASP B 141 -19.35 25.88 -5.90
C ASP B 141 -18.53 25.82 -4.61
N PRO B 142 -17.55 26.74 -4.49
CA PRO B 142 -16.69 26.75 -3.29
C PRO B 142 -17.49 26.78 -1.97
N VAL B 143 -18.65 27.42 -1.99
CA VAL B 143 -19.44 27.47 -0.78
C VAL B 143 -20.07 26.14 -0.41
N GLY B 144 -20.59 25.42 -1.40
CA GLY B 144 -21.21 24.13 -1.14
C GLY B 144 -20.16 23.14 -0.64
N ILE B 145 -18.94 23.29 -1.14
CA ILE B 145 -17.88 22.39 -0.74
C ILE B 145 -17.51 22.70 0.73
N GLY B 146 -17.39 23.97 1.06
CA GLY B 146 -17.11 24.34 2.45
C GLY B 146 -18.17 23.76 3.40
N ASP B 147 -19.44 23.72 2.98
CA ASP B 147 -20.51 23.15 3.82
C ASP B 147 -20.17 21.69 4.11
N ILE B 148 -19.77 20.99 3.06
CA ILE B 148 -19.43 19.58 3.14
C ILE B 148 -18.28 19.44 4.13
N LEU B 149 -17.30 20.33 4.03
CA LEU B 149 -16.16 20.26 4.94
C LEU B 149 -16.63 20.51 6.38
N ILE B 150 -17.56 21.46 6.55
CA ILE B 150 -18.14 21.78 7.85
C ILE B 150 -18.95 20.57 8.36
N ALA B 151 -19.62 19.86 7.46
CA ALA B 151 -20.32 18.69 7.93
C ALA B 151 -19.30 17.62 8.36
N TYR B 152 -18.15 17.47 7.68
CA TYR B 152 -17.17 16.49 8.15
C TYR B 152 -16.90 16.87 9.59
N LYS B 153 -16.60 18.15 9.77
CA LYS B 153 -16.35 18.74 11.09
C LYS B 153 -17.41 18.33 12.11
N LYS B 154 -18.64 18.79 11.93
CA LYS B 154 -19.72 18.42 12.85
C LYS B 154 -19.65 16.94 13.26
N ARG B 155 -19.69 16.04 12.27
CA ARG B 155 -19.67 14.60 12.54
C ARG B 155 -18.44 14.18 13.35
N ILE B 156 -17.28 14.69 12.97
CA ILE B 156 -16.11 14.37 13.74
C ILE B 156 -16.33 14.71 15.23
N ASN B 157 -16.90 15.88 15.50
CA ASN B 157 -17.15 16.27 16.88
C ASN B 157 -18.15 15.34 17.56
N GLN B 158 -19.09 14.80 16.78
CA GLN B 158 -20.04 13.81 17.34
C GLN B 158 -19.29 12.55 17.77
N ILE B 159 -18.56 11.97 16.83
CA ILE B 159 -17.84 10.73 17.11
C ILE B 159 -16.85 10.86 18.24
N ALA B 160 -16.16 12.00 18.27
CA ALA B 160 -15.16 12.28 19.28
C ALA B 160 -15.60 12.05 20.73
N GLN B 161 -16.90 12.25 21.01
CA GLN B 161 -17.44 12.03 22.37
C GLN B 161 -17.28 10.58 22.84
N HIS B 162 -16.90 9.68 21.92
CA HIS B 162 -16.73 8.27 22.23
C HIS B 162 -15.30 8.04 22.64
N ASP B 163 -15.12 7.65 23.89
CA ASP B 163 -13.77 7.45 24.40
C ASP B 163 -13.04 6.28 23.74
N SER B 164 -13.80 5.40 23.11
CA SER B 164 -13.22 4.21 22.49
C SER B 164 -12.71 4.41 21.07
N ILE B 165 -12.93 5.62 20.51
CA ILE B 165 -12.48 5.95 19.16
C ILE B 165 -11.14 6.72 19.24
N ASN B 166 -10.11 6.23 18.54
CA ASN B 166 -8.79 6.90 18.54
C ASN B 166 -8.37 7.58 17.22
N TYR B 167 -9.11 7.37 16.14
CA TYR B 167 -8.73 8.05 14.89
C TYR B 167 -9.86 7.97 13.88
N ILE B 168 -10.11 9.06 13.18
CA ILE B 168 -11.18 9.04 12.17
C ILE B 168 -10.60 9.42 10.80
N GLN B 169 -10.77 8.51 9.83
CA GLN B 169 -10.27 8.73 8.48
C GLN B 169 -11.41 9.21 7.57
N VAL B 170 -11.29 10.46 7.14
CA VAL B 170 -12.23 11.02 6.21
C VAL B 170 -11.56 10.84 4.85
N PHE B 171 -12.29 10.33 3.86
CA PHE B 171 -11.71 10.13 2.53
C PHE B 171 -12.77 10.18 1.46
N LYS B 172 -12.32 10.27 0.21
CA LYS B 172 -13.20 10.32 -0.94
C LYS B 172 -12.65 9.42 -2.07
N ASN B 173 -13.54 8.65 -2.70
CA ASN B 173 -13.23 7.77 -3.82
C ASN B 173 -14.04 8.31 -5.00
N GLN B 174 -13.43 8.49 -6.16
CA GLN B 174 -14.19 8.90 -7.35
C GLN B 174 -13.75 7.95 -8.47
N GLY B 175 -14.67 7.10 -8.91
CA GLY B 175 -14.35 6.12 -9.93
C GLY B 175 -14.22 4.75 -9.28
N ALA B 176 -14.86 3.75 -9.89
CA ALA B 176 -14.86 2.38 -9.36
C ALA B 176 -13.50 1.85 -8.90
N SER B 177 -12.47 2.13 -9.68
CA SER B 177 -11.11 1.64 -9.36
C SER B 177 -10.41 2.38 -8.23
N ALA B 178 -11.07 3.44 -7.74
CA ALA B 178 -10.56 4.24 -6.61
C ALA B 178 -11.32 3.83 -5.36
N GLY B 179 -12.11 2.76 -5.48
CA GLY B 179 -12.83 2.26 -4.32
C GLY B 179 -14.27 2.67 -4.20
N ALA B 180 -14.76 3.34 -5.23
CA ALA B 180 -16.13 3.77 -5.27
C ALA B 180 -16.98 2.56 -5.72
N SER B 181 -18.16 2.44 -5.13
CA SER B 181 -19.12 1.41 -5.52
C SER B 181 -20.44 2.12 -5.84
N MET B 182 -20.40 3.44 -5.99
CA MET B 182 -21.61 4.21 -6.33
C MET B 182 -21.27 5.59 -6.89
N SER B 183 -22.04 6.05 -7.88
CA SER B 183 -21.79 7.34 -8.51
C SER B 183 -22.29 8.58 -7.76
N HIS B 184 -23.41 8.48 -7.05
CA HIS B 184 -23.92 9.60 -6.27
C HIS B 184 -22.76 10.13 -5.38
N SER B 185 -22.43 11.42 -5.51
CA SER B 185 -21.31 12.00 -4.76
C SER B 185 -21.34 11.84 -3.24
N HIS B 186 -20.23 11.34 -2.67
CA HIS B 186 -20.15 11.13 -1.23
C HIS B 186 -18.75 10.90 -0.82
N SER B 187 -18.52 11.01 0.48
CA SER B 187 -17.21 10.71 1.06
C SER B 187 -17.56 9.85 2.23
N GLN B 188 -16.54 9.28 2.87
CA GLN B 188 -16.72 8.34 3.96
C GLN B 188 -15.93 8.71 5.19
N MET B 189 -16.42 8.26 6.34
CA MET B 189 -15.69 8.51 7.58
C MET B 189 -15.73 7.20 8.36
N MET B 190 -14.57 6.73 8.83
CA MET B 190 -14.54 5.52 9.62
C MET B 190 -13.68 5.86 10.84
N ALA B 191 -14.24 5.68 12.04
CA ALA B 191 -13.54 5.98 13.28
C ALA B 191 -12.98 4.64 13.81
N LEU B 192 -11.71 4.63 14.18
CA LEU B 192 -11.02 3.42 14.59
C LEU B 192 -10.62 3.34 16.04
N PRO B 193 -10.61 2.13 16.61
CA PRO B 193 -10.22 1.98 18.01
C PRO B 193 -8.70 1.93 18.07
N VAL B 194 -8.04 2.45 17.04
CA VAL B 194 -6.56 2.40 17.00
C VAL B 194 -5.92 3.55 16.25
N VAL B 195 -4.66 3.86 16.56
CA VAL B 195 -3.97 4.94 15.82
C VAL B 195 -3.25 4.17 14.71
N PRO B 196 -3.60 4.43 13.43
CA PRO B 196 -2.97 3.71 12.32
C PRO B 196 -1.62 4.22 11.82
N PRO B 197 -0.79 3.31 11.29
CA PRO B 197 0.57 3.49 10.74
C PRO B 197 1.04 4.84 10.14
N THR B 198 0.27 5.42 9.22
CA THR B 198 0.75 6.68 8.65
C THR B 198 0.68 7.81 9.67
N VAL B 199 -0.19 7.66 10.66
CA VAL B 199 -0.32 8.68 11.71
C VAL B 199 0.93 8.54 12.61
N SER B 200 1.25 7.34 13.09
CA SER B 200 2.44 7.14 13.93
C SER B 200 3.74 7.48 13.20
N SER B 201 3.79 7.14 11.92
CA SER B 201 4.98 7.43 11.12
C SER B 201 5.10 8.92 10.98
N ARG B 202 3.97 9.60 11.01
CA ARG B 202 3.98 11.06 10.89
C ARG B 202 4.46 11.72 12.21
N LEU B 203 3.83 11.35 13.34
CA LEU B 203 4.23 11.89 14.61
C LEU B 203 5.73 11.68 14.82
N ASP B 204 6.21 10.46 14.64
CA ASP B 204 7.63 10.20 14.84
C ASP B 204 8.53 11.02 13.92
N GLY B 205 8.21 11.04 12.63
CA GLY B 205 9.03 11.77 11.67
C GLY B 205 9.08 13.26 11.94
N THR B 206 7.89 13.85 12.14
CA THR B 206 7.80 15.27 12.43
C THR B 206 8.35 15.52 13.84
N LYS B 207 8.28 14.53 14.72
CA LYS B 207 8.88 14.68 16.04
C LYS B 207 10.41 14.81 15.86
N ASP B 208 10.97 14.02 14.94
CA ASP B 208 12.42 14.07 14.66
C ASP B 208 12.87 15.38 14.04
N TYR B 209 12.15 15.80 13.02
CA TYR B 209 12.49 17.03 12.34
C TYR B 209 12.48 18.24 13.28
N PHE B 210 11.51 18.29 14.19
CA PHE B 210 11.38 19.38 15.15
C PHE B 210 12.57 19.28 16.14
N GLU B 211 12.89 18.07 16.59
CA GLU B 211 14.03 17.89 17.51
C GLU B 211 15.33 18.46 16.92
N GLU B 212 15.59 18.17 15.65
CA GLU B 212 16.80 18.66 15.03
C GLU B 212 16.63 20.06 14.39
N THR B 213 15.46 20.69 14.49
CA THR B 213 15.27 22.02 13.85
C THR B 213 14.49 23.13 14.53
N GLY B 214 13.59 22.78 15.45
CA GLY B 214 12.77 23.78 16.10
C GLY B 214 11.62 24.23 15.19
N LYS B 215 11.29 23.44 14.16
CA LYS B 215 10.21 23.83 13.25
C LYS B 215 9.24 22.72 12.83
N CYS B 216 7.97 23.09 12.63
CA CYS B 216 6.93 22.20 12.17
C CYS B 216 7.21 22.12 10.68
N CYS B 217 7.50 20.93 10.18
CA CYS B 217 7.85 20.83 8.76
C CYS B 217 6.76 21.32 7.80
N LEU B 218 5.50 20.98 8.02
CA LEU B 218 4.47 21.45 7.06
C LEU B 218 4.37 22.96 7.02
N CYS B 219 4.61 23.63 8.15
CA CYS B 219 4.59 25.09 8.09
C CYS B 219 5.64 25.66 7.07
N GLU B 220 6.80 25.03 6.94
CA GLU B 220 7.84 25.50 6.01
C GLU B 220 7.67 24.92 4.60
N ALA B 221 6.46 24.39 4.36
CA ALA B 221 6.07 23.77 3.10
C ALA B 221 6.41 24.67 1.95
N LYS B 222 6.05 25.96 2.11
CA LYS B 222 6.28 26.95 1.08
C LYS B 222 7.72 26.91 0.60
N SER B 223 8.64 26.63 1.51
CA SER B 223 10.04 26.55 1.09
C SER B 223 10.58 25.13 0.95
N LYS B 224 9.75 24.12 1.21
CA LYS B 224 10.24 22.74 1.07
C LYS B 224 9.57 21.91 -0.05
N HIS B 225 8.33 22.28 -0.37
CA HIS B 225 7.48 21.59 -1.35
C HIS B 225 7.27 22.46 -2.59
N PHE B 226 6.89 21.83 -3.68
CA PHE B 226 6.77 22.56 -4.93
C PHE B 226 5.44 23.27 -5.04
N VAL B 227 5.44 24.49 -4.50
CA VAL B 227 4.26 25.34 -4.45
C VAL B 227 3.49 25.34 -5.77
N ILE B 228 2.20 24.98 -5.69
CA ILE B 228 1.30 24.92 -6.82
C ILE B 228 0.46 26.18 -6.80
N ASP B 229 -0.68 26.12 -6.11
CA ASP B 229 -1.55 27.29 -6.00
C ASP B 229 -1.51 27.70 -4.54
N GLU B 230 -2.14 28.85 -4.29
CA GLU B 230 -2.20 29.41 -2.97
C GLU B 230 -3.57 30.04 -2.85
N SER B 231 -4.28 29.73 -1.76
CA SER B 231 -5.62 30.31 -1.47
C SER B 231 -5.44 31.25 -0.26
N SER B 232 -6.51 31.65 0.42
CA SER B 232 -6.31 32.57 1.55
C SER B 232 -5.52 31.93 2.65
N HIS B 233 -6.05 30.80 3.09
CA HIS B 233 -5.53 30.04 4.23
C HIS B 233 -4.88 28.73 3.85
N PHE B 234 -4.87 28.41 2.55
CA PHE B 234 -4.27 27.14 2.08
C PHE B 234 -3.34 27.21 0.86
N VAL B 235 -2.36 26.31 0.85
CA VAL B 235 -1.36 26.23 -0.19
C VAL B 235 -1.28 24.80 -0.70
N SER B 236 -1.37 24.66 -2.02
CA SER B 236 -1.33 23.35 -2.65
C SER B 236 0.06 23.22 -3.24
N VAL B 237 0.63 22.02 -3.10
CA VAL B 237 2.00 21.72 -3.56
C VAL B 237 2.08 20.30 -4.09
N ALA B 238 3.14 20.02 -4.84
CA ALA B 238 3.43 18.68 -5.28
C ALA B 238 4.44 18.36 -4.17
N PRO B 239 4.22 17.30 -3.38
CA PRO B 239 5.16 16.99 -2.30
C PRO B 239 6.55 16.61 -2.78
N PHE B 240 7.55 17.16 -2.10
CA PHE B 240 8.94 16.92 -2.44
C PHE B 240 9.24 15.40 -2.48
N ALA B 241 8.62 14.61 -1.61
CA ALA B 241 8.86 13.15 -1.64
C ALA B 241 7.53 12.41 -1.69
N ALA B 242 6.69 12.82 -2.64
CA ALA B 242 5.34 12.26 -2.81
C ALA B 242 5.34 10.78 -3.16
N THR B 243 4.37 10.06 -2.60
CA THR B 243 4.27 8.63 -2.85
C THR B 243 3.71 8.33 -4.24
N TYR B 244 2.71 9.12 -4.64
CA TYR B 244 1.99 8.93 -5.88
C TYR B 244 2.17 10.03 -6.92
N PRO B 245 2.17 9.62 -8.19
CA PRO B 245 2.34 10.58 -9.28
C PRO B 245 1.16 11.57 -9.32
N PHE B 246 1.53 12.86 -9.30
CA PHE B 246 0.59 13.98 -9.30
C PHE B 246 -0.23 14.07 -8.04
N GLU B 247 0.26 13.45 -6.96
CA GLU B 247 -0.39 13.57 -5.64
C GLU B 247 -0.41 15.08 -5.42
N ILE B 248 -1.21 15.57 -4.48
CA ILE B 248 -1.25 17.01 -4.19
C ILE B 248 -1.54 17.18 -2.70
N TRP B 249 -0.75 18.00 -2.02
CA TRP B 249 -1.04 18.31 -0.62
C TRP B 249 -1.60 19.75 -0.50
N ILE B 250 -2.77 19.88 0.14
CA ILE B 250 -3.32 21.21 0.43
C ILE B 250 -2.99 21.37 1.91
N ILE B 251 -2.14 22.36 2.21
CA ILE B 251 -1.61 22.56 3.56
C ILE B 251 -2.20 23.81 4.21
N PRO B 252 -2.49 23.74 5.53
CA PRO B 252 -3.05 24.90 6.24
C PRO B 252 -1.89 25.87 6.50
N LYS B 253 -2.13 27.17 6.27
CA LYS B 253 -1.08 28.15 6.47
C LYS B 253 -0.57 28.26 7.90
N ASP B 254 -1.42 28.54 8.88
CA ASP B 254 -0.96 28.58 10.29
C ASP B 254 -0.64 27.13 10.69
N HIS B 255 0.01 26.93 11.84
CA HIS B 255 0.31 25.56 12.29
C HIS B 255 -1.05 25.00 12.66
N SER B 256 -1.54 24.05 11.90
CA SER B 256 -2.87 23.49 12.15
C SER B 256 -2.80 22.03 12.58
N SER B 257 -3.06 21.80 13.86
CA SER B 257 -2.97 20.43 14.41
C SER B 257 -4.14 19.47 14.13
N HIS B 258 -5.35 19.95 14.34
CA HIS B 258 -6.55 19.15 14.19
C HIS B 258 -7.48 19.76 13.16
N PHE B 259 -7.75 18.98 12.11
CA PHE B 259 -8.66 19.40 11.05
C PHE B 259 -9.96 20.00 11.61
N HIS B 260 -10.58 19.27 12.55
CA HIS B 260 -11.88 19.66 13.05
C HIS B 260 -12.00 21.06 13.63
N HIS B 261 -10.87 21.76 13.83
CA HIS B 261 -10.96 23.13 14.31
C HIS B 261 -11.22 24.09 13.16
N LEU B 262 -11.49 23.54 11.99
CA LEU B 262 -11.81 24.35 10.79
C LEU B 262 -12.95 25.29 11.14
N ASP B 263 -12.79 26.59 10.86
CA ASP B 263 -13.84 27.55 11.16
C ASP B 263 -14.63 27.95 9.92
N ASP B 264 -15.63 28.82 10.08
CA ASP B 264 -16.47 29.20 8.95
C ASP B 264 -15.76 29.68 7.69
N VAL B 265 -14.95 30.72 7.83
CA VAL B 265 -14.23 31.31 6.72
C VAL B 265 -13.13 30.36 6.18
N LYS B 266 -12.51 29.57 7.06
CA LYS B 266 -11.50 28.66 6.56
C LYS B 266 -12.14 27.56 5.68
N ALA B 267 -13.39 27.19 5.97
CA ALA B 267 -14.03 26.14 5.15
C ALA B 267 -14.35 26.59 3.72
N VAL B 268 -14.77 27.85 3.54
CA VAL B 268 -15.05 28.33 2.20
C VAL B 268 -13.76 28.44 1.39
N ASP B 269 -12.73 29.03 1.98
CA ASP B 269 -11.45 29.15 1.30
C ASP B 269 -10.95 27.73 0.97
N LEU B 270 -10.86 26.87 1.99
CA LEU B 270 -10.45 25.49 1.81
C LEU B 270 -11.30 24.84 0.69
N GLY B 271 -12.61 24.91 0.85
CA GLY B 271 -13.53 24.34 -0.13
C GLY B 271 -13.19 24.89 -1.50
N GLY B 272 -12.83 26.16 -1.53
CA GLY B 272 -12.48 26.78 -2.80
C GLY B 272 -11.17 26.24 -3.39
N LEU B 273 -10.16 26.04 -2.53
CA LEU B 273 -8.87 25.57 -3.02
C LEU B 273 -8.91 24.09 -3.37
N LEU B 274 -9.74 23.33 -2.64
CA LEU B 274 -9.93 21.90 -2.92
C LEU B 274 -10.54 21.86 -4.32
N LYS B 275 -11.54 22.70 -4.55
CA LYS B 275 -12.20 22.71 -5.86
C LYS B 275 -11.17 23.02 -6.96
N LEU B 276 -10.32 24.01 -6.73
CA LEU B 276 -9.31 24.38 -7.72
C LEU B 276 -8.43 23.20 -8.17
N MET B 277 -8.14 22.28 -7.26
CA MET B 277 -7.28 21.15 -7.60
C MET B 277 -8.08 20.00 -8.22
N LEU B 278 -9.28 19.75 -7.73
CA LEU B 278 -10.02 18.68 -8.34
C LEU B 278 -10.29 19.11 -9.78
N GLN B 279 -10.53 20.40 -9.98
CA GLN B 279 -10.79 20.83 -11.36
C GLN B 279 -9.51 20.90 -12.21
N LYS B 280 -8.40 21.39 -11.65
CA LYS B 280 -7.16 21.39 -12.43
C LYS B 280 -6.74 19.92 -12.75
N ILE B 281 -7.10 18.99 -11.88
CA ILE B 281 -6.77 17.58 -12.11
C ILE B 281 -7.56 16.98 -13.28
N ALA B 282 -8.82 17.33 -13.35
CA ALA B 282 -9.69 16.81 -14.42
C ALA B 282 -9.18 17.25 -15.77
N LYS B 283 -8.65 18.46 -15.82
CA LYS B 283 -8.15 18.97 -17.09
C LYS B 283 -6.78 18.44 -17.53
N GLN B 284 -5.74 18.71 -16.76
CA GLN B 284 -4.39 18.26 -17.09
C GLN B 284 -4.28 16.74 -17.34
N LEU B 285 -4.97 15.96 -16.53
CA LEU B 285 -4.85 14.51 -16.63
C LEU B 285 -6.02 13.80 -17.24
N ASN B 286 -6.95 14.58 -17.78
CA ASN B 286 -8.16 14.07 -18.39
C ASN B 286 -9.07 13.12 -17.58
N ASP B 287 -9.74 13.72 -16.61
CA ASP B 287 -10.71 13.05 -15.77
C ASP B 287 -10.21 11.74 -15.17
N PRO B 288 -8.93 11.68 -14.79
CA PRO B 288 -8.50 10.41 -14.23
C PRO B 288 -9.22 10.19 -12.92
N PRO B 289 -9.76 8.99 -12.72
CA PRO B 289 -10.41 8.88 -11.40
C PRO B 289 -9.35 9.32 -10.33
N TYR B 290 -9.78 9.49 -9.08
CA TYR B 290 -8.87 9.87 -8.02
C TYR B 290 -9.49 9.48 -6.71
N ASN B 291 -8.66 9.50 -5.64
CA ASN B 291 -9.10 9.24 -4.28
C ASN B 291 -8.79 10.49 -3.47
N TYR B 292 -9.52 10.71 -2.39
CA TYR B 292 -9.26 11.83 -1.48
C TYR B 292 -9.04 11.37 -0.03
N MET B 293 -8.05 11.95 0.60
CA MET B 293 -7.73 11.56 1.96
C MET B 293 -7.41 12.79 2.77
N ILE B 294 -8.01 12.89 3.95
CA ILE B 294 -7.69 14.03 4.81
C ILE B 294 -6.81 13.37 5.83
N HIS B 295 -5.69 14.01 6.20
CA HIS B 295 -4.84 13.45 7.25
C HIS B 295 -5.10 14.36 8.43
N THR B 296 -4.96 13.85 9.66
CA THR B 296 -5.30 14.70 10.78
C THR B 296 -4.72 14.27 12.12
N SER B 297 -5.18 14.86 13.21
CA SER B 297 -4.56 14.53 14.46
C SER B 297 -5.22 13.45 15.32
N PRO B 298 -4.43 12.52 15.89
CA PRO B 298 -5.10 11.53 16.74
C PRO B 298 -6.00 12.28 17.74
N LEU B 299 -7.18 11.74 18.05
CA LEU B 299 -8.07 12.39 18.99
C LEU B 299 -7.40 12.50 20.35
N LYS B 300 -6.66 11.45 20.75
CA LYS B 300 -5.98 11.54 22.03
C LYS B 300 -4.57 12.15 21.91
N VAL B 301 -4.41 13.14 21.04
CA VAL B 301 -3.08 13.78 20.91
C VAL B 301 -2.59 14.43 22.22
N THR B 302 -1.29 14.37 22.50
CA THR B 302 -0.76 14.93 23.73
C THR B 302 -0.18 16.32 23.57
N GLU B 303 -0.07 17.03 24.69
CA GLU B 303 0.54 18.36 24.65
C GLU B 303 1.94 18.21 24.00
N SER B 304 2.60 17.11 24.30
CA SER B 304 3.94 16.87 23.73
C SER B 304 3.97 16.75 22.21
N GLN B 305 2.86 16.34 21.61
CA GLN B 305 2.80 16.20 20.15
C GLN B 305 2.48 17.44 19.32
N LEU B 306 1.72 18.40 19.86
CA LEU B 306 1.31 19.57 19.07
C LEU B 306 2.42 20.28 18.28
N PRO B 307 3.65 20.39 18.85
CA PRO B 307 4.75 21.08 18.12
C PRO B 307 4.91 20.64 16.66
N TYR B 308 4.55 19.40 16.38
CA TYR B 308 4.68 18.92 15.03
C TYR B 308 3.42 18.23 14.47
N THR B 309 2.25 18.66 14.95
CA THR B 309 0.97 18.10 14.46
C THR B 309 0.46 19.20 13.53
N HIS B 310 0.09 18.86 12.32
CA HIS B 310 -0.31 19.88 11.30
C HIS B 310 -1.01 19.02 10.24
N TRP B 311 -2.31 18.84 10.40
CA TRP B 311 -3.09 17.99 9.49
C TRP B 311 -2.84 18.52 8.11
N PHE B 312 -3.25 17.76 7.09
CA PHE B 312 -3.06 18.23 5.72
C PHE B 312 -3.98 17.49 4.78
N LEU B 313 -4.19 18.09 3.61
CA LEU B 313 -5.06 17.51 2.60
C LEU B 313 -4.22 16.82 1.52
N GLN B 314 -4.51 15.54 1.28
CA GLN B 314 -3.79 14.73 0.28
C GLN B 314 -4.72 14.29 -0.83
N ILE B 315 -4.34 14.57 -2.06
CA ILE B 315 -5.11 14.15 -3.22
C ILE B 315 -4.22 13.26 -4.09
N VAL B 316 -4.76 12.12 -4.53
CA VAL B 316 -4.05 11.18 -5.38
C VAL B 316 -4.83 10.77 -6.65
N PRO B 317 -4.49 11.40 -7.78
CA PRO B 317 -5.17 11.03 -9.00
C PRO B 317 -4.81 9.53 -9.13
N GLN B 318 -5.75 8.69 -9.57
CA GLN B 318 -5.46 7.26 -9.73
C GLN B 318 -4.94 7.05 -11.14
N LEU B 319 -3.64 6.82 -11.24
CA LEU B 319 -3.00 6.70 -12.54
C LEU B 319 -2.36 5.35 -12.82
N SER B 320 -2.28 4.46 -11.84
CA SER B 320 -1.68 3.16 -12.11
C SER B 320 -1.85 2.15 -11.01
N GLY B 321 -1.13 1.02 -11.10
CA GLY B 321 -1.24 0.01 -10.08
C GLY B 321 0.17 -0.36 -9.62
N VAL B 322 0.29 -1.14 -8.55
CA VAL B 322 1.65 -1.53 -8.06
C VAL B 322 1.94 -3.00 -8.41
N GLY B 323 3.12 -3.45 -7.99
CA GLY B 323 3.58 -4.81 -8.26
C GLY B 323 4.24 -5.32 -6.99
N GLY B 324 5.00 -6.39 -7.13
CA GLY B 324 5.64 -6.99 -5.97
C GLY B 324 6.69 -6.15 -5.27
N PHE B 325 7.17 -5.07 -5.87
CA PHE B 325 8.16 -4.26 -5.19
C PHE B 325 7.55 -3.46 -4.01
N GLU B 326 6.46 -2.75 -4.27
CA GLU B 326 5.76 -1.94 -3.29
C GLU B 326 5.16 -2.76 -2.14
N ILE B 327 4.49 -3.86 -2.50
CA ILE B 327 3.87 -4.73 -1.52
C ILE B 327 4.98 -5.37 -0.70
N GLY B 328 6.11 -5.64 -1.33
CA GLY B 328 7.17 -6.31 -0.57
C GLY B 328 7.93 -5.40 0.38
N THR B 329 8.35 -4.25 -0.14
CA THR B 329 9.13 -3.29 0.64
C THR B 329 8.30 -2.16 1.25
N GLY B 330 7.15 -1.85 0.65
CA GLY B 330 6.40 -0.70 1.16
C GLY B 330 7.03 0.54 0.48
N CYS B 331 8.06 0.32 -0.33
CA CYS B 331 8.69 1.43 -1.08
C CYS B 331 7.95 1.66 -2.43
N TYR B 332 7.48 2.88 -2.64
CA TYR B 332 6.78 3.18 -3.89
C TYR B 332 7.76 3.75 -4.90
N ILE B 333 7.40 3.65 -6.18
CA ILE B 333 8.21 4.22 -7.25
C ILE B 333 7.24 5.18 -7.95
N ASN B 334 7.58 6.48 -7.94
CA ASN B 334 6.75 7.55 -8.53
C ASN B 334 7.40 7.87 -9.91
N PRO B 335 6.62 7.79 -11.00
CA PRO B 335 7.10 8.05 -12.35
C PRO B 335 7.35 9.51 -12.76
N VAL B 336 6.87 10.48 -11.99
CA VAL B 336 7.11 11.88 -12.37
C VAL B 336 7.51 12.71 -11.15
N PHE B 337 8.57 13.52 -11.29
CA PHE B 337 9.05 14.37 -10.19
C PHE B 337 8.07 15.51 -9.88
N PRO B 338 7.93 15.89 -8.57
CA PRO B 338 7.04 16.99 -8.15
C PRO B 338 7.45 18.32 -8.78
N GLU B 339 8.70 18.41 -9.23
CA GLU B 339 9.23 19.57 -9.94
C GLU B 339 8.41 19.74 -11.24
N ASP B 340 8.28 18.66 -12.01
CA ASP B 340 7.51 18.72 -13.26
C ASP B 340 6.01 18.81 -12.95
N VAL B 341 5.58 18.14 -11.89
CA VAL B 341 4.17 18.22 -11.52
C VAL B 341 3.86 19.67 -11.12
N ALA B 342 4.79 20.32 -10.41
CA ALA B 342 4.54 21.70 -10.01
C ALA B 342 4.46 22.61 -11.24
N LYS B 343 5.53 22.66 -12.01
CA LYS B 343 5.50 23.52 -13.18
C LYS B 343 4.21 23.28 -14.00
N VAL B 344 3.89 22.01 -14.27
CA VAL B 344 2.70 21.62 -15.05
C VAL B 344 1.41 22.19 -14.47
N MET B 345 1.16 21.92 -13.19
CA MET B 345 -0.05 22.44 -12.62
C MET B 345 -0.07 23.97 -12.73
N ARG B 346 1.08 24.64 -12.48
CA ARG B 346 1.12 26.11 -12.55
C ARG B 346 0.67 26.66 -13.91
N GLU B 347 0.76 25.84 -14.94
CA GLU B 347 0.36 26.29 -16.26
C GLU B 347 -1.06 25.90 -16.67
N VAL B 348 -1.79 25.19 -15.81
CA VAL B 348 -3.16 24.81 -16.21
C VAL B 348 -4.18 25.94 -16.16
N SER B 349 -4.99 26.06 -17.21
CA SER B 349 -6.01 27.11 -17.22
C SER B 349 -7.43 26.55 -17.27
N LEU B 350 -8.32 27.07 -16.45
CA LEU B 350 -9.71 26.59 -16.43
C LEU B 350 -10.72 27.55 -17.10
ZN ZN C . 9.24 -15.08 -24.62
ZN ZN D . 12.60 -18.32 13.56
P AMP E . 7.15 -8.07 -15.58
O1P AMP E . 7.11 -8.18 -14.00
O2P AMP E . 5.86 -7.68 -16.13
O5' AMP E . 8.20 -6.99 -16.15
C5' AMP E . 9.48 -7.15 -15.84
C4' AMP E . 10.50 -6.25 -16.56
O4' AMP E . 11.09 -6.56 -17.85
C3' AMP E . 10.26 -4.73 -16.52
O3' AMP E . 10.93 -4.16 -15.43
C2' AMP E . 10.74 -4.19 -17.90
O2' AMP E . 11.56 -3.00 -17.78
C1' AMP E . 11.57 -5.31 -18.39
N9 AMP E . 11.92 -5.42 -19.83
C8 AMP E . 11.17 -5.17 -20.94
N7 AMP E . 11.91 -5.44 -22.03
C5 AMP E . 13.14 -5.87 -21.64
C6 AMP E . 14.30 -6.28 -22.38
N6 AMP E . 14.28 -6.29 -23.70
N1 AMP E . 15.45 -6.69 -21.65
C2 AMP E . 15.46 -6.68 -20.25
N3 AMP E . 14.31 -6.25 -19.55
C4 AMP E . 13.17 -5.86 -20.26
C1 EDO F . -5.45 -14.89 4.66
O1 EDO F . -5.61 -16.19 4.09
C2 EDO F . -6.74 -14.43 5.34
O2 EDO F . -7.45 -13.53 4.50
C1 EDO G . 5.44 -8.34 5.73
O1 EDO G . 5.62 -7.01 5.21
C2 EDO G . 4.28 -9.00 4.95
O2 EDO G . 3.10 -8.18 5.07
C1 EDO H . -2.59 -6.54 -4.51
O1 EDO H . -2.67 -6.80 -5.90
C2 EDO H . -3.68 -7.38 -3.83
O2 EDO H . -4.96 -6.82 -4.12
ZN ZN I . -28.78 9.16 -5.63
ZN ZN J . 2.77 23.65 11.73
P AMP K . -18.26 5.14 -2.43
O1P AMP K . -16.84 5.52 -1.91
O2P AMP K . -18.24 4.51 -3.75
O5' AMP K . -19.08 4.17 -1.42
C5' AMP K . -19.34 4.49 -0.14
C4' AMP K . -20.33 3.58 0.65
O4' AMP K . -21.77 3.64 0.56
C3' AMP K . -19.95 2.10 0.78
O3' AMP K . -19.31 1.89 2.03
C2' AMP K . -21.30 1.35 0.65
O2' AMP K . -21.41 0.26 1.52
C1' AMP K . -22.29 2.39 0.98
N9 AMP K . -23.75 2.19 0.61
C8 AMP K . -24.29 1.62 -0.50
N7 AMP K . -25.68 1.66 -0.40
C5 AMP K . -25.99 2.26 0.77
C6 AMP K . -27.22 2.54 1.39
N6 AMP K . -28.39 2.24 0.77
N1 AMP K . -27.19 3.18 2.63
C2 AMP K . -26.01 3.50 3.29
N3 AMP K . -24.80 3.21 2.68
C4 AMP K . -24.79 2.58 1.44
C1 EDO L . 4.04 14.99 -6.68
O1 EDO L . 2.73 15.29 -7.15
C2 EDO L . 4.87 14.30 -7.79
O2 EDO L . 4.30 13.04 -8.19
C1 EDO M . 1.07 10.70 4.60
O1 EDO M . 1.10 9.34 5.09
C2 EDO M . 0.73 10.69 3.10
O2 EDO M . 1.59 9.79 2.40
C1 EDO N . -3.40 5.67 -7.10
O1 EDO N . -2.58 4.82 -7.91
C2 EDO N . -3.72 4.95 -5.78
O2 EDO N . -4.68 3.82 -5.96
N SER A 22 -18.36 -11.65 12.42
CA SER A 22 -18.26 -10.26 12.98
C SER A 22 -16.85 -9.70 12.76
N PRO A 23 -16.77 -8.47 12.22
CA PRO A 23 -15.45 -7.87 11.96
C PRO A 23 -14.68 -7.71 13.26
N GLU A 24 -13.36 -7.57 13.14
CA GLU A 24 -12.47 -7.42 14.31
C GLU A 24 -11.19 -6.73 13.85
N LEU A 25 -10.25 -6.52 14.79
CA LEU A 25 -8.93 -5.98 14.47
C LEU A 25 -7.92 -7.05 14.87
N ARG A 26 -6.89 -7.23 14.03
CA ARG A 26 -5.82 -8.20 14.30
C ARG A 26 -4.43 -7.66 13.98
N LYS A 27 -3.42 -8.18 14.69
CA LYS A 27 -2.04 -7.74 14.49
C LYS A 27 -1.05 -8.88 14.76
N ASP A 28 0.11 -8.79 14.12
CA ASP A 28 1.16 -9.79 14.28
C ASP A 28 2.47 -8.98 14.27
N PRO A 29 3.54 -9.52 14.88
CA PRO A 29 4.83 -8.81 14.94
C PRO A 29 5.54 -8.47 13.61
N VAL A 30 5.60 -9.42 12.67
CA VAL A 30 6.32 -9.18 11.41
C VAL A 30 5.63 -8.08 10.63
N THR A 31 4.39 -7.81 11.01
CA THR A 31 3.56 -6.80 10.38
C THR A 31 3.61 -5.54 11.23
N ASN A 32 3.66 -5.74 12.54
CA ASN A 32 3.76 -4.65 13.49
C ASN A 32 2.61 -3.67 13.28
N ARG A 33 1.49 -4.16 12.75
CA ARG A 33 0.31 -3.34 12.53
C ARG A 33 -0.97 -4.16 12.60
N TRP A 34 -2.08 -3.44 12.73
CA TRP A 34 -3.39 -4.08 12.78
C TRP A 34 -3.99 -4.13 11.35
N VAL A 35 -4.77 -5.18 11.06
CA VAL A 35 -5.51 -5.26 9.80
C VAL A 35 -7.03 -5.35 10.12
N ILE A 36 -7.85 -4.89 9.18
CA ILE A 36 -9.29 -5.01 9.37
C ILE A 36 -9.90 -6.20 8.60
N PHE A 37 -10.33 -7.24 9.35
CA PHE A 37 -11.05 -8.40 8.79
C PHE A 37 -12.53 -8.02 8.81
N SER A 38 -13.13 -7.98 7.62
CA SER A 38 -14.51 -7.63 7.47
C SER A 38 -15.03 -8.47 6.29
N PRO A 39 -16.16 -9.17 6.50
CA PRO A 39 -16.89 -10.06 5.58
C PRO A 39 -17.56 -9.25 4.48
N ARG A 44 -19.07 -15.19 0.98
CA ARG A 44 -18.55 -16.39 1.64
C ARG A 44 -17.19 -16.78 1.03
N PRO A 45 -16.26 -17.31 1.84
CA PRO A 45 -14.91 -17.72 1.37
C PRO A 45 -14.86 -18.47 0.05
N THR A 46 -16.01 -18.95 -0.41
CA THR A 46 -16.07 -19.66 -1.68
C THR A 46 -16.38 -18.71 -2.83
N ASP A 47 -17.16 -17.68 -2.53
CA ASP A 47 -17.57 -16.67 -3.53
C ASP A 47 -16.41 -15.80 -4.07
N PHE A 48 -15.27 -15.76 -3.38
CA PHE A 48 -14.12 -14.96 -3.84
C PHE A 48 -13.49 -15.60 -5.08
N LYS A 49 -13.31 -14.81 -6.12
CA LYS A 49 -12.71 -15.30 -7.36
C LYS A 49 -12.04 -14.13 -8.10
N SER A 50 -11.19 -14.46 -9.06
CA SER A 50 -10.53 -13.44 -9.89
C SER A 50 -11.55 -12.62 -10.71
N LYS A 51 -12.02 -11.51 -10.16
CA LYS A 51 -13.01 -10.70 -10.90
C LYS A 51 -12.38 -9.79 -11.98
N SER A 52 -11.29 -10.25 -12.58
CA SER A 52 -10.56 -9.50 -13.61
C SER A 52 -11.38 -9.16 -14.87
N PRO A 60 0.81 -11.52 -26.73
CA PRO A 60 1.94 -11.82 -27.61
C PRO A 60 2.20 -13.32 -27.74
N SER A 61 2.90 -13.74 -28.78
CA SER A 61 3.20 -15.15 -28.93
C SER A 61 4.70 -15.35 -29.03
N SER A 62 5.44 -14.25 -28.89
CA SER A 62 6.89 -14.30 -29.00
C SER A 62 7.52 -12.97 -28.58
N CYS A 63 8.32 -12.97 -27.52
CA CYS A 63 8.91 -11.71 -27.10
C CYS A 63 10.41 -11.79 -26.97
N PRO A 64 11.08 -10.65 -26.73
CA PRO A 64 12.53 -10.64 -26.59
C PRO A 64 13.04 -11.67 -25.62
N PHE A 65 12.28 -11.91 -24.55
CA PHE A 65 12.71 -12.91 -23.55
C PHE A 65 12.67 -14.33 -24.14
N CYS A 66 11.99 -14.49 -25.28
CA CYS A 66 11.88 -15.79 -25.96
C CYS A 66 13.21 -16.16 -26.60
N ILE A 67 13.66 -17.38 -26.33
CA ILE A 67 14.93 -17.85 -26.84
C ILE A 67 15.18 -17.40 -28.29
N GLY A 68 16.42 -16.97 -28.55
CA GLY A 68 16.81 -16.55 -29.89
C GLY A 68 16.73 -15.06 -30.17
N ARG A 69 16.27 -14.30 -29.16
CA ARG A 69 16.12 -12.85 -29.27
C ARG A 69 16.85 -12.15 -28.14
N GLU A 70 17.97 -12.72 -27.70
CA GLU A 70 18.75 -12.16 -26.61
C GLU A 70 19.34 -10.77 -26.85
N GLN A 71 19.76 -10.44 -28.09
CA GLN A 71 20.29 -9.09 -28.25
C GLN A 71 19.14 -8.13 -27.90
N GLU A 72 17.91 -8.50 -28.24
CA GLU A 72 16.75 -7.68 -27.87
C GLU A 72 16.76 -7.52 -26.35
N CYS A 73 17.44 -8.42 -25.67
CA CYS A 73 17.51 -8.34 -24.20
C CYS A 73 18.80 -7.68 -23.72
N ALA A 74 18.70 -6.90 -22.65
CA ALA A 74 19.85 -6.27 -21.99
C ALA A 74 20.78 -7.43 -21.62
N PRO A 75 22.05 -7.12 -21.25
CA PRO A 75 23.14 -8.03 -20.87
C PRO A 75 22.91 -9.10 -19.80
N GLU A 76 23.33 -10.30 -20.14
CA GLU A 76 23.18 -11.44 -19.25
C GLU A 76 24.21 -11.41 -18.13
N LEU A 77 23.75 -11.66 -16.90
CA LEU A 77 24.63 -11.68 -15.72
C LEU A 77 25.09 -13.12 -15.63
N PHE A 78 24.17 -14.05 -15.86
CA PHE A 78 24.54 -15.46 -15.90
C PHE A 78 23.29 -16.25 -16.24
N ARG A 79 23.50 -17.47 -16.72
CA ARG A 79 22.39 -18.34 -17.09
C ARG A 79 22.67 -19.65 -16.40
N VAL A 80 21.73 -20.57 -16.55
CA VAL A 80 21.80 -21.90 -16.00
C VAL A 80 21.18 -22.84 -17.04
N PRO A 81 21.94 -23.86 -17.50
CA PRO A 81 23.32 -24.19 -17.08
C PRO A 81 24.30 -23.04 -17.39
N ASP A 82 25.34 -22.91 -16.59
CA ASP A 82 26.32 -21.86 -16.79
C ASP A 82 26.95 -21.95 -18.16
N HIS A 83 26.57 -21.01 -19.03
CA HIS A 83 27.02 -20.92 -20.42
C HIS A 83 26.56 -22.03 -21.38
N ASP A 84 25.27 -22.32 -21.36
CA ASP A 84 24.71 -23.34 -22.23
C ASP A 84 23.77 -22.69 -23.22
N PRO A 85 23.90 -23.03 -24.51
CA PRO A 85 23.02 -22.44 -25.55
C PRO A 85 21.52 -22.67 -25.32
N ASN A 86 21.14 -23.87 -24.87
CA ASN A 86 19.74 -24.20 -24.61
C ASN A 86 19.50 -24.11 -23.11
N TRP A 87 19.56 -22.88 -22.63
CA TRP A 87 19.40 -22.59 -21.20
C TRP A 87 18.06 -22.93 -20.55
N LYS A 88 18.07 -22.95 -19.21
CA LYS A 88 16.87 -23.22 -18.41
C LYS A 88 16.35 -21.91 -17.86
N LEU A 89 17.26 -21.06 -17.40
CA LEU A 89 16.89 -19.75 -16.91
C LEU A 89 18.04 -18.81 -17.25
N ARG A 90 17.76 -17.51 -17.18
CA ARG A 90 18.72 -16.46 -17.43
C ARG A 90 18.46 -15.34 -16.42
N VAL A 91 19.54 -14.82 -15.84
CA VAL A 91 19.48 -13.69 -14.94
C VAL A 91 20.16 -12.62 -15.80
N ILE A 92 19.41 -11.58 -16.14
CA ILE A 92 19.91 -10.51 -16.96
C ILE A 92 19.61 -9.16 -16.31
N GLU A 93 20.40 -8.16 -16.68
CA GLU A 93 20.18 -6.84 -16.14
C GLU A 93 18.85 -6.38 -16.76
N ASN A 94 18.11 -5.51 -16.07
CA ASN A 94 16.86 -5.02 -16.63
C ASN A 94 17.29 -4.07 -17.75
N LEU A 95 16.47 -3.92 -18.78
CA LEU A 95 16.76 -2.98 -19.88
C LEU A 95 16.24 -1.57 -19.50
N TYR A 96 15.18 -1.51 -18.69
CA TYR A 96 14.59 -0.25 -18.25
C TYR A 96 14.59 -0.35 -16.72
N PRO A 97 15.74 -0.14 -16.09
CA PRO A 97 15.85 -0.24 -14.64
C PRO A 97 15.30 0.93 -13.86
N ALA A 98 14.75 0.63 -12.68
CA ALA A 98 14.20 1.67 -11.78
C ALA A 98 15.34 2.42 -11.02
N LEU A 99 16.49 1.74 -10.83
CA LEU A 99 17.70 2.31 -10.19
C LEU A 99 18.94 2.03 -11.05
N SER A 100 19.93 2.91 -10.91
CA SER A 100 21.16 2.82 -11.69
C SER A 100 22.42 2.54 -10.88
N ARG A 101 23.04 1.39 -11.14
CA ARG A 101 24.25 1.02 -10.43
C ARG A 101 25.37 2.06 -10.71
N ASN A 102 25.26 2.78 -11.83
CA ASN A 102 26.24 3.80 -12.19
C ASN A 102 26.31 4.99 -11.22
N LEU A 103 25.42 5.03 -10.23
CA LEU A 103 25.41 6.11 -9.25
C LEU A 103 26.05 5.68 -7.92
N GLU A 104 26.74 4.54 -7.92
CA GLU A 104 27.34 4.04 -6.68
C GLU A 104 28.36 4.97 -5.97
N THR A 105 29.34 5.50 -6.69
CA THR A 105 30.30 6.37 -6.01
C THR A 105 29.60 7.52 -5.31
N GLN A 106 28.49 8.02 -5.90
CA GLN A 106 27.76 9.11 -5.26
C GLN A 106 27.03 8.58 -4.01
N SER A 107 26.64 7.31 -4.03
CA SER A 107 25.96 6.69 -2.89
C SER A 107 24.81 7.54 -2.37
N ARG A 116 15.09 14.32 3.23
CA ARG A 116 16.31 14.55 2.48
C ARG A 116 16.41 13.82 1.12
N THR A 117 17.61 13.81 0.53
CA THR A 117 17.81 13.22 -0.79
C THR A 117 19.05 12.34 -0.87
N ILE A 118 18.98 11.28 -1.68
CA ILE A 118 20.14 10.43 -1.94
C ILE A 118 20.00 9.87 -3.37
N VAL A 119 21.12 9.54 -4.01
CA VAL A 119 21.06 9.06 -5.39
C VAL A 119 20.43 7.66 -5.49
N GLY A 120 19.63 7.48 -6.55
CA GLY A 120 18.95 6.22 -6.80
C GLY A 120 19.84 5.16 -7.44
N PHE A 121 20.81 4.72 -6.64
CA PHE A 121 21.75 3.71 -7.05
C PHE A 121 21.41 2.32 -6.43
N GLY A 122 21.41 1.29 -7.27
CA GLY A 122 21.20 -0.08 -6.80
C GLY A 122 21.33 -1.04 -7.99
N PHE A 123 20.60 -2.14 -7.95
CA PHE A 123 20.60 -3.07 -9.09
C PHE A 123 19.18 -3.47 -9.42
N HIS A 124 19.01 -3.96 -10.65
CA HIS A 124 17.73 -4.45 -11.10
C HIS A 124 17.91 -5.44 -12.25
N ASP A 125 17.33 -6.63 -12.10
CA ASP A 125 17.47 -7.70 -13.12
C ASP A 125 16.13 -8.30 -13.57
N VAL A 126 16.19 -9.21 -14.54
CA VAL A 126 14.99 -9.89 -15.01
C VAL A 126 15.19 -11.38 -14.84
N VAL A 127 14.26 -12.03 -14.14
CA VAL A 127 14.31 -13.48 -13.98
C VAL A 127 13.29 -14.13 -14.95
N ILE A 128 13.71 -14.29 -16.20
CA ILE A 128 12.93 -14.90 -17.27
C ILE A 128 13.00 -16.41 -16.92
N GLU A 129 11.86 -16.92 -16.44
CA GLU A 129 11.79 -18.27 -15.92
C GLU A 129 11.74 -19.46 -16.83
N SER A 130 11.62 -19.22 -18.13
CA SER A 130 11.61 -20.31 -19.10
C SER A 130 12.04 -19.78 -20.45
N PRO A 131 12.77 -20.58 -21.23
CA PRO A 131 13.16 -20.04 -22.54
C PRO A 131 11.93 -20.11 -23.44
N VAL A 132 10.85 -20.70 -22.91
CA VAL A 132 9.60 -20.87 -23.66
C VAL A 132 8.54 -19.86 -23.25
N HIS A 133 7.87 -19.30 -24.24
CA HIS A 133 6.88 -18.28 -23.99
C HIS A 133 5.60 -18.73 -23.30
N SER A 134 5.11 -19.88 -23.67
CA SER A 134 3.87 -20.40 -23.12
C SER A 134 3.94 -20.88 -21.67
N ILE A 135 5.14 -20.95 -21.10
CA ILE A 135 5.31 -21.47 -19.73
C ILE A 135 5.01 -20.45 -18.57
N GLN A 136 3.97 -20.69 -17.74
CA GLN A 136 3.61 -19.79 -16.60
C GLN A 136 4.41 -20.34 -15.40
N LEU A 137 4.98 -19.47 -14.54
CA LEU A 137 5.77 -19.99 -13.43
C LEU A 137 5.22 -21.30 -12.82
N SER A 138 3.92 -21.36 -12.54
CA SER A 138 3.39 -22.59 -11.94
C SER A 138 3.29 -23.78 -12.92
N ASP A 139 3.82 -23.63 -14.14
CA ASP A 139 3.81 -24.67 -15.17
C ASP A 139 5.14 -25.49 -15.03
N ILE A 140 6.05 -25.08 -14.15
CA ILE A 140 7.34 -25.79 -13.98
C ILE A 140 7.44 -26.82 -12.81
N ASP A 141 8.25 -27.88 -12.96
CA ASP A 141 8.38 -28.86 -11.87
C ASP A 141 9.27 -28.33 -10.72
N PRO A 142 9.28 -29.03 -9.57
CA PRO A 142 10.09 -28.61 -8.42
C PRO A 142 11.53 -28.12 -8.68
N VAL A 143 12.31 -28.91 -9.45
CA VAL A 143 13.69 -28.51 -9.73
C VAL A 143 13.73 -27.24 -10.57
N GLY A 144 12.82 -27.15 -11.56
CA GLY A 144 12.79 -25.99 -12.42
C GLY A 144 12.63 -24.69 -11.64
N ILE A 145 11.77 -24.73 -10.62
CA ILE A 145 11.59 -23.58 -9.78
C ILE A 145 12.88 -23.56 -8.89
N GLY A 146 13.13 -24.62 -8.11
CA GLY A 146 14.36 -24.68 -7.35
C GLY A 146 15.58 -24.08 -8.09
N ASP A 147 15.73 -24.40 -9.38
CA ASP A 147 16.84 -23.82 -10.14
C ASP A 147 16.72 -22.27 -10.16
N ILE A 148 15.50 -21.76 -10.31
CA ILE A 148 15.23 -20.31 -10.30
C ILE A 148 15.48 -19.79 -8.88
N LEU A 149 15.11 -20.59 -7.88
CA LEU A 149 15.33 -20.14 -6.49
C LEU A 149 16.83 -20.10 -6.19
N ILE A 150 17.59 -21.10 -6.68
CA ILE A 150 19.04 -21.15 -6.42
C ILE A 150 19.74 -20.06 -7.21
N ALA A 151 19.25 -19.81 -8.42
CA ALA A 151 19.85 -18.77 -9.24
C ALA A 151 19.51 -17.39 -8.58
N TYR A 152 18.37 -17.31 -7.88
CA TYR A 152 17.98 -16.07 -7.18
C TYR A 152 18.97 -15.93 -6.02
N LYS A 153 19.33 -17.05 -5.39
CA LYS A 153 20.28 -17.04 -4.28
C LYS A 153 21.66 -16.60 -4.72
N LYS A 154 22.13 -17.14 -5.85
CA LYS A 154 23.43 -16.75 -6.39
C LYS A 154 23.50 -15.23 -6.57
N ARG A 155 22.55 -14.68 -7.33
CA ARG A 155 22.50 -13.24 -7.62
C ARG A 155 22.60 -12.35 -6.38
N ILE A 156 21.96 -12.77 -5.29
CA ILE A 156 22.03 -12.03 -4.05
C ILE A 156 23.48 -12.04 -3.55
N ASN A 157 24.19 -13.16 -3.71
CA ASN A 157 25.58 -13.22 -3.25
C ASN A 157 26.50 -12.30 -4.05
N GLN A 158 26.21 -12.15 -5.35
CA GLN A 158 26.97 -11.24 -6.19
C GLN A 158 26.69 -9.83 -5.65
N ILE A 159 25.43 -9.57 -5.31
CA ILE A 159 25.07 -8.25 -4.81
C ILE A 159 25.50 -8.06 -3.37
N ALA A 160 25.68 -9.14 -2.61
CA ALA A 160 26.11 -8.98 -1.23
C ALA A 160 27.47 -8.32 -1.17
N GLN A 161 28.28 -8.50 -2.22
CA GLN A 161 29.61 -7.91 -2.24
C GLN A 161 29.65 -6.38 -2.19
N HIS A 162 28.62 -5.71 -2.72
CA HIS A 162 28.58 -4.24 -2.69
C HIS A 162 28.21 -3.74 -1.28
N ASP A 163 29.09 -2.93 -0.68
CA ASP A 163 28.81 -2.42 0.66
C ASP A 163 27.55 -1.61 0.66
N SER A 164 27.51 -0.53 -0.12
CA SER A 164 26.35 0.37 -0.16
C SER A 164 24.94 -0.22 -0.30
N ILE A 165 24.80 -1.54 -0.53
CA ILE A 165 23.44 -2.15 -0.66
C ILE A 165 22.96 -2.76 0.69
N ASN A 166 21.77 -2.36 1.16
CA ASN A 166 21.24 -2.90 2.43
C ASN A 166 20.08 -3.90 2.33
N TYR A 167 19.42 -4.02 1.17
CA TYR A 167 18.32 -4.99 1.05
C TYR A 167 18.11 -5.42 -0.39
N ILE A 168 17.75 -6.66 -0.60
CA ILE A 168 17.45 -7.11 -1.97
C ILE A 168 16.04 -7.69 -1.93
N GLN A 169 15.10 -7.03 -2.63
CA GLN A 169 13.70 -7.50 -2.69
C GLN A 169 13.51 -8.37 -3.91
N VAL A 170 13.32 -9.66 -3.68
CA VAL A 170 13.07 -10.58 -4.78
C VAL A 170 11.56 -10.58 -4.97
N PHE A 171 11.13 -10.43 -6.23
CA PHE A 171 9.71 -10.46 -6.53
C PHE A 171 9.41 -10.95 -7.96
N LYS A 172 8.14 -11.10 -8.30
CA LYS A 172 7.73 -11.54 -9.65
C LYS A 172 6.29 -11.13 -9.85
N ASN A 173 5.98 -10.71 -11.06
CA ASN A 173 4.58 -10.35 -11.38
C ASN A 173 4.08 -11.35 -12.44
N GLN A 174 2.80 -11.73 -12.33
CA GLN A 174 2.10 -12.57 -13.30
C GLN A 174 0.75 -11.89 -13.60
N GLY A 175 0.66 -11.22 -14.73
CA GLY A 175 -0.57 -10.53 -15.12
C GLY A 175 -0.54 -9.02 -15.04
N ALA A 176 -1.48 -8.38 -15.76
CA ALA A 176 -1.59 -6.92 -15.76
C ALA A 176 -2.13 -6.29 -14.47
N SER A 177 -3.19 -6.85 -13.91
CA SER A 177 -3.76 -6.25 -12.70
C SER A 177 -2.84 -6.40 -11.50
N ALA A 178 -1.84 -7.29 -11.58
CA ALA A 178 -0.87 -7.45 -10.46
C ALA A 178 0.44 -6.74 -10.85
N GLY A 179 0.34 -5.90 -11.88
CA GLY A 179 1.51 -5.12 -12.27
C GLY A 179 2.49 -5.57 -13.34
N ALA A 180 2.37 -6.77 -13.91
CA ALA A 180 3.34 -7.23 -14.93
C ALA A 180 3.30 -6.43 -16.23
N SER A 181 4.45 -6.31 -16.88
CA SER A 181 4.56 -5.63 -18.17
C SER A 181 4.53 -6.65 -19.31
N MET A 182 5.14 -7.80 -19.07
CA MET A 182 5.22 -8.90 -20.06
C MET A 182 4.49 -10.18 -19.60
N SER A 183 4.12 -11.04 -20.56
CA SER A 183 3.41 -12.29 -20.29
C SER A 183 4.33 -13.52 -20.18
N HIS A 184 5.55 -13.40 -20.71
CA HIS A 184 6.53 -14.49 -20.68
C HIS A 184 7.02 -14.62 -19.22
N SER A 185 7.05 -15.85 -18.70
CA SER A 185 7.43 -16.08 -17.30
C SER A 185 8.69 -15.26 -16.89
N HIS A 186 8.52 -14.28 -15.98
CA HIS A 186 9.68 -13.49 -15.54
C HIS A 186 9.66 -13.00 -14.09
N SER A 187 10.85 -12.88 -13.49
CA SER A 187 11.03 -12.38 -12.12
C SER A 187 12.06 -11.23 -11.99
N GLN A 188 12.03 -10.52 -10.85
CA GLN A 188 12.87 -9.32 -10.68
C GLN A 188 13.54 -9.21 -9.31
N MET A 189 14.65 -8.46 -9.27
CA MET A 189 15.39 -8.19 -8.04
C MET A 189 15.72 -6.67 -7.92
N MET A 190 15.25 -6.04 -6.85
CA MET A 190 15.54 -4.61 -6.61
C MET A 190 16.36 -4.51 -5.32
N ALA A 191 17.58 -3.98 -5.45
CA ALA A 191 18.47 -3.77 -4.30
C ALA A 191 18.58 -2.24 -3.98
N LEU A 192 18.24 -1.90 -2.74
CA LEU A 192 18.26 -0.54 -2.20
C LEU A 192 19.43 -0.28 -1.22
N PRO A 193 19.80 1.00 -1.09
CA PRO A 193 20.84 1.56 -0.24
C PRO A 193 20.44 1.53 1.25
N VAL A 194 19.13 1.41 1.50
CA VAL A 194 18.53 1.40 2.83
C VAL A 194 17.29 0.47 2.96
N VAL A 195 17.27 -0.35 4.01
CA VAL A 195 16.16 -1.26 4.27
C VAL A 195 14.87 -0.53 3.96
N PRO A 196 13.82 -1.26 3.53
CA PRO A 196 12.58 -0.53 3.23
C PRO A 196 11.57 -0.62 4.38
N PRO A 197 10.45 0.13 4.31
CA PRO A 197 9.45 0.12 5.40
C PRO A 197 8.97 -1.20 5.93
N THR A 198 8.79 -2.19 5.06
CA THR A 198 8.25 -3.45 5.59
C THR A 198 9.25 -4.19 6.46
N VAL A 199 10.52 -4.06 6.08
CA VAL A 199 11.60 -4.77 6.78
C VAL A 199 11.89 -4.03 8.09
N SER A 200 11.94 -2.71 8.02
CA SER A 200 12.16 -1.92 9.23
C SER A 200 11.00 -2.16 10.20
N SER A 201 9.77 -2.02 9.70
CA SER A 201 8.63 -2.29 10.57
C SER A 201 8.67 -3.75 10.98
N ARG A 202 9.16 -4.62 10.08
CA ARG A 202 9.26 -6.04 10.39
C ARG A 202 10.13 -6.15 11.67
N LEU A 203 11.45 -6.01 11.53
CA LEU A 203 12.37 -6.07 12.69
C LEU A 203 11.74 -5.56 13.99
N ASP A 204 11.21 -4.35 13.96
CA ASP A 204 10.60 -3.77 15.19
C ASP A 204 9.61 -4.72 15.86
N GLY A 205 8.62 -5.22 15.12
CA GLY A 205 7.63 -6.12 15.72
C GLY A 205 8.20 -7.45 16.20
N THR A 206 9.14 -7.99 15.43
CA THR A 206 9.76 -9.27 15.80
C THR A 206 10.68 -9.06 16.99
N LYS A 207 11.40 -7.93 17.03
CA LYS A 207 12.27 -7.63 18.17
C LYS A 207 11.32 -7.42 19.39
N ASP A 208 10.26 -6.63 19.21
CA ASP A 208 9.30 -6.40 20.33
C ASP A 208 8.77 -7.72 20.87
N TYR A 209 8.37 -8.63 19.97
CA TYR A 209 7.83 -9.92 20.43
C TYR A 209 8.84 -10.82 21.13
N PHE A 210 10.02 -10.94 20.55
CA PHE A 210 11.06 -11.78 21.13
C PHE A 210 11.44 -11.32 22.55
N GLU A 211 11.41 -10.00 22.75
CA GLU A 211 11.74 -9.46 24.06
C GLU A 211 10.64 -9.88 25.02
N GLU A 212 9.42 -9.90 24.52
CA GLU A 212 8.30 -10.26 25.34
C GLU A 212 8.11 -11.76 25.61
N THR A 213 8.59 -12.64 24.73
CA THR A 213 8.38 -14.09 24.91
C THR A 213 9.62 -14.95 24.83
N GLY A 214 10.72 -14.35 24.39
CA GLY A 214 11.95 -15.11 24.25
C GLY A 214 11.90 -16.03 23.03
N LYS A 215 10.96 -15.81 22.11
CA LYS A 215 10.88 -16.70 20.94
C LYS A 215 10.80 -16.05 19.58
N CYS A 216 11.19 -16.80 18.53
CA CYS A 216 11.11 -16.30 17.15
C CYS A 216 9.63 -16.45 16.81
N CYS A 217 8.91 -15.36 16.60
CA CYS A 217 7.49 -15.49 16.31
C CYS A 217 7.20 -16.39 15.10
N LEU A 218 8.11 -16.46 14.13
CA LEU A 218 7.87 -17.33 12.99
C LEU A 218 8.13 -18.82 13.31
N CYS A 219 9.00 -19.11 14.27
CA CYS A 219 9.18 -20.53 14.61
C CYS A 219 7.86 -21.14 15.08
N GLU A 220 7.00 -20.28 15.64
CA GLU A 220 5.70 -20.73 16.16
C GLU A 220 4.52 -20.69 15.15
N ALA A 221 4.84 -20.75 13.85
CA ALA A 221 3.82 -20.64 12.82
C ALA A 221 2.75 -21.74 12.90
N LYS A 222 2.93 -22.71 13.79
CA LYS A 222 1.98 -23.76 13.90
C LYS A 222 0.78 -23.42 14.78
N SER A 223 1.00 -22.65 15.84
CA SER A 223 -0.10 -22.27 16.73
C SER A 223 -0.27 -20.77 16.77
N LYS A 224 0.11 -20.09 15.68
CA LYS A 224 -0.02 -18.62 15.62
C LYS A 224 -0.83 -18.21 14.39
N HIS A 225 -0.66 -19.00 13.32
CA HIS A 225 -1.37 -18.82 12.05
C HIS A 225 -2.18 -20.09 11.72
N PHE A 226 -2.71 -20.19 10.49
CA PHE A 226 -3.52 -21.36 10.15
C PHE A 226 -2.88 -22.19 9.04
N VAL A 227 -2.41 -23.37 9.44
CA VAL A 227 -1.69 -24.23 8.51
C VAL A 227 -2.54 -24.73 7.36
N ILE A 228 -1.91 -24.82 6.18
CA ILE A 228 -2.57 -25.32 4.98
C ILE A 228 -1.82 -26.52 4.41
N ASP A 229 -0.54 -26.34 4.09
CA ASP A 229 0.33 -27.41 3.62
C ASP A 229 1.70 -27.27 4.28
N GLU A 230 2.47 -28.36 4.24
CA GLU A 230 3.77 -28.37 4.90
C GLU A 230 4.65 -29.38 4.18
N SER A 231 5.88 -28.99 3.87
CA SER A 231 6.82 -29.84 3.19
C SER A 231 7.87 -30.34 4.22
N SER A 232 9.04 -30.75 3.76
CA SER A 232 10.06 -31.26 4.71
C SER A 232 10.73 -30.13 5.47
N HIS A 233 11.00 -29.05 4.73
CA HIS A 233 11.69 -27.89 5.25
C HIS A 233 10.86 -26.61 5.25
N PHE A 234 9.63 -26.70 4.76
CA PHE A 234 8.75 -25.54 4.67
C PHE A 234 7.33 -25.82 5.09
N VAL A 235 6.59 -24.80 5.50
CA VAL A 235 5.19 -25.00 5.87
C VAL A 235 4.42 -23.80 5.32
N SER A 236 3.24 -24.03 4.73
CA SER A 236 2.42 -22.89 4.25
C SER A 236 1.25 -22.61 5.19
N VAL A 237 0.93 -21.34 5.40
CA VAL A 237 -0.16 -20.98 6.30
C VAL A 237 -0.96 -19.79 5.76
N ALA A 238 -2.15 -19.61 6.34
CA ALA A 238 -3.00 -18.44 6.09
C ALA A 238 -2.59 -17.63 7.34
N PRO A 239 -1.82 -16.52 7.17
CA PRO A 239 -1.36 -15.68 8.29
C PRO A 239 -2.49 -15.22 9.18
N PHE A 240 -2.27 -15.36 10.48
CA PHE A 240 -3.30 -14.93 11.44
C PHE A 240 -3.75 -13.48 11.23
N ALA A 241 -2.81 -12.58 10.94
CA ALA A 241 -3.26 -11.19 10.73
C ALA A 241 -3.09 -10.83 9.26
N ALA A 242 -3.72 -11.61 8.40
CA ALA A 242 -3.62 -11.42 6.98
C ALA A 242 -4.03 -10.03 6.47
N THR A 243 -3.21 -9.49 5.59
CA THR A 243 -3.47 -8.20 4.99
C THR A 243 -4.37 -8.40 3.78
N TYR A 244 -4.05 -9.40 2.96
CA TYR A 244 -4.79 -9.60 1.67
C TYR A 244 -5.68 -10.82 1.62
N PRO A 245 -6.77 -10.76 0.84
CA PRO A 245 -7.64 -11.95 0.78
C PRO A 245 -6.84 -13.11 0.20
N PHE A 246 -6.82 -14.22 0.95
CA PHE A 246 -6.10 -15.45 0.59
C PHE A 246 -4.59 -15.28 0.55
N GLU A 247 -4.07 -14.29 1.27
CA GLU A 247 -2.60 -14.12 1.36
C GLU A 247 -2.06 -15.43 1.95
N ILE A 248 -0.91 -15.88 1.44
CA ILE A 248 -0.28 -17.13 1.90
C ILE A 248 1.21 -16.88 2.22
N TRP A 249 1.70 -17.48 3.30
CA TRP A 249 3.11 -17.36 3.69
C TRP A 249 3.71 -18.76 3.69
N ILE A 250 4.80 -18.96 2.93
CA ILE A 250 5.51 -20.24 2.94
C ILE A 250 6.74 -19.95 3.81
N ILE A 251 6.88 -20.76 4.88
CA ILE A 251 7.88 -20.55 5.89
C ILE A 251 8.83 -21.71 6.11
N PRO A 252 10.14 -21.42 6.12
CA PRO A 252 11.19 -22.46 6.34
C PRO A 252 10.98 -22.99 7.74
N LYS A 253 10.96 -24.31 7.87
CA LYS A 253 10.79 -24.89 9.20
C LYS A 253 12.10 -24.80 9.96
N ASP A 254 13.21 -24.78 9.23
CA ASP A 254 14.56 -24.65 9.81
C ASP A 254 14.78 -23.11 10.03
N HIS A 255 15.21 -22.69 11.23
CA HIS A 255 15.38 -21.25 11.48
C HIS A 255 16.44 -20.67 10.56
N SER A 256 15.99 -19.74 9.70
CA SER A 256 16.85 -19.10 8.72
C SER A 256 16.53 -17.64 8.61
N SER A 257 17.51 -16.81 8.93
CA SER A 257 17.30 -15.35 8.86
C SER A 257 17.44 -14.90 7.43
N HIS A 258 18.20 -15.70 6.68
CA HIS A 258 18.52 -15.39 5.29
C HIS A 258 17.97 -16.36 4.23
N PHE A 259 17.30 -15.82 3.23
CA PHE A 259 16.79 -16.65 2.16
C PHE A 259 17.96 -17.33 1.41
N HIS A 260 19.00 -16.55 1.10
CA HIS A 260 20.11 -17.09 0.32
C HIS A 260 20.96 -18.15 1.00
N HIS A 261 20.45 -18.71 2.10
CA HIS A 261 21.13 -19.79 2.79
C HIS A 261 20.42 -21.11 2.42
N LEU A 262 19.39 -20.99 1.56
CA LEU A 262 18.65 -22.14 1.04
C LEU A 262 19.60 -23.09 0.27
N ASP A 263 19.43 -24.41 0.41
CA ASP A 263 20.30 -25.28 -0.37
C ASP A 263 19.49 -26.08 -1.41
N ASP A 264 20.22 -26.77 -2.29
CA ASP A 264 19.59 -27.51 -3.39
C ASP A 264 18.42 -28.38 -2.96
N VAL A 265 18.54 -29.05 -1.83
CA VAL A 265 17.44 -29.90 -1.38
C VAL A 265 16.27 -29.05 -0.93
N LYS A 266 16.55 -28.06 -0.09
CA LYS A 266 15.49 -27.21 0.38
C LYS A 266 14.91 -26.42 -0.80
N ALA A 267 15.74 -26.12 -1.82
CA ALA A 267 15.20 -25.37 -2.97
C ALA A 267 14.12 -26.13 -3.76
N VAL A 268 14.36 -27.42 -4.01
CA VAL A 268 13.41 -28.26 -4.74
C VAL A 268 12.16 -28.50 -3.89
N ASP A 269 12.39 -28.73 -2.60
CA ASP A 269 11.30 -28.95 -1.67
C ASP A 269 10.43 -27.67 -1.65
N LEU A 270 11.08 -26.51 -1.64
CA LEU A 270 10.29 -25.26 -1.65
C LEU A 270 9.62 -25.10 -3.01
N GLY A 271 10.36 -25.42 -4.08
CA GLY A 271 9.82 -25.28 -5.43
C GLY A 271 8.48 -25.99 -5.56
N GLY A 272 8.35 -27.11 -4.84
CA GLY A 272 7.10 -27.87 -4.89
C GLY A 272 5.94 -27.32 -4.06
N LEU A 273 6.25 -26.82 -2.87
CA LEU A 273 5.18 -26.30 -2.03
C LEU A 273 4.67 -24.97 -2.61
N LEU A 274 5.54 -24.27 -3.36
CA LEU A 274 5.23 -23.00 -4.02
C LEU A 274 4.29 -23.31 -5.20
N LYS A 275 4.68 -24.30 -6.01
CA LYS A 275 3.85 -24.73 -7.14
C LYS A 275 2.45 -25.14 -6.64
N LEU A 276 2.43 -25.97 -5.59
CA LEU A 276 1.17 -26.45 -5.01
C LEU A 276 0.32 -25.24 -4.56
N MET A 277 0.94 -24.31 -3.84
CA MET A 277 0.22 -23.14 -3.38
C MET A 277 -0.27 -22.37 -4.61
N LEU A 278 0.58 -22.29 -5.64
CA LEU A 278 0.12 -21.56 -6.81
C LEU A 278 -0.95 -22.35 -7.57
N GLN A 279 -0.82 -23.68 -7.62
CA GLN A 279 -1.82 -24.48 -8.36
C GLN A 279 -3.17 -24.54 -7.62
N LYS A 280 -3.13 -24.52 -6.28
CA LYS A 280 -4.38 -24.55 -5.50
C LYS A 280 -5.08 -23.18 -5.63
N ILE A 281 -4.30 -22.08 -5.54
CA ILE A 281 -4.91 -20.74 -5.68
C ILE A 281 -5.50 -20.62 -7.10
N ALA A 282 -4.74 -21.06 -8.11
CA ALA A 282 -5.20 -20.94 -9.50
C ALA A 282 -6.56 -21.64 -9.69
N LYS A 283 -6.74 -22.82 -9.11
CA LYS A 283 -8.04 -23.51 -9.24
C LYS A 283 -9.12 -22.84 -8.39
N GLN A 284 -8.90 -22.81 -7.08
CA GLN A 284 -9.85 -22.27 -6.12
C GLN A 284 -10.36 -20.89 -6.47
N LEU A 285 -9.47 -20.03 -6.98
CA LEU A 285 -9.87 -18.65 -7.28
C LEU A 285 -10.04 -18.32 -8.75
N ASN A 286 -10.04 -19.33 -9.62
CA ASN A 286 -10.22 -19.10 -11.06
C ASN A 286 -9.05 -18.33 -11.72
N ASP A 287 -7.83 -18.82 -11.49
CA ASP A 287 -6.63 -18.23 -12.08
C ASP A 287 -6.51 -16.72 -11.91
N PRO A 288 -6.07 -16.26 -10.72
CA PRO A 288 -5.93 -14.82 -10.51
C PRO A 288 -4.47 -14.35 -10.71
N PRO A 289 -4.27 -13.15 -11.30
CA PRO A 289 -2.86 -12.69 -11.44
C PRO A 289 -2.35 -12.75 -9.98
N TYR A 290 -1.03 -12.62 -9.78
CA TYR A 290 -0.50 -12.61 -8.41
C TYR A 290 0.87 -11.96 -8.26
N ASN A 291 1.32 -11.84 -7.01
CA ASN A 291 2.62 -11.32 -6.71
C ASN A 291 3.37 -12.31 -5.77
N TYR A 292 4.62 -12.57 -6.07
CA TYR A 292 5.51 -13.37 -5.24
C TYR A 292 6.38 -12.27 -4.55
N MET A 293 6.69 -12.48 -3.27
CA MET A 293 7.44 -11.49 -2.48
C MET A 293 8.33 -12.21 -1.46
N ILE A 294 9.63 -11.85 -1.41
CA ILE A 294 10.57 -12.44 -0.46
C ILE A 294 10.96 -11.42 0.64
N HIS A 295 10.74 -11.82 1.90
CA HIS A 295 11.07 -11.03 3.10
C HIS A 295 12.24 -11.79 3.73
N THR A 296 13.41 -11.14 3.71
CA THR A 296 14.64 -11.80 4.16
C THR A 296 15.41 -10.74 4.97
N SER A 297 16.69 -10.99 5.25
CA SER A 297 17.41 -10.02 6.05
C SER A 297 18.10 -8.85 5.35
N PRO A 298 18.22 -7.72 6.06
CA PRO A 298 18.91 -6.54 5.52
C PRO A 298 20.37 -7.05 5.41
N LEU A 299 21.16 -6.48 4.52
CA LEU A 299 22.57 -6.95 4.40
C LEU A 299 23.43 -6.73 5.65
N LYS A 300 23.14 -5.67 6.42
CA LYS A 300 23.96 -5.40 7.59
C LYS A 300 23.26 -5.77 8.89
N VAL A 301 22.50 -6.85 8.87
CA VAL A 301 21.79 -7.28 10.05
C VAL A 301 22.83 -7.51 11.14
N THR A 302 22.39 -7.33 12.39
CA THR A 302 23.27 -7.52 13.54
C THR A 302 23.05 -8.88 14.21
N GLU A 303 24.08 -9.35 14.91
CA GLU A 303 23.96 -10.62 15.60
C GLU A 303 22.73 -10.62 16.53
N SER A 304 22.51 -9.48 17.20
CA SER A 304 21.39 -9.37 18.13
C SER A 304 20.02 -9.62 17.48
N GLN A 305 19.91 -9.32 16.18
CA GLN A 305 18.67 -9.55 15.43
C GLN A 305 18.44 -10.99 14.96
N LEU A 306 19.56 -11.70 14.70
CA LEU A 306 19.51 -13.08 14.17
C LEU A 306 18.53 -14.12 14.73
N PRO A 307 18.33 -14.17 16.08
CA PRO A 307 17.42 -15.16 16.70
C PRO A 307 15.92 -15.07 16.38
N TYR A 308 15.51 -13.92 15.85
CA TYR A 308 14.10 -13.68 15.47
C TYR A 308 13.94 -13.22 14.01
N THR A 309 15.00 -13.32 13.21
CA THR A 309 14.83 -12.89 11.80
C THR A 309 14.62 -14.22 11.06
N HIS A 310 13.37 -14.47 10.69
CA HIS A 310 13.01 -15.76 10.09
C HIS A 310 12.36 -15.36 8.76
N TRP A 311 12.83 -15.91 7.64
CA TRP A 311 12.24 -15.43 6.38
C TRP A 311 10.93 -16.15 6.02
N PHE A 312 10.27 -15.68 4.98
CA PHE A 312 9.05 -16.34 4.56
C PHE A 312 8.57 -15.94 3.18
N LEU A 313 7.75 -16.80 2.55
CA LEU A 313 7.31 -16.50 1.20
C LEU A 313 5.89 -15.96 1.24
N GLN A 314 5.59 -14.95 0.42
CA GLN A 314 4.27 -14.32 0.47
C GLN A 314 3.54 -14.36 -0.88
N ILE A 315 2.32 -14.87 -0.84
CA ILE A 315 1.50 -15.01 -2.04
C ILE A 315 0.26 -14.14 -1.93
N VAL A 316 0.10 -13.24 -2.89
CA VAL A 316 -1.03 -12.38 -2.80
C VAL A 316 -1.85 -12.48 -4.09
N PRO A 317 -3.00 -13.14 -3.99
CA PRO A 317 -3.78 -13.21 -5.22
C PRO A 317 -4.19 -11.79 -5.53
N GLN A 318 -4.26 -11.43 -6.81
CA GLN A 318 -4.66 -10.07 -7.08
C GLN A 318 -6.17 -10.10 -7.17
N LEU A 319 -6.79 -9.79 -6.04
CA LEU A 319 -8.23 -9.86 -5.96
C LEU A 319 -8.94 -8.51 -5.93
N SER A 320 -8.54 -7.67 -4.98
CA SER A 320 -9.17 -6.36 -4.78
C SER A 320 -8.18 -5.21 -4.80
N GLY A 321 -8.68 -3.99 -4.98
CA GLY A 321 -7.82 -2.83 -5.00
C GLY A 321 -8.15 -1.97 -3.79
N VAL A 322 -7.36 -0.92 -3.54
CA VAL A 322 -7.61 -0.05 -2.40
C VAL A 322 -8.32 1.22 -2.81
N GLY A 323 -8.89 1.89 -1.80
CA GLY A 323 -9.59 3.15 -2.00
C GLY A 323 -9.10 4.07 -0.91
N GLY A 324 -9.86 5.12 -0.65
CA GLY A 324 -9.47 6.11 0.34
C GLY A 324 -9.17 5.69 1.76
N PHE A 325 -9.97 4.85 2.37
CA PHE A 325 -9.61 4.49 3.76
C PHE A 325 -8.20 3.90 3.84
N GLU A 326 -7.89 3.01 2.92
CA GLU A 326 -6.58 2.34 2.94
C GLU A 326 -5.43 3.30 2.78
N ILE A 327 -5.46 4.09 1.72
CA ILE A 327 -4.38 5.05 1.51
C ILE A 327 -4.35 6.01 2.69
N GLY A 328 -5.52 6.34 3.24
CA GLY A 328 -5.51 7.28 4.35
C GLY A 328 -4.68 6.89 5.56
N THR A 329 -4.93 5.68 6.07
CA THR A 329 -4.27 5.18 7.30
C THR A 329 -3.29 4.02 7.11
N GLY A 330 -3.25 3.48 5.90
CA GLY A 330 -2.44 2.31 5.63
C GLY A 330 -3.05 1.05 6.26
N CYS A 331 -4.32 1.11 6.69
CA CYS A 331 -4.99 -0.05 7.27
C CYS A 331 -5.74 -0.76 6.12
N TYR A 332 -5.50 -2.07 5.94
CA TYR A 332 -6.15 -2.84 4.85
C TYR A 332 -7.43 -3.56 5.25
N ILE A 333 -8.23 -3.95 4.25
CA ILE A 333 -9.46 -4.67 4.54
C ILE A 333 -9.59 -6.10 3.97
N ASN A 334 -9.38 -7.12 4.80
CA ASN A 334 -9.50 -8.48 4.30
C ASN A 334 -10.89 -9.07 4.48
N PRO A 335 -11.59 -9.32 3.36
CA PRO A 335 -12.92 -9.89 3.42
C PRO A 335 -12.98 -11.37 3.70
N VAL A 336 -11.82 -12.02 3.90
CA VAL A 336 -11.77 -13.45 4.19
C VAL A 336 -10.96 -13.85 5.46
N PHE A 337 -11.60 -14.41 6.48
CA PHE A 337 -10.82 -14.79 7.67
C PHE A 337 -9.77 -15.85 7.31
N PRO A 338 -8.63 -15.90 8.04
CA PRO A 338 -7.61 -16.90 7.72
C PRO A 338 -8.02 -18.34 7.98
N GLU A 339 -8.65 -18.58 9.13
CA GLU A 339 -9.12 -19.91 9.45
C GLU A 339 -9.90 -20.46 8.24
N ASP A 340 -10.70 -19.59 7.62
CA ASP A 340 -11.50 -20.03 6.48
C ASP A 340 -10.62 -20.31 5.27
N VAL A 341 -9.62 -19.44 5.04
CA VAL A 341 -8.73 -19.62 3.89
C VAL A 341 -8.00 -20.94 4.05
N ALA A 342 -7.45 -21.18 5.24
CA ALA A 342 -6.68 -22.42 5.42
C ALA A 342 -7.55 -23.63 5.14
N LYS A 343 -8.72 -23.71 5.77
CA LYS A 343 -9.56 -24.86 5.54
C LYS A 343 -10.10 -24.86 4.10
N VAL A 344 -10.28 -23.70 3.47
CA VAL A 344 -10.76 -23.73 2.09
C VAL A 344 -9.73 -24.41 1.22
N MET A 345 -8.50 -23.90 1.29
CA MET A 345 -7.41 -24.40 0.46
C MET A 345 -6.97 -25.79 0.95
N ARG A 346 -7.33 -26.11 2.19
CA ARG A 346 -7.03 -27.44 2.73
C ARG A 346 -7.92 -28.45 1.99
N GLU A 347 -9.07 -27.97 1.48
CA GLU A 347 -9.99 -28.85 0.74
C GLU A 347 -9.77 -28.87 -0.78
N VAL A 348 -9.03 -27.90 -1.31
CA VAL A 348 -8.79 -27.87 -2.75
C VAL A 348 -8.19 -29.21 -3.24
N SER A 349 -8.80 -29.77 -4.28
CA SER A 349 -8.33 -31.01 -4.88
C SER A 349 -7.81 -30.73 -6.28
N LEU A 350 -6.54 -31.07 -6.52
CA LEU A 350 -5.93 -30.87 -7.82
C LEU A 350 -6.14 -32.11 -8.69
N THR A 351 -6.42 -33.23 -8.03
CA THR A 351 -6.71 -34.45 -8.78
C THR A 351 -8.22 -34.64 -8.78
N GLN B 21 15.46 11.91 -16.92
CA GLN B 21 16.18 12.41 -15.70
C GLN B 21 16.76 11.26 -14.84
N SER B 22 17.61 11.60 -13.89
CA SER B 22 18.27 10.60 -13.04
C SER B 22 17.44 10.16 -11.80
N PRO B 23 17.62 8.91 -11.33
CA PRO B 23 16.85 8.45 -10.17
C PRO B 23 17.33 9.04 -8.83
N GLU B 24 16.55 8.92 -7.77
CA GLU B 24 16.92 9.49 -6.46
C GLU B 24 15.80 9.24 -5.45
N LEU B 25 16.17 8.83 -4.24
CA LEU B 25 15.18 8.60 -3.20
C LEU B 25 15.08 9.89 -2.42
N ARG B 26 13.83 10.28 -2.18
CA ARG B 26 13.53 11.50 -1.44
C ARG B 26 12.84 11.10 -0.16
N LYS B 27 13.06 11.90 0.88
CA LYS B 27 12.49 11.62 2.18
C LYS B 27 11.88 12.87 2.77
N ASP B 28 10.87 12.69 3.64
CA ASP B 28 10.22 13.81 4.30
C ASP B 28 9.71 13.25 5.63
N PRO B 29 9.57 14.12 6.64
CA PRO B 29 9.09 13.64 7.95
C PRO B 29 7.63 13.19 7.90
N VAL B 30 6.86 13.83 7.01
CA VAL B 30 5.43 13.53 6.87
C VAL B 30 5.26 12.06 6.51
N THR B 31 5.89 11.59 5.46
CA THR B 31 5.75 10.16 5.18
C THR B 31 6.71 9.42 6.08
N ASN B 32 7.84 10.04 6.35
CA ASN B 32 8.89 9.46 7.20
C ASN B 32 9.38 8.13 6.58
N ARG B 33 9.41 8.09 5.25
CA ARG B 33 9.89 6.93 4.53
C ARG B 33 10.63 7.42 3.30
N TRP B 34 11.24 6.49 2.58
CA TRP B 34 11.93 6.83 1.33
C TRP B 34 11.07 6.49 0.10
N VAL B 35 10.92 7.45 -0.81
CA VAL B 35 10.26 7.14 -2.08
C VAL B 35 11.40 7.25 -3.15
N ILE B 36 11.36 6.42 -4.19
CA ILE B 36 12.36 6.46 -5.26
C ILE B 36 11.69 7.17 -6.41
N PHE B 37 12.38 8.11 -7.07
CA PHE B 37 11.81 8.73 -8.28
C PHE B 37 12.56 8.12 -9.48
N SER B 38 11.83 7.51 -10.42
CA SER B 38 12.42 6.88 -11.60
C SER B 38 11.58 7.27 -12.83
N PRO B 39 11.90 8.42 -13.46
CA PRO B 39 11.18 8.91 -14.64
C PRO B 39 11.26 8.02 -15.86
N THR B 46 3.96 16.62 -18.19
CA THR B 46 2.74 17.15 -18.80
C THR B 46 2.21 16.13 -19.79
N ASP B 47 2.61 14.88 -19.58
CA ASP B 47 2.23 13.78 -20.45
C ASP B 47 1.41 12.70 -19.74
N PHE B 48 1.26 12.83 -18.42
CA PHE B 48 0.50 11.85 -17.64
C PHE B 48 -0.99 12.11 -17.69
N LYS B 49 -1.77 11.06 -17.92
CA LYS B 49 -3.22 11.18 -17.98
C LYS B 49 -3.94 9.90 -17.57
N SER B 50 -5.25 9.99 -17.41
CA SER B 50 -6.05 8.82 -17.04
C SER B 50 -6.08 7.84 -18.22
N SER B 62 -31.12 8.25 -10.04
CA SER B 62 -31.86 7.71 -8.89
C SER B 62 -31.11 6.55 -8.19
N CYS B 63 -30.92 6.66 -6.87
CA CYS B 63 -30.25 5.60 -6.08
C CYS B 63 -30.75 5.74 -4.63
N PRO B 64 -30.26 4.86 -3.72
CA PRO B 64 -30.70 4.93 -2.32
C PRO B 64 -30.34 6.21 -1.56
N PHE B 65 -29.31 6.92 -2.03
CA PHE B 65 -28.82 8.17 -1.42
C PHE B 65 -29.56 9.39 -1.93
N CYS B 66 -30.40 9.19 -2.95
CA CYS B 66 -31.16 10.27 -3.54
C CYS B 66 -32.28 10.83 -2.67
N ILE B 67 -32.45 12.15 -2.77
CA ILE B 67 -33.45 12.89 -1.99
C ILE B 67 -34.75 12.12 -1.96
N GLY B 68 -35.22 11.82 -0.76
CA GLY B 68 -36.45 11.08 -0.67
C GLY B 68 -36.22 9.65 -1.06
N ARG B 69 -35.34 8.97 -0.32
CA ARG B 69 -35.00 7.56 -0.48
C ARG B 69 -34.31 7.11 0.81
N GLU B 70 -34.31 8.00 1.81
CA GLU B 70 -33.68 7.76 3.11
C GLU B 70 -34.10 6.52 3.87
N GLN B 71 -35.35 6.09 3.58
CA GLN B 71 -35.97 4.92 4.17
C GLN B 71 -35.08 3.70 3.90
N GLU B 72 -34.42 3.73 2.74
CA GLU B 72 -33.51 2.66 2.30
C GLU B 72 -32.06 2.86 2.81
N CYS B 73 -31.82 3.95 3.55
CA CYS B 73 -30.50 4.27 4.09
C CYS B 73 -30.41 3.86 5.55
N ALA B 74 -29.23 3.44 6.00
CA ALA B 74 -29.07 3.12 7.42
C ALA B 74 -29.42 4.43 8.16
N PRO B 75 -29.55 4.37 9.50
CA PRO B 75 -29.91 5.57 10.28
C PRO B 75 -29.11 6.88 10.05
N GLU B 76 -29.86 7.99 9.96
CA GLU B 76 -29.29 9.30 9.76
C GLU B 76 -28.72 9.82 11.07
N LEU B 77 -27.51 10.37 11.03
CA LEU B 77 -26.91 10.93 12.24
C LEU B 77 -27.40 12.37 12.33
N PHE B 78 -27.34 13.09 11.21
CA PHE B 78 -27.87 14.45 11.15
C PHE B 78 -27.84 14.84 9.71
N ARG B 79 -28.42 15.97 9.37
CA ARG B 79 -28.42 16.45 8.00
C ARG B 79 -28.17 17.95 8.09
N VAL B 80 -28.03 18.60 6.93
CA VAL B 80 -27.77 20.05 6.83
C VAL B 80 -28.51 20.61 5.60
N PRO B 81 -29.41 21.61 5.79
CA PRO B 81 -29.81 22.24 7.06
C PRO B 81 -30.38 21.19 8.01
N ASP B 82 -30.13 21.34 9.29
CA ASP B 82 -30.61 20.35 10.26
C ASP B 82 -32.09 20.06 10.11
N HIS B 83 -32.42 18.77 10.14
CA HIS B 83 -33.81 18.31 10.03
C HIS B 83 -34.59 18.97 8.89
N ASP B 84 -33.89 19.64 7.98
CA ASP B 84 -34.57 20.29 6.87
C ASP B 84 -34.90 19.23 5.84
N PRO B 85 -36.18 19.11 5.46
CA PRO B 85 -36.63 18.12 4.47
C PRO B 85 -35.92 18.34 3.13
N ASN B 86 -35.60 19.59 2.84
CA ASN B 86 -34.92 19.96 1.60
C ASN B 86 -33.39 20.05 1.85
N TRP B 87 -32.83 18.93 2.29
CA TRP B 87 -31.41 18.86 2.64
C TRP B 87 -30.35 19.18 1.59
N LYS B 88 -29.16 19.56 2.09
CA LYS B 88 -28.03 19.89 1.24
C LYS B 88 -27.04 18.72 1.38
N LEU B 89 -26.97 18.11 2.55
CA LEU B 89 -26.10 16.95 2.75
C LEU B 89 -26.57 16.13 3.97
N ARG B 90 -26.25 14.86 4.03
CA ARG B 90 -26.68 14.06 5.17
C ARG B 90 -25.52 13.23 5.61
N VAL B 91 -25.42 12.98 6.91
CA VAL B 91 -24.35 12.15 7.47
C VAL B 91 -25.13 11.00 8.12
N ILE B 92 -24.85 9.80 7.67
CA ILE B 92 -25.56 8.61 8.12
C ILE B 92 -24.63 7.49 8.52
N GLU B 93 -25.15 6.52 9.27
CA GLU B 93 -24.33 5.37 9.67
C GLU B 93 -24.08 4.48 8.46
N ASN B 94 -22.88 3.95 8.32
CA ASN B 94 -22.68 3.03 7.23
C ASN B 94 -23.54 1.80 7.53
N LEU B 95 -24.09 1.23 6.45
CA LEU B 95 -24.94 0.04 6.51
C LEU B 95 -24.15 -1.25 6.38
N TYR B 96 -23.01 -1.22 5.68
CA TYR B 96 -22.19 -2.43 5.50
C TYR B 96 -20.85 -2.04 6.07
N PRO B 97 -20.83 -1.69 7.36
CA PRO B 97 -19.64 -1.26 8.09
C PRO B 97 -18.46 -2.18 8.20
N ALA B 98 -17.26 -1.58 8.28
CA ALA B 98 -16.03 -2.35 8.44
C ALA B 98 -15.81 -2.62 9.93
N LEU B 99 -16.25 -1.69 10.75
CA LEU B 99 -16.21 -1.79 12.21
C LEU B 99 -17.62 -1.45 12.67
N SER B 100 -18.07 -2.19 13.68
CA SER B 100 -19.42 -2.09 14.23
C SER B 100 -19.56 -1.27 15.49
N ARG B 101 -20.25 -0.15 15.41
CA ARG B 101 -20.47 0.69 16.59
C ARG B 101 -21.31 -0.11 17.57
N ASN B 102 -21.87 -1.24 17.15
CA ASN B 102 -22.68 -2.01 18.09
C ASN B 102 -21.79 -2.85 19.00
N LEU B 103 -20.47 -2.79 18.78
CA LEU B 103 -19.53 -3.55 19.61
C LEU B 103 -18.80 -2.64 20.60
N GLU B 104 -19.35 -1.46 20.85
CA GLU B 104 -18.68 -0.50 21.72
C GLU B 104 -18.30 -0.93 23.14
N THR B 105 -19.24 -1.51 23.87
CA THR B 105 -18.94 -1.93 25.23
C THR B 105 -17.92 -3.08 25.21
N GLN B 106 -17.87 -3.83 24.11
CA GLN B 106 -16.89 -4.92 24.01
C GLN B 106 -15.53 -4.27 23.75
N SER B 107 -15.56 -3.03 23.25
CA SER B 107 -14.38 -2.20 22.99
C SER B 107 -14.13 -1.69 21.59
N ARG B 116 -3.90 -10.59 20.69
CA ARG B 116 -3.60 -10.43 19.26
C ARG B 116 -4.81 -10.13 18.34
N THR B 117 -5.98 -9.94 18.94
CA THR B 117 -7.21 -9.68 18.19
C THR B 117 -8.19 -8.97 19.12
N ILE B 118 -8.73 -7.82 18.68
CA ILE B 118 -9.73 -7.05 19.45
C ILE B 118 -11.00 -6.94 18.58
N VAL B 119 -12.15 -6.60 19.19
CA VAL B 119 -13.42 -6.58 18.42
C VAL B 119 -13.67 -5.48 17.40
N GLY B 120 -14.42 -5.83 16.35
CA GLY B 120 -14.71 -4.93 15.25
C GLY B 120 -15.38 -3.61 15.53
N PHE B 121 -15.02 -3.02 16.66
CA PHE B 121 -15.60 -1.76 17.05
C PHE B 121 -14.98 -0.55 16.38
N GLY B 122 -15.87 0.36 15.97
CA GLY B 122 -15.44 1.62 15.34
C GLY B 122 -16.69 2.29 14.87
N PHE B 123 -16.55 3.45 14.22
CA PHE B 123 -17.69 4.17 13.65
C PHE B 123 -17.43 4.36 12.18
N HIS B 124 -18.22 3.64 11.37
CA HIS B 124 -18.08 3.69 9.93
C HIS B 124 -19.31 4.43 9.45
N ASP B 125 -19.10 5.68 9.06
CA ASP B 125 -20.19 6.55 8.62
C ASP B 125 -20.08 7.05 7.18
N VAL B 126 -21.22 7.44 6.61
CA VAL B 126 -21.26 7.94 5.24
C VAL B 126 -21.73 9.39 5.16
N VAL B 127 -21.06 10.20 4.34
CA VAL B 127 -21.48 11.60 4.17
C VAL B 127 -21.93 11.83 2.75
N ILE B 128 -23.26 11.93 2.55
CA ILE B 128 -23.80 12.17 1.21
C ILE B 128 -23.70 13.67 0.95
N GLU B 129 -22.96 14.04 -0.08
CA GLU B 129 -22.60 15.43 -0.39
C GLU B 129 -23.53 16.27 -1.24
N SER B 130 -24.61 15.66 -1.70
CA SER B 130 -25.56 16.37 -2.50
C SER B 130 -26.89 15.61 -2.59
N PRO B 131 -28.01 16.35 -2.59
CA PRO B 131 -29.28 15.62 -2.70
C PRO B 131 -29.52 15.09 -4.12
N VAL B 132 -28.84 15.65 -5.11
CA VAL B 132 -29.01 15.22 -6.50
C VAL B 132 -28.15 13.99 -6.75
N HIS B 133 -28.40 13.30 -7.87
CA HIS B 133 -27.63 12.10 -8.17
C HIS B 133 -26.41 12.36 -9.04
N SER B 134 -26.55 13.25 -10.04
CA SER B 134 -25.44 13.53 -10.96
C SER B 134 -24.38 14.59 -10.56
N ILE B 135 -24.58 15.25 -9.42
CA ILE B 135 -23.57 16.19 -9.01
C ILE B 135 -22.41 15.30 -8.48
N GLN B 136 -21.19 15.80 -8.64
CA GLN B 136 -20.00 15.13 -8.10
C GLN B 136 -19.42 16.20 -7.16
N LEU B 137 -18.87 15.77 -6.03
CA LEU B 137 -18.33 16.71 -5.05
C LEU B 137 -17.82 18.00 -5.59
N SER B 138 -16.91 17.93 -6.57
CA SER B 138 -16.25 19.10 -7.17
C SER B 138 -17.12 20.14 -7.84
N ASP B 139 -18.25 19.72 -8.38
CA ASP B 139 -19.23 20.64 -9.01
C ASP B 139 -19.87 21.56 -7.95
N ILE B 140 -19.70 21.21 -6.68
CA ILE B 140 -20.31 22.03 -5.63
C ILE B 140 -19.60 23.38 -5.49
N ASP B 141 -20.34 24.44 -5.21
CA ASP B 141 -19.71 25.75 -5.03
C ASP B 141 -18.94 25.72 -3.70
N PRO B 142 -17.94 26.61 -3.54
CA PRO B 142 -17.08 26.74 -2.35
C PRO B 142 -17.80 26.66 -0.97
N VAL B 143 -18.88 27.42 -0.79
CA VAL B 143 -19.64 27.39 0.46
C VAL B 143 -20.24 26.00 0.73
N GLY B 144 -20.70 25.36 -0.34
CA GLY B 144 -21.27 24.02 -0.22
C GLY B 144 -20.22 23.00 0.18
N ILE B 145 -19.03 23.10 -0.42
CA ILE B 145 -17.95 22.18 -0.04
C ILE B 145 -17.60 22.58 1.40
N GLY B 146 -17.65 23.89 1.65
CA GLY B 146 -17.42 24.40 3.00
C GLY B 146 -18.38 23.70 3.94
N ASP B 147 -19.67 23.62 3.55
CA ASP B 147 -20.68 22.96 4.40
C ASP B 147 -20.39 21.46 4.70
N ILE B 148 -19.74 20.76 3.77
CA ILE B 148 -19.42 19.35 3.96
C ILE B 148 -18.28 19.25 5.00
N LEU B 149 -17.26 20.10 4.83
CA LEU B 149 -16.10 20.15 5.76
C LEU B 149 -16.58 20.46 7.20
N ILE B 150 -17.52 21.39 7.34
CA ILE B 150 -18.05 21.72 8.67
C ILE B 150 -18.85 20.51 9.25
N ALA B 151 -19.43 19.69 8.38
CA ALA B 151 -20.14 18.50 8.84
C ALA B 151 -19.15 17.46 9.41
N TYR B 152 -18.00 17.28 8.75
CA TYR B 152 -17.01 16.32 9.25
C TYR B 152 -16.69 16.78 10.68
N LYS B 153 -16.40 18.08 10.79
CA LYS B 153 -16.08 18.66 12.09
C LYS B 153 -17.19 18.34 13.10
N LYS B 154 -18.46 18.53 12.70
CA LYS B 154 -19.57 18.23 13.60
C LYS B 154 -19.63 16.72 13.96
N ARG B 155 -19.30 15.88 12.99
CA ARG B 155 -19.32 14.44 13.24
C ARG B 155 -18.11 13.96 14.05
N ILE B 156 -16.97 14.62 13.87
CA ILE B 156 -15.78 14.30 14.62
C ILE B 156 -15.95 14.71 16.10
N ASN B 157 -16.56 15.87 16.35
CA ASN B 157 -16.74 16.28 17.73
C ASN B 157 -17.67 15.34 18.48
N GLN B 158 -18.72 14.85 17.80
CA GLN B 158 -19.64 13.89 18.42
C GLN B 158 -18.78 12.68 18.73
N ILE B 159 -18.16 12.13 17.69
CA ILE B 159 -17.30 10.97 17.84
C ILE B 159 -16.23 11.12 18.91
N ALA B 160 -15.63 12.30 18.99
CA ALA B 160 -14.60 12.57 19.98
C ALA B 160 -15.15 12.33 21.39
N GLN B 161 -16.48 12.29 21.52
CA GLN B 161 -17.09 12.02 22.82
C GLN B 161 -17.10 10.52 23.11
N HIS B 162 -16.10 9.79 22.62
CA HIS B 162 -15.98 8.36 22.90
C HIS B 162 -14.54 8.00 23.22
N ASP B 163 -14.32 7.47 24.44
CA ASP B 163 -12.99 7.12 24.91
C ASP B 163 -12.21 6.04 24.12
N SER B 164 -12.90 5.00 23.65
CA SER B 164 -12.25 3.90 22.92
C SER B 164 -11.77 4.28 21.54
N ILE B 165 -12.28 5.40 21.04
CA ILE B 165 -11.93 5.86 19.70
C ILE B 165 -10.62 6.62 19.74
N ASN B 166 -9.80 6.41 18.71
CA ASN B 166 -8.51 7.07 18.63
C ASN B 166 -8.15 7.73 17.29
N TYR B 167 -8.91 7.47 16.23
CA TYR B 167 -8.56 8.13 14.95
C TYR B 167 -9.73 8.09 13.97
N ILE B 168 -9.90 9.15 13.19
CA ILE B 168 -10.98 9.15 12.20
C ILE B 168 -10.44 9.50 10.81
N GLN B 169 -10.66 8.58 9.85
CA GLN B 169 -10.19 8.78 8.48
C GLN B 169 -11.33 9.28 7.60
N VAL B 170 -11.20 10.52 7.15
CA VAL B 170 -12.15 11.08 6.22
C VAL B 170 -11.48 10.86 4.85
N PHE B 171 -12.23 10.34 3.88
CA PHE B 171 -11.65 10.10 2.55
C PHE B 171 -12.71 10.16 1.48
N LYS B 172 -12.26 10.28 0.23
CA LYS B 172 -13.15 10.32 -0.91
C LYS B 172 -12.61 9.44 -2.05
N ASN B 173 -13.50 8.62 -2.61
CA ASN B 173 -13.21 7.73 -3.73
C ASN B 173 -14.08 8.25 -4.88
N GLN B 174 -13.48 8.48 -6.05
CA GLN B 174 -14.26 8.88 -7.25
C GLN B 174 -13.82 7.95 -8.38
N GLY B 175 -14.75 7.13 -8.88
CA GLY B 175 -14.41 6.20 -9.94
C GLY B 175 -14.22 4.80 -9.33
N ALA B 176 -14.87 3.81 -9.93
CA ALA B 176 -14.80 2.43 -9.44
C ALA B 176 -13.39 1.94 -9.12
N SER B 177 -12.42 2.30 -9.96
CA SER B 177 -11.05 1.82 -9.81
C SER B 177 -10.29 2.42 -8.63
N ALA B 178 -10.79 3.56 -8.13
CA ALA B 178 -10.19 4.22 -6.97
C ALA B 178 -11.02 3.78 -5.76
N GLY B 179 -11.81 2.73 -5.94
CA GLY B 179 -12.59 2.21 -4.82
C GLY B 179 -14.06 2.50 -4.72
N ALA B 180 -14.57 3.43 -5.53
CA ALA B 180 -15.99 3.76 -5.55
C ALA B 180 -16.87 2.57 -6.04
N SER B 181 -18.02 2.41 -5.39
CA SER B 181 -19.02 1.41 -5.75
C SER B 181 -20.36 2.11 -6.03
N MET B 182 -20.38 3.44 -6.08
CA MET B 182 -21.62 4.17 -6.37
C MET B 182 -21.34 5.59 -6.89
N SER B 183 -22.06 6.02 -7.92
CA SER B 183 -21.86 7.34 -8.51
C SER B 183 -22.35 8.56 -7.73
N HIS B 184 -23.43 8.43 -6.97
CA HIS B 184 -23.92 9.54 -6.16
C HIS B 184 -22.73 10.07 -5.32
N SER B 185 -22.61 11.40 -5.20
CA SER B 185 -21.46 11.97 -4.46
C SER B 185 -21.54 11.79 -2.94
N HIS B 186 -20.45 11.26 -2.35
CA HIS B 186 -20.37 11.01 -0.90
C HIS B 186 -18.92 10.87 -0.56
N SER B 187 -18.68 10.80 0.73
CA SER B 187 -17.35 10.56 1.30
C SER B 187 -17.68 9.80 2.55
N GLN B 188 -16.65 9.37 3.26
CA GLN B 188 -16.81 8.53 4.46
C GLN B 188 -15.91 8.96 5.64
N MET B 189 -16.18 8.38 6.79
CA MET B 189 -15.41 8.65 8.01
C MET B 189 -15.34 7.33 8.78
N MET B 190 -14.14 6.77 8.89
CA MET B 190 -13.97 5.55 9.63
C MET B 190 -13.20 5.93 10.92
N ALA B 191 -13.88 5.79 12.06
CA ALA B 191 -13.33 6.08 13.39
C ALA B 191 -12.83 4.74 13.98
N LEU B 192 -11.56 4.70 14.37
CA LEU B 192 -10.91 3.50 14.84
C LEU B 192 -10.43 3.53 16.28
N PRO B 193 -10.51 2.37 16.97
CA PRO B 193 -10.06 2.26 18.37
C PRO B 193 -8.53 2.20 18.34
N VAL B 194 -7.95 2.47 17.18
CA VAL B 194 -6.49 2.39 17.06
C VAL B 194 -5.81 3.52 16.28
N VAL B 195 -4.59 3.87 16.64
CA VAL B 195 -3.88 4.91 15.89
C VAL B 195 -3.22 4.12 14.76
N PRO B 196 -3.65 4.33 13.50
CA PRO B 196 -3.06 3.57 12.38
C PRO B 196 -1.65 3.95 11.99
N PRO B 197 -1.00 3.12 11.18
CA PRO B 197 0.39 3.31 10.71
C PRO B 197 0.83 4.66 10.14
N THR B 198 0.06 5.19 9.19
CA THR B 198 0.48 6.47 8.62
C THR B 198 0.59 7.54 9.69
N VAL B 199 -0.35 7.51 10.64
CA VAL B 199 -0.39 8.50 11.72
C VAL B 199 0.83 8.29 12.67
N SER B 200 1.07 7.06 13.13
CA SER B 200 2.25 6.84 13.99
C SER B 200 3.55 7.18 13.23
N SER B 201 3.58 6.89 11.94
CA SER B 201 4.76 7.20 11.11
C SER B 201 4.96 8.70 10.99
N ARG B 202 3.86 9.42 10.85
CA ARG B 202 3.95 10.88 10.74
C ARG B 202 4.37 11.51 12.09
N LEU B 203 3.76 11.04 13.19
CA LEU B 203 4.11 11.58 14.50
C LEU B 203 5.62 11.39 14.73
N ASP B 204 6.11 10.19 14.47
CA ASP B 204 7.53 9.91 14.64
C ASP B 204 8.41 10.81 13.79
N GLY B 205 8.10 10.86 12.50
CA GLY B 205 8.87 11.64 11.56
C GLY B 205 8.96 13.11 11.88
N THR B 206 7.79 13.69 12.20
CA THR B 206 7.71 15.10 12.56
C THR B 206 8.27 15.28 13.97
N LYS B 207 8.24 14.22 14.78
CA LYS B 207 8.85 14.37 16.10
C LYS B 207 10.36 14.55 15.87
N ASP B 208 10.95 13.67 15.05
CA ASP B 208 12.39 13.72 14.71
C ASP B 208 12.84 15.06 14.12
N TYR B 209 12.14 15.49 13.07
CA TYR B 209 12.48 16.72 12.41
C TYR B 209 12.42 17.87 13.41
N PHE B 210 11.40 17.88 14.26
CA PHE B 210 11.26 18.95 15.25
C PHE B 210 12.37 18.85 16.31
N GLU B 211 12.67 17.64 16.78
CA GLU B 211 13.74 17.47 17.79
C GLU B 211 15.12 17.89 17.27
N GLU B 212 15.39 17.61 15.99
CA GLU B 212 16.65 17.99 15.38
C GLU B 212 16.63 19.45 14.89
N THR B 213 15.56 19.84 14.20
CA THR B 213 15.49 21.20 13.65
C THR B 213 14.73 22.27 14.42
N GLY B 214 13.91 21.88 15.39
CA GLY B 214 13.15 22.87 16.12
C GLY B 214 11.97 23.37 15.29
N LYS B 215 11.81 22.81 14.09
CA LYS B 215 10.68 23.23 13.21
C LYS B 215 9.62 22.15 12.98
N CYS B 216 8.64 22.46 12.12
CA CYS B 216 7.53 21.58 11.75
C CYS B 216 7.62 21.43 10.23
N CYS B 217 7.90 20.24 9.70
CA CYS B 217 8.01 20.13 8.25
C CYS B 217 6.85 20.78 7.44
N LEU B 218 5.66 20.90 8.02
CA LEU B 218 4.55 21.55 7.26
C LEU B 218 4.47 23.04 7.54
N CYS B 219 5.28 23.49 8.51
CA CYS B 219 5.41 24.92 8.84
C CYS B 219 6.13 25.55 7.61
N GLU B 220 7.06 24.77 7.06
CA GLU B 220 7.87 25.19 5.91
C GLU B 220 7.26 24.81 4.56
N ALA B 221 5.93 24.94 4.47
CA ALA B 221 5.24 24.56 3.23
C ALA B 221 5.78 25.12 1.91
N LYS B 222 6.07 26.43 1.88
CA LYS B 222 6.58 27.03 0.63
C LYS B 222 8.07 26.82 0.43
N SER B 223 8.77 26.44 1.49
CA SER B 223 10.21 26.19 1.37
C SER B 223 10.52 24.73 1.12
N LYS B 224 9.82 23.83 1.83
CA LYS B 224 10.10 22.37 1.73
C LYS B 224 9.43 21.64 0.55
N HIS B 225 8.38 22.24 -0.02
CA HIS B 225 7.62 21.63 -1.11
C HIS B 225 7.50 22.56 -2.32
N PHE B 226 6.74 22.13 -3.34
CA PHE B 226 6.65 22.94 -4.56
C PHE B 226 5.23 23.40 -4.74
N VAL B 227 5.05 24.71 -4.52
CA VAL B 227 3.73 25.32 -4.56
C VAL B 227 3.06 25.39 -5.97
N ILE B 228 1.77 25.09 -5.98
CA ILE B 228 0.98 25.14 -7.20
C ILE B 228 -0.01 26.28 -7.04
N ASP B 229 -0.62 26.35 -5.85
CA ASP B 229 -1.58 27.40 -5.56
C ASP B 229 -1.64 27.77 -4.09
N GLU B 230 -2.35 28.87 -3.83
CA GLU B 230 -2.47 29.43 -2.51
C GLU B 230 -3.82 30.08 -2.29
N SER B 231 -4.34 29.96 -1.07
CA SER B 231 -5.61 30.61 -0.74
C SER B 231 -5.37 31.58 0.43
N SER B 232 -6.42 32.11 1.02
CA SER B 232 -6.21 33.04 2.14
C SER B 232 -5.58 32.31 3.33
N HIS B 233 -5.94 31.04 3.54
CA HIS B 233 -5.45 30.27 4.70
C HIS B 233 -4.75 28.93 4.42
N PHE B 234 -4.66 28.57 3.14
CA PHE B 234 -4.06 27.29 2.70
C PHE B 234 -3.15 27.42 1.49
N VAL B 235 -2.36 26.36 1.27
CA VAL B 235 -1.48 26.30 0.10
C VAL B 235 -1.50 24.87 -0.43
N SER B 236 -1.34 24.72 -1.75
CA SER B 236 -1.33 23.39 -2.38
C SER B 236 0.01 23.25 -3.08
N VAL B 237 0.57 22.02 -3.03
CA VAL B 237 1.91 21.72 -3.58
C VAL B 237 2.04 20.31 -4.15
N ALA B 238 3.18 20.08 -4.80
CA ALA B 238 3.57 18.75 -5.25
C ALA B 238 4.58 18.48 -4.11
N PRO B 239 4.29 17.52 -3.22
CA PRO B 239 5.19 17.22 -2.10
C PRO B 239 6.53 16.73 -2.55
N PHE B 240 7.55 17.11 -1.78
CA PHE B 240 8.92 16.74 -2.08
C PHE B 240 9.14 15.24 -2.27
N ALA B 241 8.58 14.38 -1.40
CA ALA B 241 8.81 12.94 -1.61
C ALA B 241 7.52 12.21 -1.90
N ALA B 242 6.80 12.70 -2.90
CA ALA B 242 5.51 12.14 -3.30
C ALA B 242 5.56 10.66 -3.67
N THR B 243 4.63 9.92 -3.05
CA THR B 243 4.46 8.49 -3.22
C THR B 243 4.00 8.12 -4.64
N TYR B 244 3.05 8.91 -5.15
CA TYR B 244 2.43 8.61 -6.41
C TYR B 244 2.44 9.79 -7.35
N PRO B 245 2.69 9.49 -8.63
CA PRO B 245 2.72 10.51 -9.70
C PRO B 245 1.42 11.40 -9.64
N PHE B 246 1.61 12.70 -9.82
CA PHE B 246 0.54 13.69 -9.80
C PHE B 246 -0.12 13.86 -8.43
N GLU B 247 0.51 13.30 -7.40
CA GLU B 247 0.03 13.45 -6.04
C GLU B 247 0.17 14.94 -5.65
N ILE B 248 -0.83 15.47 -4.94
CA ILE B 248 -0.81 16.86 -4.45
C ILE B 248 -1.42 16.89 -3.05
N TRP B 249 -0.88 17.76 -2.20
CA TRP B 249 -1.47 17.96 -0.86
C TRP B 249 -1.98 19.40 -0.77
N ILE B 250 -2.91 19.64 0.16
CA ILE B 250 -3.43 20.99 0.48
C ILE B 250 -3.17 21.12 1.98
N ILE B 251 -2.34 22.12 2.34
CA ILE B 251 -1.87 22.33 3.72
C ILE B 251 -2.21 23.70 4.30
N PRO B 252 -2.80 23.73 5.51
CA PRO B 252 -3.14 25.02 6.14
C PRO B 252 -1.82 25.78 6.27
N LYS B 253 -1.87 27.09 6.03
CA LYS B 253 -0.67 27.91 6.15
C LYS B 253 -0.41 28.23 7.64
N ASP B 254 -1.44 28.12 8.49
CA ASP B 254 -1.32 28.33 9.96
C ASP B 254 -0.90 26.98 10.59
N HIS B 255 -0.05 27.00 11.63
CA HIS B 255 0.37 25.74 12.26
C HIS B 255 -0.86 25.27 13.02
N SER B 256 -1.59 24.35 12.40
CA SER B 256 -2.86 23.83 12.96
C SER B 256 -2.86 22.32 13.16
N SER B 257 -3.32 21.87 14.33
CA SER B 257 -3.29 20.40 14.60
C SER B 257 -4.45 19.55 14.09
N HIS B 258 -5.64 19.88 14.55
CA HIS B 258 -6.84 19.17 14.24
C HIS B 258 -7.64 19.83 13.13
N PHE B 259 -7.96 19.04 12.12
CA PHE B 259 -8.77 19.49 11.01
C PHE B 259 -10.07 20.09 11.59
N HIS B 260 -10.59 19.44 12.63
CA HIS B 260 -11.87 19.83 13.21
C HIS B 260 -11.89 21.13 13.96
N HIS B 261 -10.76 21.84 13.98
CA HIS B 261 -10.71 23.15 14.62
C HIS B 261 -11.12 24.16 13.56
N LEU B 262 -11.33 23.65 12.36
CA LEU B 262 -11.76 24.47 11.23
C LEU B 262 -12.96 25.35 11.60
N ASP B 263 -12.82 26.66 11.42
CA ASP B 263 -13.90 27.60 11.67
C ASP B 263 -14.64 27.82 10.34
N ASP B 264 -15.86 28.37 10.39
CA ASP B 264 -16.57 28.63 9.12
C ASP B 264 -15.68 29.30 8.08
N VAL B 265 -15.22 30.51 8.37
CA VAL B 265 -14.37 31.21 7.44
C VAL B 265 -13.24 30.35 6.87
N LYS B 266 -12.61 29.54 7.71
CA LYS B 266 -11.57 28.71 7.18
C LYS B 266 -12.24 27.59 6.39
N ALA B 267 -13.40 27.15 6.85
CA ALA B 267 -14.13 26.10 6.16
C ALA B 267 -14.31 26.56 4.72
N VAL B 268 -14.85 27.76 4.57
CA VAL B 268 -15.10 28.31 3.27
C VAL B 268 -13.81 28.63 2.51
N ASP B 269 -12.66 28.69 3.18
CA ASP B 269 -11.43 28.95 2.44
C ASP B 269 -10.84 27.63 1.90
N LEU B 270 -11.01 26.55 2.63
CA LEU B 270 -10.51 25.27 2.18
C LEU B 270 -11.35 24.73 1.00
N GLY B 271 -12.60 25.15 0.93
CA GLY B 271 -13.48 24.70 -0.13
C GLY B 271 -13.03 25.27 -1.46
N GLY B 272 -12.82 26.58 -1.46
CA GLY B 272 -12.39 27.24 -2.68
C GLY B 272 -11.07 26.66 -3.21
N LEU B 273 -10.18 26.23 -2.30
CA LEU B 273 -8.92 25.71 -2.78
C LEU B 273 -8.97 24.19 -2.98
N LEU B 274 -9.93 23.52 -2.32
CA LEU B 274 -10.10 22.08 -2.49
C LEU B 274 -10.91 21.89 -3.80
N LYS B 275 -11.75 22.86 -4.16
CA LYS B 275 -12.52 22.74 -5.40
C LYS B 275 -11.58 23.04 -6.57
N LEU B 276 -10.79 24.12 -6.49
CA LEU B 276 -9.88 24.42 -7.60
C LEU B 276 -8.95 23.22 -7.85
N MET B 277 -8.52 22.58 -6.76
CA MET B 277 -7.61 21.44 -6.87
C MET B 277 -8.31 20.31 -7.58
N LEU B 278 -9.49 19.97 -7.10
CA LEU B 278 -10.19 18.88 -7.72
C LEU B 278 -10.69 19.18 -9.12
N GLN B 279 -10.86 20.45 -9.50
CA GLN B 279 -11.33 20.62 -10.88
C GLN B 279 -10.16 20.63 -11.82
N LYS B 280 -9.06 21.31 -11.42
CA LYS B 280 -7.86 21.38 -12.23
C LYS B 280 -7.39 19.92 -12.51
N ILE B 281 -7.18 19.13 -11.47
CA ILE B 281 -6.77 17.74 -11.69
C ILE B 281 -7.50 17.09 -12.86
N ALA B 282 -8.80 17.31 -12.94
CA ALA B 282 -9.63 16.71 -14.01
C ALA B 282 -9.28 17.18 -15.40
N LYS B 283 -9.09 18.48 -15.58
CA LYS B 283 -8.76 18.97 -16.91
C LYS B 283 -7.41 18.44 -17.36
N GLN B 284 -6.43 18.46 -16.48
CA GLN B 284 -5.13 17.95 -16.83
C GLN B 284 -5.13 16.42 -16.97
N LEU B 285 -5.74 15.72 -16.03
CA LEU B 285 -5.71 14.25 -16.04
C LEU B 285 -6.97 13.52 -16.56
N ASN B 286 -7.77 14.31 -17.26
CA ASN B 286 -9.04 13.91 -17.83
C ASN B 286 -10.00 13.22 -16.83
N ASP B 287 -10.33 13.96 -15.78
CA ASP B 287 -11.31 13.58 -14.76
C ASP B 287 -11.10 12.17 -14.24
N PRO B 288 -9.81 11.75 -14.09
CA PRO B 288 -9.52 10.40 -13.61
C PRO B 288 -10.20 10.01 -12.34
N PRO B 289 -10.24 8.70 -12.09
CA PRO B 289 -10.82 8.16 -10.86
C PRO B 289 -9.81 8.77 -9.83
N TYR B 290 -10.25 9.19 -8.64
CA TYR B 290 -9.31 9.77 -7.67
C TYR B 290 -9.60 9.45 -6.20
N ASN B 291 -8.63 9.81 -5.34
CA ASN B 291 -8.72 9.68 -3.88
C ASN B 291 -8.13 10.93 -3.19
N TYR B 292 -8.77 11.34 -2.10
CA TYR B 292 -8.30 12.43 -1.23
C TYR B 292 -8.69 12.05 0.22
N MET B 293 -7.86 12.41 1.19
CA MET B 293 -8.06 12.04 2.59
C MET B 293 -7.60 13.16 3.56
N ILE B 294 -8.06 13.12 4.82
CA ILE B 294 -7.61 14.11 5.78
C ILE B 294 -6.65 13.46 6.81
N HIS B 295 -5.43 14.02 6.91
CA HIS B 295 -4.41 13.56 7.85
C HIS B 295 -4.45 14.57 8.99
N THR B 296 -4.94 14.12 10.13
CA THR B 296 -5.13 14.97 11.30
C THR B 296 -4.51 14.24 12.45
N SER B 297 -4.49 14.89 13.61
CA SER B 297 -3.84 14.25 14.73
C SER B 297 -4.74 13.19 15.33
N PRO B 298 -4.18 12.38 16.25
CA PRO B 298 -4.92 11.33 16.95
C PRO B 298 -5.79 12.17 17.91
N LEU B 299 -7.03 11.74 18.15
CA LEU B 299 -7.91 12.50 19.02
C LEU B 299 -7.37 12.63 20.44
N LYS B 300 -6.51 11.68 20.85
CA LYS B 300 -5.92 11.74 22.18
C LYS B 300 -4.46 12.22 22.15
N VAL B 301 -4.13 13.05 21.17
CA VAL B 301 -2.76 13.58 21.05
C VAL B 301 -2.37 14.32 22.34
N THR B 302 -1.07 14.41 22.66
CA THR B 302 -0.68 15.08 23.89
C THR B 302 -0.18 16.49 23.60
N GLU B 303 -0.09 17.31 24.64
CA GLU B 303 0.43 18.66 24.40
C GLU B 303 1.86 18.62 23.84
N SER B 304 2.71 17.76 24.37
CA SER B 304 4.09 17.73 23.85
C SER B 304 4.17 17.46 22.38
N GLN B 305 3.11 16.90 21.80
CA GLN B 305 3.10 16.62 20.35
C GLN B 305 2.55 17.75 19.50
N LEU B 306 1.90 18.76 20.12
CA LEU B 306 1.29 19.81 19.28
C LEU B 306 2.24 20.74 18.51
N PRO B 307 3.46 21.01 19.06
CA PRO B 307 4.41 21.90 18.35
C PRO B 307 4.75 21.45 16.92
N TYR B 308 4.78 20.13 16.70
CA TYR B 308 5.10 19.59 15.38
C TYR B 308 3.97 18.76 14.75
N THR B 309 2.74 18.97 15.19
CA THR B 309 1.59 18.24 14.65
C THR B 309 0.71 19.30 13.95
N HIS B 310 0.56 19.15 12.64
CA HIS B 310 -0.12 20.11 11.72
C HIS B 310 -1.00 19.30 10.72
N TRP B 311 -2.30 19.23 10.97
CA TRP B 311 -3.23 18.45 10.10
C TRP B 311 -3.19 18.92 8.65
N PHE B 312 -3.51 18.04 7.69
CA PHE B 312 -3.63 18.41 6.24
C PHE B 312 -4.49 17.41 5.46
N LEU B 313 -4.79 17.72 4.19
CA LEU B 313 -5.60 16.84 3.35
C LEU B 313 -4.81 16.44 2.11
N GLN B 314 -4.71 15.12 1.91
CA GLN B 314 -3.98 14.50 0.80
C GLN B 314 -4.85 14.21 -0.39
N ILE B 315 -4.36 14.54 -1.57
CA ILE B 315 -5.10 14.24 -2.80
C ILE B 315 -4.17 13.51 -3.77
N VAL B 316 -4.58 12.26 -4.11
CA VAL B 316 -3.85 11.37 -4.99
C VAL B 316 -4.74 10.97 -6.17
N PRO B 317 -4.45 11.53 -7.36
CA PRO B 317 -5.23 11.18 -8.55
C PRO B 317 -4.86 9.71 -8.74
N GLN B 318 -5.59 8.95 -9.58
CA GLN B 318 -5.22 7.54 -9.81
C GLN B 318 -4.69 7.34 -11.22
N LEU B 319 -3.39 7.13 -11.32
CA LEU B 319 -2.72 7.00 -12.61
C LEU B 319 -1.96 5.70 -12.86
N SER B 320 -1.77 4.88 -11.83
CA SER B 320 -1.03 3.64 -12.03
C SER B 320 -1.20 2.71 -10.85
N GLY B 321 -0.72 1.46 -10.97
CA GLY B 321 -0.89 0.54 -9.85
C GLY B 321 0.46 0.06 -9.35
N VAL B 322 0.46 -1.01 -8.57
CA VAL B 322 1.76 -1.53 -8.05
C VAL B 322 1.99 -3.00 -8.41
N GLY B 323 3.17 -3.50 -8.05
CA GLY B 323 3.59 -4.86 -8.34
C GLY B 323 4.27 -5.42 -7.12
N GLY B 324 5.02 -6.50 -7.31
CA GLY B 324 5.69 -7.16 -6.20
C GLY B 324 6.70 -6.32 -5.43
N PHE B 325 7.33 -5.34 -6.07
CA PHE B 325 8.29 -4.52 -5.35
C PHE B 325 7.64 -3.76 -4.17
N GLU B 326 6.69 -2.90 -4.48
CA GLU B 326 5.98 -2.08 -3.51
C GLU B 326 5.30 -2.95 -2.45
N ILE B 327 4.71 -4.07 -2.88
CA ILE B 327 4.07 -4.90 -1.87
C ILE B 327 5.06 -5.39 -0.85
N GLY B 328 6.02 -6.17 -1.31
CA GLY B 328 7.00 -6.76 -0.39
C GLY B 328 7.93 -5.77 0.29
N THR B 329 7.89 -4.48 -0.10
CA THR B 329 8.82 -3.51 0.49
C THR B 329 8.25 -2.28 1.23
N GLY B 330 7.06 -1.82 0.85
CA GLY B 330 6.55 -0.61 1.50
C GLY B 330 7.28 0.65 1.00
N CYS B 331 8.04 0.50 -0.08
CA CYS B 331 8.72 1.64 -0.75
C CYS B 331 8.09 1.87 -2.15
N TYR B 332 7.69 3.10 -2.44
CA TYR B 332 7.07 3.40 -3.74
C TYR B 332 8.06 3.97 -4.76
N ILE B 333 7.67 3.87 -6.03
CA ILE B 333 8.46 4.38 -7.16
C ILE B 333 7.52 5.37 -7.85
N ASN B 334 8.02 6.59 -8.07
CA ASN B 334 7.20 7.67 -8.66
C ASN B 334 7.94 8.14 -9.90
N PRO B 335 7.25 8.19 -11.04
CA PRO B 335 7.92 8.64 -12.27
C PRO B 335 7.95 10.15 -12.45
N VAL B 336 7.07 10.90 -11.79
CA VAL B 336 7.07 12.35 -12.01
C VAL B 336 7.55 13.10 -10.78
N PHE B 337 8.65 13.84 -10.94
CA PHE B 337 9.22 14.59 -9.84
C PHE B 337 8.20 15.69 -9.52
N PRO B 338 8.05 16.00 -8.22
CA PRO B 338 7.09 17.04 -7.79
C PRO B 338 7.37 18.42 -8.40
N GLU B 339 8.64 18.79 -8.57
CA GLU B 339 8.96 20.07 -9.19
C GLU B 339 8.39 20.10 -10.60
N ASP B 340 8.41 18.95 -11.27
CA ASP B 340 7.92 18.86 -12.63
C ASP B 340 6.39 18.95 -12.60
N VAL B 341 5.78 18.21 -11.68
CA VAL B 341 4.34 18.29 -11.52
C VAL B 341 3.95 19.77 -11.37
N ALA B 342 4.34 20.38 -10.24
CA ALA B 342 3.97 21.78 -9.99
C ALA B 342 4.17 22.65 -11.24
N LYS B 343 5.22 22.38 -12.01
CA LYS B 343 5.47 23.19 -13.19
C LYS B 343 4.30 23.21 -14.19
N VAL B 344 3.68 22.06 -14.51
CA VAL B 344 2.54 22.07 -15.45
C VAL B 344 1.27 22.46 -14.68
N MET B 345 1.19 22.03 -13.43
CA MET B 345 0.04 22.31 -12.62
C MET B 345 -0.33 23.79 -12.46
N ARG B 346 0.67 24.61 -12.15
CA ARG B 346 0.45 26.05 -11.96
C ARG B 346 -0.09 26.69 -13.24
N GLU B 347 0.14 26.04 -14.38
CA GLU B 347 -0.27 26.57 -15.67
C GLU B 347 -1.67 26.19 -16.13
N VAL B 348 -2.20 25.09 -15.60
CA VAL B 348 -3.52 24.62 -16.01
C VAL B 348 -4.52 25.77 -16.14
N SER B 349 -5.22 25.81 -17.27
CA SER B 349 -6.19 26.88 -17.50
C SER B 349 -7.62 26.35 -17.39
N LEU B 350 -8.43 26.99 -16.55
CA LEU B 350 -9.82 26.53 -16.39
C LEU B 350 -10.84 27.45 -17.10
ZN ZN C . 8.86 -14.15 -24.78
ZN ZN D . 12.95 -18.39 13.62
P AMP E . 7.55 -8.47 -15.35
O1P AMP E . 7.25 -8.29 -13.82
O2P AMP E . 6.36 -8.01 -16.12
O5' AMP E . 8.74 -7.56 -15.97
C5' AMP E . 10.06 -7.61 -15.69
C4' AMP E . 10.93 -6.58 -16.46
O4' AMP E . 11.54 -6.80 -17.77
C3' AMP E . 10.48 -5.10 -16.44
O3' AMP E . 11.13 -4.43 -15.42
C2' AMP E . 10.82 -4.52 -17.84
O2' AMP E . 11.41 -3.21 -17.78
C1' AMP E . 11.80 -5.50 -18.34
N9 AMP E . 12.11 -5.59 -19.81
C8 AMP E . 11.30 -5.34 -20.90
N7 AMP E . 12.00 -5.57 -22.02
C5 AMP E . 13.26 -5.98 -21.67
C6 AMP E . 14.39 -6.36 -22.45
N6 AMP E . 14.34 -6.37 -23.77
N1 AMP E . 15.58 -6.76 -21.77
C2 AMP E . 15.65 -6.76 -20.38
N3 AMP E . 14.51 -6.37 -19.63
C4 AMP E . 13.34 -5.99 -20.29
C1 EDO F . -5.34 -15.08 4.70
O1 EDO F . -5.22 -15.72 3.43
C2 EDO F . -6.80 -14.73 4.94
O2 EDO F . -7.33 -14.02 3.82
C1 EDO G . 5.41 -8.37 5.87
O1 EDO G . 5.59 -7.02 5.41
C2 EDO G . 4.27 -9.01 5.07
O2 EDO G . 3.09 -8.20 5.17
C1 EDO H . -2.46 -6.20 -4.36
O1 EDO H . -2.17 -5.56 -5.62
C2 EDO H . -3.32 -7.47 -4.58
O2 EDO H . -4.72 -7.16 -4.41
ZN ZN I . -28.58 8.68 -6.13
ZN ZN J . 3.19 23.29 11.41
P AMP K . -18.85 4.65 -2.92
O1P AMP K . -17.69 5.26 -2.08
O2P AMP K . -18.32 4.02 -4.06
O5' AMP K . -19.84 3.62 -2.01
C5' AMP K . -20.53 4.16 -0.88
C4' AMP K . -20.68 3.43 0.48
O4' AMP K . -22.05 3.41 0.88
C3' AMP K . -20.17 1.99 0.70
O3' AMP K . -19.22 2.08 1.78
C2' AMP K . -21.44 1.18 1.13
O2' AMP K . -21.26 0.29 2.22
C1' AMP K . -22.44 2.23 1.49
N9 AMP K . -23.89 2.05 1.13
C8 AMP K . -24.44 1.55 -0.03
N7 AMP K . -25.81 1.60 0.08
C5 AMP K . -26.11 2.11 1.31
C6 AMP K . -27.34 2.39 1.94
N6 AMP K . -28.50 2.13 1.31
N1 AMP K . -27.29 2.94 3.25
C2 AMP K . -26.08 3.22 3.90
N3 AMP K . -24.88 2.93 3.26
C4 AMP K . -24.91 2.40 1.97
C1 EDO L . 4.01 14.99 -6.87
O1 EDO L . 3.18 15.43 -7.95
C2 EDO L . 5.14 14.08 -7.42
O2 EDO L . 4.69 13.33 -8.55
C1 EDO M . 0.91 10.72 4.60
O1 EDO M . 0.84 9.38 5.14
C2 EDO M . 0.63 10.69 3.09
O2 EDO M . 1.60 9.87 2.44
C1 EDO N . -2.33 5.63 -6.61
O1 EDO N . -2.32 4.94 -7.87
C2 EDO N . -3.58 5.27 -5.88
O2 EDO N . -4.66 5.47 -6.75
N SER A 22 -19.06 -11.06 12.15
CA SER A 22 -18.71 -9.79 12.88
C SER A 22 -17.27 -9.45 12.55
N PRO A 23 -16.96 -8.17 12.39
CA PRO A 23 -15.56 -7.83 12.06
C PRO A 23 -14.65 -7.98 13.28
N GLU A 24 -13.34 -8.06 13.03
CA GLU A 24 -12.33 -8.16 14.09
C GLU A 24 -11.12 -7.28 13.72
N LEU A 25 -10.26 -7.00 14.70
CA LEU A 25 -9.05 -6.24 14.46
C LEU A 25 -7.92 -7.16 14.91
N ARG A 26 -6.94 -7.40 14.01
CA ARG A 26 -5.80 -8.27 14.35
C ARG A 26 -4.43 -7.69 13.99
N LYS A 27 -3.40 -8.19 14.69
CA LYS A 27 -2.03 -7.74 14.47
C LYS A 27 -1.06 -8.88 14.74
N ASP A 28 0.09 -8.82 14.06
CA ASP A 28 1.12 -9.85 14.22
C ASP A 28 2.46 -9.10 14.23
N PRO A 29 3.50 -9.67 14.85
CA PRO A 29 4.79 -8.96 14.86
C PRO A 29 5.43 -8.78 13.48
N VAL A 30 5.20 -9.73 12.57
CA VAL A 30 5.84 -9.64 11.27
C VAL A 30 5.38 -8.38 10.51
N THR A 31 4.12 -7.98 10.69
CA THR A 31 3.61 -6.75 10.07
C THR A 31 3.64 -5.63 11.11
N ASN A 32 3.55 -6.02 12.38
CA ASN A 32 3.56 -5.09 13.53
C ASN A 32 2.53 -3.98 13.30
N ARG A 33 1.39 -4.35 12.70
CA ARG A 33 0.31 -3.42 12.47
C ARG A 33 -1.01 -4.17 12.53
N TRP A 34 -2.07 -3.42 12.82
CA TRP A 34 -3.42 -3.99 12.89
C TRP A 34 -4.01 -4.09 11.48
N VAL A 35 -4.96 -5.00 11.30
CA VAL A 35 -5.70 -5.12 10.05
C VAL A 35 -7.19 -5.35 10.44
N ILE A 36 -8.09 -4.53 9.92
CA ILE A 36 -9.49 -4.77 10.24
C ILE A 36 -10.04 -6.00 9.47
N PHE A 37 -10.69 -6.96 10.15
CA PHE A 37 -11.32 -8.06 9.42
C PHE A 37 -12.80 -7.69 9.37
N SER A 38 -13.40 -7.81 8.19
CA SER A 38 -14.77 -7.43 8.04
C SER A 38 -15.47 -8.29 6.97
N PRO A 39 -16.10 -9.38 7.40
CA PRO A 39 -16.80 -10.24 6.43
C PRO A 39 -17.88 -9.48 5.68
N ARG A 44 -19.27 -15.53 0.78
CA ARG A 44 -18.75 -16.84 1.18
C ARG A 44 -17.27 -16.97 0.77
N PRO A 45 -16.41 -17.45 1.68
CA PRO A 45 -14.98 -17.60 1.37
C PRO A 45 -14.74 -18.32 0.05
N THR A 46 -15.36 -19.47 -0.09
CA THR A 46 -15.21 -20.26 -1.30
C THR A 46 -15.84 -19.58 -2.52
N ASP A 47 -16.46 -18.43 -2.30
CA ASP A 47 -17.07 -17.67 -3.40
C ASP A 47 -16.13 -16.55 -3.90
N PHE A 48 -14.93 -16.44 -3.31
CA PHE A 48 -13.99 -15.41 -3.80
C PHE A 48 -13.34 -15.89 -5.09
N LYS A 49 -13.32 -15.02 -6.10
CA LYS A 49 -12.72 -15.40 -7.37
C LYS A 49 -12.08 -14.19 -8.04
N SER A 50 -11.15 -14.47 -8.96
CA SER A 50 -10.51 -13.40 -9.73
C SER A 50 -11.59 -12.50 -10.38
N LYS A 51 -11.32 -11.20 -10.44
CA LYS A 51 -12.24 -10.24 -11.05
C LYS A 51 -11.68 -9.56 -12.33
N SER A 52 -10.51 -10.00 -12.78
CA SER A 52 -9.87 -9.45 -13.99
C SER A 52 -10.63 -9.82 -15.25
N PRO A 60 1.71 -11.54 -26.76
CA PRO A 60 1.85 -12.11 -28.12
C PRO A 60 2.27 -13.58 -28.10
N SER A 61 2.92 -14.03 -29.17
CA SER A 61 3.35 -15.41 -29.24
C SER A 61 4.85 -15.56 -29.05
N SER A 62 5.56 -14.44 -29.12
CA SER A 62 7.02 -14.41 -28.99
C SER A 62 7.46 -13.10 -28.34
N CYS A 63 8.69 -13.05 -27.86
CA CYS A 63 9.21 -11.85 -27.23
C CYS A 63 10.70 -12.01 -27.00
N PRO A 64 11.40 -10.88 -26.82
CA PRO A 64 12.85 -10.86 -26.59
C PRO A 64 13.33 -11.86 -25.58
N PHE A 65 12.49 -12.15 -24.58
CA PHE A 65 12.90 -13.11 -23.54
C PHE A 65 12.96 -14.57 -24.06
N CYS A 66 12.38 -14.84 -25.22
CA CYS A 66 12.42 -16.20 -25.78
C CYS A 66 13.81 -16.64 -26.22
N ILE A 67 14.11 -17.94 -26.07
CA ILE A 67 15.42 -18.46 -26.41
C ILE A 67 15.71 -18.22 -27.90
N GLY A 68 16.96 -17.83 -28.18
CA GLY A 68 17.38 -17.52 -29.53
C GLY A 68 17.46 -16.01 -29.73
N ARG A 69 16.49 -15.30 -29.16
CA ARG A 69 16.36 -13.84 -29.27
C ARG A 69 17.12 -13.05 -28.20
N GLU A 70 18.18 -13.65 -27.67
CA GLU A 70 18.94 -13.02 -26.61
C GLU A 70 19.62 -11.68 -26.89
N GLN A 71 19.96 -11.40 -28.15
CA GLN A 71 20.60 -10.12 -28.43
C GLN A 71 19.61 -8.97 -28.28
N GLU A 72 18.34 -9.30 -28.07
CA GLU A 72 17.31 -8.28 -27.88
C GLU A 72 17.08 -7.90 -26.40
N CYS A 73 17.86 -8.48 -25.50
CA CYS A 73 17.72 -8.18 -24.06
C CYS A 73 18.91 -7.40 -23.48
N ALA A 74 18.66 -6.66 -22.40
CA ALA A 74 19.74 -5.95 -21.69
C ALA A 74 20.77 -7.03 -21.36
N PRO A 75 22.02 -6.65 -20.99
CA PRO A 75 23.12 -7.56 -20.65
C PRO A 75 22.86 -8.71 -19.66
N GLU A 76 23.35 -9.89 -20.02
CA GLU A 76 23.15 -11.08 -19.19
C GLU A 76 24.14 -11.09 -18.04
N LEU A 77 23.75 -11.74 -16.94
CA LEU A 77 24.57 -11.87 -15.74
C LEU A 77 24.94 -13.35 -15.68
N PHE A 78 23.99 -14.21 -16.00
CA PHE A 78 24.26 -15.64 -16.10
C PHE A 78 23.04 -16.41 -16.55
N ARG A 79 23.25 -17.71 -16.76
CA ARG A 79 22.17 -18.58 -17.21
C ARG A 79 22.39 -19.98 -16.64
N VAL A 80 21.34 -20.78 -16.75
CA VAL A 80 21.37 -22.16 -16.30
C VAL A 80 20.69 -23.00 -17.37
N PRO A 81 21.38 -24.03 -17.91
CA PRO A 81 22.75 -24.40 -17.54
C PRO A 81 23.66 -23.27 -18.00
N ASP A 82 24.69 -23.00 -17.21
CA ASP A 82 25.62 -21.94 -17.53
C ASP A 82 26.20 -21.99 -18.96
N HIS A 83 26.20 -20.82 -19.61
CA HIS A 83 26.67 -20.63 -20.98
C HIS A 83 26.15 -21.65 -22.02
N ASP A 84 25.31 -22.58 -21.57
CA ASP A 84 24.75 -23.57 -22.47
C ASP A 84 23.68 -22.88 -23.29
N PRO A 85 23.73 -23.04 -24.62
CA PRO A 85 22.76 -22.43 -25.52
C PRO A 85 21.30 -22.88 -25.31
N ASN A 86 21.10 -24.09 -24.80
CA ASN A 86 19.75 -24.61 -24.55
C ASN A 86 19.47 -24.35 -23.07
N TRP A 87 19.40 -23.08 -22.72
CA TRP A 87 19.19 -22.70 -21.31
C TRP A 87 17.79 -22.94 -20.75
N LYS A 88 17.72 -23.07 -19.42
CA LYS A 88 16.45 -23.29 -18.72
C LYS A 88 16.06 -21.98 -18.04
N LEU A 89 17.04 -21.21 -17.57
CA LEU A 89 16.76 -19.91 -16.96
C LEU A 89 17.93 -18.97 -17.28
N ARG A 90 17.63 -17.67 -17.28
CA ARG A 90 18.60 -16.62 -17.51
C ARG A 90 18.34 -15.50 -16.50
N VAL A 91 19.41 -14.87 -16.05
CA VAL A 91 19.33 -13.74 -15.17
C VAL A 91 20.06 -12.64 -15.96
N ILE A 92 19.43 -11.46 -16.04
CA ILE A 92 19.98 -10.34 -16.78
C ILE A 92 19.64 -8.99 -16.15
N GLU A 93 20.18 -7.93 -16.74
CA GLU A 93 19.90 -6.60 -16.23
C GLU A 93 18.58 -6.12 -16.79
N ASN A 94 17.88 -5.26 -16.05
CA ASN A 94 16.61 -4.70 -16.52
C ASN A 94 16.96 -3.56 -17.49
N LEU A 95 16.24 -3.48 -18.60
CA LEU A 95 16.45 -2.45 -19.62
C LEU A 95 16.01 -1.04 -19.16
N TYR A 96 15.01 -0.99 -18.29
CA TYR A 96 14.51 0.30 -17.75
C TYR A 96 14.55 0.16 -16.24
N PRO A 97 15.77 0.08 -15.70
CA PRO A 97 16.01 -0.09 -14.27
C PRO A 97 15.49 1.01 -13.35
N ALA A 98 14.68 0.62 -12.37
CA ALA A 98 14.16 1.58 -11.37
C ALA A 98 15.35 2.50 -11.04
N LEU A 99 16.24 2.02 -10.17
CA LEU A 99 17.46 2.72 -9.77
C LEU A 99 18.53 2.50 -10.83
N SER A 100 19.71 3.10 -10.62
CA SER A 100 20.81 3.05 -11.59
C SER A 100 22.15 2.51 -11.03
N ARG A 101 22.68 1.42 -11.60
CA ARG A 101 23.94 0.87 -11.11
C ARG A 101 25.12 1.82 -11.35
N ASN A 102 25.13 2.44 -12.54
CA ASN A 102 26.21 3.35 -12.87
C ASN A 102 26.24 4.58 -11.98
N LEU A 103 25.95 4.37 -10.70
CA LEU A 103 25.99 5.41 -9.68
C LEU A 103 26.49 4.86 -8.34
N GLU A 104 27.21 3.73 -8.32
CA GLU A 104 27.64 3.23 -7.00
C GLU A 104 28.60 4.13 -6.22
N THR A 105 29.48 4.85 -6.92
CA THR A 105 30.43 5.70 -6.24
C THR A 105 29.73 6.85 -5.51
N GLN A 106 28.66 7.40 -6.11
CA GLN A 106 27.93 8.49 -5.45
C GLN A 106 27.16 7.93 -4.25
N SER A 107 27.07 6.60 -4.22
CA SER A 107 26.46 5.81 -3.15
C SER A 107 24.96 5.61 -3.15
N ARG A 116 17.73 15.40 2.50
CA ARG A 116 16.37 14.97 2.15
C ARG A 116 16.37 13.86 1.09
N THR A 117 17.54 13.44 0.66
CA THR A 117 17.57 12.41 -0.38
C THR A 117 18.88 11.67 -0.44
N ILE A 118 18.98 10.74 -1.37
CA ILE A 118 20.22 10.00 -1.62
C ILE A 118 20.17 9.66 -3.10
N VAL A 119 21.35 9.42 -3.71
CA VAL A 119 21.40 9.13 -5.15
C VAL A 119 20.59 7.88 -5.41
N GLY A 120 20.02 7.82 -6.62
CA GLY A 120 19.19 6.69 -7.00
C GLY A 120 20.02 5.48 -7.45
N PHE A 121 21.02 5.16 -6.64
CA PHE A 121 21.85 4.00 -6.90
C PHE A 121 21.06 2.77 -6.46
N GLY A 122 21.19 1.71 -7.27
CA GLY A 122 20.59 0.44 -6.94
C GLY A 122 20.87 -0.46 -8.11
N PHE A 123 20.46 -1.72 -7.99
CA PHE A 123 20.57 -2.71 -9.08
C PHE A 123 19.15 -3.19 -9.36
N HIS A 124 18.82 -3.42 -10.62
CA HIS A 124 17.48 -3.89 -10.99
C HIS A 124 17.69 -4.93 -12.09
N ASP A 125 17.39 -6.20 -11.77
CA ASP A 125 17.60 -7.32 -12.71
C ASP A 125 16.31 -8.14 -12.92
N VAL A 126 16.31 -8.95 -13.99
CA VAL A 126 15.18 -9.81 -14.34
C VAL A 126 15.61 -11.27 -14.43
N VAL A 127 14.77 -12.15 -13.89
CA VAL A 127 15.07 -13.56 -13.98
C VAL A 127 14.10 -14.18 -14.98
N ILE A 128 14.59 -14.54 -16.16
CA ILE A 128 13.73 -15.17 -17.16
C ILE A 128 13.67 -16.64 -16.77
N GLU A 129 12.46 -17.07 -16.40
CA GLU A 129 12.19 -18.40 -15.84
C GLU A 129 12.01 -19.60 -16.74
N SER A 130 11.96 -19.38 -18.05
CA SER A 130 11.83 -20.49 -18.99
C SER A 130 12.31 -20.01 -20.36
N PRO A 131 12.75 -20.94 -21.19
CA PRO A 131 13.19 -20.51 -22.53
C PRO A 131 11.96 -20.42 -23.42
N VAL A 132 10.91 -21.13 -22.99
CA VAL A 132 9.65 -21.22 -23.73
C VAL A 132 8.77 -20.05 -23.36
N HIS A 133 8.13 -19.49 -24.37
CA HIS A 133 7.34 -18.30 -24.18
C HIS A 133 6.09 -18.28 -23.31
N SER A 134 5.21 -19.26 -23.49
CA SER A 134 3.94 -19.31 -22.79
C SER A 134 3.89 -20.10 -21.49
N ILE A 135 5.01 -20.70 -21.10
CA ILE A 135 4.97 -21.47 -19.86
C ILE A 135 4.94 -20.56 -18.59
N GLN A 136 3.90 -20.69 -17.75
CA GLN A 136 3.76 -19.87 -16.53
C GLN A 136 4.56 -20.59 -15.41
N LEU A 137 5.14 -19.81 -14.48
CA LEU A 137 5.94 -20.39 -13.41
C LEU A 137 5.30 -21.64 -12.80
N SER A 138 4.02 -21.56 -12.48
CA SER A 138 3.35 -22.69 -11.85
C SER A 138 3.27 -23.96 -12.70
N ASP A 139 3.56 -23.85 -14.01
CA ASP A 139 3.55 -24.99 -14.93
C ASP A 139 4.89 -25.74 -14.80
N ILE A 140 5.95 -25.00 -14.48
CA ILE A 140 7.28 -25.59 -14.35
C ILE A 140 7.28 -26.66 -13.27
N ASP A 141 8.18 -27.63 -13.38
CA ASP A 141 8.23 -28.72 -12.40
C ASP A 141 9.11 -28.33 -11.20
N PRO A 142 8.77 -28.81 -10.00
CA PRO A 142 9.56 -28.49 -8.80
C PRO A 142 11.05 -28.39 -9.03
N VAL A 143 11.65 -29.35 -9.74
CA VAL A 143 13.09 -29.26 -9.96
C VAL A 143 13.36 -27.93 -10.65
N GLY A 144 12.51 -27.60 -11.63
CA GLY A 144 12.69 -26.35 -12.36
C GLY A 144 12.44 -25.13 -11.50
N ILE A 145 11.55 -25.27 -10.52
CA ILE A 145 11.24 -24.16 -9.59
C ILE A 145 12.49 -24.03 -8.73
N GLY A 146 12.98 -25.16 -8.19
CA GLY A 146 14.19 -25.16 -7.42
C GLY A 146 15.28 -24.44 -8.21
N ASP A 147 15.24 -24.57 -9.54
CA ASP A 147 16.26 -23.87 -10.32
C ASP A 147 16.07 -22.35 -10.34
N ILE A 148 14.81 -21.90 -10.36
CA ILE A 148 14.50 -20.47 -10.33
C ILE A 148 14.81 -19.96 -8.92
N LEU A 149 14.75 -20.89 -7.98
CA LEU A 149 15.05 -20.55 -6.61
C LEU A 149 16.53 -20.31 -6.43
N ILE A 150 17.35 -21.23 -6.98
CA ILE A 150 18.80 -21.11 -6.85
C ILE A 150 19.25 -19.97 -7.79
N ALA A 151 18.38 -19.59 -8.72
CA ALA A 151 18.75 -18.47 -9.58
C ALA A 151 18.77 -17.20 -8.70
N TYR A 152 17.82 -17.10 -7.76
CA TYR A 152 17.80 -15.94 -6.89
C TYR A 152 19.09 -16.01 -6.03
N LYS A 153 19.28 -17.13 -5.36
CA LYS A 153 20.47 -17.30 -4.51
C LYS A 153 21.78 -16.86 -5.15
N LYS A 154 22.09 -17.43 -6.32
CA LYS A 154 23.34 -17.04 -6.97
C LYS A 154 23.43 -15.54 -7.24
N ARG A 155 22.39 -14.95 -7.84
CA ARG A 155 22.43 -13.52 -8.12
C ARG A 155 22.54 -12.72 -6.82
N ILE A 156 21.65 -12.98 -5.87
CA ILE A 156 21.72 -12.31 -4.58
C ILE A 156 23.15 -12.41 -4.07
N ASN A 157 23.72 -13.61 -4.00
CA ASN A 157 25.10 -13.76 -3.55
C ASN A 157 26.13 -12.92 -4.36
N GLN A 158 25.73 -12.42 -5.54
CA GLN A 158 26.58 -11.57 -6.39
C GLN A 158 26.52 -10.10 -5.99
N ILE A 159 25.29 -9.61 -5.89
CA ILE A 159 25.03 -8.22 -5.56
C ILE A 159 25.50 -7.99 -4.12
N ALA A 160 25.54 -9.08 -3.36
CA ALA A 160 25.96 -9.07 -1.98
C ALA A 160 27.41 -8.61 -1.77
N GLN A 161 28.18 -8.48 -2.85
CA GLN A 161 29.57 -8.03 -2.75
C GLN A 161 29.68 -6.51 -2.74
N HIS A 162 28.55 -5.82 -2.87
CA HIS A 162 28.50 -4.36 -2.87
C HIS A 162 28.02 -3.79 -1.52
N ASP A 163 28.97 -3.19 -0.81
CA ASP A 163 28.76 -2.61 0.51
C ASP A 163 27.77 -1.46 0.59
N SER A 164 27.40 -0.94 -0.56
CA SER A 164 26.43 0.13 -0.69
C SER A 164 24.98 -0.39 -0.66
N ILE A 165 24.79 -1.65 -1.08
CA ILE A 165 23.45 -2.28 -1.11
C ILE A 165 23.11 -2.73 0.29
N ASN A 166 21.87 -2.46 0.72
CA ASN A 166 21.43 -2.83 2.06
C ASN A 166 20.22 -3.77 2.12
N TYR A 167 19.49 -3.93 1.02
CA TYR A 167 18.34 -4.86 1.05
C TYR A 167 17.99 -5.30 -0.36
N ILE A 168 17.74 -6.59 -0.56
CA ILE A 168 17.36 -7.03 -1.93
C ILE A 168 15.96 -7.63 -1.97
N GLN A 169 15.10 -7.11 -2.86
CA GLN A 169 13.73 -7.65 -3.01
C GLN A 169 13.61 -8.53 -4.28
N VAL A 170 13.33 -9.81 -4.09
CA VAL A 170 13.13 -10.73 -5.22
C VAL A 170 11.60 -10.70 -5.31
N PHE A 171 11.04 -10.68 -6.52
CA PHE A 171 9.60 -10.66 -6.59
C PHE A 171 8.99 -10.94 -7.97
N LYS A 172 7.94 -11.75 -7.95
CA LYS A 172 7.19 -12.14 -9.14
C LYS A 172 5.86 -11.40 -9.20
N ASN A 173 5.31 -11.38 -10.41
CA ASN A 173 4.05 -10.74 -10.71
C ASN A 173 3.48 -11.50 -11.91
N GLN A 174 2.21 -11.91 -11.84
CA GLN A 174 1.60 -12.62 -12.96
C GLN A 174 0.33 -11.88 -13.35
N GLY A 175 0.12 -11.72 -14.65
CA GLY A 175 -1.04 -11.01 -15.13
C GLY A 175 -0.77 -9.52 -15.22
N ALA A 176 -1.19 -8.89 -16.32
CA ALA A 176 -0.91 -7.49 -16.49
C ALA A 176 -1.33 -6.58 -15.33
N SER A 177 -2.43 -6.93 -14.66
CA SER A 177 -2.97 -6.11 -13.58
C SER A 177 -2.28 -6.21 -12.22
N ALA A 178 -1.22 -7.01 -12.16
CA ALA A 178 -0.45 -7.14 -10.90
C ALA A 178 0.97 -6.62 -11.13
N GLY A 179 1.10 -5.75 -12.12
CA GLY A 179 2.38 -5.17 -12.44
C GLY A 179 3.22 -5.90 -13.48
N ALA A 180 2.62 -6.84 -14.20
CA ALA A 180 3.36 -7.55 -15.25
C ALA A 180 3.02 -6.87 -16.57
N SER A 181 4.05 -6.67 -17.38
CA SER A 181 3.87 -6.06 -18.69
C SER A 181 4.39 -7.00 -19.76
N MET A 182 5.18 -7.99 -19.34
CA MET A 182 5.76 -9.03 -20.24
C MET A 182 5.08 -10.37 -19.97
N SER A 183 4.54 -11.01 -21.01
CA SER A 183 3.83 -12.30 -20.89
C SER A 183 4.69 -13.54 -20.59
N HIS A 184 5.89 -13.59 -21.15
CA HIS A 184 6.83 -14.70 -20.93
C HIS A 184 7.04 -14.73 -19.41
N SER A 185 7.53 -15.85 -18.87
CA SER A 185 7.72 -15.90 -17.41
C SER A 185 9.00 -15.27 -16.84
N HIS A 186 8.85 -14.56 -15.72
CA HIS A 186 9.99 -13.92 -15.06
C HIS A 186 9.56 -13.42 -13.71
N SER A 187 10.56 -13.03 -12.93
CA SER A 187 10.35 -12.44 -11.60
C SER A 187 11.36 -11.33 -11.66
N GLN A 188 11.28 -10.37 -10.73
CA GLN A 188 12.20 -9.24 -10.74
C GLN A 188 13.05 -9.19 -9.47
N MET A 189 14.24 -8.60 -9.61
CA MET A 189 15.16 -8.40 -8.50
C MET A 189 15.57 -6.94 -8.42
N MET A 190 15.34 -6.33 -7.25
CA MET A 190 15.70 -4.93 -7.05
C MET A 190 16.64 -4.87 -5.86
N ALA A 191 17.86 -4.44 -6.11
CA ALA A 191 18.88 -4.31 -5.07
C ALA A 191 18.80 -2.85 -4.66
N LEU A 192 18.70 -2.60 -3.35
CA LEU A 192 18.53 -1.23 -2.88
C LEU A 192 19.56 -0.70 -1.90
N PRO A 193 19.87 0.60 -1.97
CA PRO A 193 20.83 1.20 -1.05
C PRO A 193 20.14 1.58 0.28
N VAL A 194 18.85 1.21 0.43
CA VAL A 194 18.07 1.50 1.63
C VAL A 194 17.28 0.26 2.14
N VAL A 195 17.16 0.09 3.48
CA VAL A 195 16.38 -0.99 4.08
C VAL A 195 15.00 -0.29 4.24
N PRO A 196 13.98 -0.72 3.46
CA PRO A 196 12.63 -0.12 3.49
C PRO A 196 11.76 -0.41 4.72
N PRO A 197 10.66 0.38 4.89
CA PRO A 197 9.66 0.36 5.97
C PRO A 197 9.17 -1.01 6.40
N THR A 198 8.98 -1.90 5.45
CA THR A 198 8.46 -3.18 5.92
C THR A 198 9.59 -3.93 6.55
N VAL A 199 10.78 -3.77 5.98
CA VAL A 199 11.92 -4.50 6.55
C VAL A 199 12.14 -4.03 7.99
N SER A 200 12.18 -2.73 8.22
CA SER A 200 12.38 -2.27 9.62
C SER A 200 11.12 -2.58 10.44
N SER A 201 9.94 -2.44 9.82
CA SER A 201 8.69 -2.74 10.54
C SER A 201 8.67 -4.16 11.06
N ARG A 202 9.04 -5.13 10.22
CA ARG A 202 9.07 -6.52 10.62
C ARG A 202 10.19 -6.66 11.68
N LEU A 203 11.33 -6.02 11.40
CA LEU A 203 12.46 -6.03 12.32
C LEU A 203 12.10 -5.51 13.70
N ASP A 204 11.26 -4.48 13.76
CA ASP A 204 10.84 -3.91 15.05
C ASP A 204 9.78 -4.76 15.76
N GLY A 205 8.85 -5.36 15.01
CA GLY A 205 7.82 -6.19 15.65
C GLY A 205 8.26 -7.54 16.21
N THR A 206 9.10 -8.25 15.46
CA THR A 206 9.59 -9.57 15.89
C THR A 206 10.59 -9.43 17.05
N LYS A 207 11.25 -8.27 17.14
CA LYS A 207 12.19 -8.02 18.26
C LYS A 207 11.30 -7.80 19.53
N ASP A 208 10.27 -6.97 19.38
CA ASP A 208 9.39 -6.67 20.54
C ASP A 208 8.69 -7.94 20.99
N TYR A 209 8.36 -8.79 20.01
CA TYR A 209 7.69 -10.05 20.36
C TYR A 209 8.65 -11.01 21.05
N PHE A 210 9.84 -11.15 20.48
CA PHE A 210 10.87 -12.03 21.04
C PHE A 210 11.23 -11.60 22.46
N GLU A 211 11.46 -10.30 22.63
CA GLU A 211 11.83 -9.76 23.93
C GLU A 211 10.75 -10.01 24.96
N GLU A 212 9.50 -9.98 24.51
CA GLU A 212 8.41 -10.18 25.41
C GLU A 212 8.10 -11.65 25.66
N THR A 213 8.55 -12.55 24.77
CA THR A 213 8.21 -13.97 24.87
C THR A 213 9.31 -15.00 24.80
N GLY A 214 10.49 -14.58 24.33
CA GLY A 214 11.59 -15.49 24.19
C GLY A 214 11.42 -16.36 22.97
N LYS A 215 10.47 -16.03 22.09
CA LYS A 215 10.25 -16.87 20.90
C LYS A 215 10.35 -16.15 19.56
N CYS A 216 10.72 -16.90 18.51
CA CYS A 216 10.77 -16.37 17.14
C CYS A 216 9.30 -16.60 16.75
N CYS A 217 8.53 -15.53 16.55
CA CYS A 217 7.11 -15.67 16.23
C CYS A 217 6.78 -16.52 15.01
N LEU A 218 7.53 -16.36 13.91
CA LEU A 218 7.24 -17.18 12.74
C LEU A 218 7.60 -18.61 13.06
N CYS A 219 8.55 -18.81 13.97
CA CYS A 219 8.87 -20.19 14.33
C CYS A 219 7.66 -20.83 15.02
N GLU A 220 6.80 -20.01 15.61
CA GLU A 220 5.61 -20.55 16.25
C GLU A 220 4.48 -20.59 15.18
N ALA A 221 4.88 -20.49 13.92
CA ALA A 221 3.91 -20.41 12.81
C ALA A 221 2.81 -21.48 12.83
N LYS A 222 3.20 -22.74 12.99
CA LYS A 222 2.19 -23.80 12.98
C LYS A 222 1.23 -23.66 14.11
N SER A 223 1.67 -23.00 15.18
CA SER A 223 0.75 -22.76 16.29
C SER A 223 0.08 -21.38 16.23
N LYS A 224 0.74 -20.40 15.65
CA LYS A 224 0.15 -19.06 15.61
C LYS A 224 -0.66 -18.86 14.31
N HIS A 225 -0.04 -19.20 13.18
CA HIS A 225 -0.69 -19.08 11.88
C HIS A 225 -1.46 -20.36 11.50
N PHE A 226 -2.19 -20.37 10.38
CA PHE A 226 -2.98 -21.56 10.05
C PHE A 226 -2.45 -22.35 8.85
N VAL A 227 -1.91 -23.52 9.17
CA VAL A 227 -1.27 -24.39 8.19
C VAL A 227 -2.12 -24.97 7.07
N ILE A 228 -1.57 -24.97 5.86
CA ILE A 228 -2.27 -25.49 4.69
C ILE A 228 -1.60 -26.73 4.11
N ASP A 229 -0.27 -26.71 4.07
CA ASP A 229 0.52 -27.82 3.53
C ASP A 229 1.98 -27.76 4.01
N GLU A 230 2.64 -28.91 4.02
CA GLU A 230 4.02 -28.97 4.54
C GLU A 230 4.86 -29.82 3.60
N SER A 231 6.07 -29.38 3.29
CA SER A 231 6.96 -30.17 2.44
C SER A 231 8.06 -30.59 3.42
N SER A 232 9.20 -31.05 2.94
CA SER A 232 10.25 -31.48 3.85
C SER A 232 11.02 -30.36 4.55
N HIS A 233 10.80 -29.11 4.14
CA HIS A 233 11.50 -27.98 4.75
C HIS A 233 10.74 -26.63 4.90
N PHE A 234 9.41 -26.66 4.87
CA PHE A 234 8.59 -25.42 4.97
C PHE A 234 7.16 -25.65 5.52
N VAL A 235 6.49 -24.58 5.98
CA VAL A 235 5.13 -24.73 6.48
C VAL A 235 4.27 -23.54 6.00
N SER A 236 3.44 -23.81 4.96
CA SER A 236 2.57 -22.75 4.41
C SER A 236 1.37 -22.55 5.28
N VAL A 237 1.00 -21.29 5.48
CA VAL A 237 -0.13 -20.98 6.35
C VAL A 237 -0.96 -19.83 5.79
N ALA A 238 -2.15 -19.68 6.38
CA ALA A 238 -3.02 -18.53 6.09
C ALA A 238 -2.64 -17.70 7.35
N PRO A 239 -1.92 -16.56 7.16
CA PRO A 239 -1.48 -15.69 8.28
C PRO A 239 -2.60 -15.18 9.16
N PHE A 240 -2.40 -15.30 10.45
CA PHE A 240 -3.38 -14.84 11.45
C PHE A 240 -3.94 -13.44 11.17
N ALA A 241 -3.09 -12.48 10.81
CA ALA A 241 -3.61 -11.12 10.53
C ALA A 241 -3.14 -10.69 9.15
N ALA A 242 -3.20 -11.64 8.23
CA ALA A 242 -2.75 -11.43 6.85
C ALA A 242 -3.38 -10.19 6.27
N THR A 243 -2.54 -9.45 5.57
CA THR A 243 -2.99 -8.20 4.99
C THR A 243 -4.05 -8.40 3.91
N TYR A 244 -3.93 -9.46 3.09
CA TYR A 244 -4.86 -9.62 1.94
C TYR A 244 -5.70 -10.92 2.03
N PRO A 245 -6.95 -10.93 1.47
CA PRO A 245 -7.77 -12.16 1.55
C PRO A 245 -7.20 -13.28 0.67
N PHE A 246 -7.06 -14.49 1.24
CA PHE A 246 -6.50 -15.63 0.50
C PHE A 246 -4.99 -15.53 0.27
N GLU A 247 -4.35 -14.68 1.05
CA GLU A 247 -2.88 -14.59 1.04
C GLU A 247 -2.41 -15.96 1.63
N ILE A 248 -1.12 -16.23 1.42
CA ILE A 248 -0.46 -17.44 1.90
C ILE A 248 1.01 -17.10 2.09
N TRP A 249 1.61 -17.48 3.24
CA TRP A 249 3.05 -17.26 3.47
C TRP A 249 3.62 -18.69 3.55
N ILE A 250 4.79 -18.90 2.91
CA ILE A 250 5.49 -20.19 2.99
C ILE A 250 6.68 -19.85 3.91
N ILE A 251 6.89 -20.71 4.93
CA ILE A 251 7.85 -20.44 5.99
C ILE A 251 8.90 -21.48 6.27
N PRO A 252 10.12 -21.04 6.59
CA PRO A 252 11.20 -22.00 6.90
C PRO A 252 10.82 -22.76 8.16
N LYS A 253 10.79 -24.09 8.10
CA LYS A 253 10.45 -24.87 9.28
C LYS A 253 11.59 -24.79 10.28
N ASP A 254 12.70 -24.21 9.86
CA ASP A 254 13.88 -24.04 10.72
C ASP A 254 14.14 -22.55 10.88
N HIS A 255 14.51 -22.11 12.09
CA HIS A 255 14.79 -20.69 12.30
C HIS A 255 15.94 -20.27 11.38
N SER A 256 15.61 -19.43 10.39
CA SER A 256 16.59 -19.04 9.40
C SER A 256 16.44 -17.57 9.14
N SER A 257 17.56 -16.84 9.16
CA SER A 257 17.48 -15.38 8.96
C SER A 257 17.53 -14.92 7.52
N HIS A 258 18.31 -15.64 6.72
CA HIS A 258 18.54 -15.30 5.30
C HIS A 258 17.97 -16.27 4.30
N PHE A 259 17.33 -15.73 3.29
CA PHE A 259 16.80 -16.56 2.22
C PHE A 259 17.97 -17.31 1.53
N HIS A 260 18.96 -16.56 1.06
CA HIS A 260 20.07 -17.17 0.31
C HIS A 260 20.87 -18.24 1.04
N HIS A 261 20.66 -18.42 2.33
CA HIS A 261 21.34 -19.50 3.02
C HIS A 261 20.66 -20.83 2.66
N LEU A 262 19.55 -20.76 1.92
CA LEU A 262 18.86 -21.99 1.47
C LEU A 262 19.85 -22.92 0.70
N ASP A 263 19.69 -24.25 0.82
CA ASP A 263 20.57 -25.16 0.06
C ASP A 263 19.78 -25.80 -1.09
N ASP A 264 20.41 -26.62 -1.91
CA ASP A 264 19.69 -27.20 -3.07
C ASP A 264 18.53 -28.11 -2.78
N VAL A 265 18.64 -28.91 -1.72
CA VAL A 265 17.56 -29.83 -1.41
C VAL A 265 16.30 -29.08 -0.96
N LYS A 266 16.49 -28.09 -0.10
CA LYS A 266 15.36 -27.33 0.41
C LYS A 266 14.66 -26.53 -0.71
N ALA A 267 15.37 -26.31 -1.81
CA ALA A 267 14.83 -25.53 -2.94
C ALA A 267 13.73 -26.27 -3.74
N VAL A 268 14.08 -27.49 -4.18
CA VAL A 268 13.17 -28.31 -4.95
C VAL A 268 11.96 -28.58 -4.04
N ASP A 269 12.25 -28.75 -2.76
CA ASP A 269 11.23 -28.99 -1.74
C ASP A 269 10.35 -27.71 -1.58
N LEU A 270 10.99 -26.53 -1.46
CA LEU A 270 10.20 -25.28 -1.35
C LEU A 270 9.48 -25.06 -2.69
N GLY A 271 10.15 -25.50 -3.76
CA GLY A 271 9.56 -25.34 -5.08
C GLY A 271 8.24 -26.09 -5.18
N GLY A 272 8.25 -27.36 -4.75
CA GLY A 272 7.01 -28.13 -4.81
C GLY A 272 5.85 -27.52 -4.03
N LEU A 273 6.17 -26.93 -2.88
CA LEU A 273 5.13 -26.33 -2.06
C LEU A 273 4.64 -25.01 -2.67
N LEU A 274 5.55 -24.29 -3.35
CA LEU A 274 5.24 -23.03 -4.03
C LEU A 274 4.34 -23.45 -5.20
N LYS A 275 4.75 -24.49 -5.91
CA LYS A 275 3.95 -25.03 -7.01
C LYS A 275 2.48 -25.25 -6.55
N LEU A 276 2.34 -26.07 -5.52
CA LEU A 276 1.04 -26.44 -4.94
C LEU A 276 0.17 -25.22 -4.56
N MET A 277 0.71 -24.33 -3.71
CA MET A 277 -0.05 -23.15 -3.31
C MET A 277 -0.52 -22.43 -4.57
N LEU A 278 0.38 -22.28 -5.54
CA LEU A 278 -0.04 -21.60 -6.75
C LEU A 278 -1.07 -22.46 -7.50
N GLN A 279 -0.85 -23.76 -7.60
CA GLN A 279 -1.83 -24.58 -8.33
C GLN A 279 -3.19 -24.61 -7.61
N LYS A 280 -3.16 -24.58 -6.28
CA LYS A 280 -4.41 -24.57 -5.49
C LYS A 280 -5.03 -23.18 -5.64
N ILE A 281 -4.20 -22.12 -5.56
CA ILE A 281 -4.75 -20.77 -5.72
C ILE A 281 -5.38 -20.71 -7.13
N ALA A 282 -4.67 -21.23 -8.13
CA ALA A 282 -5.19 -21.18 -9.51
C ALA A 282 -6.54 -21.90 -9.56
N LYS A 283 -6.69 -22.96 -8.79
CA LYS A 283 -7.99 -23.64 -8.79
C LYS A 283 -9.09 -22.88 -8.03
N GLN A 284 -8.79 -22.44 -6.82
CA GLN A 284 -9.81 -21.82 -5.99
C GLN A 284 -10.34 -20.47 -6.42
N LEU A 285 -9.46 -19.65 -7.02
CA LEU A 285 -9.82 -18.28 -7.39
C LEU A 285 -9.80 -17.97 -8.88
N ASN A 286 -9.95 -19.02 -9.68
CA ASN A 286 -9.96 -18.92 -11.14
C ASN A 286 -8.75 -18.15 -11.73
N ASP A 287 -7.56 -18.69 -11.48
CA ASP A 287 -6.30 -18.16 -12.00
C ASP A 287 -6.16 -16.62 -11.96
N PRO A 288 -6.28 -16.01 -10.75
CA PRO A 288 -6.17 -14.55 -10.63
C PRO A 288 -4.76 -14.05 -10.94
N PRO A 289 -4.59 -12.71 -10.93
CA PRO A 289 -3.27 -12.11 -11.16
C PRO A 289 -2.73 -12.34 -9.73
N TYR A 290 -1.42 -12.46 -9.55
CA TYR A 290 -0.92 -12.65 -8.20
C TYR A 290 0.49 -12.08 -8.24
N ASN A 291 1.06 -11.81 -7.06
CA ASN A 291 2.43 -11.36 -7.00
C ASN A 291 2.92 -12.12 -5.78
N TYR A 292 4.16 -12.62 -5.84
CA TYR A 292 4.74 -13.16 -4.60
C TYR A 292 6.01 -12.36 -4.28
N MET A 293 6.38 -12.35 -3.00
CA MET A 293 7.51 -11.55 -2.54
C MET A 293 8.33 -12.36 -1.55
N ILE A 294 9.66 -12.37 -1.70
CA ILE A 294 10.48 -13.06 -0.70
C ILE A 294 10.87 -12.01 0.35
N HIS A 295 10.54 -12.32 1.62
CA HIS A 295 10.85 -11.45 2.76
C HIS A 295 12.05 -12.03 3.47
N THR A 296 13.12 -11.26 3.62
CA THR A 296 14.32 -11.79 4.17
C THR A 296 14.97 -10.76 5.09
N SER A 297 16.16 -11.08 5.56
CA SER A 297 16.81 -10.17 6.47
C SER A 297 17.65 -9.12 5.73
N PRO A 298 17.96 -8.02 6.43
CA PRO A 298 18.80 -6.93 5.89
C PRO A 298 20.19 -7.58 5.72
N LEU A 299 20.94 -7.17 4.70
CA LEU A 299 22.28 -7.75 4.47
C LEU A 299 23.28 -7.40 5.60
N LYS A 300 23.10 -6.25 6.26
CA LYS A 300 24.01 -5.88 7.34
C LYS A 300 23.35 -6.17 8.68
N VAL A 301 22.54 -7.22 8.71
CA VAL A 301 21.82 -7.61 9.89
C VAL A 301 22.85 -7.84 11.00
N THR A 302 22.43 -7.60 12.24
CA THR A 302 23.32 -7.78 13.37
C THR A 302 23.10 -9.09 14.09
N GLU A 303 24.15 -9.55 14.77
CA GLU A 303 24.02 -10.79 15.51
C GLU A 303 22.84 -10.72 16.47
N SER A 304 22.70 -9.57 17.15
CA SER A 304 21.59 -9.43 18.10
C SER A 304 20.21 -9.58 17.46
N GLN A 305 20.06 -9.17 16.20
CA GLN A 305 18.77 -9.31 15.53
C GLN A 305 18.49 -10.76 15.09
N LEU A 306 19.55 -11.54 14.89
CA LEU A 306 19.38 -12.91 14.37
C LEU A 306 18.40 -13.89 15.01
N PRO A 307 18.14 -13.81 16.35
CA PRO A 307 17.20 -14.77 17.02
C PRO A 307 15.72 -14.66 16.66
N TYR A 308 15.34 -13.46 16.22
CA TYR A 308 13.96 -13.18 15.83
C TYR A 308 13.82 -12.84 14.34
N THR A 309 14.92 -12.93 13.58
CA THR A 309 14.84 -12.62 12.13
C THR A 309 14.68 -13.98 11.43
N HIS A 310 13.59 -14.14 10.67
CA HIS A 310 13.24 -15.45 10.06
C HIS A 310 12.61 -15.11 8.70
N TRP A 311 13.24 -15.55 7.61
CA TRP A 311 12.72 -15.16 6.28
C TRP A 311 11.50 -15.99 5.87
N PHE A 312 10.83 -15.59 4.80
CA PHE A 312 9.70 -16.36 4.28
C PHE A 312 9.28 -15.79 2.95
N LEU A 313 8.37 -16.49 2.27
CA LEU A 313 7.88 -16.05 0.98
C LEU A 313 6.39 -15.74 1.11
N GLN A 314 6.02 -14.52 0.71
CA GLN A 314 4.64 -14.06 0.81
C GLN A 314 3.99 -14.11 -0.57
N ILE A 315 2.85 -14.80 -0.72
CA ILE A 315 2.13 -14.87 -2.00
C ILE A 315 0.85 -14.04 -1.85
N VAL A 316 0.60 -13.12 -2.78
CA VAL A 316 -0.61 -12.33 -2.70
C VAL A 316 -1.42 -12.42 -4.00
N PRO A 317 -2.53 -13.18 -3.98
CA PRO A 317 -3.37 -13.28 -5.18
C PRO A 317 -4.12 -11.95 -5.34
N GLN A 318 -4.28 -11.46 -6.58
CA GLN A 318 -4.98 -10.18 -6.80
C GLN A 318 -6.49 -10.33 -6.81
N LEU A 319 -7.15 -9.89 -5.74
CA LEU A 319 -8.59 -10.05 -5.63
C LEU A 319 -9.34 -8.75 -5.35
N SER A 320 -8.58 -7.68 -5.07
CA SER A 320 -9.16 -6.38 -4.75
C SER A 320 -8.23 -5.20 -5.01
N GLY A 321 -8.63 -4.03 -4.51
CA GLY A 321 -7.81 -2.84 -4.70
C GLY A 321 -8.05 -1.85 -3.58
N VAL A 322 -7.14 -0.92 -3.36
CA VAL A 322 -7.30 0.06 -2.30
C VAL A 322 -7.98 1.32 -2.81
N GLY A 323 -8.62 2.01 -1.87
CA GLY A 323 -9.30 3.24 -2.18
C GLY A 323 -8.88 4.18 -1.09
N GLY A 324 -9.67 5.22 -0.89
CA GLY A 324 -9.33 6.23 0.09
C GLY A 324 -8.94 5.73 1.46
N PHE A 325 -9.76 4.89 2.07
CA PHE A 325 -9.38 4.44 3.42
C PHE A 325 -8.02 3.73 3.50
N GLU A 326 -7.62 3.07 2.42
CA GLU A 326 -6.35 2.32 2.41
C GLU A 326 -5.08 3.16 2.28
N ILE A 327 -5.03 3.93 1.22
CA ILE A 327 -3.93 4.85 1.00
C ILE A 327 -3.98 5.67 2.30
N GLY A 328 -5.19 5.90 2.78
CA GLY A 328 -5.36 6.69 3.99
C GLY A 328 -4.71 6.17 5.26
N THR A 329 -5.11 5.00 5.70
CA THR A 329 -4.58 4.50 6.98
C THR A 329 -3.38 3.58 6.92
N GLY A 330 -3.10 2.97 5.77
CA GLY A 330 -2.00 2.02 5.71
C GLY A 330 -2.50 0.79 6.45
N CYS A 331 -3.74 0.88 6.93
CA CYS A 331 -4.44 -0.15 7.68
C CYS A 331 -5.48 -0.86 6.77
N TYR A 332 -5.18 -2.07 6.32
CA TYR A 332 -6.13 -2.77 5.43
C TYR A 332 -7.43 -3.27 6.15
N ILE A 333 -8.45 -3.52 5.34
CA ILE A 333 -9.80 -4.01 5.72
C ILE A 333 -10.01 -5.35 5.01
N ASN A 334 -9.62 -6.42 5.70
CA ASN A 334 -9.63 -7.78 5.19
C ASN A 334 -10.98 -8.44 5.32
N PRO A 335 -11.61 -8.83 4.17
CA PRO A 335 -12.94 -9.45 4.22
C PRO A 335 -13.09 -10.84 4.72
N VAL A 336 -12.04 -11.68 4.63
CA VAL A 336 -12.19 -13.08 5.03
C VAL A 336 -11.06 -13.46 6.00
N PHE A 337 -11.41 -14.13 7.07
CA PHE A 337 -10.38 -14.51 8.03
C PHE A 337 -9.51 -15.62 7.47
N PRO A 338 -8.24 -15.65 7.87
CA PRO A 338 -7.32 -16.68 7.37
C PRO A 338 -7.74 -18.10 7.76
N GLU A 339 -8.36 -18.28 8.93
CA GLU A 339 -8.82 -19.60 9.32
C GLU A 339 -9.80 -20.13 8.29
N ASP A 340 -10.57 -19.23 7.67
CA ASP A 340 -11.53 -19.67 6.67
C ASP A 340 -10.86 -19.88 5.33
N VAL A 341 -9.72 -19.21 5.13
CA VAL A 341 -9.01 -19.36 3.87
C VAL A 341 -8.30 -20.70 3.97
N ALA A 342 -7.90 -21.07 5.19
CA ALA A 342 -7.15 -22.34 5.35
C ALA A 342 -8.01 -23.59 5.12
N LYS A 343 -9.21 -23.60 5.69
CA LYS A 343 -10.12 -24.73 5.52
C LYS A 343 -10.33 -24.98 4.04
N VAL A 344 -10.46 -23.89 3.28
CA VAL A 344 -10.71 -23.99 1.85
C VAL A 344 -9.55 -24.56 1.05
N MET A 345 -8.41 -23.93 1.18
CA MET A 345 -7.21 -24.29 0.44
C MET A 345 -6.66 -25.65 0.88
N ARG A 346 -6.92 -26.04 2.12
CA ARG A 346 -6.47 -27.33 2.57
C ARG A 346 -7.26 -28.39 1.80
N GLU A 347 -8.53 -28.10 1.51
CA GLU A 347 -9.39 -29.06 0.80
C GLU A 347 -9.32 -28.99 -0.74
N VAL A 348 -8.48 -28.10 -1.26
CA VAL A 348 -8.33 -28.00 -2.71
C VAL A 348 -7.63 -29.22 -3.32
N SER A 349 -8.32 -29.93 -4.23
CA SER A 349 -7.71 -31.08 -4.90
C SER A 349 -7.28 -30.62 -6.29
N LEU A 350 -6.23 -31.25 -6.83
CA LEU A 350 -5.75 -30.91 -8.19
C LEU A 350 -5.85 -32.12 -9.13
N THR A 351 -6.85 -32.97 -8.90
CA THR A 351 -7.12 -34.16 -9.72
C THR A 351 -8.56 -34.10 -10.31
N GLN B 21 15.19 12.74 -15.79
CA GLN B 21 16.31 13.11 -14.88
C GLN B 21 16.96 11.88 -14.23
N SER B 22 17.69 12.13 -13.15
CA SER B 22 18.45 11.10 -12.41
C SER B 22 17.65 10.40 -11.29
N PRO B 23 17.46 9.06 -11.36
CA PRO B 23 16.70 8.48 -10.26
C PRO B 23 17.34 8.81 -8.91
N GLU B 24 16.53 8.92 -7.86
CA GLU B 24 16.97 9.27 -6.51
C GLU B 24 15.93 8.70 -5.55
N LEU B 25 16.22 8.81 -4.26
CA LEU B 25 15.30 8.39 -3.19
C LEU B 25 15.21 9.62 -2.30
N ARG B 26 14.00 10.16 -2.20
CA ARG B 26 13.73 11.35 -1.40
C ARG B 26 12.86 10.94 -0.24
N LYS B 27 12.96 11.68 0.85
CA LYS B 27 12.22 11.33 2.07
C LYS B 27 11.75 12.61 2.74
N ASP B 28 10.70 12.50 3.56
CA ASP B 28 10.17 13.68 4.26
C ASP B 28 9.62 13.17 5.59
N PRO B 29 9.65 14.03 6.62
CA PRO B 29 9.16 13.61 7.95
C PRO B 29 7.68 13.20 7.93
N VAL B 30 6.89 13.83 7.05
CA VAL B 30 5.46 13.55 6.96
C VAL B 30 5.25 12.09 6.61
N THR B 31 5.97 11.58 5.62
CA THR B 31 5.80 10.15 5.31
C THR B 31 6.80 9.34 6.12
N ASN B 32 7.92 9.95 6.44
CA ASN B 32 9.02 9.31 7.21
C ASN B 32 9.50 8.03 6.49
N ARG B 33 9.43 8.03 5.17
CA ARG B 33 9.90 6.88 4.41
C ARG B 33 10.52 7.35 3.13
N TRP B 34 11.31 6.48 2.51
CA TRP B 34 11.89 6.81 1.21
C TRP B 34 10.90 6.36 0.14
N VAL B 35 10.90 7.06 -0.99
CA VAL B 35 10.11 6.73 -2.15
C VAL B 35 11.12 6.68 -3.35
N ILE B 36 10.88 5.80 -4.31
CA ILE B 36 11.77 5.78 -5.45
C ILE B 36 11.23 6.64 -6.60
N PHE B 37 11.98 7.68 -6.98
CA PHE B 37 11.64 8.54 -8.12
C PHE B 37 12.49 8.03 -9.27
N SER B 38 11.84 7.47 -10.29
CA SER B 38 12.54 6.92 -11.45
C SER B 38 11.84 7.45 -12.68
N PRO B 39 12.32 8.58 -13.23
CA PRO B 39 11.67 9.14 -14.42
C PRO B 39 12.21 8.44 -15.66
N THR B 46 4.20 15.34 -18.07
CA THR B 46 3.31 16.30 -18.73
C THR B 46 2.25 15.62 -19.59
N ASP B 47 2.45 14.34 -19.90
CA ASP B 47 1.51 13.58 -20.71
C ASP B 47 0.89 12.42 -19.91
N PHE B 48 0.85 12.57 -18.59
CA PHE B 48 0.27 11.56 -17.72
C PHE B 48 -1.23 11.79 -17.66
N LYS B 49 -2.01 10.75 -17.95
CA LYS B 49 -3.46 10.86 -17.90
C LYS B 49 -4.09 9.61 -17.32
N SER B 50 -5.40 9.64 -17.10
CA SER B 50 -6.11 8.49 -16.55
C SER B 50 -5.74 7.20 -17.30
N SER B 62 -30.85 7.83 -11.97
CA SER B 62 -30.90 7.99 -10.53
C SER B 62 -30.27 6.79 -9.80
N CYS B 63 -30.30 6.82 -8.46
CA CYS B 63 -29.76 5.76 -7.63
C CYS B 63 -30.29 6.03 -6.24
N PRO B 64 -29.96 5.16 -5.27
CA PRO B 64 -30.40 5.27 -3.88
C PRO B 64 -30.05 6.55 -3.11
N PHE B 65 -28.99 7.24 -3.53
CA PHE B 65 -28.57 8.47 -2.86
C PHE B 65 -29.28 9.71 -3.41
N CYS B 66 -30.09 9.51 -4.44
CA CYS B 66 -30.79 10.63 -5.07
C CYS B 66 -32.07 11.17 -4.45
N ILE B 67 -32.53 12.27 -5.03
CA ILE B 67 -33.76 12.91 -4.62
C ILE B 67 -34.87 11.90 -4.57
N GLY B 68 -35.48 11.74 -3.40
CA GLY B 68 -36.61 10.83 -3.27
C GLY B 68 -36.23 9.36 -3.32
N ARG B 69 -35.17 9.01 -2.61
CA ARG B 69 -34.71 7.63 -2.54
C ARG B 69 -34.40 7.41 -1.09
N GLU B 70 -34.79 8.41 -0.30
CA GLU B 70 -34.59 8.46 1.15
C GLU B 70 -34.54 7.09 1.81
N GLN B 71 -35.68 6.41 1.77
CA GLN B 71 -35.83 5.10 2.37
C GLN B 71 -34.87 4.04 1.89
N GLU B 72 -34.28 4.22 0.71
CA GLU B 72 -33.31 3.25 0.21
C GLU B 72 -31.94 3.34 0.94
N CYS B 73 -31.70 4.38 1.72
CA CYS B 73 -30.39 4.50 2.39
C CYS B 73 -30.39 4.05 3.84
N ALA B 74 -29.21 3.80 4.39
CA ALA B 74 -29.10 3.45 5.80
C ALA B 74 -29.52 4.76 6.53
N PRO B 75 -29.82 4.69 7.85
CA PRO B 75 -30.26 5.85 8.64
C PRO B 75 -29.51 7.16 8.47
N GLU B 76 -30.27 8.25 8.53
CA GLU B 76 -29.71 9.57 8.35
C GLU B 76 -29.16 10.16 9.62
N LEU B 77 -27.90 10.63 9.56
CA LEU B 77 -27.23 11.21 10.71
C LEU B 77 -27.58 12.71 10.83
N PHE B 78 -27.63 13.40 9.70
CA PHE B 78 -28.05 14.81 9.65
C PHE B 78 -27.93 15.27 8.19
N ARG B 79 -28.53 16.39 7.86
CA ARG B 79 -28.42 16.86 6.48
C ARG B 79 -28.15 18.37 6.43
N VAL B 80 -27.96 18.88 5.22
CA VAL B 80 -27.76 20.29 5.04
C VAL B 80 -28.52 20.78 3.81
N PRO B 81 -29.27 21.89 3.94
CA PRO B 81 -29.41 22.68 5.16
C PRO B 81 -30.15 21.85 6.21
N ASP B 82 -29.81 22.08 7.48
CA ASP B 82 -30.40 21.34 8.59
C ASP B 82 -31.92 21.17 8.44
N HIS B 83 -32.40 19.95 8.70
CA HIS B 83 -33.82 19.60 8.61
C HIS B 83 -34.66 20.17 7.48
N ASP B 84 -34.19 20.04 6.25
CA ASP B 84 -34.94 20.55 5.11
C ASP B 84 -35.07 19.47 4.02
N PRO B 85 -36.30 19.19 3.58
CA PRO B 85 -36.47 18.18 2.54
C PRO B 85 -35.64 18.56 1.31
N ASN B 86 -35.40 19.86 1.16
CA ASN B 86 -34.58 20.37 0.07
C ASN B 86 -33.11 20.33 0.53
N TRP B 87 -32.51 19.14 0.53
CA TRP B 87 -31.13 18.98 0.99
C TRP B 87 -30.06 19.10 -0.10
N LYS B 88 -28.90 19.66 0.29
CA LYS B 88 -27.77 19.83 -0.61
C LYS B 88 -26.73 18.72 -0.37
N LEU B 89 -26.64 18.28 0.88
CA LEU B 89 -25.73 17.19 1.20
C LEU B 89 -26.36 16.42 2.38
N ARG B 90 -26.03 15.13 2.48
CA ARG B 90 -26.51 14.29 3.57
C ARG B 90 -25.40 13.38 4.10
N VAL B 91 -25.36 13.19 5.41
CA VAL B 91 -24.38 12.27 6.00
C VAL B 91 -25.24 11.13 6.47
N ILE B 92 -24.86 9.90 6.14
CA ILE B 92 -25.66 8.76 6.58
C ILE B 92 -24.79 7.58 6.94
N GLU B 93 -25.35 6.66 7.72
CA GLU B 93 -24.60 5.47 8.10
C GLU B 93 -24.40 4.62 6.84
N ASN B 94 -23.28 3.92 6.74
CA ASN B 94 -23.04 3.06 5.59
C ASN B 94 -24.06 1.91 5.69
N LEU B 95 -24.32 1.22 4.58
CA LEU B 95 -25.26 0.10 4.57
C LEU B 95 -24.50 -1.21 4.80
N TYR B 96 -23.18 -1.17 4.54
CA TYR B 96 -22.31 -2.34 4.71
C TYR B 96 -21.09 -1.75 5.36
N PRO B 97 -21.13 -1.53 6.68
CA PRO B 97 -20.04 -0.95 7.46
C PRO B 97 -18.86 -1.83 7.75
N ALA B 98 -17.66 -1.25 7.61
CA ALA B 98 -16.41 -1.98 7.83
C ALA B 98 -16.26 -2.44 9.27
N LEU B 99 -16.55 -1.56 10.22
CA LEU B 99 -16.50 -1.88 11.66
C LEU B 99 -17.96 -1.84 12.15
N SER B 100 -18.18 -2.19 13.41
CA SER B 100 -19.53 -2.23 13.97
C SER B 100 -19.71 -1.36 15.21
N ARG B 101 -20.53 -0.34 15.14
CA ARG B 101 -20.76 0.51 16.30
C ARG B 101 -21.46 -0.31 17.37
N ASN B 102 -22.04 -1.45 17.01
CA ASN B 102 -22.71 -2.21 18.09
C ASN B 102 -21.76 -3.07 18.93
N LEU B 103 -20.48 -2.67 19.01
CA LEU B 103 -19.51 -3.42 19.80
C LEU B 103 -18.71 -2.55 20.77
N GLU B 104 -19.24 -1.38 21.10
CA GLU B 104 -18.50 -0.47 21.97
C GLU B 104 -18.07 -0.98 23.36
N THR B 105 -19.03 -1.41 24.17
CA THR B 105 -18.71 -1.89 25.50
C THR B 105 -17.73 -3.07 25.48
N GLN B 106 -17.76 -3.87 24.41
CA GLN B 106 -16.84 -5.02 24.28
C GLN B 106 -15.48 -4.50 23.87
N SER B 107 -15.43 -3.21 23.60
CA SER B 107 -14.23 -2.45 23.24
C SER B 107 -14.52 -1.42 22.18
N ARG B 116 -3.19 -9.90 20.58
CA ARG B 116 -3.08 -9.76 19.12
C ARG B 116 -4.43 -9.61 18.39
N THR B 117 -5.50 -9.50 19.17
CA THR B 117 -6.86 -9.33 18.65
C THR B 117 -7.62 -8.34 19.54
N ILE B 118 -8.43 -7.48 18.93
CA ILE B 118 -9.27 -6.54 19.71
C ILE B 118 -10.58 -6.44 18.94
N VAL B 119 -11.70 -6.28 19.65
CA VAL B 119 -12.98 -6.25 18.96
C VAL B 119 -13.01 -5.18 17.89
N GLY B 120 -13.79 -5.41 16.84
CA GLY B 120 -13.81 -4.46 15.75
C GLY B 120 -15.00 -3.52 15.74
N PHE B 121 -15.02 -2.63 16.71
CA PHE B 121 -16.04 -1.60 16.87
C PHE B 121 -15.73 -0.50 15.89
N GLY B 122 -16.69 0.34 15.58
CA GLY B 122 -16.35 1.45 14.71
C GLY B 122 -17.55 2.07 14.04
N PHE B 123 -17.26 3.22 13.41
CA PHE B 123 -18.24 4.00 12.66
C PHE B 123 -17.79 4.08 11.17
N HIS B 124 -18.72 3.82 10.25
CA HIS B 124 -18.44 3.88 8.81
C HIS B 124 -19.67 4.55 8.19
N ASP B 125 -19.52 5.81 7.79
CA ASP B 125 -20.62 6.60 7.23
C ASP B 125 -20.30 7.03 5.82
N VAL B 126 -21.26 7.71 5.21
CA VAL B 126 -21.12 8.16 3.83
C VAL B 126 -21.60 9.59 3.67
N VAL B 127 -20.85 10.41 2.95
CA VAL B 127 -21.30 11.79 2.72
C VAL B 127 -21.79 11.87 1.28
N ILE B 128 -23.10 11.94 1.10
CA ILE B 128 -23.60 12.03 -0.24
C ILE B 128 -23.48 13.54 -0.41
N GLU B 129 -22.72 13.95 -1.42
CA GLU B 129 -22.40 15.33 -1.66
C GLU B 129 -23.24 16.10 -2.67
N SER B 130 -24.42 15.61 -3.03
CA SER B 130 -25.20 16.30 -4.06
C SER B 130 -26.54 15.63 -4.37
N PRO B 131 -27.61 16.42 -4.50
CA PRO B 131 -28.90 15.81 -4.79
C PRO B 131 -28.97 15.29 -6.20
N VAL B 132 -28.28 15.97 -7.10
CA VAL B 132 -28.19 15.65 -8.53
C VAL B 132 -27.22 14.53 -8.73
N HIS B 133 -27.69 13.49 -9.40
CA HIS B 133 -26.86 12.34 -9.65
C HIS B 133 -25.62 12.63 -10.45
N SER B 134 -25.75 13.39 -11.53
CA SER B 134 -24.61 13.69 -12.40
C SER B 134 -23.59 14.68 -11.80
N ILE B 135 -23.93 15.33 -10.68
CA ILE B 135 -23.02 16.29 -10.07
C ILE B 135 -21.78 15.62 -9.46
N GLN B 136 -20.59 16.11 -9.79
CA GLN B 136 -19.34 15.58 -9.21
C GLN B 136 -18.86 16.65 -8.23
N LEU B 137 -18.22 16.22 -7.14
CA LEU B 137 -17.75 17.16 -6.13
C LEU B 137 -17.10 18.38 -6.77
N SER B 138 -16.18 18.16 -7.72
CA SER B 138 -15.44 19.28 -8.31
C SER B 138 -16.32 20.29 -9.02
N ASP B 139 -17.55 19.91 -9.34
CA ASP B 139 -18.47 20.83 -10.02
C ASP B 139 -19.07 21.79 -9.04
N ILE B 140 -19.25 21.35 -7.80
CA ILE B 140 -19.85 22.20 -6.77
C ILE B 140 -19.11 23.53 -6.56
N ASP B 141 -19.84 24.62 -6.34
CA ASP B 141 -19.16 25.90 -6.15
C ASP B 141 -18.45 25.90 -4.81
N PRO B 142 -17.50 26.82 -4.62
CA PRO B 142 -16.73 26.89 -3.36
C PRO B 142 -17.60 26.84 -2.09
N VAL B 143 -18.82 27.38 -2.17
CA VAL B 143 -19.67 27.34 -1.00
C VAL B 143 -20.24 25.96 -0.75
N GLY B 144 -20.59 25.24 -1.82
CA GLY B 144 -21.15 23.92 -1.61
C GLY B 144 -20.09 22.98 -1.03
N ILE B 145 -18.89 23.04 -1.60
CA ILE B 145 -17.80 22.18 -1.16
C ILE B 145 -17.44 22.60 0.27
N GLY B 146 -17.47 23.90 0.49
CA GLY B 146 -17.20 24.45 1.80
C GLY B 146 -18.26 24.00 2.80
N ASP B 147 -19.47 23.71 2.35
CA ASP B 147 -20.51 23.22 3.26
C ASP B 147 -20.31 21.71 3.37
N ILE B 148 -19.60 21.12 2.42
CA ILE B 148 -19.40 19.66 2.47
C ILE B 148 -18.33 19.44 3.52
N LEU B 149 -17.30 20.29 3.49
CA LEU B 149 -16.18 20.20 4.43
C LEU B 149 -16.62 20.50 5.85
N ILE B 150 -17.65 21.35 5.97
CA ILE B 150 -18.25 21.70 7.24
C ILE B 150 -19.19 20.57 7.66
N ALA B 151 -19.38 19.60 6.78
CA ALA B 151 -20.19 18.47 7.12
C ALA B 151 -19.27 17.48 7.85
N TYR B 152 -18.05 17.31 7.36
CA TYR B 152 -17.12 16.38 8.01
C TYR B 152 -16.96 16.84 9.45
N LYS B 153 -16.58 18.10 9.61
CA LYS B 153 -16.42 18.72 10.94
C LYS B 153 -17.50 18.24 11.89
N LYS B 154 -18.75 18.47 11.53
CA LYS B 154 -19.86 18.03 12.38
C LYS B 154 -19.84 16.56 12.70
N ARG B 155 -19.59 15.70 11.73
CA ARG B 155 -19.60 14.26 12.03
C ARG B 155 -18.42 13.91 12.92
N ILE B 156 -17.29 14.55 12.63
CA ILE B 156 -16.13 14.34 13.46
C ILE B 156 -16.41 14.60 14.94
N ASN B 157 -16.87 15.82 15.28
CA ASN B 157 -17.16 16.14 16.68
C ASN B 157 -18.20 15.20 17.26
N GLN B 158 -19.23 14.90 16.48
CA GLN B 158 -20.26 13.95 16.90
C GLN B 158 -19.61 12.64 17.37
N ILE B 159 -18.75 12.07 16.53
CA ILE B 159 -18.09 10.82 16.84
C ILE B 159 -17.10 10.93 17.98
N ALA B 160 -16.48 12.10 18.09
CA ALA B 160 -15.50 12.40 19.12
C ALA B 160 -15.98 12.37 20.58
N GLN B 161 -17.28 12.12 20.77
CA GLN B 161 -17.85 11.99 22.12
C GLN B 161 -17.69 10.53 22.60
N HIS B 162 -16.92 9.73 21.88
CA HIS B 162 -16.71 8.32 22.23
C HIS B 162 -15.24 8.12 22.58
N ASP B 163 -14.96 7.79 23.84
CA ASP B 163 -13.56 7.66 24.23
C ASP B 163 -12.87 6.37 23.76
N SER B 164 -13.63 5.43 23.20
CA SER B 164 -13.01 4.19 22.73
C SER B 164 -12.49 4.38 21.30
N ILE B 165 -12.64 5.60 20.80
CA ILE B 165 -12.18 5.96 19.45
C ILE B 165 -10.86 6.74 19.59
N ASN B 166 -9.87 6.40 18.77
CA ASN B 166 -8.58 7.11 18.84
C ASN B 166 -8.13 7.84 17.58
N TYR B 167 -8.79 7.53 16.46
CA TYR B 167 -8.41 8.22 15.24
C TYR B 167 -9.53 8.09 14.22
N ILE B 168 -9.82 9.17 13.51
CA ILE B 168 -10.88 9.14 12.50
C ILE B 168 -10.29 9.55 11.15
N GLN B 169 -10.55 8.74 10.10
CA GLN B 169 -10.05 9.01 8.75
C GLN B 169 -11.14 9.64 7.88
N VAL B 170 -10.94 10.85 7.39
CA VAL B 170 -11.94 11.37 6.48
C VAL B 170 -11.35 11.04 5.12
N PHE B 171 -12.17 10.48 4.23
CA PHE B 171 -11.69 10.09 2.89
C PHE B 171 -12.78 10.06 1.83
N LYS B 172 -12.38 10.22 0.58
CA LYS B 172 -13.29 10.20 -0.57
C LYS B 172 -12.76 9.30 -1.70
N ASN B 173 -13.70 8.67 -2.41
CA ASN B 173 -13.43 7.82 -3.58
C ASN B 173 -14.13 8.44 -4.81
N GLN B 174 -13.51 8.29 -5.98
CA GLN B 174 -14.12 8.74 -7.24
C GLN B 174 -13.53 7.95 -8.43
N GLY B 175 -14.37 7.17 -9.11
CA GLY B 175 -13.91 6.34 -10.21
C GLY B 175 -13.78 4.89 -9.80
N ALA B 176 -14.04 3.94 -10.69
CA ALA B 176 -13.97 2.56 -10.25
C ALA B 176 -12.60 2.14 -9.77
N SER B 177 -11.56 2.57 -10.49
CA SER B 177 -10.18 2.20 -10.18
C SER B 177 -9.70 2.74 -8.84
N ALA B 178 -10.35 3.79 -8.36
CA ALA B 178 -9.99 4.34 -7.05
C ALA B 178 -11.05 3.78 -6.09
N GLY B 179 -11.78 2.78 -6.57
CA GLY B 179 -12.77 2.15 -5.73
C GLY B 179 -14.15 2.75 -5.47
N ALA B 180 -14.70 3.53 -6.40
CA ALA B 180 -16.04 4.07 -6.20
C ALA B 180 -17.02 3.02 -6.77
N SER B 181 -17.82 2.41 -5.91
CA SER B 181 -18.79 1.40 -6.36
C SER B 181 -20.04 2.15 -6.83
N MET B 182 -20.14 3.42 -6.47
CA MET B 182 -21.27 4.24 -6.86
C MET B 182 -20.70 5.44 -7.63
N SER B 183 -21.49 6.01 -8.53
CA SER B 183 -20.99 7.13 -9.30
C SER B 183 -21.56 8.45 -8.85
N HIS B 184 -22.62 8.41 -8.04
CA HIS B 184 -23.24 9.63 -7.53
C HIS B 184 -22.09 10.30 -6.76
N SER B 185 -22.27 11.54 -6.31
CA SER B 185 -21.19 12.16 -5.57
C SER B 185 -21.19 11.78 -4.11
N HIS B 186 -20.12 11.11 -3.70
CA HIS B 186 -20.06 10.63 -2.32
C HIS B 186 -18.68 10.47 -1.81
N SER B 187 -18.51 10.74 -0.52
CA SER B 187 -17.20 10.53 0.13
C SER B 187 -17.53 9.73 1.39
N GLN B 188 -16.52 9.16 2.04
CA GLN B 188 -16.74 8.32 3.21
C GLN B 188 -16.01 8.84 4.44
N MET B 189 -16.44 8.36 5.63
CA MET B 189 -15.76 8.70 6.90
C MET B 189 -15.61 7.39 7.69
N MET B 190 -14.42 7.15 8.26
CA MET B 190 -14.19 5.95 9.06
C MET B 190 -13.53 6.25 10.44
N ALA B 191 -14.20 5.81 11.51
CA ALA B 191 -13.70 6.01 12.87
C ALA B 191 -13.17 4.68 13.48
N LEU B 192 -11.94 4.76 13.99
CA LEU B 192 -11.17 3.62 14.51
C LEU B 192 -10.88 3.65 16.00
N PRO B 193 -10.65 2.47 16.62
CA PRO B 193 -10.36 2.39 18.06
C PRO B 193 -8.87 2.57 18.41
N VAL B 194 -8.03 2.64 17.40
CA VAL B 194 -6.58 2.77 17.66
C VAL B 194 -5.94 3.62 16.58
N VAL B 195 -4.75 4.12 16.83
CA VAL B 195 -4.08 4.96 15.83
C VAL B 195 -3.76 3.97 14.69
N PRO B 196 -3.89 4.38 13.39
CA PRO B 196 -3.59 3.42 12.33
C PRO B 196 -2.21 3.64 11.71
N PRO B 197 -1.74 2.67 10.90
CA PRO B 197 -0.47 2.60 10.18
C PRO B 197 0.23 3.89 9.82
N THR B 198 -0.11 4.50 8.68
CA THR B 198 0.60 5.71 8.28
C THR B 198 0.57 6.81 9.31
N VAL B 199 -0.50 6.88 10.11
CA VAL B 199 -0.69 7.92 11.17
C VAL B 199 0.38 7.67 12.23
N SER B 200 0.39 6.45 12.72
CA SER B 200 1.39 6.07 13.66
C SER B 200 2.70 6.64 13.10
N SER B 201 3.08 6.20 11.89
CA SER B 201 4.30 6.66 11.23
C SER B 201 4.38 8.16 11.29
N ARG B 202 3.44 8.81 10.60
CA ARG B 202 3.36 10.26 10.59
C ARG B 202 3.98 10.78 11.87
N LEU B 203 3.41 10.38 13.01
CA LEU B 203 3.92 10.84 14.27
C LEU B 203 5.46 10.64 14.26
N ASP B 204 5.88 9.39 14.37
CA ASP B 204 7.31 9.05 14.37
C ASP B 204 8.18 10.00 13.61
N GLY B 205 7.86 10.11 12.31
CA GLY B 205 8.63 10.93 11.38
C GLY B 205 8.63 12.41 11.66
N THR B 206 7.46 12.88 12.08
CA THR B 206 7.23 14.27 12.44
C THR B 206 7.97 14.68 13.71
N LYS B 207 8.10 13.77 14.66
CA LYS B 207 8.84 14.08 15.89
C LYS B 207 10.36 14.19 15.61
N ASP B 208 10.93 13.14 14.97
CA ASP B 208 12.35 13.15 14.59
C ASP B 208 12.76 14.53 14.10
N TYR B 209 11.99 15.06 13.15
CA TYR B 209 12.29 16.35 12.58
C TYR B 209 12.23 17.42 13.67
N PHE B 210 11.10 17.56 14.35
CA PHE B 210 11.01 18.60 15.37
C PHE B 210 12.23 18.63 16.32
N GLU B 211 12.73 17.46 16.72
CA GLU B 211 13.87 17.42 17.64
C GLU B 211 15.23 17.65 16.95
N GLU B 212 15.26 17.53 15.62
CA GLU B 212 16.48 17.75 14.87
C GLU B 212 16.61 19.24 14.56
N THR B 213 15.51 19.82 14.09
CA THR B 213 15.49 21.23 13.71
C THR B 213 14.66 22.14 14.60
N GLY B 214 13.86 21.57 15.48
CA GLY B 214 13.00 22.39 16.32
C GLY B 214 11.87 22.97 15.47
N LYS B 215 11.73 22.44 14.24
CA LYS B 215 10.67 22.95 13.32
C LYS B 215 9.61 21.96 12.81
N CYS B 216 8.46 22.53 12.44
CA CYS B 216 7.33 21.79 11.88
C CYS B 216 7.52 21.90 10.37
N CYS B 217 7.68 20.78 9.68
CA CYS B 217 7.93 20.84 8.23
C CYS B 217 6.84 21.39 7.31
N LEU B 218 5.57 21.35 7.73
CA LEU B 218 4.48 21.85 6.86
C LEU B 218 4.20 23.34 7.05
N CYS B 219 4.36 23.85 8.27
CA CYS B 219 4.20 25.28 8.49
C CYS B 219 5.25 26.06 7.62
N GLU B 220 6.27 25.34 7.14
CA GLU B 220 7.35 25.87 6.30
C GLU B 220 7.27 25.17 4.94
N ALA B 221 6.05 24.77 4.58
CA ALA B 221 5.83 24.04 3.33
C ALA B 221 6.19 24.82 2.10
N LYS B 222 6.32 26.16 2.23
CA LYS B 222 6.62 27.01 1.07
C LYS B 222 8.00 26.82 0.44
N SER B 223 8.94 26.29 1.20
CA SER B 223 10.27 26.05 0.65
C SER B 223 10.67 24.58 0.55
N LYS B 224 9.89 23.66 1.12
CA LYS B 224 10.24 22.22 1.03
C LYS B 224 9.72 21.49 -0.24
N HIS B 225 8.47 21.77 -0.63
CA HIS B 225 7.81 21.16 -1.80
C HIS B 225 7.51 22.26 -2.83
N PHE B 226 6.95 21.87 -3.96
CA PHE B 226 6.67 22.82 -5.05
C PHE B 226 5.29 23.40 -4.94
N VAL B 227 5.27 24.70 -4.68
CA VAL B 227 4.05 25.45 -4.48
C VAL B 227 3.15 25.44 -5.73
N ILE B 228 1.86 25.16 -5.50
CA ILE B 228 0.87 25.14 -6.57
C ILE B 228 0.07 26.44 -6.44
N ASP B 229 -1.05 26.38 -5.70
CA ASP B 229 -1.92 27.53 -5.53
C ASP B 229 -2.18 27.85 -4.05
N GLU B 230 -2.70 29.07 -3.78
CA GLU B 230 -2.93 29.59 -2.43
C GLU B 230 -4.32 30.21 -2.16
N SER B 231 -5.03 29.72 -1.16
CA SER B 231 -6.34 30.29 -0.82
C SER B 231 -6.06 31.41 0.21
N SER B 232 -6.98 31.68 1.12
CA SER B 232 -6.66 32.73 2.09
C SER B 232 -6.42 32.15 3.47
N HIS B 233 -6.16 30.85 3.51
CA HIS B 233 -5.94 30.19 4.81
C HIS B 233 -5.21 28.85 4.65
N PHE B 234 -4.78 28.58 3.42
CA PHE B 234 -4.12 27.30 3.07
C PHE B 234 -3.20 27.39 1.87
N VAL B 235 -2.37 26.37 1.70
CA VAL B 235 -1.52 26.32 0.50
C VAL B 235 -1.43 24.89 -0.09
N SER B 236 -1.38 24.81 -1.42
CA SER B 236 -1.29 23.50 -2.05
C SER B 236 0.08 23.37 -2.69
N VAL B 237 0.65 22.16 -2.56
CA VAL B 237 1.98 21.83 -3.09
C VAL B 237 1.98 20.41 -3.71
N ALA B 238 2.96 20.17 -4.58
CA ALA B 238 3.23 18.84 -5.16
C ALA B 238 4.32 18.37 -4.20
N PRO B 239 4.18 17.18 -3.59
CA PRO B 239 5.15 16.62 -2.64
C PRO B 239 6.59 16.20 -2.97
N PHE B 240 7.52 17.02 -2.50
CA PHE B 240 8.95 16.80 -2.68
C PHE B 240 9.28 15.30 -2.60
N ALA B 241 8.57 14.52 -1.78
CA ALA B 241 8.85 13.07 -1.71
C ALA B 241 7.56 12.29 -1.92
N ALA B 242 6.74 12.76 -2.86
CA ALA B 242 5.43 12.17 -3.18
C ALA B 242 5.46 10.68 -3.53
N THR B 243 4.52 9.96 -2.91
CA THR B 243 4.36 8.52 -3.11
C THR B 243 3.94 8.19 -4.55
N TYR B 244 2.99 8.97 -5.06
CA TYR B 244 2.41 8.70 -6.34
C TYR B 244 2.53 9.84 -7.32
N PRO B 245 2.84 9.50 -8.57
CA PRO B 245 2.97 10.52 -9.62
C PRO B 245 1.73 11.47 -9.57
N PHE B 246 2.00 12.78 -9.53
CA PHE B 246 0.95 13.78 -9.48
C PHE B 246 0.15 13.90 -8.18
N GLU B 247 0.71 13.44 -7.06
CA GLU B 247 0.04 13.61 -5.75
C GLU B 247 0.03 15.12 -5.44
N ILE B 248 -1.05 15.59 -4.82
CA ILE B 248 -1.17 17.00 -4.40
C ILE B 248 -1.58 17.03 -2.92
N TRP B 249 -0.89 17.89 -2.16
CA TRP B 249 -1.24 18.12 -0.77
C TRP B 249 -1.78 19.56 -0.65
N ILE B 250 -2.85 19.72 0.14
CA ILE B 250 -3.40 21.06 0.45
C ILE B 250 -3.11 21.19 1.95
N ILE B 251 -2.26 22.17 2.28
CA ILE B 251 -1.74 22.35 3.65
C ILE B 251 -2.11 23.73 4.21
N PRO B 252 -2.61 23.76 5.47
CA PRO B 252 -2.95 25.05 6.07
C PRO B 252 -1.64 25.81 6.25
N LYS B 253 -1.67 27.10 5.94
CA LYS B 253 -0.46 27.90 6.12
C LYS B 253 -0.21 28.22 7.60
N ASP B 254 -1.26 28.26 8.42
CA ASP B 254 -1.08 28.50 9.86
C ASP B 254 -0.88 27.13 10.55
N HIS B 255 -0.06 27.05 11.59
CA HIS B 255 0.12 25.74 12.26
C HIS B 255 -1.30 25.43 12.71
N SER B 256 -1.66 24.16 12.58
CA SER B 256 -3.02 23.72 12.94
C SER B 256 -2.98 22.19 13.00
N SER B 257 -3.03 21.66 14.21
CA SER B 257 -2.94 20.18 14.41
C SER B 257 -4.20 19.39 14.04
N HIS B 258 -5.34 20.08 14.07
CA HIS B 258 -6.66 19.51 13.85
C HIS B 258 -7.40 19.95 12.57
N PHE B 259 -7.91 19.01 11.79
CA PHE B 259 -8.67 19.38 10.59
C PHE B 259 -10.03 20.01 10.95
N HIS B 260 -10.63 19.57 12.05
CA HIS B 260 -11.96 20.05 12.39
C HIS B 260 -12.03 21.21 13.37
N HIS B 261 -10.90 21.87 13.65
CA HIS B 261 -10.93 23.05 14.50
C HIS B 261 -11.13 24.23 13.55
N LEU B 262 -11.06 23.98 12.25
CA LEU B 262 -11.22 25.05 11.25
C LEU B 262 -12.51 25.85 11.53
N ASP B 263 -12.90 26.75 10.62
CA ASP B 263 -14.17 27.51 10.81
C ASP B 263 -14.84 27.74 9.46
N ASP B 264 -15.94 28.49 9.43
CA ASP B 264 -16.68 28.70 8.20
C ASP B 264 -15.90 29.31 7.02
N VAL B 265 -15.30 30.48 7.24
CA VAL B 265 -14.53 31.18 6.20
C VAL B 265 -13.33 30.29 5.76
N LYS B 266 -12.61 29.66 6.70
CA LYS B 266 -11.50 28.81 6.29
C LYS B 266 -12.01 27.61 5.46
N ALA B 267 -13.26 27.18 5.71
CA ALA B 267 -13.81 26.07 4.93
C ALA B 267 -14.01 26.44 3.45
N VAL B 268 -14.91 27.39 3.18
CA VAL B 268 -15.19 27.77 1.80
C VAL B 268 -13.93 28.09 1.04
N ASP B 269 -13.06 28.85 1.66
CA ASP B 269 -11.80 29.18 1.03
C ASP B 269 -11.11 27.84 0.69
N LEU B 270 -10.99 26.93 1.65
CA LEU B 270 -10.42 25.62 1.34
C LEU B 270 -11.17 24.93 0.20
N GLY B 271 -12.50 24.98 0.30
CA GLY B 271 -13.36 24.39 -0.71
C GLY B 271 -12.99 24.90 -2.10
N GLY B 272 -12.64 26.19 -2.19
CA GLY B 272 -12.28 26.75 -3.49
C GLY B 272 -10.96 26.20 -4.04
N LEU B 273 -9.94 26.12 -3.17
CA LEU B 273 -8.62 25.65 -3.59
C LEU B 273 -8.68 24.22 -4.13
N LEU B 274 -9.42 23.37 -3.42
CA LEU B 274 -9.58 21.95 -3.79
C LEU B 274 -10.26 21.86 -5.12
N LYS B 275 -11.26 22.72 -5.29
CA LYS B 275 -11.97 22.76 -6.55
C LYS B 275 -10.93 22.89 -7.68
N LEU B 276 -10.08 23.92 -7.59
CA LEU B 276 -9.08 24.16 -8.63
C LEU B 276 -8.28 22.87 -8.89
N MET B 277 -7.57 22.39 -7.86
CA MET B 277 -6.76 21.19 -7.99
C MET B 277 -7.38 20.05 -8.80
N LEU B 278 -8.55 19.55 -8.37
CA LEU B 278 -9.23 18.52 -9.12
C LEU B 278 -9.45 19.03 -10.53
N GLN B 279 -9.78 20.32 -10.60
CA GLN B 279 -10.00 20.94 -11.90
C GLN B 279 -8.70 20.90 -12.68
N LYS B 280 -7.59 21.39 -12.11
CA LYS B 280 -6.32 21.24 -12.87
C LYS B 280 -6.01 19.75 -13.15
N ILE B 281 -6.21 18.88 -12.17
CA ILE B 281 -5.93 17.43 -12.41
C ILE B 281 -6.88 16.90 -13.50
N ALA B 282 -8.19 17.16 -13.37
CA ALA B 282 -9.15 16.66 -14.37
C ALA B 282 -8.77 17.14 -15.77
N LYS B 283 -8.51 18.43 -15.89
CA LYS B 283 -8.18 18.99 -17.20
C LYS B 283 -6.79 18.61 -17.73
N GLN B 284 -5.83 18.42 -16.85
CA GLN B 284 -4.46 18.07 -17.23
C GLN B 284 -4.27 16.57 -17.51
N LEU B 285 -4.85 15.74 -16.65
CA LEU B 285 -4.68 14.30 -16.71
C LEU B 285 -5.87 13.54 -17.26
N ASN B 286 -6.72 14.26 -17.98
CA ASN B 286 -7.90 13.63 -18.56
C ASN B 286 -8.93 13.06 -17.58
N ASP B 287 -9.23 13.83 -16.54
CA ASP B 287 -10.26 13.45 -15.62
C ASP B 287 -10.21 12.02 -15.09
N PRO B 288 -9.06 11.62 -14.54
CA PRO B 288 -8.93 10.27 -14.00
C PRO B 288 -9.64 10.10 -12.67
N PRO B 289 -9.94 8.84 -12.32
CA PRO B 289 -10.57 8.64 -11.01
C PRO B 289 -9.56 9.26 -9.99
N TYR B 290 -9.93 9.40 -8.71
CA TYR B 290 -9.02 9.94 -7.70
C TYR B 290 -9.43 9.59 -6.29
N ASN B 291 -8.54 9.94 -5.34
CA ASN B 291 -8.76 9.77 -3.91
C ASN B 291 -8.16 10.96 -3.16
N TYR B 292 -8.83 11.34 -2.07
CA TYR B 292 -8.29 12.33 -1.12
C TYR B 292 -8.66 11.86 0.29
N MET B 293 -7.84 12.23 1.26
CA MET B 293 -7.96 11.76 2.66
C MET B 293 -7.36 12.87 3.55
N ILE B 294 -7.99 13.14 4.69
CA ILE B 294 -7.45 14.13 5.62
C ILE B 294 -6.57 13.38 6.67
N HIS B 295 -5.41 13.94 7.03
CA HIS B 295 -4.55 13.31 8.04
C HIS B 295 -4.55 14.33 9.21
N THR B 296 -5.22 13.99 10.30
CA THR B 296 -5.38 14.91 11.43
C THR B 296 -4.71 14.37 12.67
N SER B 297 -5.01 14.96 13.81
CA SER B 297 -4.36 14.50 15.02
C SER B 297 -5.08 13.29 15.64
N PRO B 298 -4.40 12.58 16.55
CA PRO B 298 -4.96 11.42 17.26
C PRO B 298 -5.92 12.12 18.28
N LEU B 299 -6.98 11.46 18.71
CA LEU B 299 -7.87 12.10 19.69
C LEU B 299 -7.19 12.51 21.02
N LYS B 300 -6.30 11.66 21.56
CA LYS B 300 -5.62 11.96 22.83
C LYS B 300 -4.19 12.48 22.55
N VAL B 301 -4.04 13.09 21.38
CA VAL B 301 -2.77 13.68 20.96
C VAL B 301 -2.15 14.43 22.14
N THR B 302 -0.92 14.08 22.48
CA THR B 302 -0.29 14.70 23.62
C THR B 302 0.06 16.15 23.41
N GLU B 303 0.12 16.89 24.50
CA GLU B 303 0.51 18.28 24.39
C GLU B 303 1.93 18.43 23.81
N SER B 304 2.81 17.48 24.12
CA SER B 304 4.17 17.57 23.57
C SER B 304 4.19 17.40 22.06
N GLN B 305 3.37 16.48 21.53
CA GLN B 305 3.36 16.24 20.07
C GLN B 305 2.78 17.41 19.30
N LEU B 306 2.00 18.24 19.99
CA LEU B 306 1.30 19.33 19.36
C LEU B 306 2.06 20.21 18.37
N PRO B 307 3.22 20.78 18.80
CA PRO B 307 4.00 21.65 17.88
C PRO B 307 4.42 21.05 16.54
N TYR B 308 4.33 19.74 16.40
CA TYR B 308 4.72 19.17 15.13
C TYR B 308 3.67 18.28 14.45
N THR B 309 2.43 18.38 14.91
CA THR B 309 1.36 17.59 14.29
C THR B 309 0.56 18.62 13.47
N HIS B 310 0.74 18.56 12.15
CA HIS B 310 0.10 19.54 11.25
C HIS B 310 -0.79 18.74 10.28
N TRP B 311 -2.08 19.06 10.22
CA TRP B 311 -3.02 18.30 9.39
C TRP B 311 -2.97 18.72 7.93
N PHE B 312 -3.35 17.80 7.03
CA PHE B 312 -3.37 18.15 5.62
C PHE B 312 -4.27 17.21 4.85
N LEU B 313 -4.69 17.67 3.67
CA LEU B 313 -5.56 16.88 2.82
C LEU B 313 -4.73 16.51 1.58
N GLN B 314 -4.53 15.20 1.43
CA GLN B 314 -3.74 14.63 0.34
C GLN B 314 -4.69 14.18 -0.74
N ILE B 315 -4.33 14.47 -1.97
CA ILE B 315 -5.12 14.07 -3.13
C ILE B 315 -4.25 13.21 -4.04
N VAL B 316 -4.79 12.06 -4.47
CA VAL B 316 -4.10 11.11 -5.33
C VAL B 316 -4.94 10.69 -6.56
N PRO B 317 -4.54 11.13 -7.75
CA PRO B 317 -5.27 10.76 -8.95
C PRO B 317 -4.81 9.34 -9.32
N GLN B 318 -5.78 8.48 -9.67
CA GLN B 318 -5.48 7.10 -10.02
C GLN B 318 -4.91 7.07 -11.42
N LEU B 319 -3.65 6.68 -11.54
CA LEU B 319 -2.98 6.68 -12.82
C LEU B 319 -2.25 5.38 -13.10
N SER B 320 -1.32 5.03 -12.24
CA SER B 320 -0.55 3.81 -12.43
C SER B 320 -0.81 2.84 -11.29
N GLY B 321 -0.16 1.68 -11.36
CA GLY B 321 -0.32 0.65 -10.34
C GLY B 321 1.04 0.16 -9.88
N VAL B 322 1.07 -0.76 -8.91
CA VAL B 322 2.33 -1.29 -8.38
C VAL B 322 2.44 -2.81 -8.61
N GLY B 323 3.65 -3.35 -8.38
CA GLY B 323 3.91 -4.77 -8.56
C GLY B 323 4.35 -5.28 -7.21
N GLY B 324 5.08 -6.39 -7.20
CA GLY B 324 5.51 -6.95 -5.94
C GLY B 324 6.63 -6.17 -5.26
N PHE B 325 7.19 -5.16 -5.93
CA PHE B 325 8.25 -4.40 -5.28
C PHE B 325 7.65 -3.59 -4.12
N GLU B 326 6.59 -2.83 -4.40
CA GLU B 326 5.91 -2.00 -3.42
C GLU B 326 5.25 -2.87 -2.35
N ILE B 327 4.63 -3.98 -2.78
CA ILE B 327 3.98 -4.81 -1.81
C ILE B 327 4.98 -5.38 -0.83
N GLY B 328 6.09 -5.91 -1.33
CA GLY B 328 7.07 -6.54 -0.44
C GLY B 328 7.90 -5.58 0.41
N THR B 329 8.19 -4.39 -0.12
CA THR B 329 9.04 -3.40 0.58
C THR B 329 8.29 -2.22 1.24
N GLY B 330 7.07 -1.93 0.82
CA GLY B 330 6.40 -0.75 1.39
C GLY B 330 6.98 0.49 0.73
N CYS B 331 7.89 0.27 -0.22
CA CYS B 331 8.46 1.38 -1.00
C CYS B 331 7.71 1.53 -2.34
N TYR B 332 7.40 2.76 -2.72
CA TYR B 332 6.69 2.99 -3.99
C TYR B 332 7.64 3.51 -5.04
N ILE B 333 7.24 3.39 -6.31
CA ILE B 333 8.05 3.92 -7.41
C ILE B 333 7.19 4.98 -8.08
N ASN B 334 7.75 6.18 -8.31
CA ASN B 334 6.95 7.26 -8.88
C ASN B 334 7.65 7.77 -10.16
N PRO B 335 6.96 7.72 -11.32
CA PRO B 335 7.46 8.14 -12.64
C PRO B 335 7.56 9.65 -12.89
N VAL B 336 6.77 10.47 -12.19
CA VAL B 336 6.85 11.94 -12.44
C VAL B 336 7.39 12.70 -11.25
N PHE B 337 8.46 13.47 -11.47
CA PHE B 337 9.04 14.31 -10.42
C PHE B 337 8.10 15.49 -10.10
N PRO B 338 7.92 15.86 -8.80
CA PRO B 338 7.05 16.97 -8.41
C PRO B 338 7.38 18.33 -9.05
N GLU B 339 8.62 18.50 -9.55
CA GLU B 339 9.04 19.73 -10.23
C GLU B 339 8.17 19.91 -11.46
N ASP B 340 7.82 18.80 -12.10
CA ASP B 340 6.95 18.87 -13.29
C ASP B 340 5.49 18.95 -12.86
N VAL B 341 5.13 18.18 -11.83
CA VAL B 341 3.77 18.18 -11.31
C VAL B 341 3.52 19.64 -10.97
N ALA B 342 4.56 20.29 -10.46
CA ALA B 342 4.48 21.68 -10.09
C ALA B 342 4.36 22.57 -11.34
N LYS B 343 5.40 22.57 -12.16
CA LYS B 343 5.38 23.39 -13.35
C LYS B 343 4.07 23.21 -14.16
N VAL B 344 3.68 21.94 -14.40
CA VAL B 344 2.47 21.61 -15.16
C VAL B 344 1.20 22.16 -14.50
N MET B 345 1.08 21.95 -13.19
CA MET B 345 -0.09 22.44 -12.53
C MET B 345 -0.14 23.98 -12.59
N ARG B 346 1.00 24.65 -12.36
CA ARG B 346 1.01 26.13 -12.39
C ARG B 346 0.53 26.60 -13.76
N GLU B 347 0.99 25.93 -14.81
CA GLU B 347 0.60 26.33 -16.14
C GLU B 347 -0.88 26.11 -16.47
N VAL B 348 -1.54 25.14 -15.85
CA VAL B 348 -2.94 24.86 -16.22
C VAL B 348 -3.92 26.04 -16.19
N SER B 349 -4.64 26.23 -17.29
CA SER B 349 -5.61 27.32 -17.35
C SER B 349 -7.03 26.83 -17.61
N LEU B 350 -7.88 26.83 -16.57
CA LEU B 350 -9.26 26.37 -16.70
C LEU B 350 -10.08 27.09 -17.78
ZN ZN C . 9.25 -14.97 -24.70
ZN ZN D . 12.33 -20.52 14.61
P AMP E . 7.35 -8.20 -15.35
O1P AMP E . 7.15 -8.14 -13.80
O2P AMP E . 6.11 -7.83 -16.08
O5' AMP E . 8.42 -7.19 -15.95
C5' AMP E . 9.68 -7.20 -15.60
C4' AMP E . 10.61 -6.31 -16.46
O4' AMP E . 11.13 -6.63 -17.78
C3' AMP E . 10.34 -4.78 -16.44
O3' AMP E . 11.05 -4.17 -15.41
C2' AMP E . 10.73 -4.26 -17.85
O2' AMP E . 11.53 -3.05 -17.78
C1' AMP E . 11.54 -5.37 -18.35
N9 AMP E . 11.88 -5.52 -19.80
C8 AMP E . 11.06 -5.38 -20.90
N7 AMP E . 11.81 -5.63 -22.01
C5 AMP E . 13.08 -5.93 -21.63
C6 AMP E . 14.24 -6.28 -22.37
N6 AMP E . 14.20 -6.35 -23.69
N1 AMP E . 15.45 -6.54 -21.67
C2 AMP E . 15.49 -6.47 -20.27
N3 AMP E . 14.33 -6.12 -19.55
C4 AMP E . 13.14 -5.86 -20.24
C1 EDO F . -5.40 -14.30 4.22
O1 EDO F . -5.19 -15.70 4.09
C2 EDO F . -6.69 -14.05 5.02
O2 EDO F . -7.72 -13.56 4.15
C1 EDO G . 5.50 -8.33 5.48
O1 EDO G . 5.64 -6.98 4.98
C2 EDO G . 4.30 -8.98 4.77
O2 EDO G . 3.12 -8.20 5.03
C1 EDO H . -2.70 -6.72 -4.94
O1 EDO H . -2.67 -7.06 -6.33
C2 EDO H . -3.73 -7.61 -4.27
O2 EDO H . -5.02 -7.01 -4.35
ZN ZN I . -28.06 9.39 -7.25
ZN ZN J . 2.95 23.47 11.56
P AMP K . -18.36 5.29 -2.76
O1P AMP K . -16.92 5.60 -2.19
O2P AMP K . -18.31 4.59 -4.06
O5' AMP K . -19.18 4.34 -1.79
C5' AMP K . -19.45 4.71 -0.54
C4' AMP K . -20.36 3.76 0.24
O4' AMP K . -21.79 3.82 0.19
C3' AMP K . -19.98 2.28 0.26
O3' AMP K . -19.30 2.01 1.48
C2' AMP K . -21.31 1.53 0.14
O2' AMP K . -21.40 0.39 0.97
C1' AMP K . -22.29 2.54 0.52
N9 AMP K . -23.72 2.35 0.13
C8 AMP K . -24.25 1.77 -1.00
N7 AMP K . -25.62 1.80 -0.92
C5 AMP K . -25.95 2.42 0.24
C6 AMP K . -27.19 2.66 0.85
N6 AMP K . -28.35 2.36 0.20
N1 AMP K . -27.19 3.31 2.09
C2 AMP K . -26.02 3.64 2.76
N3 AMP K . -24.79 3.36 2.17
C4 AMP K . -24.77 2.71 0.95
C1 EDO L . 4.05 15.09 -6.65
O1 EDO L . 2.80 15.24 -7.29
C2 EDO L . 4.99 14.17 -7.49
O2 EDO L . 4.30 13.08 -8.12
C1 EDO M . 0.72 10.73 4.68
O1 EDO M . 0.49 9.41 5.19
C2 EDO M . 0.58 10.71 3.15
O2 EDO M . 1.67 10.00 2.56
C1 EDO N . -2.42 5.51 -6.70
O1 EDO N . -2.14 4.64 -7.79
C2 EDO N . -3.83 5.26 -6.24
O2 EDO N . -4.71 5.62 -7.28
#